data_7Y42
#
_entry.id   7Y42
#
_cell.length_a   1.00
_cell.length_b   1.00
_cell.length_c   1.00
_cell.angle_alpha   90.00
_cell.angle_beta   90.00
_cell.angle_gamma   90.00
#
_symmetry.space_group_name_H-M   'P 1'
#
loop_
_entity.id
_entity.type
_entity.pdbx_description
1 polymer 'Spike glycoprotein'
2 non-polymer 2-acetamido-2-deoxy-beta-D-glucopyranose
3 non-polymer 'RETINOIC ACID'
#
_entity_poly.entity_id   1
_entity_poly.type   'polypeptide(L)'
_entity_poly.pdbx_seq_one_letter_code
;AYTNSFTRGVYYPDKVFRSSVLHSTQDLFLPFFSNVTWFHAIHVSGTNGTKRFDNPVLPFNDGVYFASTEKSNIIRGWIF
GTTLDSKTQSLLIVNNATNVVIKVCEFQFCNDPFLGVYYHKNNKSWMESEFRVYSSANNFTFEYVSQPFLMDLEGKQGNF
KNLREFVFKNIDGYFKIYSKHTPINLVRDLPQGFSALEPLVDLPIGINITRFQTLLALHRSYLTPGDSSSGWTAGAAAYY
VGYLQPRTFLLKYNENGTITDAVDCALDPLSETKCTLKSFTVEKGIYQTSNFRVQPTESIVRFPNITNLCPFGEVFNATR
FASVYAWNRKRISNCVADYSVLYNSASFSTFKCYGVSPTKLNDLCFTNVYADSFVIRGDEVRQIAPGQTGKIADYNYKLP
DDFTGCVIAWNSNNLDSKVGGNYNYLYRLFRKSNLKPFERDISTEIYQAGSTPCNGVEGFNCYFPLQSYGFQPTNGVGYQ
PYRVVVLSFELLHAPATVCGPKKSTNLVKNKCVNFNFNGLTGTGVLTESNKKFLPFQQFGRDIADTTDAVRDPQTLEILD
ITPCSFGGVSVITPGTNTSNQVAVLYQDVNCTEVPVAIHADQLTPTWRVYSTGSNVFQTRAGCLIGAEHVNNSYECDIPI
GAGICASYQTQTNSPRRARSVASQSIIAYTMSLGAENSVAYSNNSIAIPTNFTISVTTEILPVSMTKTSVDCTMYICGDS
TECSNLLLQYGSFCTQLNRALTGIAVEQDKNTQEVFAQVKQIYKTPPIKDFGGFNFSQILPDPSKPSKRSFIEDLLFNKV
TLADAGFIKQYGDCLGDIAARDLICAQKFNGLTVLPPLLTDEMIAQYTSALLAGTITSGWTFGAGAALQIPFAMQMAYRF
NGIGVTQNVLYENQKLIANQFNSAIGKIQDSLSSTASALGKLQDVVNQNAQALNTLVKQLSSNFGAISSVLNDILSRLDP
PEAEVQIDRLITGRLQSLQTYVTQQLIRAAEIRASANLAATKMSECVLGQSKRVDFCGKGYHLMSFPQSAPHGVVFLHVT
YVPAQEKNFTTAPAICHDGKAHFPREGVFVSNGTHWFVTQRNFYEPQIITTDNTFVSGNCDVVIGIVNNTVYDPLQPELD
S
;
_entity_poly.pdbx_strand_id   A,B,D
#
# COMPACT_ATOMS: atom_id res chain seq x y z
N ALA A 1 -5.33 -58.67 3.90
CA ALA A 1 -5.96 -58.48 5.20
C ALA A 1 -6.15 -57.00 5.49
N TYR A 2 -6.56 -56.25 4.47
CA TYR A 2 -6.75 -54.82 4.60
C TYR A 2 -7.87 -54.51 5.58
N THR A 3 -7.72 -53.40 6.31
CA THR A 3 -8.76 -52.90 7.20
C THR A 3 -8.72 -51.38 7.22
N ASN A 4 -9.88 -50.76 7.44
CA ASN A 4 -10.04 -49.32 7.30
C ASN A 4 -9.64 -48.60 8.59
N SER A 5 -8.73 -47.64 8.46
CA SER A 5 -8.32 -46.82 9.60
C SER A 5 -9.46 -45.88 9.98
N PHE A 6 -9.73 -45.76 11.28
CA PHE A 6 -10.91 -44.98 11.65
C PHE A 6 -10.59 -43.60 12.22
N THR A 7 -9.87 -43.52 13.35
CA THR A 7 -9.58 -42.22 13.94
C THR A 7 -8.21 -42.16 14.61
N ARG A 8 -7.42 -43.22 14.54
CA ARG A 8 -6.19 -43.32 15.31
C ARG A 8 -5.11 -42.49 14.62
N GLY A 9 -3.83 -42.58 15.00
CA GLY A 9 -2.95 -41.68 14.29
C GLY A 9 -2.30 -40.63 15.17
N VAL A 10 -2.81 -39.41 15.04
CA VAL A 10 -2.11 -38.16 15.38
C VAL A 10 -1.31 -38.23 16.67
N TYR A 11 -0.09 -37.67 16.63
CA TYR A 11 0.86 -37.71 17.72
C TYR A 11 1.32 -36.29 18.03
N TYR A 12 1.68 -36.04 19.29
CA TYR A 12 2.21 -34.75 19.72
C TYR A 12 3.49 -34.47 18.95
N PRO A 13 3.50 -33.52 18.03
CA PRO A 13 4.66 -33.35 17.15
C PRO A 13 5.92 -32.90 17.88
N ASP A 14 5.87 -31.74 18.54
CA ASP A 14 7.08 -31.07 18.99
C ASP A 14 7.03 -30.82 20.49
N LYS A 15 8.19 -30.43 21.04
CA LYS A 15 8.39 -30.27 22.47
C LYS A 15 7.90 -28.94 23.02
N VAL A 16 7.11 -28.19 22.27
CA VAL A 16 6.66 -26.87 22.70
C VAL A 16 5.20 -26.97 23.15
N PHE A 17 4.89 -26.36 24.29
CA PHE A 17 3.54 -26.43 24.83
C PHE A 17 2.61 -25.50 24.08
N ARG A 18 1.37 -25.94 23.89
CA ARG A 18 0.32 -25.12 23.30
C ARG A 18 -1.01 -25.50 23.91
N SER A 19 -1.83 -24.49 24.23
CA SER A 19 -3.13 -24.70 24.84
C SER A 19 -4.15 -23.78 24.21
N SER A 20 -5.30 -24.36 23.86
CA SER A 20 -6.42 -23.63 23.27
C SER A 20 -5.99 -22.89 22.01
N VAL A 21 -5.34 -23.62 21.10
CA VAL A 21 -4.91 -23.07 19.82
C VAL A 21 -5.18 -24.10 18.74
N LEU A 22 -5.62 -23.62 17.58
CA LEU A 22 -5.92 -24.49 16.43
C LEU A 22 -4.70 -24.58 15.51
N HIS A 23 -3.60 -25.06 16.08
CA HIS A 23 -2.32 -25.02 15.38
C HIS A 23 -2.34 -25.95 14.17
N SER A 24 -1.58 -25.57 13.15
CA SER A 24 -1.39 -26.38 11.95
C SER A 24 0.06 -26.79 11.84
N THR A 25 0.30 -28.09 11.67
CA THR A 25 1.65 -28.64 11.64
C THR A 25 1.81 -29.48 10.38
N GLN A 26 2.90 -29.24 9.65
CA GLN A 26 3.17 -29.96 8.40
C GLN A 26 4.16 -31.07 8.69
N ASP A 27 3.62 -32.27 8.95
CA ASP A 27 4.44 -33.43 9.24
C ASP A 27 3.73 -34.68 8.71
N LEU A 28 4.38 -35.82 8.86
CA LEU A 28 3.86 -37.11 8.41
C LEU A 28 3.09 -37.75 9.55
N PHE A 29 1.80 -37.98 9.34
CA PHE A 29 0.93 -38.59 10.33
C PHE A 29 0.36 -39.89 9.77
N LEU A 30 -0.47 -40.54 10.57
CA LEU A 30 -1.24 -41.68 10.07
C LEU A 30 -2.49 -41.19 9.37
N PRO A 31 -2.73 -41.60 8.13
CA PRO A 31 -3.96 -41.16 7.44
C PRO A 31 -5.20 -41.68 8.15
N PHE A 32 -6.25 -40.87 8.14
CA PHE A 32 -7.57 -41.40 8.42
C PHE A 32 -8.06 -42.18 7.21
N PHE A 33 -8.91 -43.17 7.47
CA PHE A 33 -9.55 -43.96 6.42
C PHE A 33 -8.49 -44.61 5.52
N SER A 34 -7.62 -45.38 6.16
CA SER A 34 -6.50 -46.01 5.49
C SER A 34 -6.49 -47.50 5.80
N ASN A 35 -5.58 -48.21 5.15
CA ASN A 35 -5.54 -49.67 5.23
C ASN A 35 -4.43 -50.13 6.17
N VAL A 36 -4.83 -50.52 7.38
CA VAL A 36 -3.97 -51.31 8.25
C VAL A 36 -4.00 -52.77 7.80
N THR A 37 -2.84 -53.42 7.86
CA THR A 37 -2.71 -54.83 7.52
C THR A 37 -2.75 -55.65 8.80
N TRP A 38 -3.96 -55.86 9.31
CA TRP A 38 -4.14 -56.73 10.47
C TRP A 38 -3.56 -58.10 10.17
N PHE A 39 -2.65 -58.55 11.05
CA PHE A 39 -1.99 -59.85 10.92
C PHE A 39 -2.32 -60.72 12.12
N HIS A 40 -3.09 -61.78 11.87
CA HIS A 40 -3.30 -62.84 12.84
C HIS A 40 -3.23 -64.15 12.04
N ALA A 41 -2.02 -64.68 11.91
CA ALA A 41 -1.77 -65.81 11.03
C ALA A 41 -1.30 -67.06 11.75
N ILE A 42 -1.03 -66.98 13.05
CA ILE A 42 -0.57 -68.16 13.77
C ILE A 42 -1.71 -69.16 13.85
N HIS A 43 -1.40 -70.43 13.56
CA HIS A 43 -2.40 -71.49 13.59
C HIS A 43 -2.81 -71.82 15.02
N VAL A 57 10.34 -58.86 3.77
CA VAL A 57 10.98 -57.63 4.24
C VAL A 57 11.10 -56.62 3.11
N GLY A 63 9.79 -42.65 5.29
CA GLY A 63 9.07 -42.73 6.55
C GLY A 63 8.13 -43.89 6.61
N VAL A 64 8.16 -44.61 7.74
CA VAL A 64 7.30 -45.76 7.98
C VAL A 64 6.71 -45.63 9.39
N TYR A 65 5.63 -46.36 9.64
CA TYR A 65 4.95 -46.35 10.92
C TYR A 65 4.93 -47.77 11.46
N PHE A 66 4.59 -47.88 12.75
CA PHE A 66 4.48 -49.17 13.40
C PHE A 66 3.61 -49.00 14.64
N ALA A 67 2.79 -50.01 14.93
CA ALA A 67 1.94 -49.99 16.12
C ALA A 67 1.52 -51.38 16.53
N SER A 68 2.18 -51.94 17.54
CA SER A 68 1.79 -53.22 18.12
C SER A 68 2.56 -53.49 19.40
N SER A 72 1.06 -59.89 23.74
CA SER A 72 1.89 -60.35 24.84
C SER A 72 3.34 -59.91 24.63
N ASN A 73 3.53 -58.97 23.72
CA ASN A 73 4.85 -58.43 23.40
C ASN A 73 5.80 -59.54 22.96
N ILE A 74 5.50 -60.10 21.79
CA ILE A 74 6.33 -61.12 21.18
C ILE A 74 7.33 -60.52 20.19
N ILE A 75 6.93 -59.52 19.41
CA ILE A 75 7.86 -58.90 18.46
C ILE A 75 8.70 -57.86 19.19
N ARG A 76 10.02 -57.95 19.02
CA ARG A 76 10.95 -57.07 19.73
C ARG A 76 11.57 -56.05 18.79
N GLY A 77 12.30 -56.50 17.78
CA GLY A 77 13.15 -55.62 17.01
C GLY A 77 13.01 -55.87 15.52
N TRP A 78 13.97 -55.36 14.75
CA TRP A 78 13.76 -55.18 13.33
C TRP A 78 15.07 -54.70 12.70
N ILE A 79 15.27 -55.09 11.44
CA ILE A 79 16.57 -55.03 10.78
C ILE A 79 16.43 -54.36 9.42
N PHE A 80 17.41 -53.51 9.09
CA PHE A 80 17.44 -52.86 7.78
C PHE A 80 18.84 -52.52 7.32
N GLY A 81 18.90 -52.23 6.02
CA GLY A 81 20.10 -51.78 5.36
C GLY A 81 19.75 -51.54 3.90
N THR A 82 20.74 -51.06 3.16
CA THR A 82 20.48 -50.81 1.75
C THR A 82 20.44 -52.11 0.95
N THR A 83 21.29 -53.07 1.29
CA THR A 83 21.32 -54.35 0.61
C THR A 83 21.28 -55.56 1.54
N LEU A 84 21.74 -55.45 2.79
CA LEU A 84 21.69 -56.54 3.76
C LEU A 84 22.38 -57.79 3.25
N ASP A 85 23.69 -57.67 3.02
CA ASP A 85 24.53 -58.83 2.68
C ASP A 85 25.87 -58.72 3.36
N SER A 86 25.95 -57.89 4.40
CA SER A 86 27.16 -57.69 5.21
C SER A 86 28.30 -57.07 4.41
N LYS A 87 28.07 -56.78 3.13
CA LYS A 87 29.03 -55.99 2.36
C LYS A 87 28.95 -54.51 2.71
N THR A 88 27.75 -54.02 2.97
CA THR A 88 27.50 -52.65 3.40
C THR A 88 26.96 -52.65 4.82
N GLN A 89 26.59 -51.47 5.30
CA GLN A 89 26.18 -51.32 6.68
C GLN A 89 24.79 -51.89 6.91
N SER A 90 24.65 -52.76 7.90
CA SER A 90 23.37 -53.28 8.34
C SER A 90 22.94 -52.50 9.59
N LEU A 91 21.76 -52.85 10.12
CA LEU A 91 21.25 -52.17 11.29
C LEU A 91 20.24 -53.06 11.99
N LEU A 92 20.49 -53.31 13.28
CA LEU A 92 19.64 -54.17 14.12
C LEU A 92 19.20 -53.34 15.32
N ILE A 93 17.87 -53.25 15.52
CA ILE A 93 17.30 -52.61 16.70
C ILE A 93 16.43 -53.63 17.40
N VAL A 94 16.66 -53.86 18.70
CA VAL A 94 15.86 -54.82 19.44
C VAL A 94 15.47 -54.21 20.78
N ASN A 95 14.24 -54.45 21.18
CA ASN A 95 13.69 -54.00 22.45
C ASN A 95 13.62 -55.19 23.40
N ASN A 96 13.24 -54.92 24.65
CA ASN A 96 13.17 -55.96 25.67
C ASN A 96 12.08 -55.53 26.63
N ALA A 97 12.05 -56.12 27.82
CA ALA A 97 11.07 -55.71 28.81
C ALA A 97 11.21 -54.23 29.13
N THR A 98 12.42 -53.79 29.48
CA THR A 98 12.70 -52.37 29.63
C THR A 98 14.10 -52.03 29.10
N ASN A 99 14.55 -52.77 28.08
CA ASN A 99 15.92 -52.66 27.61
C ASN A 99 15.93 -52.73 26.10
N VAL A 100 16.99 -52.18 25.50
CA VAL A 100 17.16 -52.22 24.05
C VAL A 100 18.63 -52.48 23.74
N VAL A 101 18.87 -53.05 22.56
CA VAL A 101 20.22 -53.22 22.02
C VAL A 101 20.17 -52.86 20.54
N ILE A 102 21.08 -51.99 20.12
CA ILE A 102 21.13 -51.52 18.73
C ILE A 102 22.57 -51.66 18.25
N LYS A 103 22.75 -52.37 17.13
CA LYS A 103 24.07 -52.57 16.53
C LYS A 103 23.98 -52.60 15.01
N VAL A 104 25.08 -53.03 14.39
CA VAL A 104 25.19 -53.15 12.95
C VAL A 104 25.23 -54.63 12.61
N CYS A 105 24.99 -55.47 13.61
CA CYS A 105 24.92 -56.92 13.40
C CYS A 105 23.75 -57.53 14.16
N PHE A 107 23.22 -60.82 15.52
CA PHE A 107 23.44 -61.95 14.63
C PHE A 107 24.41 -61.58 13.52
N THR A 141 29.50 -50.72 14.22
CA THR A 141 30.18 -49.48 14.56
C THR A 141 29.32 -48.60 15.47
N PHE A 142 28.45 -49.24 16.25
CA PHE A 142 27.57 -48.52 17.15
C PHE A 142 26.94 -49.54 18.10
N GLU A 143 26.88 -49.19 19.38
CA GLU A 143 26.58 -50.17 20.41
C GLU A 143 25.53 -49.65 21.38
N TYR A 144 24.40 -49.16 20.87
CA TYR A 144 23.41 -48.49 21.71
C TYR A 144 22.82 -49.47 22.71
N VAL A 145 22.97 -49.17 23.99
CA VAL A 145 22.39 -49.96 25.07
C VAL A 145 21.74 -49.00 26.05
N SER A 146 20.52 -49.32 26.48
CA SER A 146 19.77 -48.49 27.40
C SER A 146 19.36 -49.31 28.61
N GLN A 147 18.48 -48.74 29.42
CA GLN A 147 17.99 -49.37 30.65
C GLN A 147 17.53 -50.81 30.42
N LYS A 161 -6.20 -56.33 20.11
CA LYS A 161 -6.03 -56.44 21.55
C LYS A 161 -5.39 -55.18 22.13
N ASN A 162 -4.06 -55.14 22.15
CA ASN A 162 -3.33 -54.07 22.78
C ASN A 162 -2.37 -53.46 21.78
N LEU A 163 -2.19 -52.13 21.88
CA LEU A 163 -1.37 -51.36 20.94
C LEU A 163 -0.29 -50.60 21.71
N ARG A 164 0.88 -51.21 21.82
CA ARG A 164 2.08 -50.52 22.28
C ARG A 164 2.90 -50.11 21.06
N GLU A 165 2.79 -48.85 20.68
CA GLU A 165 3.30 -48.34 19.42
C GLU A 165 4.82 -48.21 19.47
N PHE A 166 5.49 -48.75 18.45
CA PHE A 166 6.92 -48.57 18.26
C PHE A 166 7.09 -47.72 17.00
N VAL A 167 6.93 -46.42 17.13
CA VAL A 167 6.67 -45.55 15.98
C VAL A 167 8.00 -45.02 15.45
N PHE A 168 8.23 -45.19 14.14
CA PHE A 168 9.38 -44.53 13.52
C PHE A 168 9.14 -43.04 13.53
N PHE A 175 18.01 -40.91 11.44
CA PHE A 175 17.05 -41.98 11.68
C PHE A 175 16.10 -41.56 12.80
N LYS A 176 14.81 -41.54 12.49
CA LYS A 176 13.80 -40.91 13.34
C LYS A 176 12.82 -41.98 13.83
N ILE A 177 13.01 -42.43 15.06
CA ILE A 177 11.99 -43.23 15.75
C ILE A 177 11.27 -42.35 16.75
N TYR A 178 10.07 -42.77 17.12
CA TYR A 178 9.22 -42.05 18.06
C TYR A 178 9.00 -42.94 19.28
N SER A 179 8.05 -42.54 20.12
CA SER A 179 7.82 -43.16 21.41
C SER A 179 6.36 -42.95 21.79
N LYS A 180 6.07 -43.07 23.08
CA LYS A 180 4.75 -42.77 23.63
C LYS A 180 3.67 -43.68 23.07
N HIS A 181 3.72 -44.95 23.45
CA HIS A 181 2.55 -45.79 23.21
C HIS A 181 1.45 -45.40 24.20
N THR A 182 0.24 -45.86 23.97
CA THR A 182 -0.88 -45.55 24.87
C THR A 182 -1.98 -46.57 24.68
N PRO A 183 -2.73 -46.93 25.73
CA PRO A 183 -3.81 -47.92 25.59
C PRO A 183 -5.03 -47.37 24.87
N ASP A 189 -12.35 -53.98 15.90
CA ASP A 189 -11.18 -53.38 15.26
C ASP A 189 -10.71 -52.18 16.09
N LEU A 190 -10.98 -50.97 15.58
CA LEU A 190 -10.63 -49.74 16.28
C LEU A 190 -11.84 -48.83 16.43
N PRO A 191 -12.16 -48.41 17.65
CA PRO A 191 -13.27 -47.47 17.85
C PRO A 191 -12.86 -46.03 17.56
N GLN A 192 -13.76 -45.09 17.85
CA GLN A 192 -13.51 -43.67 17.64
C GLN A 192 -13.13 -43.04 18.98
N GLY A 193 -11.83 -42.98 19.25
CA GLY A 193 -11.36 -42.46 20.52
C GLY A 193 -10.39 -41.29 20.43
N PHE A 194 -9.67 -41.18 19.31
CA PHE A 194 -8.74 -40.08 19.05
C PHE A 194 -7.66 -39.95 20.12
N SER A 195 -6.76 -40.93 20.19
CA SER A 195 -5.62 -40.85 21.09
C SER A 195 -4.60 -39.90 20.49
N ALA A 196 -3.63 -39.51 21.31
CA ALA A 196 -2.54 -38.65 20.86
C ALA A 196 -1.21 -39.24 21.32
N LEU A 197 -0.32 -39.49 20.37
CA LEU A 197 0.97 -40.08 20.66
C LEU A 197 2.06 -39.00 20.75
N GLU A 198 3.32 -39.43 20.82
CA GLU A 198 4.44 -38.56 20.53
C GLU A 198 5.13 -39.05 19.26
N VAL A 201 13.36 -41.52 21.58
CA VAL A 201 14.68 -40.94 21.51
C VAL A 201 15.16 -40.86 20.07
N ASP A 202 15.73 -39.71 19.69
CA ASP A 202 16.35 -39.57 18.38
C ASP A 202 17.63 -40.39 18.35
N LEU A 203 17.62 -41.45 17.57
CA LEU A 203 18.75 -42.38 17.53
C LEU A 203 19.59 -42.11 16.29
N PRO A 204 20.83 -41.67 16.44
CA PRO A 204 21.66 -41.39 15.25
C PRO A 204 22.12 -42.68 14.58
N ILE A 205 22.25 -42.62 13.26
CA ILE A 205 22.88 -43.71 12.52
C ILE A 205 23.99 -43.15 11.63
N GLY A 206 23.67 -42.13 10.83
CA GLY A 206 24.62 -41.58 9.89
C GLY A 206 24.80 -42.38 8.62
N ILE A 207 24.02 -43.46 8.43
CA ILE A 207 24.20 -44.36 7.30
C ILE A 207 22.96 -44.37 6.42
N ASN A 208 22.98 -45.17 5.36
CA ASN A 208 21.88 -45.28 4.43
C ASN A 208 21.00 -46.48 4.80
N ILE A 209 19.70 -46.32 4.60
CA ILE A 209 18.77 -47.43 4.81
C ILE A 209 17.86 -47.56 3.60
N ALA A 238 -3.46 -55.79 19.34
CA ALA A 238 -2.94 -57.12 19.00
C ALA A 238 -1.66 -56.98 18.20
N TYR A 239 -1.77 -57.18 16.89
CA TYR A 239 -0.66 -56.94 15.98
C TYR A 239 -1.23 -56.09 14.84
N TYR A 240 -0.93 -54.79 14.88
CA TYR A 240 -1.37 -53.86 13.86
C TYR A 240 -0.15 -53.24 13.19
N VAL A 241 -0.38 -52.49 12.11
CA VAL A 241 0.69 -51.89 11.31
C VAL A 241 0.18 -50.52 10.90
N GLY A 242 1.02 -49.70 10.30
CA GLY A 242 0.58 -48.45 9.72
C GLY A 242 1.70 -47.81 8.93
N TYR A 243 1.36 -46.69 8.29
CA TYR A 243 2.30 -45.98 7.44
C TYR A 243 2.08 -44.48 7.57
N LEU A 244 3.09 -43.72 7.14
CA LEU A 244 3.09 -42.27 7.25
C LEU A 244 3.54 -41.68 5.93
N GLN A 245 2.84 -40.66 5.45
CA GLN A 245 3.23 -39.91 4.28
C GLN A 245 2.97 -38.42 4.54
N PRO A 246 3.67 -37.53 3.83
CA PRO A 246 3.59 -36.11 4.18
C PRO A 246 2.23 -35.49 3.87
N ARG A 247 1.42 -35.25 4.91
CA ARG A 247 0.04 -34.80 4.75
C ARG A 247 -0.28 -33.84 5.88
N THR A 248 -0.72 -32.62 5.55
CA THR A 248 -0.89 -31.59 6.57
C THR A 248 -1.97 -31.98 7.56
N PHE A 249 -1.81 -31.50 8.80
CA PHE A 249 -2.79 -31.73 9.86
C PHE A 249 -2.94 -30.47 10.68
N LEU A 250 -4.19 -30.06 10.91
CA LEU A 250 -4.52 -28.92 11.78
C LEU A 250 -4.96 -29.46 13.13
N LEU A 251 -4.10 -29.34 14.13
CA LEU A 251 -4.39 -29.88 15.46
C LEU A 251 -5.17 -28.88 16.30
N LYS A 252 -6.06 -29.39 17.14
CA LYS A 252 -6.85 -28.57 18.04
C LYS A 252 -6.38 -28.81 19.48
N TYR A 253 -5.36 -28.06 19.88
CA TYR A 253 -4.91 -28.10 21.26
C TYR A 253 -6.03 -27.64 22.18
N ASN A 254 -6.27 -28.40 23.25
CA ASN A 254 -7.35 -28.04 24.18
C ASN A 254 -6.89 -26.98 25.15
N GLU A 255 -7.67 -26.77 26.22
CA GLU A 255 -7.32 -25.83 27.27
C GLU A 255 -6.28 -26.37 28.24
N ASN A 256 -5.98 -27.67 28.20
CA ASN A 256 -4.97 -28.25 29.08
C ASN A 256 -3.77 -28.81 28.34
N GLY A 257 -3.73 -28.71 27.01
CA GLY A 257 -2.62 -29.23 26.24
C GLY A 257 -2.88 -30.56 25.57
N THR A 258 -4.08 -31.11 25.69
CA THR A 258 -4.39 -32.40 25.09
C THR A 258 -4.98 -32.19 23.70
N ILE A 259 -4.49 -32.94 22.72
CA ILE A 259 -5.03 -32.87 21.36
C ILE A 259 -6.42 -33.53 21.38
N THR A 260 -7.46 -32.70 21.36
CA THR A 260 -8.82 -33.22 21.40
C THR A 260 -9.40 -33.45 20.01
N ASP A 261 -8.96 -32.66 19.03
CA ASP A 261 -9.46 -32.79 17.68
C ASP A 261 -8.34 -32.48 16.69
N ALA A 262 -8.45 -33.08 15.51
CA ALA A 262 -7.57 -32.79 14.40
C ALA A 262 -8.30 -33.13 13.12
N VAL A 263 -7.88 -32.49 12.03
CA VAL A 263 -8.52 -32.67 10.74
C VAL A 263 -7.46 -33.06 9.73
N ASP A 264 -7.72 -34.13 8.99
CA ASP A 264 -6.93 -34.43 7.81
C ASP A 264 -7.08 -33.28 6.83
N CYS A 265 -6.03 -33.00 6.06
CA CYS A 265 -6.08 -31.83 5.19
C CYS A 265 -6.10 -32.20 3.71
N ALA A 266 -6.29 -33.47 3.39
CA ALA A 266 -6.41 -33.89 2.00
C ALA A 266 -7.47 -34.97 1.86
N LEU A 267 -8.20 -35.25 2.94
CA LEU A 267 -9.15 -36.35 2.96
C LEU A 267 -10.37 -36.05 2.09
N ASP A 268 -11.12 -35.01 2.44
CA ASP A 268 -12.37 -34.66 1.79
C ASP A 268 -12.38 -33.18 1.43
N PRO A 269 -13.22 -32.77 0.47
CA PRO A 269 -13.31 -31.34 0.16
C PRO A 269 -13.64 -30.49 1.37
N LEU A 270 -14.51 -31.01 2.25
CA LEU A 270 -14.75 -30.34 3.52
C LEU A 270 -13.45 -30.13 4.29
N SER A 271 -12.53 -31.09 4.21
CA SER A 271 -11.27 -30.96 4.91
C SER A 271 -10.42 -29.83 4.34
N GLU A 272 -10.37 -29.73 3.01
CA GLU A 272 -9.61 -28.62 2.41
C GLU A 272 -10.22 -27.28 2.76
N THR A 273 -11.54 -27.17 2.75
CA THR A 273 -12.16 -25.90 3.14
C THR A 273 -11.87 -25.58 4.60
N LYS A 274 -11.89 -26.61 5.47
CA LYS A 274 -11.59 -26.38 6.88
C LYS A 274 -10.16 -25.90 7.06
N CYS A 275 -9.22 -26.49 6.32
CA CYS A 275 -7.84 -26.02 6.36
C CYS A 275 -7.74 -24.58 5.88
N THR A 276 -8.46 -24.25 4.81
CA THR A 276 -8.37 -22.90 4.25
C THR A 276 -8.83 -21.86 5.25
N LEU A 277 -9.90 -22.16 5.99
CA LEU A 277 -10.46 -21.22 6.94
C LEU A 277 -9.92 -21.40 8.35
N LYS A 278 -9.07 -22.40 8.58
CA LYS A 278 -8.55 -22.72 9.90
C LYS A 278 -9.69 -22.81 10.92
N SER A 279 -10.78 -23.46 10.50
CA SER A 279 -11.96 -23.55 11.33
C SER A 279 -12.56 -24.94 11.21
N PHE A 280 -13.31 -25.33 12.23
CA PHE A 280 -14.00 -26.60 12.26
C PHE A 280 -15.43 -26.52 11.76
N THR A 281 -15.98 -25.32 11.61
CA THR A 281 -17.37 -25.13 11.19
C THR A 281 -17.38 -24.20 9.99
N VAL A 282 -17.68 -24.76 8.82
CA VAL A 282 -17.79 -23.99 7.59
C VAL A 282 -19.27 -23.72 7.32
N GLU A 283 -19.59 -22.47 7.03
CA GLU A 283 -20.98 -22.08 6.85
C GLU A 283 -21.43 -22.29 5.40
N LYS A 284 -22.73 -22.11 5.18
CA LYS A 284 -23.30 -22.28 3.85
C LYS A 284 -22.61 -21.36 2.85
N GLY A 285 -22.28 -21.90 1.69
CA GLY A 285 -21.78 -21.04 0.63
C GLY A 285 -20.79 -21.76 -0.25
N ILE A 286 -20.07 -20.95 -1.01
CA ILE A 286 -19.03 -21.42 -1.92
C ILE A 286 -17.70 -20.88 -1.46
N TYR A 287 -16.67 -21.72 -1.46
CA TYR A 287 -15.33 -21.32 -1.07
C TYR A 287 -14.35 -21.64 -2.20
N GLN A 288 -13.42 -20.72 -2.42
CA GLN A 288 -12.47 -20.82 -3.53
C GLN A 288 -11.13 -21.37 -3.05
N THR A 289 -11.09 -22.69 -2.89
CA THR A 289 -9.84 -23.39 -2.61
C THR A 289 -9.00 -23.45 -3.88
N SER A 290 -7.68 -23.55 -3.73
CA SER A 290 -6.79 -23.57 -4.88
C SER A 290 -6.58 -25.00 -5.36
N ASN A 291 -6.14 -25.15 -6.60
CA ASN A 291 -5.81 -26.45 -7.18
C ASN A 291 -4.31 -26.72 -7.11
N THR A 297 3.89 -37.16 -14.33
CA THR A 297 4.98 -36.38 -14.89
C THR A 297 6.29 -37.17 -14.83
N GLU A 298 7.23 -36.81 -15.70
CA GLU A 298 8.52 -37.49 -15.79
C GLU A 298 9.60 -36.44 -16.06
N SER A 299 10.80 -36.90 -16.41
CA SER A 299 11.95 -36.02 -16.59
C SER A 299 12.54 -36.22 -17.98
N ILE A 300 12.91 -35.11 -18.62
CA ILE A 300 13.61 -35.12 -19.89
C ILE A 300 14.91 -34.35 -19.72
N VAL A 301 16.00 -34.93 -20.22
CA VAL A 301 17.30 -34.26 -20.27
C VAL A 301 17.77 -34.30 -21.72
N ARG A 302 18.11 -33.13 -22.26
CA ARG A 302 18.60 -33.03 -23.65
C ARG A 302 19.83 -32.13 -23.66
N PHE A 303 20.98 -32.71 -23.94
CA PHE A 303 22.20 -31.97 -24.11
C PHE A 303 22.74 -32.16 -25.52
N PRO A 304 23.52 -31.22 -26.03
CA PRO A 304 23.97 -31.29 -27.43
C PRO A 304 24.81 -32.52 -27.70
N ASN A 305 25.05 -32.75 -29.00
CA ASN A 305 25.79 -33.92 -29.47
C ASN A 305 27.29 -33.72 -29.40
N ILE A 306 27.82 -33.36 -28.24
CA ILE A 306 29.27 -33.25 -28.09
C ILE A 306 29.80 -34.56 -27.53
N THR A 307 30.87 -35.08 -28.14
CA THR A 307 31.41 -36.38 -27.79
C THR A 307 32.81 -36.33 -27.19
N ASN A 308 33.57 -35.27 -27.43
CA ASN A 308 34.97 -35.23 -27.05
C ASN A 308 35.18 -34.37 -25.80
N LEU A 309 36.21 -34.73 -25.04
CA LEU A 309 36.58 -33.96 -23.85
C LEU A 309 37.29 -32.67 -24.24
N CYS A 310 37.82 -31.96 -23.26
CA CYS A 310 38.51 -30.69 -23.48
C CYS A 310 39.97 -30.84 -23.10
N PRO A 311 40.84 -29.97 -23.58
CA PRO A 311 42.29 -30.16 -23.33
C PRO A 311 42.69 -29.95 -21.88
N PHE A 312 42.11 -30.73 -20.95
CA PHE A 312 42.52 -30.64 -19.56
C PHE A 312 44.03 -30.79 -19.43
N GLY A 313 44.57 -31.84 -20.03
CA GLY A 313 46.00 -32.11 -19.98
C GLY A 313 46.77 -31.31 -21.01
N GLU A 314 46.25 -30.13 -21.38
CA GLU A 314 46.99 -29.25 -22.26
C GLU A 314 47.01 -27.84 -21.69
N VAL A 315 45.97 -27.47 -20.94
CA VAL A 315 45.91 -26.13 -20.36
C VAL A 315 46.27 -26.11 -18.89
N PHE A 316 46.22 -27.27 -18.21
CA PHE A 316 46.53 -27.31 -16.79
C PHE A 316 47.93 -27.82 -16.46
N ASN A 317 48.58 -28.55 -17.36
CA ASN A 317 49.91 -29.09 -17.06
C ASN A 317 50.91 -28.72 -18.13
N ALA A 318 50.70 -27.60 -18.82
CA ALA A 318 51.69 -27.14 -19.79
C ALA A 318 53.00 -26.86 -19.08
N THR A 319 54.10 -27.25 -19.72
CA THR A 319 55.40 -27.15 -19.07
C THR A 319 55.77 -25.70 -18.78
N ARG A 320 55.26 -24.75 -19.56
CA ARG A 320 55.54 -23.34 -19.36
C ARG A 320 54.26 -22.52 -19.51
N PHE A 321 54.03 -21.60 -18.59
CA PHE A 321 53.02 -20.56 -18.75
C PHE A 321 53.64 -19.20 -19.04
N ALA A 322 52.82 -18.35 -19.65
CA ALA A 322 53.25 -17.02 -20.03
C ALA A 322 53.40 -16.13 -18.80
N SER A 323 54.16 -15.06 -18.97
CA SER A 323 54.28 -14.04 -17.93
C SER A 323 52.96 -13.33 -17.73
N VAL A 324 52.81 -12.70 -16.57
CA VAL A 324 51.52 -12.10 -16.22
C VAL A 324 51.14 -11.01 -17.19
N TYR A 325 52.07 -10.08 -17.46
CA TYR A 325 51.75 -8.91 -18.28
C TYR A 325 51.34 -9.29 -19.70
N ALA A 326 51.68 -10.50 -20.15
CA ALA A 326 51.33 -10.99 -21.48
C ALA A 326 50.58 -12.31 -21.34
N TRP A 327 49.58 -12.31 -20.46
CA TRP A 327 48.84 -13.52 -20.15
C TRP A 327 48.19 -14.10 -21.40
N ASN A 328 48.40 -15.39 -21.61
CA ASN A 328 47.90 -16.08 -22.78
C ASN A 328 46.38 -16.16 -22.73
N ARG A 329 45.77 -16.60 -23.83
CA ARG A 329 44.32 -16.67 -23.91
C ARG A 329 43.96 -17.75 -24.92
N LYS A 330 42.89 -18.49 -24.62
CA LYS A 330 42.55 -19.67 -25.42
C LYS A 330 41.06 -19.95 -25.34
N ARG A 331 40.42 -20.01 -26.49
CA ARG A 331 39.01 -20.40 -26.55
C ARG A 331 38.88 -21.91 -26.53
N ILE A 332 37.83 -22.39 -25.88
CA ILE A 332 37.47 -23.80 -25.88
C ILE A 332 36.10 -23.95 -26.52
N SER A 333 35.90 -25.00 -27.30
CA SER A 333 34.65 -25.19 -28.01
C SER A 333 34.38 -26.68 -28.23
N ASN A 334 33.10 -27.05 -28.15
CA ASN A 334 32.64 -28.41 -28.43
C ASN A 334 33.37 -29.44 -27.55
N CYS A 335 33.13 -29.32 -26.25
CA CYS A 335 33.68 -30.24 -25.27
C CYS A 335 32.63 -30.61 -24.24
N VAL A 336 32.64 -31.87 -23.83
CA VAL A 336 31.82 -32.30 -22.69
C VAL A 336 32.74 -32.45 -21.49
N ALA A 337 32.87 -31.38 -20.72
CA ALA A 337 33.94 -31.30 -19.73
C ALA A 337 33.56 -31.96 -18.41
N ASP A 338 34.11 -33.15 -18.18
CA ASP A 338 33.91 -33.88 -16.93
C ASP A 338 35.11 -33.63 -16.04
N TYR A 339 35.01 -32.62 -15.18
CA TYR A 339 36.15 -32.22 -14.38
C TYR A 339 36.47 -33.20 -13.25
N SER A 340 35.63 -34.21 -13.04
CA SER A 340 35.94 -35.23 -12.05
C SER A 340 37.26 -35.93 -12.35
N VAL A 341 37.57 -36.11 -13.64
CA VAL A 341 38.84 -36.72 -14.04
C VAL A 341 40.03 -35.84 -13.70
N LEU A 342 39.79 -34.65 -13.15
CA LEU A 342 40.88 -33.71 -12.92
C LEU A 342 41.45 -33.84 -11.51
N TYR A 343 40.60 -34.02 -10.50
CA TYR A 343 41.12 -34.19 -9.14
C TYR A 343 41.49 -35.65 -8.94
N ASN A 344 42.50 -36.07 -9.68
CA ASN A 344 43.22 -37.31 -9.44
C ASN A 344 44.71 -37.00 -9.52
N SER A 345 45.05 -35.92 -10.23
CA SER A 345 46.44 -35.62 -10.55
C SER A 345 46.88 -34.39 -9.77
N ALA A 346 46.17 -33.27 -9.87
CA ALA A 346 46.66 -32.05 -9.26
C ALA A 346 45.88 -31.72 -7.98
N SER A 347 46.42 -30.78 -7.22
CA SER A 347 45.86 -30.37 -5.93
C SER A 347 45.65 -28.86 -5.96
N PHE A 348 44.41 -28.44 -6.14
CA PHE A 348 44.11 -27.03 -6.38
C PHE A 348 44.04 -26.26 -5.07
N SER A 349 44.83 -25.20 -4.99
CA SER A 349 44.91 -24.39 -3.78
C SER A 349 43.89 -23.27 -3.74
N THR A 350 43.08 -23.11 -4.79
CA THR A 350 42.05 -22.08 -4.79
C THR A 350 41.09 -22.33 -5.94
N PHE A 351 39.79 -22.25 -5.65
CA PHE A 351 38.76 -22.44 -6.64
C PHE A 351 37.48 -21.76 -6.18
N LYS A 352 37.17 -20.59 -6.73
CA LYS A 352 36.01 -19.83 -6.28
C LYS A 352 35.27 -19.30 -7.50
N CYS A 353 34.17 -19.95 -7.83
CA CYS A 353 33.37 -19.55 -8.98
C CYS A 353 32.54 -18.31 -8.64
N TYR A 354 32.39 -17.39 -9.58
CA TYR A 354 31.80 -16.11 -9.25
C TYR A 354 30.49 -15.81 -9.95
N GLY A 355 29.99 -16.73 -10.76
CA GLY A 355 28.72 -16.51 -11.40
C GLY A 355 27.73 -17.59 -11.06
N VAL A 356 28.24 -18.79 -10.80
CA VAL A 356 27.43 -19.97 -10.62
C VAL A 356 27.96 -20.76 -9.44
N SER A 357 27.05 -21.36 -8.68
CA SER A 357 27.45 -22.15 -7.53
C SER A 357 28.25 -23.37 -7.98
N PRO A 358 29.34 -23.69 -7.28
CA PRO A 358 30.25 -24.73 -7.79
C PRO A 358 29.61 -26.09 -7.98
N THR A 359 28.63 -26.44 -7.16
CA THR A 359 28.05 -27.78 -7.22
C THR A 359 27.38 -28.04 -8.55
N LYS A 360 26.79 -27.01 -9.15
CA LYS A 360 25.97 -27.18 -10.36
C LYS A 360 26.78 -27.05 -11.64
N LEU A 361 28.10 -27.09 -11.56
CA LEU A 361 28.96 -26.86 -12.72
C LEU A 361 28.87 -27.96 -13.77
N ASN A 362 28.27 -29.09 -13.45
CA ASN A 362 28.14 -30.20 -14.40
C ASN A 362 26.71 -30.35 -14.91
N ASP A 363 25.89 -29.31 -14.77
CA ASP A 363 24.51 -29.39 -15.22
C ASP A 363 24.13 -28.38 -16.28
N LEU A 364 25.00 -27.45 -16.62
CA LEU A 364 24.66 -26.37 -17.53
C LEU A 364 25.47 -26.48 -18.82
N CYS A 365 25.28 -25.50 -19.70
CA CYS A 365 26.06 -25.35 -20.90
C CYS A 365 26.56 -23.93 -21.02
N PHE A 366 27.80 -23.79 -21.46
CA PHE A 366 28.54 -22.55 -21.35
C PHE A 366 28.84 -21.94 -22.72
N THR A 367 28.13 -20.89 -23.11
CA THR A 367 28.13 -20.38 -24.48
C THR A 367 29.53 -20.16 -25.06
N ASN A 368 30.30 -19.27 -24.45
CA ASN A 368 31.70 -19.15 -24.80
C ASN A 368 32.54 -19.29 -23.54
N VAL A 369 33.74 -19.85 -23.71
CA VAL A 369 34.63 -20.08 -22.57
C VAL A 369 36.04 -19.69 -22.97
N TYR A 370 36.76 -19.07 -22.04
CA TYR A 370 38.13 -18.64 -22.27
C TYR A 370 38.99 -19.18 -21.14
N ALA A 371 40.28 -19.31 -21.42
CA ALA A 371 41.19 -19.90 -20.44
C ALA A 371 42.43 -19.01 -20.33
N ASP A 372 42.36 -18.01 -19.45
CA ASP A 372 43.49 -17.13 -19.25
C ASP A 372 44.48 -17.77 -18.29
N SER A 373 45.76 -17.76 -18.62
CA SER A 373 46.75 -18.44 -17.81
C SER A 373 47.96 -17.55 -17.57
N PHE A 374 48.48 -17.61 -16.35
CA PHE A 374 49.70 -16.85 -16.03
C PHE A 374 50.27 -17.35 -14.72
N VAL A 375 51.33 -16.71 -14.26
CA VAL A 375 52.07 -17.15 -13.08
C VAL A 375 52.36 -15.94 -12.19
N ILE A 376 51.64 -15.83 -11.08
CA ILE A 376 51.87 -14.77 -10.10
C ILE A 376 52.50 -15.34 -8.85
N ARG A 377 52.96 -14.48 -7.95
CA ARG A 377 53.56 -14.95 -6.70
C ARG A 377 52.45 -15.40 -5.75
N GLY A 378 52.83 -16.06 -4.67
CA GLY A 378 51.86 -16.61 -3.76
C GLY A 378 51.04 -15.57 -3.03
N ASP A 379 51.68 -14.45 -2.67
CA ASP A 379 51.05 -13.38 -1.92
C ASP A 379 50.28 -12.42 -2.81
N GLU A 380 49.94 -12.84 -4.03
CA GLU A 380 49.14 -12.03 -4.93
C GLU A 380 47.91 -12.74 -5.44
N VAL A 381 47.78 -14.05 -5.21
CA VAL A 381 46.67 -14.81 -5.77
C VAL A 381 45.33 -14.29 -5.30
N ARG A 382 45.29 -13.61 -4.16
CA ARG A 382 44.04 -13.00 -3.70
C ARG A 382 43.60 -11.84 -4.57
N GLN A 383 44.51 -11.24 -5.35
CA GLN A 383 44.16 -10.07 -6.14
C GLN A 383 43.37 -10.40 -7.40
N ILE A 384 43.26 -11.68 -7.75
CA ILE A 384 42.48 -12.06 -8.91
C ILE A 384 41.03 -12.23 -8.46
N ALA A 385 40.31 -11.12 -8.37
CA ALA A 385 38.94 -11.13 -7.90
C ALA A 385 38.32 -9.78 -8.26
N PRO A 386 37.02 -9.73 -8.47
CA PRO A 386 36.41 -8.46 -8.89
C PRO A 386 36.52 -7.38 -7.84
N GLY A 387 37.27 -6.32 -8.15
CA GLY A 387 37.31 -5.17 -7.28
C GLY A 387 38.35 -5.21 -6.19
N GLN A 388 39.62 -5.36 -6.57
CA GLN A 388 40.72 -5.25 -5.61
C GLN A 388 41.87 -4.51 -6.27
N THR A 389 42.86 -4.16 -5.46
CA THR A 389 44.00 -3.37 -5.92
C THR A 389 45.29 -4.13 -5.65
N GLY A 390 46.33 -3.70 -6.34
CA GLY A 390 47.63 -4.34 -6.28
C GLY A 390 48.31 -4.27 -7.62
N LYS A 391 49.62 -4.56 -7.62
CA LYS A 391 50.39 -4.48 -8.84
C LYS A 391 50.04 -5.62 -9.79
N ILE A 392 49.02 -6.39 -9.46
CA ILE A 392 48.45 -7.38 -10.37
C ILE A 392 47.09 -6.94 -10.88
N ALA A 393 46.30 -6.30 -10.02
CA ALA A 393 44.97 -5.84 -10.37
C ALA A 393 44.96 -4.41 -10.89
N ASP A 394 46.12 -3.80 -11.05
CA ASP A 394 46.17 -2.46 -11.60
C ASP A 394 47.03 -2.36 -12.85
N TYR A 395 48.20 -3.01 -12.88
CA TYR A 395 49.07 -2.80 -14.01
C TYR A 395 49.24 -4.07 -14.86
N ASN A 396 48.65 -5.19 -14.45
CA ASN A 396 48.86 -6.40 -15.23
C ASN A 396 47.59 -7.02 -15.78
N TYR A 397 46.59 -7.22 -14.93
CA TYR A 397 45.42 -7.99 -15.33
C TYR A 397 44.27 -7.60 -14.43
N LYS A 398 43.28 -6.92 -14.99
CA LYS A 398 42.14 -6.42 -14.25
C LYS A 398 40.90 -7.26 -14.56
N LEU A 399 40.21 -7.67 -13.52
CA LEU A 399 39.01 -8.49 -13.69
C LEU A 399 37.76 -7.61 -13.63
N PRO A 400 36.83 -7.76 -14.56
CA PRO A 400 35.68 -6.85 -14.59
C PRO A 400 34.77 -7.04 -13.40
N ASP A 401 34.07 -5.96 -13.04
CA ASP A 401 33.20 -5.97 -11.88
C ASP A 401 32.01 -6.91 -12.02
N ASP A 402 31.37 -6.93 -13.18
CA ASP A 402 30.28 -7.89 -13.44
C ASP A 402 30.83 -9.21 -13.97
N PHE A 403 31.79 -9.76 -13.24
CA PHE A 403 32.46 -10.97 -13.67
C PHE A 403 31.55 -12.18 -13.52
N THR A 404 31.72 -13.12 -14.43
CA THR A 404 31.15 -14.46 -14.29
C THR A 404 32.19 -15.46 -14.77
N GLY A 405 32.58 -16.37 -13.90
CA GLY A 405 33.63 -17.31 -14.22
C GLY A 405 34.15 -17.97 -12.95
N CYS A 406 35.16 -18.82 -13.14
CA CYS A 406 35.81 -19.50 -12.02
C CYS A 406 37.30 -19.22 -12.08
N VAL A 407 37.96 -19.28 -10.93
CA VAL A 407 39.38 -18.98 -10.80
C VAL A 407 40.07 -20.18 -10.19
N ILE A 408 41.17 -20.63 -10.78
CA ILE A 408 41.89 -21.80 -10.30
C ILE A 408 43.34 -21.42 -10.09
N ALA A 409 43.93 -21.90 -9.00
CA ALA A 409 45.32 -21.61 -8.71
C ALA A 409 45.89 -22.69 -7.81
N TRP A 410 47.08 -23.18 -8.14
CA TRP A 410 47.75 -24.18 -7.33
C TRP A 410 49.24 -23.88 -7.30
N ASN A 411 49.91 -24.41 -6.28
CA ASN A 411 51.35 -24.26 -6.17
C ASN A 411 52.05 -24.91 -7.35
N SER A 412 53.18 -24.34 -7.74
CA SER A 412 53.97 -24.94 -8.81
C SER A 412 55.46 -24.86 -8.56
N ASN A 413 55.89 -24.76 -7.29
CA ASN A 413 57.31 -24.60 -7.00
C ASN A 413 58.12 -25.80 -7.47
N ASN A 414 57.48 -26.94 -7.69
CA ASN A 414 58.20 -28.13 -8.14
C ASN A 414 58.83 -27.92 -9.51
N LEU A 415 58.14 -27.20 -10.40
CA LEU A 415 58.58 -27.08 -11.79
C LEU A 415 59.13 -25.69 -12.09
N ASP A 416 58.39 -24.64 -11.74
CA ASP A 416 58.78 -23.28 -12.08
C ASP A 416 59.78 -22.72 -11.08
N SER A 417 60.89 -23.40 -10.87
CA SER A 417 61.93 -22.94 -9.96
C SER A 417 63.26 -23.55 -10.37
N LYS A 418 64.34 -22.82 -10.12
CA LYS A 418 65.67 -23.26 -10.48
C LYS A 418 66.51 -23.54 -9.24
N GLY A 421 68.05 -19.03 -9.71
CA GLY A 421 66.59 -18.96 -9.66
C GLY A 421 65.95 -18.77 -11.02
N ASN A 422 64.63 -18.93 -11.08
CA ASN A 422 63.89 -18.78 -12.33
C ASN A 422 63.63 -17.30 -12.56
N TYR A 423 64.22 -16.75 -13.61
CA TYR A 423 64.09 -15.35 -13.97
C TYR A 423 63.37 -15.18 -15.30
N ASN A 424 62.62 -16.20 -15.72
CA ASN A 424 61.94 -16.20 -17.00
C ASN A 424 60.55 -15.59 -16.92
N TYR A 425 60.18 -15.00 -15.79
CA TYR A 425 58.86 -14.45 -15.58
C TYR A 425 58.97 -12.96 -15.28
N LEU A 426 58.09 -12.18 -15.86
CA LEU A 426 58.13 -10.73 -15.71
C LEU A 426 56.77 -10.22 -15.26
N TYR A 427 56.74 -8.96 -14.84
CA TYR A 427 55.51 -8.32 -14.40
C TYR A 427 55.69 -6.82 -14.52
N ARG A 428 54.63 -6.14 -14.94
CA ARG A 428 54.67 -4.71 -15.11
C ARG A 428 54.45 -4.01 -13.78
N LEU A 429 55.31 -3.05 -13.47
CA LEU A 429 55.35 -2.45 -12.16
C LEU A 429 55.09 -0.95 -12.16
N PHE A 430 55.50 -0.25 -13.22
CA PHE A 430 55.36 1.20 -13.30
C PHE A 430 54.41 1.58 -14.43
N ARG A 431 53.43 2.42 -14.12
CA ARG A 431 52.47 2.93 -15.09
C ARG A 431 51.71 4.06 -14.43
N LYS A 432 51.25 5.01 -15.24
CA LYS A 432 50.50 6.17 -14.76
C LYS A 432 49.00 5.95 -14.83
N SER A 433 48.55 4.86 -15.44
CA SER A 433 47.12 4.64 -15.64
C SER A 433 46.78 3.21 -15.26
N ASN A 434 45.64 3.04 -14.59
CA ASN A 434 45.15 1.71 -14.25
C ASN A 434 44.55 1.05 -15.49
N LEU A 435 44.64 -0.27 -15.52
CA LEU A 435 44.06 -1.02 -16.62
C LEU A 435 42.54 -1.05 -16.51
N LYS A 436 41.89 -1.13 -17.65
CA LYS A 436 40.47 -1.43 -17.68
C LYS A 436 40.29 -2.95 -17.70
N PRO A 437 39.07 -3.45 -17.49
CA PRO A 437 38.85 -4.90 -17.50
C PRO A 437 39.39 -5.61 -18.74
N PHE A 438 40.12 -6.70 -18.53
CA PHE A 438 40.68 -7.51 -19.60
C PHE A 438 41.45 -6.66 -20.62
N GLU A 439 42.50 -5.98 -20.19
CA GLU A 439 43.23 -5.07 -21.08
C GLU A 439 44.71 -5.43 -21.07
N ARG A 440 45.12 -6.31 -21.99
CA ARG A 440 46.53 -6.63 -22.13
C ARG A 440 47.28 -5.44 -22.71
N ASP A 441 48.41 -5.09 -22.10
CA ASP A 441 49.28 -4.04 -22.61
C ASP A 441 50.72 -4.55 -22.59
N ILE A 442 51.33 -4.61 -23.78
CA ILE A 442 52.73 -4.96 -23.93
C ILE A 442 53.44 -3.77 -24.58
N SER A 443 54.49 -3.29 -23.94
CA SER A 443 55.25 -2.14 -24.41
C SER A 443 56.54 -2.09 -23.59
N THR A 444 57.51 -1.31 -24.08
CA THR A 444 58.75 -1.12 -23.33
C THR A 444 59.15 0.33 -23.19
N GLU A 445 58.29 1.28 -23.53
CA GLU A 445 58.58 2.69 -23.27
C GLU A 445 58.72 2.90 -21.78
N ILE A 446 59.94 3.22 -21.34
CA ILE A 446 60.20 3.29 -19.91
C ILE A 446 59.33 4.37 -19.28
N TYR A 447 59.07 4.21 -17.98
CA TYR A 447 58.10 5.05 -17.27
C TYR A 447 58.76 6.39 -16.95
N GLN A 448 57.96 7.46 -17.00
CA GLN A 448 58.44 8.81 -16.73
C GLN A 448 57.77 9.30 -15.45
N ALA A 449 58.47 9.13 -14.32
CA ALA A 449 57.93 9.56 -13.03
C ALA A 449 58.23 11.02 -12.71
N GLY A 450 59.08 11.68 -13.48
CA GLY A 450 59.51 13.02 -13.15
C GLY A 450 59.13 14.08 -14.18
N SER A 451 60.13 14.77 -14.71
CA SER A 451 59.89 15.87 -15.63
C SER A 451 60.43 15.59 -17.02
N THR A 452 61.72 15.26 -17.11
CA THR A 452 62.36 15.10 -18.40
C THR A 452 61.87 13.82 -19.09
N PRO A 453 61.73 13.82 -20.41
CA PRO A 453 61.40 12.58 -21.13
C PRO A 453 62.60 11.68 -21.33
N CYS A 454 62.95 10.88 -20.33
CA CYS A 454 64.05 9.92 -20.43
C CYS A 454 63.87 9.01 -21.64
N ASN A 455 64.77 9.11 -22.62
CA ASN A 455 64.68 8.31 -23.83
C ASN A 455 65.55 7.07 -23.64
N GLY A 456 65.01 6.11 -22.89
CA GLY A 456 65.63 4.84 -22.64
C GLY A 456 66.51 4.79 -21.42
N VAL A 457 66.84 5.95 -20.85
CA VAL A 457 67.74 6.00 -19.70
C VAL A 457 66.98 5.58 -18.45
N GLU A 458 67.45 4.52 -17.79
CA GLU A 458 66.87 4.12 -16.51
C GLU A 458 67.44 4.96 -15.37
N GLY A 459 67.39 6.28 -15.55
CA GLY A 459 68.02 7.22 -14.65
C GLY A 459 67.07 7.73 -13.59
N PHE A 460 67.33 8.95 -13.13
CA PHE A 460 66.56 9.52 -12.04
C PHE A 460 65.10 9.70 -12.43
N ASN A 461 64.21 9.30 -11.52
CA ASN A 461 62.75 9.41 -11.68
C ASN A 461 62.26 8.90 -13.04
N CYS A 462 63.00 7.99 -13.65
CA CYS A 462 62.55 7.35 -14.89
C CYS A 462 63.14 5.94 -14.92
N TYR A 463 62.29 4.94 -14.88
CA TYR A 463 62.72 3.55 -14.71
C TYR A 463 62.09 2.68 -15.78
N PHE A 464 62.59 1.45 -15.88
CA PHE A 464 61.99 0.48 -16.78
C PHE A 464 60.63 0.03 -16.26
N PRO A 465 59.70 -0.29 -17.15
CA PRO A 465 58.36 -0.71 -16.70
C PRO A 465 58.32 -2.10 -16.11
N LEU A 466 59.03 -3.04 -16.73
CA LEU A 466 58.91 -4.45 -16.38
C LEU A 466 60.01 -4.87 -15.42
N GLN A 467 59.66 -5.74 -14.48
CA GLN A 467 60.63 -6.34 -13.58
C GLN A 467 60.41 -7.85 -13.56
N SER A 468 61.26 -8.56 -12.83
CA SER A 468 61.25 -10.02 -12.85
C SER A 468 60.94 -10.58 -11.47
N TYR A 469 60.67 -11.87 -11.44
CA TYR A 469 60.44 -12.64 -10.21
C TYR A 469 61.71 -13.43 -9.90
N GLY A 470 62.14 -13.38 -8.65
CA GLY A 470 63.25 -14.19 -8.21
C GLY A 470 62.78 -15.51 -7.63
N PHE A 471 62.01 -16.27 -8.41
CA PHE A 471 61.49 -17.55 -7.95
C PHE A 471 62.65 -18.49 -7.63
N GLN A 472 62.55 -19.18 -6.50
CA GLN A 472 63.63 -20.00 -6.00
C GLN A 472 63.03 -21.13 -5.17
N PRO A 473 63.63 -22.32 -5.20
CA PRO A 473 63.16 -23.39 -4.33
C PRO A 473 63.29 -23.08 -2.85
N THR A 474 64.14 -22.13 -2.48
CA THR A 474 64.29 -21.73 -1.08
C THR A 474 63.30 -20.68 -0.64
N ASN A 475 62.55 -20.09 -1.57
CA ASN A 475 61.59 -19.05 -1.23
C ASN A 475 60.54 -19.58 -0.26
N GLY A 476 60.23 -18.77 0.75
CA GLY A 476 59.17 -19.12 1.66
C GLY A 476 57.82 -19.14 0.97
N VAL A 477 56.90 -19.92 1.53
CA VAL A 477 55.54 -20.01 1.00
C VAL A 477 54.96 -18.60 0.97
N GLY A 478 54.50 -18.18 -0.20
CA GLY A 478 54.11 -16.80 -0.39
C GLY A 478 55.01 -16.12 -1.39
N TYR A 479 56.23 -16.63 -1.52
CA TYR A 479 57.14 -16.20 -2.57
C TYR A 479 57.27 -17.26 -3.66
N GLN A 480 56.58 -18.36 -3.53
CA GLN A 480 56.62 -19.46 -4.49
C GLN A 480 55.70 -19.17 -5.67
N PRO A 481 56.08 -19.59 -6.87
CA PRO A 481 55.22 -19.37 -8.03
C PRO A 481 53.89 -20.08 -7.86
N TYR A 482 52.83 -19.44 -8.34
CA TYR A 482 51.48 -20.00 -8.27
C TYR A 482 50.86 -19.87 -9.66
N ARG A 483 50.76 -20.99 -10.37
CA ARG A 483 50.07 -20.97 -11.65
C ARG A 483 48.62 -20.59 -11.44
N VAL A 484 48.07 -19.81 -12.35
CA VAL A 484 46.70 -19.34 -12.24
C VAL A 484 46.04 -19.49 -13.60
N VAL A 485 44.82 -20.02 -13.59
CA VAL A 485 44.00 -20.11 -14.79
C VAL A 485 42.61 -19.63 -14.45
N VAL A 486 42.11 -18.65 -15.15
CA VAL A 486 40.73 -18.23 -14.96
C VAL A 486 39.93 -18.66 -16.18
N LEU A 487 38.69 -19.04 -15.93
CA LEU A 487 37.79 -19.55 -16.95
C LEU A 487 36.55 -18.66 -16.92
N SER A 488 36.49 -17.74 -17.87
CA SER A 488 35.33 -16.88 -18.04
C SER A 488 34.37 -17.51 -19.03
N PHE A 489 33.08 -17.28 -18.81
CA PHE A 489 32.05 -17.87 -19.64
C PHE A 489 30.76 -17.07 -19.46
N GLU A 490 29.66 -17.59 -20.01
CA GLU A 490 28.39 -16.89 -19.95
C GLU A 490 27.30 -17.95 -20.02
N LEU A 491 26.29 -17.82 -19.16
CA LEU A 491 25.35 -18.90 -18.90
C LEU A 491 24.01 -18.69 -19.60
N LEU A 492 23.46 -19.78 -20.11
CA LEU A 492 22.05 -19.86 -20.55
C LEU A 492 21.71 -18.80 -21.59
N HIS A 493 22.70 -18.39 -22.37
CA HIS A 493 22.43 -17.62 -23.57
C HIS A 493 21.97 -18.61 -24.66
N ALA A 494 21.70 -18.14 -25.86
CA ALA A 494 21.07 -19.05 -26.82
C ALA A 494 22.02 -20.16 -27.28
N PRO A 495 23.12 -19.87 -27.98
CA PRO A 495 23.93 -20.96 -28.55
C PRO A 495 24.94 -21.48 -27.53
N ALA A 496 24.91 -22.78 -27.28
CA ALA A 496 25.78 -23.41 -26.29
C ALA A 496 26.60 -24.51 -26.93
N THR A 497 27.89 -24.55 -26.59
CA THR A 497 28.79 -25.55 -27.15
C THR A 497 29.32 -26.50 -26.08
N VAL A 498 29.99 -25.95 -25.06
CA VAL A 498 30.55 -26.78 -24.01
C VAL A 498 29.51 -27.01 -22.92
N CYS A 499 29.40 -28.25 -22.47
CA CYS A 499 28.31 -28.65 -21.59
C CYS A 499 28.86 -29.55 -20.49
N GLY A 500 27.96 -30.17 -19.74
CA GLY A 500 28.32 -31.06 -18.67
C GLY A 500 28.26 -32.51 -19.06
N PRO A 501 28.79 -33.38 -18.21
CA PRO A 501 28.89 -34.81 -18.57
C PRO A 501 27.55 -35.49 -18.81
N LYS A 502 26.50 -35.07 -18.11
CA LYS A 502 25.23 -35.80 -18.06
C LYS A 502 24.69 -36.18 -19.43
N LYS A 503 23.94 -37.28 -19.49
CA LYS A 503 23.49 -37.86 -20.74
C LYS A 503 22.21 -37.18 -21.23
N SER A 504 21.57 -37.75 -22.25
CA SER A 504 20.34 -37.23 -22.80
C SER A 504 19.34 -38.36 -22.98
N THR A 505 18.10 -38.13 -22.58
CA THR A 505 17.02 -39.08 -22.86
C THR A 505 16.33 -38.73 -24.16
N ASN A 506 15.17 -39.33 -24.41
CA ASN A 506 14.41 -39.08 -25.62
C ASN A 506 13.20 -38.22 -25.28
N LEU A 507 12.66 -37.56 -26.31
CA LEU A 507 11.52 -36.68 -26.14
C LEU A 507 10.28 -37.49 -25.79
N VAL A 508 9.33 -36.87 -25.10
CA VAL A 508 8.14 -37.61 -24.69
C VAL A 508 6.94 -37.29 -25.55
N LYS A 509 6.96 -36.17 -26.28
CA LYS A 509 5.92 -35.88 -27.24
C LYS A 509 4.53 -35.79 -26.61
N ASN A 510 4.26 -34.67 -25.92
CA ASN A 510 2.97 -34.34 -25.31
C ASN A 510 2.64 -35.10 -24.04
N LYS A 511 3.58 -35.12 -23.09
CA LYS A 511 3.25 -35.45 -21.71
C LYS A 511 3.97 -34.45 -20.80
N CYS A 512 3.38 -34.20 -19.64
CA CYS A 512 3.97 -33.23 -18.70
C CYS A 512 5.31 -33.73 -18.20
N VAL A 513 6.32 -32.86 -18.22
CA VAL A 513 7.70 -33.26 -17.96
C VAL A 513 8.45 -32.15 -17.25
N ASN A 514 9.47 -32.53 -16.48
CA ASN A 514 10.42 -31.58 -15.90
C ASN A 514 11.67 -31.57 -16.77
N PHE A 515 11.54 -30.98 -17.96
CA PHE A 515 12.60 -31.04 -18.95
C PHE A 515 13.85 -30.32 -18.43
N ASN A 516 14.96 -30.56 -19.12
CA ASN A 516 16.24 -29.94 -18.78
C ASN A 516 16.96 -29.48 -20.05
N PHE A 517 16.22 -28.92 -21.01
CA PHE A 517 16.80 -28.54 -22.29
C PHE A 517 17.99 -27.60 -22.15
N ASN A 518 19.17 -28.10 -22.52
CA ASN A 518 20.36 -27.28 -22.72
C ASN A 518 20.57 -26.32 -21.54
N GLY A 519 20.68 -26.88 -20.35
CA GLY A 519 20.92 -26.09 -19.16
C GLY A 519 19.67 -25.69 -18.38
N LEU A 520 18.78 -24.92 -19.00
CA LEU A 520 17.63 -24.40 -18.28
C LEU A 520 16.66 -25.52 -17.92
N THR A 521 16.08 -25.41 -16.73
CA THR A 521 15.07 -26.35 -16.27
C THR A 521 13.70 -25.87 -16.74
N GLY A 522 12.63 -26.46 -16.22
CA GLY A 522 11.28 -26.02 -16.51
C GLY A 522 10.29 -27.16 -16.55
N THR A 523 9.06 -26.86 -16.15
CA THR A 523 7.96 -27.82 -16.12
C THR A 523 6.96 -27.48 -17.22
N GLY A 524 6.25 -28.49 -17.68
CA GLY A 524 5.15 -28.25 -18.60
C GLY A 524 4.93 -29.43 -19.52
N VAL A 525 3.94 -29.28 -20.38
CA VAL A 525 3.62 -30.25 -21.43
C VAL A 525 4.34 -29.80 -22.69
N LEU A 526 5.08 -30.72 -23.30
CA LEU A 526 5.92 -30.42 -24.46
C LEU A 526 5.17 -30.80 -25.73
N THR A 527 4.33 -29.88 -26.19
CA THR A 527 3.59 -30.12 -27.41
C THR A 527 4.44 -29.76 -28.62
N GLU A 528 3.96 -30.17 -29.79
CA GLU A 528 4.65 -29.87 -31.03
C GLU A 528 4.43 -28.41 -31.42
N SER A 529 5.40 -27.85 -32.12
CA SER A 529 5.43 -26.43 -32.41
C SER A 529 5.28 -26.18 -33.91
N ASN A 530 4.94 -24.93 -34.24
CA ASN A 530 4.89 -24.48 -35.62
C ASN A 530 5.48 -23.08 -35.71
N LYS A 531 6.22 -22.68 -34.67
CA LYS A 531 6.78 -21.34 -34.61
C LYS A 531 7.82 -21.15 -35.72
N LYS A 532 7.56 -20.20 -36.61
CA LYS A 532 8.42 -19.96 -37.76
C LYS A 532 9.68 -19.22 -37.30
N PHE A 533 10.60 -19.97 -36.72
CA PHE A 533 11.87 -19.39 -36.29
C PHE A 533 12.71 -19.00 -37.49
N LEU A 534 13.63 -18.07 -37.26
CA LEU A 534 14.71 -17.92 -38.21
C LEU A 534 15.64 -19.13 -38.09
N PRO A 535 16.34 -19.49 -39.17
CA PRO A 535 17.36 -20.55 -39.05
C PRO A 535 18.44 -20.13 -38.07
N PHE A 536 18.52 -18.83 -37.83
CA PHE A 536 19.39 -18.27 -36.81
C PHE A 536 18.75 -18.26 -35.43
N GLN A 537 17.46 -18.51 -35.32
CA GLN A 537 16.69 -18.15 -34.14
C GLN A 537 16.47 -19.39 -33.28
N GLN A 538 16.65 -19.25 -31.96
CA GLN A 538 16.65 -20.40 -31.05
C GLN A 538 15.51 -20.40 -30.05
N PHE A 539 15.40 -19.37 -29.21
CA PHE A 539 14.50 -19.40 -28.05
C PHE A 539 13.38 -18.40 -28.20
N GLY A 540 12.16 -18.84 -27.88
CA GLY A 540 11.02 -17.95 -27.86
C GLY A 540 10.63 -17.54 -26.46
N ARG A 541 10.71 -16.24 -26.17
CA ARG A 541 10.28 -15.71 -24.89
C ARG A 541 8.91 -15.07 -25.02
N ASP A 542 8.11 -15.20 -23.97
CA ASP A 542 6.73 -14.75 -23.99
C ASP A 542 6.65 -13.28 -23.58
N ILE A 543 5.41 -12.77 -23.49
CA ILE A 543 5.20 -11.37 -23.13
C ILE A 543 5.75 -11.08 -21.74
N ALA A 544 5.74 -12.07 -20.86
CA ALA A 544 6.21 -11.91 -19.48
C ALA A 544 7.66 -12.33 -19.34
N ASP A 545 8.36 -12.39 -20.47
CA ASP A 545 9.74 -12.86 -20.51
C ASP A 545 9.90 -14.19 -19.80
N THR A 546 9.04 -15.15 -20.14
CA THR A 546 9.16 -16.52 -19.68
C THR A 546 9.19 -17.42 -20.91
N THR A 547 10.22 -18.25 -21.02
CA THR A 547 10.39 -19.05 -22.23
C THR A 547 9.21 -20.00 -22.43
N ASP A 548 8.80 -20.15 -23.69
CA ASP A 548 7.71 -21.05 -24.03
C ASP A 548 7.96 -21.93 -25.25
N ALA A 549 8.83 -21.53 -26.18
CA ALA A 549 9.13 -22.31 -27.36
C ALA A 549 10.63 -22.48 -27.47
N VAL A 550 11.08 -23.73 -27.68
CA VAL A 550 12.49 -24.07 -27.63
C VAL A 550 12.86 -24.84 -28.88
N ARG A 551 14.16 -24.84 -29.19
CA ARG A 551 14.73 -25.62 -30.28
C ARG A 551 15.48 -26.80 -29.67
N ASP A 552 15.13 -28.01 -30.10
CA ASP A 552 15.79 -29.21 -29.60
C ASP A 552 17.27 -29.18 -29.91
N PRO A 553 18.14 -29.45 -28.94
CA PRO A 553 19.58 -29.32 -29.17
C PRO A 553 20.15 -30.46 -29.99
N GLN A 554 19.33 -31.46 -30.30
CA GLN A 554 19.77 -32.61 -31.08
C GLN A 554 19.03 -32.76 -32.40
N THR A 555 17.69 -32.72 -32.37
CA THR A 555 16.89 -32.86 -33.57
C THR A 555 16.67 -31.55 -34.29
N LEU A 556 17.06 -30.43 -33.69
CA LEU A 556 16.93 -29.10 -34.29
C LEU A 556 15.48 -28.78 -34.65
N GLU A 557 14.55 -29.47 -34.01
CA GLU A 557 13.13 -29.21 -34.19
C GLU A 557 12.68 -28.14 -33.20
N ILE A 558 11.40 -27.84 -33.20
CA ILE A 558 10.83 -26.81 -32.33
C ILE A 558 9.75 -27.46 -31.46
N LEU A 559 9.81 -27.18 -30.16
CA LEU A 559 8.84 -27.64 -29.19
C LEU A 559 8.18 -26.44 -28.52
N ASP A 560 6.92 -26.63 -28.11
CA ASP A 560 6.18 -25.61 -27.38
C ASP A 560 5.91 -26.11 -25.98
N ILE A 561 6.05 -25.22 -25.01
CA ILE A 561 5.88 -25.55 -23.60
C ILE A 561 4.57 -24.97 -23.13
N THR A 562 3.72 -25.81 -22.51
CA THR A 562 2.49 -25.35 -21.90
C THR A 562 2.50 -25.74 -20.43
N PRO A 563 2.78 -24.81 -19.52
CA PRO A 563 2.68 -25.11 -18.09
C PRO A 563 1.27 -25.54 -17.74
N CYS A 564 1.15 -26.48 -16.81
CA CYS A 564 -0.12 -27.09 -16.47
C CYS A 564 -0.27 -27.15 -14.95
N SER A 565 -1.14 -26.31 -14.41
CA SER A 565 -1.57 -26.41 -13.02
C SER A 565 -3.09 -26.44 -12.99
N PHE A 566 -3.73 -25.67 -13.89
CA PHE A 566 -5.14 -25.77 -14.19
C PHE A 566 -5.99 -25.53 -12.93
N GLY A 567 -5.89 -24.33 -12.37
CA GLY A 567 -6.48 -24.06 -11.07
C GLY A 567 -7.96 -23.75 -11.12
N GLY A 568 -8.48 -23.31 -9.99
CA GLY A 568 -9.85 -22.85 -9.89
C GLY A 568 -10.88 -23.86 -9.43
N VAL A 569 -10.66 -24.48 -8.27
CA VAL A 569 -11.67 -25.35 -7.66
C VAL A 569 -12.45 -24.54 -6.65
N SER A 570 -13.68 -24.95 -6.40
CA SER A 570 -14.54 -24.32 -5.41
C SER A 570 -15.39 -25.40 -4.77
N VAL A 571 -15.80 -25.18 -3.52
CA VAL A 571 -16.51 -26.20 -2.76
C VAL A 571 -17.87 -25.65 -2.35
N ILE A 572 -18.90 -25.95 -3.14
CA ILE A 572 -20.27 -25.67 -2.77
C ILE A 572 -20.60 -26.52 -1.55
N THR A 573 -21.08 -25.89 -0.48
CA THR A 573 -21.42 -26.65 0.70
C THR A 573 -22.57 -26.00 1.46
N PRO A 574 -23.54 -26.79 1.92
CA PRO A 574 -24.40 -26.32 3.00
C PRO A 574 -23.61 -26.27 4.28
N GLY A 575 -24.23 -25.73 5.32
CA GLY A 575 -23.56 -25.63 6.61
C GLY A 575 -23.09 -26.99 7.08
N THR A 576 -21.82 -27.07 7.49
CA THR A 576 -21.28 -28.35 7.96
C THR A 576 -22.12 -28.90 9.10
N ASN A 577 -22.73 -28.01 9.88
CA ASN A 577 -23.72 -28.44 10.85
C ASN A 577 -24.90 -29.12 10.17
N THR A 578 -25.39 -28.54 9.08
CA THR A 578 -26.58 -29.07 8.44
C THR A 578 -26.32 -30.46 7.85
N SER A 579 -25.18 -30.64 7.21
CA SER A 579 -24.85 -31.93 6.62
C SER A 579 -23.37 -31.94 6.26
N ASN A 580 -22.97 -33.03 5.60
CA ASN A 580 -21.59 -33.21 5.13
C ASN A 580 -21.51 -33.16 3.62
N GLN A 581 -22.60 -33.48 2.92
CA GLN A 581 -22.58 -33.54 1.46
C GLN A 581 -22.13 -32.20 0.86
N VAL A 582 -21.14 -32.26 -0.03
CA VAL A 582 -20.60 -31.08 -0.68
C VAL A 582 -20.44 -31.38 -2.16
N ALA A 583 -20.39 -30.32 -2.97
CA ALA A 583 -20.28 -30.43 -4.42
C ALA A 583 -19.11 -29.59 -4.89
N VAL A 584 -18.29 -30.15 -5.73
CA VAL A 584 -17.11 -29.45 -6.21
C VAL A 584 -17.47 -28.71 -7.50
N LEU A 585 -16.79 -27.60 -7.75
CA LEU A 585 -16.97 -26.82 -8.97
C LEU A 585 -15.60 -26.53 -9.55
N TYR A 586 -15.31 -27.10 -10.72
CA TYR A 586 -14.07 -26.86 -11.44
C TYR A 586 -14.30 -25.69 -12.38
N GLN A 587 -13.70 -24.56 -12.07
CA GLN A 587 -14.04 -23.32 -12.77
C GLN A 587 -13.42 -23.28 -14.16
N ASP A 588 -14.26 -23.03 -15.16
CA ASP A 588 -13.85 -22.84 -16.55
C ASP A 588 -12.99 -24.01 -17.03
N VAL A 589 -13.53 -25.22 -16.86
CA VAL A 589 -12.90 -26.45 -17.30
C VAL A 589 -13.97 -27.29 -17.97
N ASN A 590 -13.82 -27.51 -19.28
CA ASN A 590 -14.73 -28.41 -19.98
C ASN A 590 -14.63 -29.80 -19.35
N CYS A 591 -15.78 -30.44 -19.18
CA CYS A 591 -15.91 -31.56 -18.26
C CYS A 591 -15.07 -32.77 -18.62
N THR A 592 -14.55 -32.84 -19.84
CA THR A 592 -13.73 -33.98 -20.23
C THR A 592 -12.42 -34.02 -19.44
N GLU A 593 -11.95 -32.87 -18.96
CA GLU A 593 -10.61 -32.73 -18.43
C GLU A 593 -10.53 -32.92 -16.92
N VAL A 594 -11.66 -33.27 -16.29
CA VAL A 594 -11.66 -33.41 -14.82
C VAL A 594 -10.67 -34.45 -14.31
N PRO A 595 -10.24 -35.46 -15.10
CA PRO A 595 -9.12 -36.21 -14.52
C PRO A 595 -7.84 -35.39 -14.45
N ASP A 601 -5.10 -36.74 -13.39
CA ASP A 601 -5.65 -38.07 -13.65
C ASP A 601 -6.23 -38.69 -12.39
N GLN A 602 -5.99 -39.98 -12.22
CA GLN A 602 -6.51 -40.72 -11.07
C GLN A 602 -5.53 -40.61 -9.90
N LEU A 603 -5.48 -39.41 -9.33
CA LEU A 603 -4.55 -39.12 -8.24
C LEU A 603 -5.00 -39.76 -6.94
N THR A 604 -6.18 -39.38 -6.45
CA THR A 604 -6.72 -39.99 -5.25
C THR A 604 -8.18 -40.37 -5.46
N PRO A 605 -8.58 -41.61 -5.17
CA PRO A 605 -9.95 -42.04 -5.51
C PRO A 605 -11.04 -41.32 -4.73
N THR A 606 -10.75 -40.85 -3.51
CA THR A 606 -11.75 -40.10 -2.76
C THR A 606 -12.11 -38.81 -3.48
N TRP A 607 -11.20 -38.27 -4.28
CA TRP A 607 -11.48 -37.13 -5.13
C TRP A 607 -11.86 -37.55 -6.55
N ARG A 608 -11.45 -38.74 -6.97
CA ARG A 608 -11.94 -39.26 -8.24
C ARG A 608 -13.44 -39.52 -8.19
N VAL A 609 -13.98 -39.81 -7.01
CA VAL A 609 -15.42 -39.89 -6.84
C VAL A 609 -16.08 -38.58 -7.25
N TYR A 610 -15.45 -37.46 -6.90
CA TYR A 610 -15.89 -36.13 -7.33
C TYR A 610 -15.26 -35.73 -8.65
N SER A 611 -14.57 -36.66 -9.33
CA SER A 611 -14.14 -36.39 -10.70
C SER A 611 -14.97 -37.14 -11.72
N THR A 612 -15.99 -37.89 -11.32
CA THR A 612 -16.77 -38.68 -12.26
C THR A 612 -18.11 -39.03 -11.62
N GLY A 613 -18.97 -39.66 -12.42
CA GLY A 613 -20.27 -40.10 -11.98
C GLY A 613 -21.36 -39.76 -12.97
N SER A 614 -22.61 -39.69 -12.49
CA SER A 614 -23.72 -39.23 -13.30
C SER A 614 -24.18 -37.84 -12.93
N ASN A 615 -23.66 -37.29 -11.83
CA ASN A 615 -24.01 -35.94 -11.41
C ASN A 615 -23.21 -34.87 -12.11
N VAL A 616 -22.24 -35.25 -12.95
CA VAL A 616 -21.42 -34.29 -13.66
C VAL A 616 -22.31 -33.38 -14.49
N PHE A 617 -22.16 -32.08 -14.27
CA PHE A 617 -23.01 -31.07 -14.87
C PHE A 617 -22.12 -29.96 -15.43
N GLN A 618 -22.56 -29.34 -16.53
CA GLN A 618 -21.78 -28.30 -17.18
C GLN A 618 -22.56 -27.00 -17.15
N THR A 619 -21.91 -25.91 -16.78
CA THR A 619 -22.49 -24.58 -16.82
C THR A 619 -21.59 -23.66 -17.64
N ARG A 620 -21.91 -22.38 -17.64
CA ARG A 620 -21.06 -21.40 -18.29
C ARG A 620 -19.92 -20.96 -17.39
N ALA A 621 -19.92 -21.38 -16.12
CA ALA A 621 -18.84 -21.07 -15.19
C ALA A 621 -17.90 -22.25 -14.98
N GLY A 622 -18.14 -23.38 -15.61
CA GLY A 622 -17.29 -24.54 -15.48
C GLY A 622 -18.09 -25.80 -15.24
N CYS A 623 -17.38 -26.83 -14.77
CA CYS A 623 -18.00 -28.13 -14.56
C CYS A 623 -18.28 -28.33 -13.08
N LEU A 624 -19.55 -28.48 -12.73
CA LEU A 624 -19.98 -28.69 -11.36
C LEU A 624 -20.33 -30.16 -11.18
N ILE A 625 -19.72 -30.78 -10.17
CA ILE A 625 -19.88 -32.20 -9.90
C ILE A 625 -20.38 -32.38 -8.48
N GLY A 626 -21.28 -33.33 -8.28
CA GLY A 626 -21.86 -33.57 -6.98
C GLY A 626 -23.23 -32.95 -6.77
N ALA A 627 -23.85 -32.42 -7.82
CA ALA A 627 -25.14 -31.77 -7.71
C ALA A 627 -26.09 -32.34 -8.74
N GLU A 628 -27.38 -32.34 -8.40
CA GLU A 628 -28.42 -32.88 -9.27
C GLU A 628 -29.10 -31.75 -10.01
N HIS A 629 -29.17 -31.87 -11.33
CA HIS A 629 -29.71 -30.79 -12.18
C HIS A 629 -31.21 -30.99 -12.35
N VAL A 630 -32.00 -30.09 -11.78
CA VAL A 630 -33.44 -30.23 -11.78
C VAL A 630 -34.05 -29.24 -12.78
N ASN A 631 -35.35 -29.37 -13.01
CA ASN A 631 -36.09 -28.50 -13.92
C ASN A 631 -37.09 -27.64 -13.17
N ASN A 632 -36.81 -27.36 -11.90
CA ASN A 632 -37.62 -26.40 -11.15
C ASN A 632 -37.04 -25.00 -11.33
N SER A 633 -37.48 -24.07 -10.49
CA SER A 633 -36.92 -22.72 -10.48
C SER A 633 -37.20 -22.08 -9.13
N TYR A 634 -36.21 -21.42 -8.55
CA TYR A 634 -36.32 -20.87 -7.22
C TYR A 634 -35.54 -19.56 -7.14
N GLU A 635 -35.87 -18.75 -6.13
CA GLU A 635 -34.93 -17.75 -5.69
C GLU A 635 -33.78 -18.45 -4.99
N CYS A 636 -32.57 -18.18 -5.47
CA CYS A 636 -31.51 -19.14 -5.23
C CYS A 636 -30.70 -18.81 -3.97
N ASP A 637 -30.23 -19.85 -3.31
CA ASP A 637 -29.62 -19.77 -1.99
C ASP A 637 -28.11 -19.64 -2.05
N ILE A 638 -27.44 -20.53 -2.79
CA ILE A 638 -25.99 -20.48 -2.96
C ILE A 638 -25.72 -20.19 -4.43
N PRO A 639 -25.25 -19.00 -4.78
CA PRO A 639 -25.12 -18.65 -6.21
C PRO A 639 -23.87 -19.21 -6.87
N ILE A 640 -24.06 -20.14 -7.79
CA ILE A 640 -22.96 -20.68 -8.58
C ILE A 640 -22.44 -19.60 -9.51
N GLY A 641 -23.30 -19.16 -10.40
CA GLY A 641 -22.91 -18.15 -11.37
C GLY A 641 -23.61 -18.36 -12.69
N ALA A 642 -23.58 -17.30 -13.50
CA ALA A 642 -24.16 -17.32 -14.85
C ALA A 642 -25.61 -17.79 -14.84
N GLY A 643 -26.35 -17.42 -13.79
CA GLY A 643 -27.75 -17.76 -13.70
C GLY A 643 -28.04 -19.10 -13.06
N ILE A 644 -27.02 -19.87 -12.71
CA ILE A 644 -27.21 -21.16 -12.04
C ILE A 644 -26.95 -20.99 -10.56
N CYS A 645 -27.82 -21.59 -9.74
CA CYS A 645 -27.66 -21.53 -8.30
C CYS A 645 -27.98 -22.89 -7.71
N ALA A 646 -27.34 -23.20 -6.58
CA ALA A 646 -27.49 -24.50 -5.93
C ALA A 646 -27.99 -24.32 -4.52
N SER A 647 -28.68 -25.35 -4.02
CA SER A 647 -29.24 -25.34 -2.68
C SER A 647 -29.49 -26.76 -2.23
N TYR A 648 -29.69 -26.93 -0.92
CA TYR A 648 -29.83 -28.25 -0.34
C TYR A 648 -31.30 -28.54 -0.04
N GLN A 649 -31.81 -29.65 -0.58
CA GLN A 649 -33.19 -30.06 -0.32
C GLN A 649 -33.39 -31.48 -0.85
N THR A 650 -34.56 -32.03 -0.57
CA THR A 650 -34.91 -33.37 -1.01
C THR A 650 -34.94 -33.48 -2.53
N SER A 663 -32.66 -38.51 2.61
CA SER A 663 -33.59 -38.28 1.51
C SER A 663 -33.44 -36.87 0.96
N GLN A 664 -32.23 -36.33 1.04
CA GLN A 664 -31.94 -34.98 0.59
C GLN A 664 -30.60 -34.96 -0.12
N SER A 665 -30.38 -33.90 -0.91
CA SER A 665 -29.16 -33.77 -1.68
C SER A 665 -29.02 -32.33 -2.14
N ILE A 666 -27.93 -32.06 -2.86
CA ILE A 666 -27.64 -30.73 -3.40
C ILE A 666 -28.19 -30.66 -4.81
N ILE A 667 -28.96 -29.63 -5.09
CA ILE A 667 -29.59 -29.43 -6.39
C ILE A 667 -29.10 -28.14 -7.01
N ALA A 668 -28.85 -28.17 -8.31
CA ALA A 668 -28.36 -27.01 -9.05
C ALA A 668 -29.40 -26.68 -10.12
N TYR A 669 -30.11 -25.58 -9.91
CA TYR A 669 -31.19 -25.16 -10.80
C TYR A 669 -30.87 -23.82 -11.44
N THR A 670 -31.77 -23.40 -12.32
CA THR A 670 -31.68 -22.08 -12.95
C THR A 670 -32.51 -21.10 -12.13
N MET A 671 -31.87 -20.03 -11.66
CA MET A 671 -32.50 -19.13 -10.71
C MET A 671 -33.73 -18.47 -11.33
N SER A 672 -34.75 -18.27 -10.52
CA SER A 672 -36.02 -17.73 -11.00
C SER A 672 -36.14 -16.25 -10.63
N LEU A 673 -36.53 -15.45 -11.61
CA LEU A 673 -36.69 -14.02 -11.39
C LEU A 673 -37.95 -13.66 -10.62
N GLY A 674 -39.03 -14.39 -10.84
CA GLY A 674 -40.27 -14.10 -10.17
C GLY A 674 -41.44 -14.68 -10.93
N ALA A 675 -42.63 -14.41 -10.41
CA ALA A 675 -43.86 -14.90 -11.02
C ALA A 675 -44.22 -14.04 -12.23
N GLU A 676 -45.19 -14.51 -13.00
CA GLU A 676 -45.71 -13.78 -14.14
C GLU A 676 -46.85 -12.86 -13.69
N ASN A 677 -47.17 -11.92 -14.56
CA ASN A 677 -48.33 -11.05 -14.36
C ASN A 677 -48.61 -10.34 -15.68
N SER A 678 -49.87 -9.97 -15.87
CA SER A 678 -50.29 -9.26 -17.07
C SER A 678 -51.42 -8.31 -16.74
N VAL A 679 -51.08 -7.05 -16.44
CA VAL A 679 -52.11 -6.09 -16.04
C VAL A 679 -53.08 -5.87 -17.18
N ALA A 680 -54.37 -5.92 -16.87
CA ALA A 680 -55.41 -5.76 -17.88
C ALA A 680 -55.47 -4.30 -18.29
N TYR A 681 -54.57 -3.93 -19.19
CA TYR A 681 -54.54 -2.57 -19.69
C TYR A 681 -55.56 -2.40 -20.80
N SER A 682 -56.61 -1.64 -20.54
CA SER A 682 -57.52 -1.16 -21.56
C SER A 682 -57.28 0.32 -21.75
N ASN A 683 -58.12 0.96 -22.57
CA ASN A 683 -57.98 2.37 -22.84
C ASN A 683 -58.99 3.21 -22.11
N ASN A 684 -59.99 2.60 -21.48
CA ASN A 684 -60.92 3.34 -20.63
C ASN A 684 -61.27 2.53 -19.39
N SER A 685 -60.27 1.92 -18.77
CA SER A 685 -60.50 1.05 -17.61
C SER A 685 -59.47 1.39 -16.54
N ILE A 686 -59.96 1.83 -15.39
CA ILE A 686 -59.10 2.26 -14.29
C ILE A 686 -59.32 1.31 -13.13
N ALA A 687 -58.40 1.33 -12.16
CA ALA A 687 -58.46 0.46 -11.00
C ALA A 687 -58.20 1.28 -9.76
N ILE A 688 -59.23 1.48 -8.95
CA ILE A 688 -59.18 2.37 -7.79
C ILE A 688 -59.14 1.52 -6.52
N PRO A 689 -58.15 1.67 -5.66
CA PRO A 689 -58.14 0.92 -4.40
C PRO A 689 -59.30 1.36 -3.51
N THR A 690 -59.77 0.43 -2.68
CA THR A 690 -60.91 0.70 -1.81
C THR A 690 -60.62 0.45 -0.34
N ASN A 691 -59.47 -0.11 0.01
CA ASN A 691 -59.15 -0.38 1.40
C ASN A 691 -57.64 -0.41 1.53
N PHE A 692 -57.13 0.20 2.59
CA PHE A 692 -55.72 0.43 2.73
C PHE A 692 -55.11 -0.53 3.75
N THR A 693 -53.80 -0.39 3.95
CA THR A 693 -53.08 -1.24 4.88
C THR A 693 -51.86 -0.46 5.37
N ILE A 694 -51.79 -0.22 6.67
CA ILE A 694 -50.66 0.52 7.23
C ILE A 694 -49.60 -0.48 7.69
N SER A 695 -48.40 -0.35 7.14
CA SER A 695 -47.36 -1.33 7.36
C SER A 695 -46.13 -0.67 7.93
N VAL A 696 -45.45 -1.36 8.84
CA VAL A 696 -44.21 -0.90 9.43
C VAL A 696 -43.08 -1.75 8.90
N THR A 697 -42.07 -1.12 8.34
CA THR A 697 -40.86 -1.80 7.90
C THR A 697 -39.76 -1.59 8.92
N THR A 698 -38.55 -1.99 8.56
CA THR A 698 -37.38 -1.80 9.40
C THR A 698 -36.18 -1.55 8.50
N GLU A 699 -35.22 -0.78 8.99
CA GLU A 699 -34.02 -0.54 8.21
C GLU A 699 -32.86 -0.32 9.16
N ILE A 700 -31.77 -1.06 8.98
CA ILE A 700 -30.63 -1.02 9.87
C ILE A 700 -29.47 -0.37 9.13
N LEU A 701 -28.83 0.61 9.74
CA LEU A 701 -27.75 1.30 9.09
C LEU A 701 -26.54 1.37 10.01
N PRO A 702 -25.35 0.97 9.56
CA PRO A 702 -24.15 1.20 10.34
C PRO A 702 -23.86 2.67 10.46
N VAL A 703 -23.33 3.08 11.61
CA VAL A 703 -23.02 4.47 11.89
C VAL A 703 -21.54 4.67 12.20
N SER A 704 -20.95 3.79 13.00
CA SER A 704 -19.56 3.92 13.39
C SER A 704 -18.93 2.53 13.44
N MET A 705 -17.66 2.49 13.84
CA MET A 705 -16.97 1.24 14.10
C MET A 705 -15.96 1.47 15.21
N THR A 706 -15.46 0.37 15.76
CA THR A 706 -14.57 0.45 16.90
C THR A 706 -13.35 1.31 16.60
N LYS A 707 -12.99 2.16 17.53
CA LYS A 707 -11.87 3.07 17.37
C LYS A 707 -10.60 2.36 17.82
N THR A 708 -9.80 1.90 16.87
CA THR A 708 -8.59 1.17 17.16
C THR A 708 -7.38 2.10 17.16
N SER A 709 -6.30 1.63 17.76
CA SER A 709 -5.04 2.35 17.72
C SER A 709 -3.88 1.41 18.05
N VAL A 710 -2.87 1.38 17.20
CA VAL A 710 -1.74 0.49 17.36
C VAL A 710 -0.51 1.31 17.71
N ASP A 711 0.30 0.79 18.61
CA ASP A 711 1.57 1.42 18.96
C ASP A 711 2.65 0.80 18.08
N CYS A 712 3.14 1.58 17.11
CA CYS A 712 3.98 1.02 16.06
C CYS A 712 5.25 0.40 16.63
N THR A 713 5.95 1.13 17.50
CA THR A 713 7.20 0.60 18.04
C THR A 713 6.95 -0.63 18.90
N MET A 714 5.92 -0.60 19.73
CA MET A 714 5.63 -1.71 20.61
C MET A 714 5.26 -2.98 19.85
N TYR A 715 4.82 -2.85 18.60
CA TYR A 715 4.42 -3.99 17.80
C TYR A 715 5.54 -4.46 16.88
N ILE A 716 6.20 -3.54 16.18
CA ILE A 716 7.23 -3.92 15.21
C ILE A 716 8.35 -4.67 15.91
N CYS A 717 8.87 -4.12 16.99
CA CYS A 717 9.79 -4.85 17.85
C CYS A 717 9.67 -4.26 19.25
N GLY A 718 8.90 -4.92 20.10
CA GLY A 718 8.60 -4.42 21.43
C GLY A 718 9.55 -5.02 22.46
N ASP A 719 9.80 -4.24 23.52
CA ASP A 719 10.63 -4.65 24.64
C ASP A 719 12.06 -4.98 24.23
N SER A 720 12.50 -4.52 23.07
CA SER A 720 13.84 -4.79 22.56
C SER A 720 14.51 -3.46 22.25
N THR A 721 15.22 -2.91 23.24
CA THR A 721 15.97 -1.68 23.02
C THR A 721 17.00 -1.82 21.92
N GLU A 722 17.52 -3.03 21.70
CA GLU A 722 18.49 -3.25 20.64
C GLU A 722 17.90 -3.10 19.25
N CYS A 723 16.57 -3.05 19.14
CA CYS A 723 15.90 -2.85 17.86
C CYS A 723 15.29 -1.46 17.71
N SER A 724 15.05 -0.77 18.82
CA SER A 724 14.43 0.55 18.75
C SER A 724 15.33 1.52 17.99
N ASN A 725 16.63 1.49 18.25
CA ASN A 725 17.55 2.36 17.53
C ASN A 725 17.54 2.03 16.05
N LEU A 726 17.53 0.74 15.71
CA LEU A 726 17.52 0.36 14.31
C LEU A 726 16.26 0.85 13.61
N LEU A 727 15.12 0.73 14.27
CA LEU A 727 13.86 1.19 13.68
C LEU A 727 13.82 2.70 13.58
N LEU A 728 14.50 3.40 14.49
CA LEU A 728 14.45 4.86 14.50
C LEU A 728 14.91 5.45 13.19
N GLN A 729 15.99 4.92 12.63
CA GLN A 729 16.55 5.44 11.38
C GLN A 729 15.76 5.03 10.16
N TYR A 730 14.75 4.17 10.32
CA TYR A 730 14.05 3.61 9.18
C TYR A 730 13.05 4.58 8.57
N GLY A 731 12.85 5.73 9.18
CA GLY A 731 11.94 6.73 8.66
C GLY A 731 10.83 7.05 9.66
N SER A 732 9.95 7.94 9.23
CA SER A 732 8.81 8.37 10.04
C SER A 732 7.53 7.61 9.72
N PHE A 733 7.64 6.34 9.32
CA PHE A 733 6.45 5.52 9.14
C PHE A 733 5.70 5.35 10.44
N CYS A 734 6.45 5.19 11.54
CA CYS A 734 5.85 4.96 12.85
C CYS A 734 4.86 6.03 13.26
N THR A 735 5.03 7.26 12.77
CA THR A 735 4.09 8.32 13.12
C THR A 735 3.01 8.54 12.07
N GLN A 736 3.28 8.24 10.81
CA GLN A 736 2.22 8.28 9.81
C GLN A 736 1.16 7.23 10.10
N LEU A 737 1.58 6.02 10.45
CA LEU A 737 0.64 4.95 10.77
C LEU A 737 0.07 5.08 12.17
N ASN A 738 0.25 6.23 12.80
CA ASN A 738 -0.50 6.60 13.99
C ASN A 738 -1.37 7.82 13.77
N ARG A 739 -0.97 8.73 12.89
CA ARG A 739 -1.84 9.83 12.52
C ARG A 739 -3.02 9.37 11.68
N ALA A 740 -2.83 8.39 10.79
CA ALA A 740 -3.97 7.87 10.05
C ALA A 740 -5.02 7.24 10.96
N LEU A 741 -4.58 6.39 11.88
CA LEU A 741 -5.48 5.74 12.81
C LEU A 741 -6.07 6.69 13.83
N THR A 742 -5.52 7.89 13.96
CA THR A 742 -6.15 8.92 14.77
C THR A 742 -7.23 9.66 14.01
N GLY A 743 -6.97 10.00 12.75
CA GLY A 743 -8.03 10.58 11.93
C GLY A 743 -9.24 9.66 11.83
N ILE A 744 -9.00 8.36 11.69
CA ILE A 744 -10.11 7.42 11.63
C ILE A 744 -10.92 7.44 12.92
N ALA A 745 -10.24 7.33 14.07
CA ALA A 745 -10.92 7.30 15.35
C ALA A 745 -11.54 8.64 15.70
N VAL A 746 -11.20 9.71 15.00
CA VAL A 746 -11.87 10.99 15.21
C VAL A 746 -13.16 11.03 14.40
N GLU A 747 -13.09 10.64 13.13
CA GLU A 747 -14.32 10.69 12.35
C GLU A 747 -15.34 9.68 12.89
N GLN A 748 -14.88 8.61 13.54
CA GLN A 748 -15.84 7.72 14.16
C GLN A 748 -16.63 8.41 15.26
N ASP A 749 -16.01 9.29 16.03
CA ASP A 749 -16.74 10.08 17.01
C ASP A 749 -17.61 11.12 16.36
N LYS A 750 -17.20 11.66 15.21
CA LYS A 750 -17.99 12.66 14.52
C LYS A 750 -19.25 12.10 13.87
N ASN A 751 -19.22 10.85 13.41
CA ASN A 751 -20.38 10.28 12.73
C ASN A 751 -21.59 10.19 13.66
N THR A 752 -21.37 9.76 14.89
CA THR A 752 -22.49 9.66 15.81
C THR A 752 -23.04 11.02 16.19
N GLN A 753 -22.20 12.06 16.26
CA GLN A 753 -22.70 13.41 16.43
C GLN A 753 -23.58 13.81 15.25
N GLU A 754 -23.12 13.50 14.04
CA GLU A 754 -23.86 13.89 12.85
C GLU A 754 -25.22 13.22 12.78
N VAL A 755 -25.28 11.92 13.07
CA VAL A 755 -26.52 11.17 12.86
C VAL A 755 -27.56 11.53 13.91
N PHE A 756 -27.17 11.52 15.18
CA PHE A 756 -28.15 11.63 16.26
C PHE A 756 -28.35 13.06 16.75
N ALA A 757 -27.26 13.80 16.95
CA ALA A 757 -27.35 15.13 17.57
C ALA A 757 -27.94 16.12 16.57
N GLN A 758 -29.23 15.94 16.30
CA GLN A 758 -29.97 16.85 15.44
C GLN A 758 -31.03 17.64 16.19
N VAL A 759 -31.28 17.33 17.46
CA VAL A 759 -32.15 18.12 18.30
C VAL A 759 -31.30 19.04 19.15
N LYS A 760 -31.72 20.30 19.25
CA LYS A 760 -31.00 21.29 20.04
C LYS A 760 -31.50 21.34 21.48
N GLN A 761 -32.47 20.51 21.83
CA GLN A 761 -32.99 20.42 23.19
C GLN A 761 -33.23 18.96 23.52
N ILE A 762 -33.78 18.71 24.72
CA ILE A 762 -34.11 17.36 25.13
C ILE A 762 -35.57 17.31 25.58
N TYR A 763 -36.45 16.87 24.68
CA TYR A 763 -37.87 16.79 24.99
C TYR A 763 -38.16 15.53 25.81
N LYS A 764 -39.07 15.67 26.75
CA LYS A 764 -39.60 14.54 27.51
C LYS A 764 -41.09 14.41 27.21
N THR A 765 -41.51 13.22 26.82
CA THR A 765 -42.92 13.01 26.52
C THR A 765 -43.75 13.19 27.78
N PRO A 766 -44.87 13.89 27.72
CA PRO A 766 -45.70 14.06 28.90
C PRO A 766 -46.35 12.74 29.28
N PRO A 767 -46.69 12.56 30.55
CA PRO A 767 -47.31 11.29 30.97
C PRO A 767 -48.75 11.18 30.49
N ILE A 768 -48.93 10.77 29.25
CA ILE A 768 -50.26 10.72 28.64
C ILE A 768 -50.42 9.43 27.84
N LYS A 769 -51.66 9.06 27.55
CA LYS A 769 -51.94 7.91 26.70
C LYS A 769 -52.95 8.28 25.63
N ASP A 770 -53.46 9.51 25.63
CA ASP A 770 -54.54 9.92 24.75
C ASP A 770 -54.05 10.09 23.31
N PHE A 771 -53.39 9.08 22.76
CA PHE A 771 -52.91 9.14 21.38
C PHE A 771 -53.91 8.53 20.40
N GLY A 772 -55.16 9.00 20.47
CA GLY A 772 -56.20 8.55 19.56
C GLY A 772 -56.31 7.05 19.41
N GLY A 773 -55.83 6.30 20.40
CA GLY A 773 -55.81 4.86 20.33
C GLY A 773 -54.51 4.24 19.89
N PHE A 774 -53.56 5.04 19.41
CA PHE A 774 -52.25 4.52 19.03
C PHE A 774 -51.48 4.11 20.27
N ASN A 775 -50.78 2.97 20.18
CA ASN A 775 -50.02 2.45 21.32
C ASN A 775 -48.54 2.58 21.03
N PHE A 776 -47.83 3.30 21.91
CA PHE A 776 -46.42 3.57 21.74
C PHE A 776 -45.57 2.91 22.82
N SER A 777 -46.08 1.87 23.46
CA SER A 777 -45.34 1.24 24.55
C SER A 777 -44.04 0.63 24.05
N GLN A 778 -44.06 0.02 22.87
CA GLN A 778 -42.91 -0.73 22.39
C GLN A 778 -41.75 0.15 21.96
N ILE A 779 -41.93 1.46 21.88
CA ILE A 779 -40.83 2.33 21.45
C ILE A 779 -40.52 3.45 22.43
N LEU A 780 -41.43 3.82 23.32
CA LEU A 780 -40.93 4.87 24.20
C LEU A 780 -40.20 4.25 25.39
N PRO A 781 -39.24 4.97 25.98
CA PRO A 781 -38.52 4.43 27.13
C PRO A 781 -39.47 4.14 28.28
N ASP A 782 -39.16 3.08 29.03
CA ASP A 782 -39.99 2.59 30.11
C ASP A 782 -39.50 3.09 31.46
N PRO A 783 -40.39 3.26 32.42
CA PRO A 783 -39.96 3.69 33.76
C PRO A 783 -39.41 2.54 34.58
N SER A 784 -39.86 1.33 34.30
CA SER A 784 -39.50 0.15 35.11
C SER A 784 -38.01 -0.14 35.04
N LYS A 785 -37.47 -0.26 33.84
CA LYS A 785 -36.06 -0.57 33.69
C LYS A 785 -35.21 0.59 34.18
N PRO A 786 -34.07 0.33 34.82
CA PRO A 786 -33.23 1.43 35.32
C PRO A 786 -32.77 2.38 34.23
N SER A 787 -32.47 1.88 33.04
CA SER A 787 -32.05 2.72 31.93
C SER A 787 -33.26 3.12 31.10
N LYS A 788 -33.02 4.06 30.18
CA LYS A 788 -34.07 4.57 29.31
C LYS A 788 -34.16 3.80 28.00
N ARG A 789 -33.79 2.52 28.02
CA ARG A 789 -33.86 1.70 26.82
C ARG A 789 -35.29 1.23 26.59
N SER A 790 -35.77 1.39 25.36
CA SER A 790 -37.13 1.01 25.01
C SER A 790 -37.21 -0.48 24.70
N PHE A 791 -38.44 -0.98 24.63
CA PHE A 791 -38.66 -2.42 24.52
C PHE A 791 -38.15 -3.01 23.22
N ILE A 792 -37.82 -2.20 22.22
CA ILE A 792 -37.20 -2.70 21.00
C ILE A 792 -35.70 -2.46 20.98
N GLU A 793 -35.19 -1.42 21.62
CA GLU A 793 -33.75 -1.21 21.67
C GLU A 793 -33.04 -2.32 22.45
N ASP A 794 -33.72 -2.91 23.43
CA ASP A 794 -33.09 -4.01 24.18
C ASP A 794 -33.07 -5.31 23.39
N LEU A 795 -34.09 -5.54 22.56
CA LEU A 795 -34.09 -6.71 21.70
C LEU A 795 -32.94 -6.68 20.70
N LEU A 796 -32.37 -5.50 20.46
CA LEU A 796 -31.22 -5.37 19.56
C LEU A 796 -29.91 -5.61 20.29
N PHE A 797 -29.81 -5.17 21.54
CA PHE A 797 -28.57 -5.34 22.28
C PHE A 797 -28.32 -6.81 22.62
N ASN A 798 -29.37 -7.53 22.98
CA ASN A 798 -29.25 -8.96 23.32
C ASN A 798 -29.34 -9.84 22.08
N LYS A 799 -29.04 -9.29 20.91
CA LYS A 799 -29.05 -10.06 19.68
C LYS A 799 -27.74 -9.88 18.93
N VAL A 800 -27.09 -8.73 19.11
CA VAL A 800 -25.80 -8.48 18.47
C VAL A 800 -24.69 -8.87 19.44
N THR A 801 -23.86 -9.82 19.01
CA THR A 801 -22.72 -10.25 19.83
C THR A 801 -21.42 -10.02 19.08
N ASP A 822 -6.55 -13.82 27.42
CA ASP A 822 -7.08 -14.34 26.18
C ASP A 822 -6.56 -13.57 24.96
N LEU A 823 -7.26 -13.72 23.83
CA LEU A 823 -6.79 -13.11 22.58
C LEU A 823 -6.83 -11.59 22.65
N ILE A 824 -7.91 -11.02 23.21
CA ILE A 824 -8.00 -9.57 23.32
C ILE A 824 -6.93 -9.05 24.27
N CYS A 825 -6.65 -9.83 25.33
CA CYS A 825 -5.52 -9.47 26.19
C CYS A 825 -4.20 -9.52 25.42
N ALA A 826 -4.03 -10.52 24.55
CA ALA A 826 -2.80 -10.60 23.75
C ALA A 826 -2.65 -9.37 22.88
N GLN A 827 -3.74 -8.94 22.24
CA GLN A 827 -3.71 -7.69 21.49
C GLN A 827 -3.31 -6.53 22.39
N LYS A 828 -3.82 -6.51 23.62
CA LYS A 828 -3.44 -5.45 24.54
C LYS A 828 -1.94 -5.48 24.84
N PHE A 829 -1.38 -6.67 25.10
CA PHE A 829 0.07 -6.78 25.29
C PHE A 829 0.85 -6.37 24.06
N ASN A 830 0.27 -6.48 22.87
CA ASN A 830 0.96 -6.08 21.66
C ASN A 830 0.67 -4.65 21.24
N GLY A 831 0.22 -3.80 22.17
CA GLY A 831 0.01 -2.41 21.87
C GLY A 831 -1.24 -2.09 21.10
N LEU A 832 -2.13 -3.06 20.90
CA LEU A 832 -3.36 -2.84 20.15
C LEU A 832 -4.45 -2.43 21.13
N THR A 833 -4.85 -1.16 21.06
CA THR A 833 -5.81 -0.60 22.00
C THR A 833 -7.11 -0.27 21.28
N VAL A 834 -8.21 -0.44 21.99
CA VAL A 834 -9.53 -0.08 21.50
C VAL A 834 -10.09 0.97 22.46
N LEU A 835 -10.22 2.20 21.98
CA LEU A 835 -10.68 3.30 22.79
C LEU A 835 -12.20 3.29 22.89
N PRO A 836 -12.74 3.87 23.96
CA PRO A 836 -14.20 3.95 24.09
C PRO A 836 -14.75 5.16 23.36
N PRO A 837 -15.97 5.08 22.87
CA PRO A 837 -16.55 6.22 22.14
C PRO A 837 -16.83 7.39 23.05
N LEU A 838 -16.86 8.57 22.45
CA LEU A 838 -17.18 9.78 23.22
C LEU A 838 -18.61 9.72 23.76
N LEU A 839 -19.55 9.26 22.94
CA LEU A 839 -20.94 9.17 23.35
C LEU A 839 -21.23 7.77 23.85
N THR A 840 -21.52 7.64 25.14
CA THR A 840 -21.83 6.34 25.71
C THR A 840 -23.17 5.84 25.20
N ASP A 841 -23.43 4.55 25.41
CA ASP A 841 -24.67 3.93 24.96
C ASP A 841 -25.85 4.30 25.84
N GLU A 842 -25.64 5.12 26.87
CA GLU A 842 -26.73 5.67 27.64
C GLU A 842 -27.02 7.12 27.30
N MET A 843 -26.16 7.77 26.53
CA MET A 843 -26.45 9.09 25.99
C MET A 843 -27.12 9.03 24.64
N ILE A 844 -26.80 8.01 23.84
CA ILE A 844 -27.50 7.80 22.58
C ILE A 844 -28.99 7.61 22.83
N ALA A 845 -29.34 6.84 23.85
CA ALA A 845 -30.73 6.62 24.19
C ALA A 845 -31.43 7.88 24.70
N GLN A 846 -30.69 8.92 25.07
CA GLN A 846 -31.29 10.18 25.47
C GLN A 846 -31.44 11.14 24.32
N TYR A 847 -30.87 10.85 23.16
CA TYR A 847 -31.20 11.56 21.94
C TYR A 847 -32.35 10.91 21.19
N THR A 848 -32.26 9.60 20.95
CA THR A 848 -33.28 8.86 20.23
C THR A 848 -34.52 8.59 21.07
N SER A 849 -34.63 9.23 22.24
CA SER A 849 -35.88 9.33 22.96
C SER A 849 -36.32 10.77 23.10
N ALA A 850 -35.51 11.71 22.62
CA ALA A 850 -35.94 13.09 22.43
C ALA A 850 -36.20 13.38 20.97
N LEU A 851 -35.74 12.52 20.07
CA LEU A 851 -36.15 12.54 18.68
C LEU A 851 -37.44 11.78 18.45
N LEU A 852 -37.99 11.18 19.50
CA LEU A 852 -39.16 10.34 19.40
C LEU A 852 -40.30 10.84 20.27
N ALA A 853 -40.02 11.78 21.17
CA ALA A 853 -41.08 12.49 21.86
C ALA A 853 -41.35 13.86 21.26
N GLY A 854 -40.64 14.23 20.20
CA GLY A 854 -40.96 15.43 19.47
C GLY A 854 -41.80 15.11 18.27
N THR A 855 -41.48 14.03 17.58
CA THR A 855 -42.28 13.58 16.45
C THR A 855 -43.71 13.26 16.89
N ILE A 856 -43.85 12.65 18.07
CA ILE A 856 -45.17 12.25 18.54
C ILE A 856 -46.02 13.45 18.90
N THR A 857 -45.42 14.48 19.50
CA THR A 857 -46.19 15.58 20.08
C THR A 857 -46.02 16.90 19.33
N SER A 858 -45.10 16.96 18.37
CA SER A 858 -44.93 18.21 17.65
C SER A 858 -44.99 18.01 16.14
N GLY A 859 -44.46 16.90 15.65
CA GLY A 859 -44.51 16.61 14.24
C GLY A 859 -43.31 17.08 13.45
N TRP A 860 -43.56 17.69 12.30
CA TRP A 860 -42.50 18.18 11.44
C TRP A 860 -41.98 19.53 11.89
N THR A 861 -42.47 20.05 13.01
CA THR A 861 -42.16 21.41 13.44
C THR A 861 -40.97 21.49 14.38
N PHE A 862 -40.73 20.47 15.20
CA PHE A 862 -39.65 20.55 16.17
C PHE A 862 -38.28 20.58 15.51
N GLY A 863 -38.19 20.22 14.23
CA GLY A 863 -36.92 20.28 13.54
C GLY A 863 -36.81 21.48 12.63
N ALA A 864 -37.75 22.41 12.75
CA ALA A 864 -37.75 23.61 11.93
C ALA A 864 -38.11 24.84 12.76
N GLY A 865 -37.54 24.94 13.96
CA GLY A 865 -37.86 26.06 14.84
C GLY A 865 -38.37 25.60 16.18
N ALA A 866 -39.08 26.47 16.89
CA ALA A 866 -39.65 26.10 18.18
C ALA A 866 -40.75 25.08 17.98
N ALA A 867 -40.71 24.00 18.76
CA ALA A 867 -41.68 22.93 18.63
C ALA A 867 -43.07 23.42 19.03
N LEU A 868 -44.06 23.04 18.23
CA LEU A 868 -45.45 23.44 18.46
C LEU A 868 -46.27 22.17 18.63
N GLN A 869 -46.98 22.06 19.75
CA GLN A 869 -47.75 20.86 20.00
C GLN A 869 -48.95 20.79 19.07
N ILE A 870 -49.49 19.58 18.93
CA ILE A 870 -50.64 19.35 18.06
C ILE A 870 -51.17 17.96 18.39
N PRO A 871 -52.49 17.77 18.52
CA PRO A 871 -53.00 16.45 18.89
C PRO A 871 -52.52 15.39 17.92
N PHE A 872 -52.19 14.19 18.41
CA PHE A 872 -51.58 13.20 17.53
C PHE A 872 -52.48 12.85 16.37
N ALA A 873 -53.75 12.53 16.64
CA ALA A 873 -54.66 12.23 15.54
C ALA A 873 -54.61 13.33 14.50
N MET A 874 -54.76 14.57 14.93
CA MET A 874 -54.83 15.71 14.04
C MET A 874 -53.51 16.00 13.33
N GLN A 875 -52.45 15.26 13.64
CA GLN A 875 -51.27 15.37 12.79
C GLN A 875 -51.15 14.22 11.81
N MET A 876 -51.63 13.03 12.19
CA MET A 876 -51.63 11.96 11.21
C MET A 876 -52.52 12.30 10.03
N ALA A 877 -53.63 12.98 10.29
CA ALA A 877 -54.48 13.49 9.22
C ALA A 877 -53.85 14.60 8.42
N TYR A 878 -52.80 15.23 8.93
CA TYR A 878 -52.04 16.18 8.11
C TYR A 878 -50.85 15.51 7.48
N ARG A 879 -50.72 14.20 7.65
CA ARG A 879 -49.81 13.39 6.88
C ARG A 879 -50.51 12.57 5.82
N PHE A 880 -51.76 12.18 6.05
CA PHE A 880 -52.58 11.69 4.96
C PHE A 880 -52.76 12.75 3.89
N ASN A 881 -53.00 13.99 4.31
CA ASN A 881 -53.29 15.07 3.38
C ASN A 881 -52.04 15.47 2.61
N GLY A 882 -50.94 14.76 2.82
CA GLY A 882 -49.72 14.99 2.09
C GLY A 882 -49.47 13.94 1.02
N ILE A 883 -50.19 12.83 1.09
CA ILE A 883 -50.04 11.76 0.12
C ILE A 883 -51.32 11.54 -0.69
N GLY A 884 -52.22 12.51 -0.68
CA GLY A 884 -53.36 12.45 -1.57
C GLY A 884 -54.69 12.17 -0.89
N VAL A 885 -54.72 11.24 0.06
CA VAL A 885 -55.98 10.88 0.69
C VAL A 885 -56.42 12.03 1.58
N THR A 886 -57.69 12.42 1.45
CA THR A 886 -58.21 13.52 2.24
C THR A 886 -58.40 13.12 3.69
N GLN A 887 -58.67 14.11 4.53
CA GLN A 887 -58.70 13.88 5.97
C GLN A 887 -59.91 13.06 6.40
N ASN A 888 -61.05 13.24 5.74
CA ASN A 888 -62.25 12.52 6.14
C ASN A 888 -62.04 11.02 6.04
N VAL A 889 -61.06 10.59 5.25
CA VAL A 889 -60.67 9.18 5.23
C VAL A 889 -60.14 8.77 6.59
N LEU A 890 -59.28 9.59 7.19
CA LEU A 890 -58.74 9.25 8.49
C LEU A 890 -59.81 9.35 9.56
N TYR A 891 -60.48 10.50 9.65
CA TYR A 891 -61.31 10.71 10.83
C TYR A 891 -62.49 9.76 10.88
N GLU A 892 -62.77 9.05 9.79
CA GLU A 892 -63.84 8.08 9.77
C GLU A 892 -63.33 6.65 9.80
N ASN A 893 -62.02 6.46 9.90
CA ASN A 893 -61.42 5.13 9.99
C ASN A 893 -60.37 5.10 11.09
N GLN A 894 -60.57 5.92 12.13
CA GLN A 894 -59.52 6.13 13.11
C GLN A 894 -59.25 4.87 13.92
N LYS A 895 -60.31 4.20 14.38
CA LYS A 895 -60.13 3.01 15.20
C LYS A 895 -59.42 1.91 14.43
N LEU A 896 -59.81 1.70 13.17
CA LEU A 896 -59.16 0.67 12.37
C LEU A 896 -57.69 1.00 12.14
N ILE A 897 -57.38 2.28 11.92
CA ILE A 897 -55.99 2.66 11.74
C ILE A 897 -55.17 2.42 13.00
N ALA A 898 -55.72 2.77 14.16
CA ALA A 898 -55.00 2.49 15.40
C ALA A 898 -54.76 1.01 15.59
N ASN A 899 -55.79 0.20 15.36
CA ASN A 899 -55.68 -1.24 15.59
C ASN A 899 -54.88 -1.94 14.52
N GLN A 900 -54.59 -1.28 13.41
CA GLN A 900 -53.62 -1.81 12.45
C GLN A 900 -52.20 -1.40 12.77
N PHE A 901 -51.98 -0.15 13.17
CA PHE A 901 -50.64 0.30 13.53
C PHE A 901 -50.09 -0.48 14.73
N ASN A 902 -50.94 -0.71 15.75
CA ASN A 902 -50.50 -1.46 16.92
C ASN A 902 -50.08 -2.88 16.54
N SER A 903 -50.89 -3.53 15.70
CA SER A 903 -50.55 -4.90 15.27
C SER A 903 -49.26 -4.91 14.48
N ALA A 904 -49.04 -3.90 13.64
CA ALA A 904 -47.79 -3.83 12.90
C ALA A 904 -46.59 -3.73 13.85
N ILE A 905 -46.70 -2.89 14.88
CA ILE A 905 -45.62 -2.78 15.84
C ILE A 905 -45.35 -4.12 16.52
N GLY A 906 -46.42 -4.81 16.94
CA GLY A 906 -46.23 -6.11 17.57
C GLY A 906 -45.52 -7.10 16.66
N LYS A 907 -45.92 -7.15 15.39
CA LYS A 907 -45.28 -8.07 14.46
C LYS A 907 -43.83 -7.70 14.23
N ILE A 908 -43.48 -6.41 14.22
CA ILE A 908 -42.07 -6.04 14.12
C ILE A 908 -41.29 -6.55 15.32
N GLN A 909 -41.84 -6.39 16.52
CA GLN A 909 -41.13 -6.85 17.71
C GLN A 909 -40.89 -8.35 17.65
N ASP A 910 -41.90 -9.10 17.19
CA ASP A 910 -41.69 -10.53 17.02
C ASP A 910 -40.76 -10.89 15.87
N SER A 911 -40.65 -10.01 14.86
CA SER A 911 -39.77 -10.24 13.72
C SER A 911 -38.30 -10.08 14.06
N LEU A 912 -37.95 -9.03 14.81
CA LEU A 912 -36.55 -8.86 15.19
C LEU A 912 -36.07 -10.01 16.06
N SER A 913 -36.93 -10.48 16.97
CA SER A 913 -36.54 -11.55 17.87
C SER A 913 -36.33 -12.89 17.16
N SER A 914 -36.74 -12.99 15.90
CA SER A 914 -36.57 -14.24 15.16
C SER A 914 -35.10 -14.44 14.80
N THR A 915 -34.78 -15.67 14.40
CA THR A 915 -33.42 -16.01 13.99
C THR A 915 -33.20 -15.52 12.55
N ALA A 916 -32.00 -15.76 12.02
CA ALA A 916 -31.58 -15.22 10.73
C ALA A 916 -31.83 -13.72 10.70
N SER A 917 -31.38 -13.05 11.76
CA SER A 917 -31.78 -11.67 12.02
C SER A 917 -31.37 -10.74 10.89
N ALA A 918 -32.25 -9.80 10.58
CA ALA A 918 -31.99 -8.80 9.56
C ALA A 918 -30.89 -7.82 9.96
N LEU A 919 -30.46 -7.85 11.22
CA LEU A 919 -29.41 -6.97 11.70
C LEU A 919 -28.04 -7.53 11.35
N GLY A 920 -27.99 -8.47 10.41
CA GLY A 920 -26.71 -8.99 9.94
C GLY A 920 -25.79 -7.92 9.38
N LYS A 921 -26.34 -6.79 8.95
CA LYS A 921 -25.50 -5.68 8.52
C LYS A 921 -24.68 -5.12 9.67
N LEU A 922 -25.26 -4.99 10.86
CA LEU A 922 -24.53 -4.44 11.98
C LEU A 922 -23.46 -5.37 12.52
N GLN A 923 -23.70 -6.68 12.54
CA GLN A 923 -22.72 -7.62 13.05
C GLN A 923 -21.74 -8.07 11.98
N ASP A 924 -21.90 -7.58 10.75
CA ASP A 924 -20.87 -7.76 9.73
C ASP A 924 -19.71 -6.81 9.94
N VAL A 925 -20.00 -5.58 10.37
CA VAL A 925 -18.95 -4.60 10.65
C VAL A 925 -18.02 -5.11 11.73
N VAL A 926 -18.60 -5.63 12.82
CA VAL A 926 -17.80 -6.11 13.94
C VAL A 926 -16.98 -7.32 13.50
N ASN A 927 -17.58 -8.23 12.74
CA ASN A 927 -16.85 -9.40 12.28
C ASN A 927 -15.67 -8.99 11.40
N GLN A 928 -15.88 -8.06 10.49
CA GLN A 928 -14.81 -7.64 9.60
C GLN A 928 -13.68 -6.96 10.39
N ASN A 929 -14.04 -6.06 11.31
CA ASN A 929 -13.01 -5.34 12.05
C ASN A 929 -12.36 -6.18 13.13
N ALA A 930 -12.94 -7.32 13.48
CA ALA A 930 -12.26 -8.27 14.36
C ALA A 930 -11.57 -9.39 13.61
N GLN A 931 -11.74 -9.49 12.29
CA GLN A 931 -11.00 -10.45 11.51
C GLN A 931 -9.72 -9.88 10.95
N ALA A 932 -9.72 -8.61 10.52
CA ALA A 932 -8.51 -7.99 10.01
C ALA A 932 -7.48 -7.84 11.13
N LEU A 933 -7.93 -7.48 12.31
CA LEU A 933 -7.00 -7.27 13.42
C LEU A 933 -6.43 -8.58 13.95
N ASN A 934 -7.12 -9.70 13.76
CA ASN A 934 -6.56 -11.00 14.13
C ASN A 934 -5.46 -11.46 13.19
N THR A 935 -5.56 -11.13 11.90
CA THR A 935 -4.45 -11.38 10.99
C THR A 935 -3.22 -10.56 11.34
N LEU A 936 -3.41 -9.33 11.83
CA LEU A 936 -2.29 -8.51 12.26
C LEU A 936 -1.54 -9.13 13.43
N VAL A 937 -2.15 -10.07 14.14
CA VAL A 937 -1.45 -10.75 15.22
C VAL A 937 -0.94 -12.11 14.74
N LYS A 938 -1.71 -12.77 13.87
CA LYS A 938 -1.22 -14.00 13.25
C LYS A 938 0.09 -13.77 12.51
N GLN A 939 0.29 -12.56 11.99
CA GLN A 939 1.48 -12.32 11.17
C GLN A 939 2.72 -11.98 11.98
N LEU A 940 2.68 -12.09 13.30
CA LEU A 940 3.92 -12.03 14.05
C LEU A 940 4.61 -13.39 14.14
N SER A 941 4.00 -14.43 13.60
CA SER A 941 4.57 -15.77 13.62
C SER A 941 5.35 -16.09 12.36
N SER A 942 5.41 -15.18 11.40
CA SER A 942 6.13 -15.40 10.16
C SER A 942 7.47 -14.69 10.22
N ASN A 943 8.52 -15.39 9.83
CA ASN A 943 9.89 -14.90 9.96
C ASN A 943 10.35 -14.09 8.76
N PHE A 944 9.55 -14.01 7.70
CA PHE A 944 9.87 -13.21 6.53
C PHE A 944 11.24 -13.56 5.96
N GLY A 945 11.60 -14.83 5.96
CA GLY A 945 12.86 -15.27 5.41
C GLY A 945 14.07 -15.08 6.31
N ALA A 946 13.87 -14.60 7.52
CA ALA A 946 14.98 -14.45 8.45
C ALA A 946 15.32 -15.79 9.08
N ILE A 947 16.24 -15.76 10.06
CA ILE A 947 16.60 -16.99 10.76
C ILE A 947 15.42 -17.54 11.54
N SER A 948 14.73 -16.70 12.29
CA SER A 948 13.59 -17.12 13.08
C SER A 948 12.62 -15.96 13.20
N SER A 949 11.49 -16.20 13.85
CA SER A 949 10.45 -15.19 13.99
C SER A 949 10.41 -14.54 15.36
N VAL A 950 11.23 -14.99 16.29
CA VAL A 950 11.32 -14.39 17.62
C VAL A 950 12.55 -13.50 17.63
N LEU A 951 12.35 -12.21 17.92
CA LEU A 951 13.45 -11.27 17.87
C LEU A 951 14.54 -11.58 18.89
N ASN A 952 14.17 -12.11 20.05
CA ASN A 952 15.16 -12.45 21.07
C ASN A 952 16.06 -13.59 20.61
N ASP A 953 15.50 -14.55 19.86
CA ASP A 953 16.30 -15.61 19.27
C ASP A 953 17.43 -15.03 18.42
N ILE A 954 17.06 -14.14 17.49
CA ILE A 954 18.05 -13.52 16.61
C ILE A 954 19.07 -12.73 17.42
N LEU A 955 18.61 -11.97 18.40
CA LEU A 955 19.51 -11.18 19.23
C LEU A 955 20.47 -12.05 20.03
N SER A 956 20.06 -13.24 20.44
CA SER A 956 20.90 -14.11 21.25
C SER A 956 21.64 -15.16 20.44
N ARG A 957 21.52 -15.15 19.12
CA ARG A 957 22.29 -16.06 18.29
C ARG A 957 23.28 -15.38 17.37
N LEU A 958 23.26 -14.05 17.25
CA LEU A 958 24.06 -13.37 16.26
C LEU A 958 24.58 -12.05 16.82
N ASP A 959 25.82 -11.70 16.46
CA ASP A 959 26.43 -10.44 16.80
C ASP A 959 25.82 -9.31 15.97
N PRO A 960 25.92 -8.07 16.42
CA PRO A 960 25.26 -6.95 15.75
C PRO A 960 25.58 -6.87 14.26
N PRO A 961 26.84 -7.08 13.83
CA PRO A 961 27.11 -7.00 12.39
C PRO A 961 26.26 -7.93 11.54
N GLU A 962 25.99 -9.15 12.01
CA GLU A 962 25.11 -10.07 11.31
C GLU A 962 23.70 -10.09 11.88
N ALA A 963 23.50 -9.65 13.12
CA ALA A 963 22.15 -9.56 13.65
C ALA A 963 21.34 -8.51 12.89
N GLU A 964 21.96 -7.38 12.57
CA GLU A 964 21.26 -6.28 11.92
C GLU A 964 20.67 -6.68 10.58
N VAL A 965 21.42 -7.46 9.79
CA VAL A 965 20.95 -7.81 8.45
C VAL A 965 19.80 -8.80 8.49
N GLN A 966 19.49 -9.38 9.64
CA GLN A 966 18.30 -10.19 9.84
C GLN A 966 17.16 -9.41 10.45
N ILE A 967 17.46 -8.62 11.48
CA ILE A 967 16.44 -7.73 12.04
C ILE A 967 15.83 -6.88 10.94
N ASP A 968 16.65 -6.41 10.00
CA ASP A 968 16.11 -5.59 8.94
C ASP A 968 15.18 -6.35 8.02
N ARG A 969 15.34 -7.65 7.87
CA ARG A 969 14.31 -8.36 7.12
C ARG A 969 13.17 -8.81 8.00
N LEU A 970 13.24 -8.54 9.30
CA LEU A 970 12.04 -8.55 10.13
C LEU A 970 11.34 -7.18 10.11
N ILE A 971 12.08 -6.10 10.34
CA ILE A 971 11.48 -4.77 10.45
C ILE A 971 10.81 -4.37 9.14
N THR A 972 11.30 -4.89 8.02
CA THR A 972 10.65 -4.64 6.75
C THR A 972 9.51 -5.60 6.48
N GLY A 973 9.32 -6.61 7.32
CA GLY A 973 8.24 -7.54 7.11
C GLY A 973 7.03 -7.19 7.95
N ARG A 974 7.26 -6.67 9.14
CA ARG A 974 6.16 -6.28 10.01
C ARG A 974 5.59 -4.92 9.63
N LEU A 975 6.45 -4.02 9.17
CA LEU A 975 5.98 -2.69 8.81
C LEU A 975 5.07 -2.75 7.59
N GLN A 976 5.38 -3.63 6.63
CA GLN A 976 4.50 -3.79 5.48
C GLN A 976 3.13 -4.29 5.90
N SER A 977 3.08 -5.25 6.83
CA SER A 977 1.81 -5.72 7.34
C SER A 977 1.03 -4.60 8.02
N LEU A 978 1.71 -3.79 8.82
CA LEU A 978 1.04 -2.68 9.47
C LEU A 978 0.50 -1.68 8.47
N GLN A 979 1.25 -1.38 7.42
CA GLN A 979 0.76 -0.46 6.40
C GLN A 979 -0.45 -1.02 5.68
N THR A 980 -0.45 -2.32 5.38
CA THR A 980 -1.61 -2.93 4.75
C THR A 980 -2.84 -2.81 5.65
N TYR A 981 -2.66 -3.08 6.95
CA TYR A 981 -3.78 -2.95 7.87
C TYR A 981 -4.32 -1.53 7.91
N VAL A 982 -3.42 -0.54 7.93
CA VAL A 982 -3.87 0.84 7.97
C VAL A 982 -4.64 1.20 6.71
N THR A 983 -4.17 0.74 5.55
CA THR A 983 -4.90 1.01 4.32
C THR A 983 -6.29 0.39 4.32
N GLN A 984 -6.40 -0.85 4.79
CA GLN A 984 -7.72 -1.47 4.88
C GLN A 984 -8.62 -0.67 5.79
N GLN A 985 -8.09 -0.21 6.93
CA GLN A 985 -8.91 0.59 7.83
C GLN A 985 -9.36 1.88 7.17
N LEU A 986 -8.47 2.53 6.42
CA LEU A 986 -8.84 3.77 5.74
C LEU A 986 -10.00 3.53 4.78
N ILE A 987 -9.91 2.47 3.98
CA ILE A 987 -10.95 2.22 2.99
C ILE A 987 -12.28 1.87 3.66
N ARG A 988 -12.23 1.00 4.67
CA ARG A 988 -13.46 0.61 5.33
C ARG A 988 -14.08 1.79 6.08
N ALA A 989 -13.25 2.66 6.65
CA ALA A 989 -13.77 3.88 7.27
C ALA A 989 -14.39 4.81 6.25
N ALA A 990 -13.86 4.86 5.03
CA ALA A 990 -14.55 5.59 3.98
C ALA A 990 -15.93 5.01 3.69
N GLU A 991 -16.04 3.68 3.64
CA GLU A 991 -17.36 3.08 3.47
C GLU A 991 -18.32 3.48 4.60
N ILE A 992 -17.84 3.42 5.84
CA ILE A 992 -18.69 3.76 6.99
C ILE A 992 -19.09 5.23 6.93
N ARG A 993 -18.15 6.10 6.53
CA ARG A 993 -18.49 7.50 6.37
C ARG A 993 -19.57 7.69 5.31
N ALA A 994 -19.49 6.95 4.22
CA ALA A 994 -20.53 7.04 3.20
C ALA A 994 -21.87 6.58 3.75
N SER A 995 -21.88 5.51 4.53
CA SER A 995 -23.12 4.95 5.04
C SER A 995 -23.61 5.62 6.31
N ALA A 996 -22.87 6.58 6.85
CA ALA A 996 -23.32 7.36 7.99
C ALA A 996 -23.73 8.76 7.59
N ASN A 997 -23.58 9.12 6.31
CA ASN A 997 -24.19 10.31 5.75
C ASN A 997 -25.44 10.03 4.98
N LEU A 998 -25.79 8.76 4.78
CA LEU A 998 -27.11 8.36 4.34
C LEU A 998 -28.05 8.17 5.51
N ALA A 999 -27.57 7.63 6.62
CA ALA A 999 -28.38 7.56 7.83
C ALA A 999 -28.73 8.95 8.35
N ALA A 1000 -27.80 9.90 8.30
CA ALA A 1000 -28.12 11.26 8.70
C ALA A 1000 -29.20 11.85 7.80
N THR A 1001 -29.12 11.63 6.49
CA THR A 1001 -30.14 12.14 5.59
C THR A 1001 -31.49 11.50 5.87
N LYS A 1002 -31.52 10.18 6.05
CA LYS A 1002 -32.78 9.52 6.34
C LYS A 1002 -33.37 9.98 7.66
N MET A 1003 -32.54 10.25 8.66
CA MET A 1003 -33.02 10.83 9.91
C MET A 1003 -33.51 12.25 9.73
N SER A 1004 -32.89 13.03 8.84
CA SER A 1004 -33.30 14.41 8.67
C SER A 1004 -34.59 14.52 7.86
N GLU A 1005 -34.84 13.57 6.97
CA GLU A 1005 -36.01 13.64 6.09
C GLU A 1005 -37.13 12.70 6.52
N CYS A 1006 -36.84 11.41 6.65
CA CYS A 1006 -37.90 10.46 6.98
C CYS A 1006 -38.48 10.69 8.37
N VAL A 1007 -37.72 11.30 9.28
CA VAL A 1007 -38.13 11.45 10.67
C VAL A 1007 -38.53 12.88 10.99
N LEU A 1008 -37.71 13.84 10.61
CA LEU A 1008 -37.97 15.24 10.91
C LEU A 1008 -38.92 15.89 9.91
N GLY A 1009 -39.73 15.06 9.25
CA GLY A 1009 -40.67 15.58 8.27
C GLY A 1009 -41.38 14.43 7.60
N GLN A 1010 -41.75 14.64 6.35
CA GLN A 1010 -42.35 13.60 5.54
C GLN A 1010 -41.70 13.62 4.18
N SER A 1011 -41.48 12.44 3.60
CA SER A 1011 -40.77 12.34 2.35
C SER A 1011 -41.72 12.13 1.18
N LYS A 1012 -41.35 12.69 0.04
CA LYS A 1012 -42.04 12.46 -1.21
C LYS A 1012 -41.17 11.73 -2.21
N ARG A 1013 -40.00 11.25 -1.78
CA ARG A 1013 -39.11 10.51 -2.67
C ARG A 1013 -39.49 9.04 -2.66
N VAL A 1014 -39.86 8.51 -3.82
CA VAL A 1014 -40.43 7.18 -3.90
C VAL A 1014 -39.41 6.13 -3.48
N ASP A 1015 -39.84 5.20 -2.62
CA ASP A 1015 -39.04 4.07 -2.19
C ASP A 1015 -37.73 4.57 -1.60
N PHE A 1016 -37.84 5.53 -0.70
CA PHE A 1016 -36.72 6.01 0.10
C PHE A 1016 -36.91 5.72 1.57
N CYS A 1017 -38.04 6.14 2.14
CA CYS A 1017 -38.40 5.81 3.51
C CYS A 1017 -39.36 4.62 3.47
N GLY A 1018 -38.85 3.47 3.02
CA GLY A 1018 -39.62 2.25 3.04
C GLY A 1018 -40.63 2.13 1.91
N LYS A 1019 -40.96 0.90 1.53
CA LYS A 1019 -41.91 0.66 0.45
C LYS A 1019 -43.28 1.23 0.78
N GLY A 1020 -43.94 1.83 -0.20
CA GLY A 1020 -45.25 2.42 -0.03
C GLY A 1020 -45.16 3.91 0.17
N TYR A 1021 -46.34 4.53 0.24
CA TYR A 1021 -46.41 5.94 0.57
C TYR A 1021 -45.97 6.14 2.01
N HIS A 1022 -45.06 7.06 2.24
CA HIS A 1022 -44.44 7.21 3.55
C HIS A 1022 -45.28 8.14 4.41
N LEU A 1023 -45.64 7.67 5.59
CA LEU A 1023 -46.37 8.46 6.57
C LEU A 1023 -45.47 9.06 7.63
N MET A 1024 -44.64 8.24 8.29
CA MET A 1024 -43.79 8.76 9.35
C MET A 1024 -42.73 7.72 9.66
N SER A 1025 -41.92 8.00 10.68
CA SER A 1025 -40.81 7.11 11.01
C SER A 1025 -40.45 7.27 12.48
N PHE A 1026 -39.70 6.31 12.99
CA PHE A 1026 -39.27 6.35 14.38
C PHE A 1026 -37.84 5.84 14.46
N PRO A 1027 -36.92 6.58 15.07
CA PRO A 1027 -35.55 6.10 15.22
C PRO A 1027 -35.33 5.34 16.50
N GLN A 1028 -34.48 4.33 16.44
CA GLN A 1028 -34.08 3.56 17.61
C GLN A 1028 -32.59 3.31 17.55
N SER A 1029 -31.95 3.27 18.71
CA SER A 1029 -30.51 3.06 18.73
C SER A 1029 -30.19 1.59 18.54
N ALA A 1030 -28.93 1.31 18.21
CA ALA A 1030 -28.44 -0.06 18.12
C ALA A 1030 -26.94 -0.03 18.21
N PRO A 1031 -26.30 -1.11 18.64
CA PRO A 1031 -24.85 -1.08 18.83
C PRO A 1031 -24.14 -0.74 17.53
N HIS A 1032 -23.52 0.44 17.51
CA HIS A 1032 -22.84 0.96 16.32
C HIS A 1032 -23.79 1.02 15.14
N GLY A 1033 -25.00 1.51 15.36
CA GLY A 1033 -25.94 1.58 14.26
C GLY A 1033 -27.26 2.19 14.68
N VAL A 1034 -28.08 2.47 13.66
CA VAL A 1034 -29.38 3.12 13.86
C VAL A 1034 -30.43 2.27 13.18
N VAL A 1035 -31.61 2.18 13.79
CA VAL A 1035 -32.71 1.37 13.30
C VAL A 1035 -33.88 2.31 13.00
N PHE A 1036 -34.49 2.14 11.85
CA PHE A 1036 -35.60 2.98 11.42
C PHE A 1036 -36.85 2.13 11.29
N LEU A 1037 -37.96 2.62 11.81
CA LEU A 1037 -39.25 1.96 11.69
C LEU A 1037 -40.14 2.84 10.81
N HIS A 1038 -40.05 2.65 9.50
CA HIS A 1038 -40.84 3.45 8.56
C HIS A 1038 -42.30 2.99 8.63
N VAL A 1039 -43.18 3.89 9.05
CA VAL A 1039 -44.61 3.61 9.02
C VAL A 1039 -45.18 4.17 7.73
N THR A 1040 -45.75 3.28 6.92
CA THR A 1040 -46.12 3.60 5.54
C THR A 1040 -47.55 3.17 5.25
N TYR A 1041 -48.11 3.79 4.22
CA TYR A 1041 -49.48 3.58 3.79
C TYR A 1041 -49.48 2.81 2.48
N VAL A 1042 -50.17 1.68 2.45
CA VAL A 1042 -50.15 0.79 1.30
C VAL A 1042 -51.59 0.52 0.87
N PRO A 1043 -51.98 0.80 -0.37
CA PRO A 1043 -53.33 0.50 -0.82
C PRO A 1043 -53.52 -0.99 -1.08
N ALA A 1044 -54.79 -1.40 -1.11
CA ALA A 1044 -55.12 -2.81 -1.29
C ALA A 1044 -56.55 -2.92 -1.81
N GLN A 1045 -56.90 -4.11 -2.28
CA GLN A 1045 -58.26 -4.42 -2.74
C GLN A 1045 -58.69 -3.48 -3.86
N GLU A 1046 -57.97 -3.56 -4.97
CA GLU A 1046 -58.35 -2.80 -6.15
C GLU A 1046 -59.71 -3.25 -6.66
N LYS A 1047 -60.30 -2.45 -7.54
CA LYS A 1047 -61.63 -2.74 -8.05
C LYS A 1047 -61.77 -2.05 -9.40
N ASN A 1048 -62.01 -2.84 -10.45
CA ASN A 1048 -62.06 -2.30 -11.80
C ASN A 1048 -63.23 -1.31 -11.95
N PHE A 1049 -63.02 -0.28 -12.76
CA PHE A 1049 -64.02 0.72 -13.07
C PHE A 1049 -63.80 1.19 -14.50
N THR A 1050 -64.82 1.82 -15.07
CA THR A 1050 -64.73 2.43 -16.38
C THR A 1050 -64.60 3.93 -16.22
N THR A 1051 -63.64 4.52 -16.93
CA THR A 1051 -63.30 5.93 -16.76
C THR A 1051 -63.62 6.71 -18.02
N ALA A 1052 -63.24 7.98 -18.00
CA ALA A 1052 -63.43 8.88 -19.13
C ALA A 1052 -62.58 10.12 -18.91
N PRO A 1053 -61.93 10.63 -19.95
CA PRO A 1053 -61.09 11.82 -19.77
C PRO A 1053 -61.86 13.04 -19.32
N ALA A 1054 -62.88 13.46 -20.06
CA ALA A 1054 -63.62 14.67 -19.72
C ALA A 1054 -65.08 14.48 -20.06
N ILE A 1055 -65.93 15.19 -19.34
CA ILE A 1055 -67.38 15.03 -19.41
C ILE A 1055 -67.99 16.25 -20.06
N CYS A 1056 -68.99 16.03 -20.92
CA CYS A 1056 -69.62 17.08 -21.71
C CYS A 1056 -71.06 17.29 -21.24
N HIS A 1057 -71.33 18.45 -20.62
CA HIS A 1057 -72.68 18.71 -20.17
C HIS A 1057 -73.49 19.53 -21.16
N ASP A 1058 -73.17 20.82 -21.32
CA ASP A 1058 -73.75 21.63 -22.37
C ASP A 1058 -72.76 21.94 -23.48
N GLY A 1059 -72.24 20.92 -24.17
CA GLY A 1059 -71.30 21.15 -25.23
C GLY A 1059 -69.90 21.51 -24.75
N LYS A 1060 -69.79 22.17 -23.61
CA LYS A 1060 -68.51 22.51 -23.00
C LYS A 1060 -68.03 21.35 -22.14
N ALA A 1061 -66.73 21.09 -22.18
CA ALA A 1061 -66.14 19.90 -21.57
C ALA A 1061 -65.71 20.24 -20.14
N HIS A 1062 -66.34 19.58 -19.17
CA HIS A 1062 -65.95 19.74 -17.78
C HIS A 1062 -64.79 18.79 -17.48
N PHE A 1063 -63.91 19.20 -16.59
CA PHE A 1063 -62.74 18.43 -16.21
C PHE A 1063 -62.64 18.31 -14.69
N PRO A 1064 -62.10 17.21 -14.18
CA PRO A 1064 -61.96 17.05 -12.73
C PRO A 1064 -60.95 18.03 -12.15
N ARG A 1065 -61.18 18.41 -10.90
CA ARG A 1065 -60.22 19.27 -10.22
C ARG A 1065 -59.19 18.47 -9.47
N GLU A 1066 -59.64 17.48 -8.70
CA GLU A 1066 -58.73 16.55 -8.00
C GLU A 1066 -59.40 15.18 -8.00
N GLY A 1067 -59.00 14.33 -8.94
CA GLY A 1067 -59.54 12.99 -8.99
C GLY A 1067 -59.77 12.56 -10.41
N VAL A 1068 -60.46 11.43 -10.54
CA VAL A 1068 -60.74 10.82 -11.83
C VAL A 1068 -62.23 10.63 -11.95
N PHE A 1069 -62.68 10.35 -13.16
CA PHE A 1069 -64.09 10.04 -13.39
C PHE A 1069 -64.27 8.52 -13.40
N VAL A 1070 -65.30 8.06 -12.69
CA VAL A 1070 -65.51 6.64 -12.47
C VAL A 1070 -66.99 6.34 -12.59
N SER A 1071 -67.31 5.23 -13.24
CA SER A 1071 -68.70 4.85 -13.44
C SER A 1071 -68.93 3.42 -12.99
N ASN A 1072 -70.05 3.19 -12.31
CA ASN A 1072 -70.47 1.84 -11.96
C ASN A 1072 -71.23 1.16 -13.09
N GLY A 1073 -71.08 1.66 -14.31
CA GLY A 1073 -71.79 1.13 -15.45
C GLY A 1073 -73.04 1.89 -15.83
N THR A 1074 -73.62 2.65 -14.93
CA THR A 1074 -74.82 3.43 -15.23
C THR A 1074 -74.69 4.89 -14.83
N HIS A 1075 -74.03 5.16 -13.71
CA HIS A 1075 -73.93 6.53 -13.19
C HIS A 1075 -72.46 6.93 -13.14
N TRP A 1076 -72.23 8.23 -13.26
CA TRP A 1076 -70.88 8.77 -13.31
C TRP A 1076 -70.60 9.60 -12.06
N PHE A 1077 -69.46 9.33 -11.43
CA PHE A 1077 -69.03 10.05 -10.24
C PHE A 1077 -67.60 10.48 -10.44
N VAL A 1078 -67.13 11.36 -9.56
CA VAL A 1078 -65.74 11.79 -9.53
C VAL A 1078 -65.15 11.42 -8.18
N THR A 1079 -64.00 10.77 -8.21
CA THR A 1079 -63.44 10.22 -6.98
C THR A 1079 -61.97 10.57 -6.85
N GLN A 1080 -61.52 10.72 -5.60
CA GLN A 1080 -60.10 10.85 -5.35
C GLN A 1080 -59.40 9.55 -5.76
N ARG A 1081 -58.09 9.65 -5.97
CA ARG A 1081 -57.43 8.64 -6.78
C ARG A 1081 -56.80 7.53 -5.94
N ASN A 1082 -56.64 7.73 -4.63
CA ASN A 1082 -56.04 6.73 -3.77
C ASN A 1082 -57.04 6.11 -2.81
N PHE A 1083 -58.33 6.26 -3.10
CA PHE A 1083 -59.38 5.72 -2.24
C PHE A 1083 -60.70 5.86 -2.99
N TYR A 1084 -61.57 4.87 -2.94
CA TYR A 1084 -62.84 4.99 -3.63
C TYR A 1084 -63.81 5.75 -2.74
N GLU A 1085 -64.01 7.03 -3.04
CA GLU A 1085 -64.95 7.88 -2.33
C GLU A 1085 -65.75 8.67 -3.36
N PRO A 1086 -66.74 8.04 -3.99
CA PRO A 1086 -67.46 8.71 -5.08
C PRO A 1086 -68.27 9.89 -4.56
N GLN A 1087 -68.36 10.91 -5.41
CA GLN A 1087 -69.21 12.07 -5.12
C GLN A 1087 -70.14 12.31 -6.30
N ILE A 1088 -70.81 13.45 -6.33
CA ILE A 1088 -71.65 13.80 -7.46
C ILE A 1088 -70.90 14.80 -8.32
N ILE A 1089 -70.97 14.62 -9.64
CA ILE A 1089 -70.26 15.51 -10.55
C ILE A 1089 -70.99 16.84 -10.59
N THR A 1090 -70.49 17.82 -9.83
CA THR A 1090 -71.12 19.12 -9.77
C THR A 1090 -70.29 20.14 -10.52
N THR A 1091 -70.81 21.35 -10.67
CA THR A 1091 -70.04 22.47 -11.18
C THR A 1091 -69.12 23.05 -10.13
N ASP A 1092 -69.01 22.40 -8.98
CA ASP A 1092 -68.11 22.80 -7.90
C ASP A 1092 -66.74 22.20 -8.05
N ASN A 1093 -66.65 20.89 -8.32
CA ASN A 1093 -65.40 20.17 -8.39
C ASN A 1093 -64.98 19.82 -9.81
N THR A 1094 -65.61 20.43 -10.82
CA THR A 1094 -65.18 20.31 -12.20
C THR A 1094 -65.03 21.71 -12.77
N PHE A 1095 -63.89 21.96 -13.41
CA PHE A 1095 -63.60 23.28 -13.97
C PHE A 1095 -63.78 23.20 -15.49
N VAL A 1096 -64.64 24.06 -16.03
CA VAL A 1096 -64.94 24.04 -17.45
C VAL A 1096 -63.74 24.54 -18.23
N SER A 1097 -63.50 23.94 -19.40
CA SER A 1097 -62.40 24.38 -20.25
C SER A 1097 -62.68 23.97 -21.69
N GLY A 1098 -62.89 24.94 -22.55
CA GLY A 1098 -62.98 24.69 -23.96
C GLY A 1098 -64.29 24.07 -24.39
N ASN A 1099 -64.28 23.53 -25.61
CA ASN A 1099 -65.42 22.93 -26.25
C ASN A 1099 -65.19 21.43 -26.41
N CYS A 1100 -66.24 20.65 -26.18
CA CYS A 1100 -66.13 19.19 -26.16
C CYS A 1100 -66.18 18.66 -27.58
N ASP A 1101 -65.13 18.98 -28.34
CA ASP A 1101 -64.98 18.44 -29.68
C ASP A 1101 -63.54 18.02 -29.94
N VAL A 1102 -62.63 18.46 -29.07
CA VAL A 1102 -61.22 18.22 -29.26
C VAL A 1102 -60.71 17.05 -28.43
N VAL A 1103 -61.15 16.92 -27.18
CA VAL A 1103 -60.71 15.81 -26.34
C VAL A 1103 -61.32 14.52 -26.85
N ILE A 1104 -60.52 13.46 -26.87
CA ILE A 1104 -60.95 12.15 -27.34
C ILE A 1104 -61.33 11.32 -26.11
N GLY A 1105 -62.57 10.83 -26.09
CA GLY A 1105 -63.04 10.03 -24.99
C GLY A 1105 -64.12 10.69 -24.19
N ILE A 1106 -64.59 11.86 -24.65
CA ILE A 1106 -65.61 12.60 -23.93
C ILE A 1106 -66.90 11.80 -23.89
N VAL A 1107 -67.62 11.90 -22.79
CA VAL A 1107 -68.83 11.13 -22.55
C VAL A 1107 -70.00 12.07 -22.35
N ASN A 1108 -71.07 11.87 -23.10
CA ASN A 1108 -72.31 12.61 -22.88
C ASN A 1108 -72.88 12.28 -21.51
N ASN A 1109 -73.16 13.32 -20.72
CA ASN A 1109 -73.74 13.11 -19.39
C ASN A 1109 -74.40 14.41 -18.91
N THR A 1110 -74.72 14.48 -17.62
CA THR A 1110 -75.33 15.65 -17.02
C THR A 1110 -74.53 16.06 -15.79
N VAL A 1111 -74.32 17.36 -15.63
CA VAL A 1111 -73.61 17.90 -14.47
C VAL A 1111 -74.59 18.76 -13.68
N TYR A 1112 -74.70 18.49 -12.38
CA TYR A 1112 -75.69 19.13 -11.53
C TYR A 1112 -75.09 20.37 -10.89
N ASP A 1113 -75.71 21.50 -11.13
CA ASP A 1113 -75.29 22.74 -10.48
C ASP A 1113 -76.02 22.90 -9.15
N PRO A 1114 -75.32 23.26 -8.08
CA PRO A 1114 -76.01 23.40 -6.79
C PRO A 1114 -76.88 24.64 -6.70
N LEU A 1115 -76.59 25.65 -7.50
CA LEU A 1115 -77.25 26.95 -7.37
C LEU A 1115 -78.72 26.89 -7.80
N GLN A 1116 -78.97 26.56 -9.07
CA GLN A 1116 -80.30 26.68 -9.66
C GLN A 1116 -81.40 25.89 -8.95
N PRO A 1117 -81.18 24.62 -8.50
CA PRO A 1117 -82.31 23.88 -7.93
C PRO A 1117 -82.70 24.42 -6.56
N GLU A 1118 -81.69 24.73 -5.73
CA GLU A 1118 -81.96 25.28 -4.42
C GLU A 1118 -82.53 26.69 -4.51
N LEU A 1119 -82.08 27.47 -5.50
CA LEU A 1119 -82.57 28.83 -5.65
C LEU A 1119 -84.05 28.84 -6.00
N ASP A 1120 -84.50 27.85 -6.77
CA ASP A 1120 -85.91 27.78 -7.16
C ASP A 1120 -86.79 27.63 -5.93
N SER A 1121 -87.85 28.44 -5.85
CA SER A 1121 -88.73 28.45 -4.70
C SER A 1121 -90.08 29.08 -5.05
N ALA B 1 29.63 15.60 -48.64
CA ALA B 1 28.73 14.75 -49.41
C ALA B 1 27.63 14.18 -48.51
N TYR B 2 27.12 15.02 -47.61
CA TYR B 2 26.09 14.60 -46.67
C TYR B 2 24.81 14.22 -47.40
N THR B 3 24.10 13.24 -46.86
CA THR B 3 22.79 12.85 -47.36
C THR B 3 21.93 12.38 -46.20
N ASN B 4 20.61 12.56 -46.35
CA ASN B 4 19.67 12.35 -45.25
C ASN B 4 19.25 10.89 -45.17
N SER B 5 19.41 10.30 -43.99
CA SER B 5 18.97 8.92 -43.76
C SER B 5 17.45 8.88 -43.71
N PHE B 6 16.86 7.89 -44.39
CA PHE B 6 15.40 7.91 -44.49
C PHE B 6 14.70 6.90 -43.58
N THR B 7 14.94 5.59 -43.77
CA THR B 7 14.26 4.60 -42.95
C THR B 7 15.12 3.38 -42.65
N ARG B 8 16.37 3.35 -43.08
CA ARG B 8 17.20 2.16 -43.01
C ARG B 8 17.70 2.01 -41.57
N GLY B 9 18.66 1.11 -41.28
CA GLY B 9 18.97 1.04 -39.87
C GLY B 9 18.64 -0.29 -39.22
N VAL B 10 17.56 -0.29 -38.46
CA VAL B 10 17.28 -1.25 -37.38
C VAL B 10 17.64 -2.69 -37.73
N TYR B 11 18.26 -3.37 -36.76
CA TYR B 11 18.75 -4.74 -36.92
C TYR B 11 18.20 -5.60 -35.81
N TYR B 12 18.03 -6.90 -36.08
CA TYR B 12 17.57 -7.86 -35.09
C TYR B 12 18.57 -7.90 -33.94
N PRO B 13 18.24 -7.40 -32.77
CA PRO B 13 19.24 -7.26 -31.71
C PRO B 13 19.78 -8.58 -31.18
N ASP B 14 18.90 -9.44 -30.65
CA ASP B 14 19.33 -10.57 -29.85
C ASP B 14 18.79 -11.88 -30.42
N LYS B 15 19.32 -12.98 -29.90
CA LYS B 15 19.05 -14.32 -30.40
C LYS B 15 17.75 -14.92 -29.87
N VAL B 16 16.87 -14.13 -29.28
CA VAL B 16 15.64 -14.66 -28.67
C VAL B 16 14.48 -14.31 -29.60
N PHE B 17 13.61 -15.29 -29.83
CA PHE B 17 12.48 -15.09 -30.73
C PHE B 17 11.38 -14.28 -30.05
N ARG B 18 10.74 -13.42 -30.83
CA ARG B 18 9.59 -12.65 -30.37
C ARG B 18 8.64 -12.44 -31.53
N SER B 19 7.33 -12.60 -31.26
CA SER B 19 6.31 -12.45 -32.28
C SER B 19 5.13 -11.69 -31.72
N SER B 20 4.66 -10.70 -32.49
CA SER B 20 3.51 -9.88 -32.12
C SER B 20 3.70 -9.23 -30.75
N VAL B 21 4.84 -8.58 -30.58
CA VAL B 21 5.16 -7.86 -29.35
C VAL B 21 5.81 -6.54 -29.71
N LEU B 22 5.46 -5.49 -28.97
CA LEU B 22 6.02 -4.15 -29.19
C LEU B 22 7.23 -3.93 -28.28
N HIS B 23 8.22 -4.80 -28.45
CA HIS B 23 9.35 -4.81 -27.52
C HIS B 23 10.18 -3.54 -27.64
N SER B 24 10.78 -3.13 -26.53
CA SER B 24 11.68 -2.00 -26.47
C SER B 24 13.08 -2.47 -26.09
N THR B 25 14.07 -2.09 -26.90
CA THR B 25 15.44 -2.55 -26.72
C THR B 25 16.36 -1.33 -26.65
N GLN B 26 17.23 -1.29 -25.65
CA GLN B 26 18.16 -0.17 -25.47
C GLN B 26 19.52 -0.57 -26.03
N ASP B 27 19.74 -0.21 -27.30
CA ASP B 27 20.99 -0.50 -27.97
C ASP B 27 21.30 0.61 -28.95
N LEU B 28 22.45 0.51 -29.62
CA LEU B 28 22.91 1.49 -30.59
C LEU B 28 22.43 1.07 -31.97
N PHE B 29 21.62 1.92 -32.60
CA PHE B 29 21.08 1.67 -33.92
C PHE B 29 21.53 2.76 -34.87
N LEU B 30 21.09 2.68 -36.12
CA LEU B 30 21.29 3.77 -37.06
C LEU B 30 20.20 4.81 -36.87
N PRO B 31 20.55 6.08 -36.68
CA PRO B 31 19.51 7.11 -36.54
C PRO B 31 18.68 7.23 -37.81
N PHE B 32 17.40 7.51 -37.65
CA PHE B 32 16.63 8.05 -38.75
C PHE B 32 16.99 9.50 -38.96
N PHE B 33 16.87 9.96 -40.19
CA PHE B 33 17.09 11.37 -40.54
C PHE B 33 18.50 11.80 -40.14
N SER B 34 19.47 11.07 -40.67
CA SER B 34 20.87 11.28 -40.34
C SER B 34 21.68 11.43 -41.62
N ASN B 35 22.96 11.75 -41.45
CA ASN B 35 23.84 12.08 -42.57
C ASN B 35 24.73 10.89 -42.90
N VAL B 36 24.37 10.17 -43.97
CA VAL B 36 25.31 9.27 -44.62
C VAL B 36 26.25 10.05 -45.52
N THR B 37 27.51 9.64 -45.54
CA THR B 37 28.53 10.27 -46.39
C THR B 37 28.67 9.43 -47.66
N TRP B 38 27.75 9.64 -48.59
CA TRP B 38 27.85 8.99 -49.89
C TRP B 38 29.18 9.35 -50.54
N PHE B 39 29.94 8.32 -50.92
CA PHE B 39 31.24 8.47 -51.56
C PHE B 39 31.22 7.87 -52.95
N HIS B 40 31.31 8.73 -53.95
CA HIS B 40 31.55 8.33 -55.33
C HIS B 40 32.56 9.32 -55.90
N ALA B 41 33.84 9.01 -55.72
CA ALA B 41 34.91 9.95 -56.02
C ALA B 41 35.84 9.47 -57.12
N ILE B 42 35.70 8.23 -57.59
CA ILE B 42 36.57 7.74 -58.65
C ILE B 42 36.27 8.49 -59.93
N HIS B 43 37.33 8.93 -60.61
CA HIS B 43 37.17 9.67 -61.87
C HIS B 43 36.71 8.77 -63.00
N VAL B 57 41.86 8.39 -41.99
CA VAL B 57 41.52 7.35 -41.02
C VAL B 57 41.28 7.97 -39.65
N GLY B 63 31.50 2.87 -30.70
CA GLY B 63 30.69 2.16 -31.68
C GLY B 63 30.64 2.88 -33.02
N VAL B 64 30.82 2.12 -34.10
CA VAL B 64 30.78 2.65 -35.46
C VAL B 64 29.92 1.71 -36.29
N TYR B 65 29.46 2.21 -37.44
CA TYR B 65 28.62 1.45 -38.36
C TYR B 65 29.31 1.40 -39.71
N PHE B 66 28.81 0.52 -40.58
CA PHE B 66 29.34 0.38 -41.92
C PHE B 66 28.27 -0.30 -42.77
N ALA B 67 28.17 0.13 -44.03
CA ALA B 67 27.22 -0.48 -44.96
C ALA B 67 27.63 -0.23 -46.41
N SER B 68 28.22 -1.23 -47.04
CA SER B 68 28.54 -1.17 -48.46
C SER B 68 28.99 -2.54 -48.96
N SER B 72 30.59 -3.68 -56.60
CA SER B 72 31.24 -4.87 -57.12
C SER B 72 32.15 -5.50 -56.08
N ASN B 73 31.95 -5.09 -54.82
CA ASN B 73 32.73 -5.60 -53.69
C ASN B 73 34.23 -5.35 -53.90
N ILE B 74 34.59 -4.08 -53.88
CA ILE B 74 35.99 -3.67 -54.00
C ILE B 74 36.64 -3.49 -52.64
N ILE B 75 35.92 -2.91 -51.66
CA ILE B 75 36.49 -2.74 -50.33
C ILE B 75 36.36 -4.04 -49.55
N ARG B 76 37.47 -4.49 -48.96
CA ARG B 76 37.49 -5.77 -48.25
C ARG B 76 37.60 -5.56 -46.74
N GLY B 77 38.66 -4.92 -46.27
CA GLY B 77 38.98 -4.91 -44.86
C GLY B 77 39.38 -3.54 -44.38
N TRP B 78 40.00 -3.48 -43.20
CA TRP B 78 40.06 -2.25 -42.45
C TRP B 78 40.94 -2.48 -41.22
N ILE B 79 41.62 -1.41 -40.81
CA ILE B 79 42.74 -1.49 -39.87
C ILE B 79 42.56 -0.46 -38.76
N PHE B 80 42.89 -0.87 -37.54
CA PHE B 80 42.85 0.02 -36.39
C PHE B 80 43.83 -0.34 -35.29
N GLY B 81 44.02 0.63 -34.42
CA GLY B 81 44.84 0.51 -33.24
C GLY B 81 44.76 1.82 -32.48
N THR B 82 45.42 1.83 -31.32
CA THR B 82 45.40 3.08 -30.56
C THR B 82 46.33 4.13 -31.16
N THR B 83 47.47 3.70 -31.70
CA THR B 83 48.42 4.62 -32.32
C THR B 83 48.88 4.20 -33.70
N LEU B 84 48.87 2.90 -34.04
CA LEU B 84 49.24 2.41 -35.36
C LEU B 84 50.64 2.87 -35.77
N ASP B 85 51.64 2.42 -35.00
CA ASP B 85 53.04 2.64 -35.34
C ASP B 85 53.86 1.39 -35.02
N SER B 86 53.18 0.25 -34.88
CA SER B 86 53.80 -1.05 -34.60
C SER B 86 54.50 -1.09 -33.25
N LYS B 87 54.46 0.02 -32.49
CA LYS B 87 54.92 -0.02 -31.11
C LYS B 87 53.90 -0.68 -30.20
N THR B 88 52.62 -0.47 -30.47
CA THR B 88 51.52 -1.09 -29.75
C THR B 88 50.76 -2.04 -30.69
N GLN B 89 49.67 -2.58 -30.18
CA GLN B 89 48.94 -3.60 -30.93
C GLN B 89 48.15 -2.97 -32.06
N SER B 90 48.32 -3.49 -33.27
CA SER B 90 47.53 -3.12 -34.43
C SER B 90 46.45 -4.17 -34.65
N LEU B 91 45.62 -3.97 -35.67
CA LEU B 91 44.54 -4.91 -35.96
C LEU B 91 44.13 -4.77 -37.41
N LEU B 92 44.16 -5.89 -38.13
CA LEU B 92 43.82 -5.95 -39.55
C LEU B 92 42.70 -6.98 -39.71
N ILE B 93 41.58 -6.55 -40.30
CA ILE B 93 40.48 -7.45 -40.65
C ILE B 93 40.25 -7.35 -42.14
N VAL B 94 40.25 -8.48 -42.85
CA VAL B 94 40.02 -8.46 -44.29
C VAL B 94 39.05 -9.57 -44.65
N ASN B 95 38.15 -9.25 -45.57
CA ASN B 95 37.16 -10.18 -46.08
C ASN B 95 37.58 -10.63 -47.49
N ASN B 96 36.83 -11.56 -48.05
CA ASN B 96 37.15 -12.09 -49.37
C ASN B 96 35.82 -12.50 -49.98
N ALA B 97 35.88 -13.31 -51.04
CA ALA B 97 34.64 -13.81 -51.63
C ALA B 97 33.80 -14.55 -50.61
N THR B 98 34.39 -15.54 -49.93
CA THR B 98 33.73 -16.19 -48.80
C THR B 98 34.74 -16.49 -47.69
N ASN B 99 35.76 -15.65 -47.56
CA ASN B 99 36.87 -15.93 -46.66
C ASN B 99 37.28 -14.65 -45.95
N VAL B 100 37.91 -14.79 -44.79
CA VAL B 100 38.40 -13.65 -44.03
C VAL B 100 39.76 -14.01 -43.46
N VAL B 101 40.57 -12.98 -43.19
CA VAL B 101 41.84 -13.11 -42.48
C VAL B 101 41.93 -11.95 -41.49
N ILE B 102 42.22 -12.27 -40.23
CA ILE B 102 42.32 -11.25 -39.19
C ILE B 102 43.62 -11.49 -38.43
N LYS B 103 44.44 -10.44 -38.34
CA LYS B 103 45.72 -10.50 -37.64
C LYS B 103 46.02 -9.18 -36.94
N VAL B 104 47.27 -9.07 -36.49
CA VAL B 104 47.78 -7.87 -35.82
C VAL B 104 48.76 -7.19 -36.77
N CYS B 105 48.83 -7.69 -38.00
CA CYS B 105 49.69 -7.07 -39.01
C CYS B 105 48.96 -6.98 -40.35
N PHE B 107 50.18 -6.96 -43.75
CA PHE B 107 51.22 -5.99 -44.07
C PHE B 107 52.02 -5.62 -42.82
N THR B 141 49.36 -11.64 -32.77
CA THR B 141 49.07 -12.59 -31.70
C THR B 141 47.68 -13.19 -31.86
N PHE B 142 47.20 -13.26 -33.09
CA PHE B 142 45.88 -13.80 -33.37
C PHE B 142 45.78 -14.00 -34.88
N GLU B 143 45.22 -15.15 -35.27
CA GLU B 143 45.32 -15.60 -36.65
C GLU B 143 43.97 -16.07 -37.18
N TYR B 144 42.93 -15.24 -37.04
CA TYR B 144 41.58 -15.67 -37.37
C TYR B 144 41.46 -15.95 -38.86
N VAL B 145 41.10 -17.18 -39.21
CA VAL B 145 40.86 -17.59 -40.58
C VAL B 145 39.56 -18.38 -40.61
N SER B 146 38.71 -18.08 -41.60
CA SER B 146 37.42 -18.72 -41.74
C SER B 146 37.31 -19.32 -43.14
N GLN B 147 36.09 -19.74 -43.49
CA GLN B 147 35.80 -20.36 -44.78
C GLN B 147 36.35 -19.55 -45.95
N LYS B 161 23.75 1.78 -55.22
CA LYS B 161 23.60 0.52 -55.94
C LYS B 161 23.21 -0.61 -55.00
N ASN B 162 24.21 -1.26 -54.41
CA ASN B 162 23.99 -2.44 -53.59
C ASN B 162 24.61 -2.23 -52.22
N LEU B 163 23.94 -2.76 -51.20
CA LEU B 163 24.33 -2.57 -49.79
C LEU B 163 24.54 -3.94 -49.13
N ARG B 164 25.78 -4.41 -49.15
CA ARG B 164 26.18 -5.55 -48.34
C ARG B 164 26.86 -5.03 -47.08
N GLU B 165 26.12 -5.01 -45.98
CA GLU B 165 26.52 -4.34 -44.76
C GLU B 165 27.60 -5.13 -44.04
N PHE B 166 28.67 -4.45 -43.64
CA PHE B 166 29.72 -5.01 -42.80
C PHE B 166 29.64 -4.27 -41.48
N VAL B 167 28.72 -4.67 -40.61
CA VAL B 167 28.28 -3.82 -39.51
C VAL B 167 29.12 -4.14 -38.28
N PHE B 168 29.71 -3.12 -37.66
CA PHE B 168 30.35 -3.31 -36.37
C PHE B 168 29.28 -3.63 -35.33
N PHE B 175 35.36 -6.65 -28.89
CA PHE B 175 35.19 -6.09 -30.24
C PHE B 175 33.95 -6.71 -30.88
N LYS B 176 33.01 -5.84 -31.25
CA LYS B 176 31.66 -6.26 -31.64
C LYS B 176 31.42 -5.90 -33.10
N ILE B 177 31.54 -6.90 -33.97
CA ILE B 177 31.07 -6.77 -35.35
C ILE B 177 29.75 -7.53 -35.49
N TYR B 178 28.99 -7.15 -36.51
CA TYR B 178 27.69 -7.73 -36.79
C TYR B 178 27.76 -8.40 -38.16
N SER B 179 26.59 -8.76 -38.68
CA SER B 179 26.47 -9.57 -39.88
C SER B 179 25.13 -9.26 -40.53
N LYS B 180 24.67 -10.18 -41.39
CA LYS B 180 23.34 -10.09 -41.99
C LYS B 180 23.18 -8.87 -42.87
N HIS B 181 23.89 -8.84 -44.00
CA HIS B 181 23.53 -7.87 -45.02
C HIS B 181 22.22 -8.30 -45.68
N THR B 182 21.61 -7.40 -46.44
CA THR B 182 20.36 -7.72 -47.12
C THR B 182 20.15 -6.75 -48.27
N PRO B 183 19.53 -7.18 -49.38
CA PRO B 183 19.32 -6.29 -50.53
C PRO B 183 18.23 -5.25 -50.28
N ASP B 189 18.60 7.54 -54.00
CA ASP B 189 19.30 7.35 -52.74
C ASP B 189 18.76 6.11 -52.03
N LEU B 190 17.96 6.32 -50.99
CA LEU B 190 17.34 5.23 -50.25
C LEU B 190 15.83 5.41 -50.14
N PRO B 191 15.05 4.43 -50.57
CA PRO B 191 13.59 4.53 -50.43
C PRO B 191 13.12 4.17 -49.03
N GLN B 192 11.81 4.10 -48.84
CA GLN B 192 11.20 3.75 -47.56
C GLN B 192 10.82 2.28 -47.58
N GLY B 193 11.71 1.41 -47.10
CA GLY B 193 11.47 -0.01 -47.13
C GLY B 193 11.54 -0.71 -45.78
N PHE B 194 12.31 -0.14 -44.85
CA PHE B 194 12.43 -0.67 -43.50
C PHE B 194 12.93 -2.11 -43.45
N SER B 195 14.19 -2.32 -43.85
CA SER B 195 14.81 -3.64 -43.74
C SER B 195 15.18 -3.87 -42.29
N ALA B 196 15.51 -5.13 -41.97
CA ALA B 196 15.94 -5.50 -40.64
C ALA B 196 17.21 -6.34 -40.75
N LEU B 197 18.27 -5.90 -40.08
CA LEU B 197 19.55 -6.58 -40.11
C LEU B 197 19.72 -7.47 -38.88
N GLU B 198 20.94 -8.00 -38.70
CA GLU B 198 21.36 -8.52 -37.40
C GLU B 198 22.47 -7.65 -36.86
N VAL B 201 29.74 -12.78 -36.35
CA VAL B 201 30.43 -13.51 -35.31
C VAL B 201 31.09 -12.54 -34.33
N ASP B 202 30.94 -12.82 -33.04
CA ASP B 202 31.64 -12.05 -32.01
C ASP B 202 33.12 -12.39 -32.06
N LEU B 203 33.93 -11.44 -32.49
CA LEU B 203 35.36 -11.67 -32.69
C LEU B 203 36.14 -11.11 -31.51
N PRO B 204 36.81 -11.94 -30.72
CA PRO B 204 37.55 -11.42 -29.57
C PRO B 204 38.83 -10.72 -30.01
N ILE B 205 39.21 -9.68 -29.26
CA ILE B 205 40.51 -9.05 -29.46
C ILE B 205 41.25 -8.98 -28.12
N GLY B 206 40.59 -8.45 -27.09
CA GLY B 206 41.22 -8.25 -25.80
C GLY B 206 42.13 -7.06 -25.71
N ILE B 207 42.21 -6.24 -26.76
CA ILE B 207 43.15 -5.13 -26.81
C ILE B 207 42.41 -3.81 -26.91
N ASN B 208 43.15 -2.71 -26.99
CA ASN B 208 42.58 -1.37 -27.10
C ASN B 208 42.52 -0.94 -28.55
N ILE B 209 41.48 -0.20 -28.90
CA ILE B 209 41.36 0.37 -30.24
C ILE B 209 41.03 1.85 -30.13
N ALA B 238 25.72 0.99 -53.27
CA ALA B 238 26.98 1.39 -53.87
C ALA B 238 28.08 1.43 -52.82
N TYR B 239 28.43 2.63 -52.38
CA TYR B 239 29.35 2.81 -51.27
C TYR B 239 28.67 3.78 -50.31
N TYR B 240 28.13 3.25 -49.23
CA TYR B 240 27.49 4.05 -48.20
C TYR B 240 28.22 3.86 -46.87
N VAL B 241 27.85 4.67 -45.88
CA VAL B 241 28.51 4.67 -44.58
C VAL B 241 27.41 4.86 -43.55
N GLY B 242 27.72 4.75 -42.27
CA GLY B 242 26.77 5.09 -41.23
C GLY B 242 27.45 5.05 -39.88
N TYR B 243 26.67 5.43 -38.86
CA TYR B 243 27.19 5.51 -37.50
C TYR B 243 26.10 5.08 -36.52
N LEU B 244 26.52 4.75 -35.30
CA LEU B 244 25.64 4.26 -34.26
C LEU B 244 25.95 4.99 -32.96
N GLN B 245 24.93 5.44 -32.26
CA GLN B 245 25.06 6.02 -30.94
C GLN B 245 23.92 5.52 -30.06
N PRO B 246 24.10 5.54 -28.73
CA PRO B 246 23.11 4.88 -27.86
C PRO B 246 21.77 5.61 -27.84
N ARG B 247 20.77 5.06 -28.50
CA ARG B 247 19.47 5.71 -28.67
C ARG B 247 18.39 4.64 -28.64
N THR B 248 17.40 4.79 -27.75
CA THR B 248 16.42 3.73 -27.54
C THR B 248 15.58 3.51 -28.78
N PHE B 249 15.13 2.27 -28.97
CA PHE B 249 14.27 1.90 -30.09
C PHE B 249 13.21 0.93 -29.60
N LEU B 250 11.95 1.20 -29.94
CA LEU B 250 10.82 0.32 -29.64
C LEU B 250 10.48 -0.44 -30.91
N LEU B 251 10.84 -1.72 -30.95
CA LEU B 251 10.61 -2.55 -32.13
C LEU B 251 9.23 -3.16 -32.11
N LYS B 252 8.63 -3.31 -33.30
CA LYS B 252 7.33 -3.92 -33.47
C LYS B 252 7.50 -5.27 -34.15
N TYR B 253 7.75 -6.30 -33.35
CA TYR B 253 7.79 -7.66 -33.87
C TYR B 253 6.44 -8.03 -34.44
N ASN B 254 6.44 -8.61 -35.65
CA ASN B 254 5.19 -8.98 -36.31
C ASN B 254 4.68 -10.30 -35.78
N GLU B 255 3.71 -10.88 -36.48
CA GLU B 255 3.17 -12.19 -36.14
C GLU B 255 4.05 -13.35 -36.58
N ASN B 256 5.07 -13.09 -37.41
CA ASN B 256 5.98 -14.14 -37.86
C ASN B 256 7.41 -13.94 -37.40
N GLY B 257 7.71 -12.86 -36.66
CA GLY B 257 9.04 -12.59 -36.18
C GLY B 257 9.79 -11.54 -36.98
N THR B 258 9.16 -10.92 -37.98
CA THR B 258 9.83 -9.90 -38.78
C THR B 258 9.58 -8.53 -38.19
N ILE B 259 10.63 -7.73 -38.07
CA ILE B 259 10.49 -6.36 -37.59
C ILE B 259 9.80 -5.54 -38.68
N THR B 260 8.52 -5.27 -38.49
CA THR B 260 7.76 -4.52 -39.49
C THR B 260 7.78 -3.03 -39.22
N ASP B 261 7.89 -2.62 -37.96
CA ASP B 261 7.90 -1.22 -37.60
C ASP B 261 8.81 -1.00 -36.39
N ALA B 262 9.37 0.21 -36.33
CA ALA B 262 10.13 0.64 -35.17
C ALA B 262 10.07 2.15 -35.11
N VAL B 263 10.27 2.69 -33.91
CA VAL B 263 10.19 4.12 -33.69
C VAL B 263 11.48 4.57 -33.03
N ASP B 264 12.09 5.62 -33.58
CA ASP B 264 13.15 6.31 -32.89
C ASP B 264 12.59 6.89 -31.60
N CYS B 265 13.41 6.97 -30.56
CA CYS B 265 12.89 7.39 -29.27
C CYS B 265 13.44 8.73 -28.83
N ALA B 266 14.12 9.45 -29.72
CA ALA B 266 14.60 10.79 -29.40
C ALA B 266 14.46 11.71 -30.61
N LEU B 267 13.80 11.22 -31.67
CA LEU B 267 13.72 11.96 -32.91
C LEU B 267 12.80 13.17 -32.79
N ASP B 268 11.53 12.94 -32.48
CA ASP B 268 10.52 13.98 -32.43
C ASP B 268 9.72 13.87 -31.14
N PRO B 269 9.06 14.96 -30.72
CA PRO B 269 8.21 14.86 -29.52
C PRO B 269 7.17 13.76 -29.62
N LEU B 270 6.59 13.57 -30.81
CA LEU B 270 5.72 12.45 -31.04
C LEU B 270 6.41 11.13 -30.69
N SER B 271 7.71 11.03 -31.00
CA SER B 271 8.44 9.81 -30.70
C SER B 271 8.55 9.58 -29.20
N GLU B 272 8.85 10.64 -28.44
CA GLU B 272 8.93 10.48 -26.99
C GLU B 272 7.58 10.10 -26.39
N THR B 273 6.50 10.70 -26.88
CA THR B 273 5.18 10.31 -26.38
C THR B 273 4.87 8.86 -26.73
N LYS B 274 5.25 8.42 -27.94
CA LYS B 274 5.02 7.05 -28.33
C LYS B 274 5.80 6.08 -27.45
N CYS B 275 7.05 6.43 -27.14
CA CYS B 275 7.82 5.61 -26.20
C CYS B 275 7.16 5.56 -24.84
N THR B 276 6.67 6.71 -24.36
CA THR B 276 6.07 6.76 -23.02
C THR B 276 4.86 5.84 -22.93
N LEU B 277 4.04 5.82 -23.98
CA LEU B 277 2.82 5.02 -23.98
C LEU B 277 3.02 3.63 -24.58
N LYS B 278 4.21 3.33 -25.07
CA LYS B 278 4.49 2.07 -25.76
C LYS B 278 3.42 1.78 -26.81
N SER B 279 3.06 2.81 -27.56
CA SER B 279 2.01 2.70 -28.55
C SER B 279 2.40 3.47 -29.80
N PHE B 280 1.80 3.07 -30.91
CA PHE B 280 2.02 3.74 -32.19
C PHE B 280 0.99 4.79 -32.50
N THR B 281 -0.11 4.85 -31.75
CA THR B 281 -1.20 5.80 -32.00
C THR B 281 -1.47 6.55 -30.70
N VAL B 282 -1.10 7.83 -30.68
CA VAL B 282 -1.35 8.69 -29.53
C VAL B 282 -2.58 9.54 -29.83
N GLU B 283 -3.50 9.59 -28.88
CA GLU B 283 -4.76 10.28 -29.09
C GLU B 283 -4.64 11.76 -28.74
N LYS B 284 -5.69 12.52 -29.04
CA LYS B 284 -5.73 13.93 -28.77
C LYS B 284 -5.50 14.20 -27.28
N GLY B 285 -4.66 15.16 -26.97
CA GLY B 285 -4.52 15.58 -25.59
C GLY B 285 -3.12 16.05 -25.27
N ILE B 286 -2.86 16.12 -23.98
CA ILE B 286 -1.57 16.53 -23.45
C ILE B 286 -0.98 15.36 -22.68
N TYR B 287 0.32 15.11 -22.88
CA TYR B 287 1.03 14.05 -22.19
C TYR B 287 2.23 14.62 -21.46
N GLN B 288 2.46 14.12 -20.26
CA GLN B 288 3.51 14.62 -19.37
C GLN B 288 4.76 13.74 -19.45
N THR B 289 5.53 13.96 -20.52
CA THR B 289 6.84 13.33 -20.65
C THR B 289 7.83 14.01 -19.71
N SER B 290 8.86 13.29 -19.29
CA SER B 290 9.84 13.85 -18.36
C SER B 290 10.96 14.56 -19.12
N ASN B 291 11.69 15.43 -18.43
CA ASN B 291 12.84 16.12 -18.99
C ASN B 291 14.15 15.44 -18.58
N THR B 297 28.34 20.53 -19.41
CA THR B 297 28.85 20.26 -18.08
C THR B 297 30.32 19.83 -18.14
N GLU B 298 31.04 20.02 -17.04
CA GLU B 298 32.45 19.67 -16.96
C GLU B 298 32.73 19.10 -15.57
N SER B 299 34.01 18.95 -15.23
CA SER B 299 34.43 18.33 -13.98
C SER B 299 35.32 19.26 -13.19
N ILE B 300 35.10 19.31 -11.88
CA ILE B 300 35.95 20.05 -10.95
C ILE B 300 36.46 19.08 -9.90
N VAL B 301 37.76 19.14 -9.62
CA VAL B 301 38.38 18.39 -8.54
C VAL B 301 39.11 19.40 -7.65
N ARG B 302 38.81 19.37 -6.35
CA ARG B 302 39.45 20.26 -5.39
C ARG B 302 39.88 19.45 -4.17
N PHE B 303 41.17 19.30 -3.99
CA PHE B 303 41.72 18.67 -2.82
C PHE B 303 42.58 19.65 -2.04
N PRO B 304 42.74 19.45 -0.73
CA PRO B 304 43.46 20.42 0.09
C PRO B 304 44.90 20.61 -0.34
N ASN B 305 45.53 21.64 0.23
CA ASN B 305 46.90 22.01 -0.10
C ASN B 305 47.93 21.20 0.65
N ILE B 306 47.85 19.87 0.59
CA ILE B 306 48.87 19.04 1.20
C ILE B 306 49.91 18.68 0.17
N THR B 307 51.19 18.84 0.54
CA THR B 307 52.29 18.65 -0.39
C THR B 307 53.20 17.48 -0.05
N ASN B 308 53.22 17.02 1.20
CA ASN B 308 54.18 16.03 1.64
C ASN B 308 53.55 14.66 1.77
N LEU B 309 54.37 13.62 1.57
CA LEU B 309 53.92 12.25 1.73
C LEU B 309 53.80 11.88 3.20
N CYS B 310 53.55 10.60 3.48
CA CYS B 310 53.38 10.11 4.84
C CYS B 310 54.51 9.15 5.17
N PRO B 311 54.78 8.89 6.44
CA PRO B 311 55.95 8.06 6.79
C PRO B 311 55.80 6.60 6.41
N PHE B 312 55.59 6.32 5.12
CA PHE B 312 55.53 4.93 4.68
C PHE B 312 56.75 4.16 5.15
N GLY B 313 57.93 4.70 4.87
CA GLY B 313 59.18 4.06 5.27
C GLY B 313 59.54 4.33 6.70
N GLU B 314 58.53 4.56 7.55
CA GLU B 314 58.79 4.71 8.97
C GLU B 314 57.84 3.83 9.76
N VAL B 315 56.64 3.59 9.23
CA VAL B 315 55.67 2.76 9.93
C VAL B 315 55.59 1.35 9.37
N PHE B 316 56.07 1.12 8.15
CA PHE B 316 56.00 -0.20 7.54
C PHE B 316 57.30 -0.99 7.60
N ASN B 317 58.45 -0.33 7.76
CA ASN B 317 59.71 -1.08 7.78
C ASN B 317 60.53 -0.74 9.03
N ALA B 318 59.87 -0.37 10.12
CA ALA B 318 60.59 -0.16 11.37
C ALA B 318 61.26 -1.44 11.80
N THR B 319 62.50 -1.31 12.28
CA THR B 319 63.28 -2.50 12.59
C THR B 319 62.65 -3.32 13.71
N ARG B 320 61.88 -2.70 14.59
CA ARG B 320 61.21 -3.40 15.69
C ARG B 320 59.78 -2.89 15.82
N PHE B 321 58.83 -3.81 15.97
CA PHE B 321 57.48 -3.49 16.40
C PHE B 321 57.22 -3.92 17.84
N ALA B 322 56.24 -3.26 18.44
CA ALA B 322 55.87 -3.52 19.82
C ALA B 322 55.17 -4.86 19.94
N SER B 323 55.16 -5.38 21.17
CA SER B 323 54.41 -6.58 21.47
C SER B 323 52.92 -6.33 21.35
N VAL B 324 52.16 -7.41 21.20
CA VAL B 324 50.73 -7.26 20.91
C VAL B 324 50.02 -6.57 22.07
N TYR B 325 50.25 -7.04 23.30
CA TYR B 325 49.51 -6.53 24.44
C TYR B 325 49.75 -5.05 24.68
N ALA B 326 50.83 -4.50 24.13
CA ALA B 326 51.17 -3.08 24.27
C ALA B 326 51.34 -2.47 22.89
N TRP B 327 50.36 -2.74 22.03
CA TRP B 327 50.43 -2.30 20.63
C TRP B 327 50.56 -0.80 20.54
N ASN B 328 51.54 -0.35 19.74
CA ASN B 328 51.84 1.05 19.58
C ASN B 328 50.69 1.73 18.85
N ARG B 329 50.75 3.07 18.79
CA ARG B 329 49.69 3.84 18.16
C ARG B 329 50.29 5.16 17.69
N LYS B 330 49.83 5.62 16.51
CA LYS B 330 50.46 6.77 15.88
C LYS B 330 49.45 7.47 14.99
N ARG B 331 49.27 8.77 15.23
CA ARG B 331 48.42 9.59 14.38
C ARG B 331 49.20 10.04 13.15
N ILE B 332 48.53 10.14 12.02
CA ILE B 332 49.08 10.70 10.79
C ILE B 332 48.26 11.91 10.41
N SER B 333 48.92 12.96 9.92
CA SER B 333 48.23 14.19 9.59
C SER B 333 48.96 14.92 8.46
N ASN B 334 48.17 15.56 7.58
CA ASN B 334 48.68 16.38 6.49
C ASN B 334 49.65 15.59 5.59
N CYS B 335 49.08 14.58 4.94
CA CYS B 335 49.82 13.76 4.00
C CYS B 335 48.99 13.50 2.76
N VAL B 336 49.64 13.50 1.60
CA VAL B 336 48.99 13.05 0.37
C VAL B 336 49.51 11.65 0.06
N ALA B 337 48.79 10.65 0.55
CA ALA B 337 49.33 9.29 0.58
C ALA B 337 49.13 8.56 -0.74
N ASP B 338 50.20 8.43 -1.52
CA ASP B 338 50.18 7.69 -2.78
C ASP B 338 50.74 6.31 -2.51
N TYR B 339 49.87 5.35 -2.21
CA TYR B 339 50.32 4.03 -1.81
C TYR B 339 50.88 3.22 -2.97
N SER B 340 50.78 3.72 -4.21
CA SER B 340 51.39 3.02 -5.33
C SER B 340 52.89 2.85 -5.13
N VAL B 341 53.54 3.83 -4.52
CA VAL B 341 54.97 3.73 -4.24
C VAL B 341 55.29 2.65 -3.22
N LEU B 342 54.27 1.97 -2.69
CA LEU B 342 54.50 1.00 -1.63
C LEU B 342 54.68 -0.41 -2.17
N TYR B 343 53.90 -0.81 -3.18
CA TYR B 343 54.08 -2.14 -3.75
C TYR B 343 55.18 -2.09 -4.80
N ASN B 344 56.39 -1.81 -4.32
CA ASN B 344 57.62 -2.00 -5.06
C ASN B 344 58.60 -2.73 -4.15
N SER B 345 58.39 -2.60 -2.83
CA SER B 345 59.36 -3.06 -1.87
C SER B 345 58.80 -4.26 -1.13
N ALA B 346 57.61 -4.16 -0.53
CA ALA B 346 57.12 -5.24 0.30
C ALA B 346 56.02 -6.04 -0.41
N SER B 347 55.70 -7.19 0.16
CA SER B 347 54.72 -8.12 -0.41
C SER B 347 53.68 -8.42 0.66
N PHE B 348 52.51 -7.81 0.53
CA PHE B 348 51.51 -7.85 1.58
C PHE B 348 50.69 -9.13 1.50
N SER B 349 50.65 -9.87 2.60
CA SER B 349 49.95 -11.14 2.65
C SER B 349 48.49 -11.01 3.04
N THR B 350 48.02 -9.80 3.33
CA THR B 350 46.62 -9.60 3.67
C THR B 350 46.29 -8.12 3.64
N PHE B 351 45.18 -7.78 2.99
CA PHE B 351 44.73 -6.40 2.90
C PHE B 351 43.23 -6.37 2.63
N LYS B 352 42.43 -6.10 3.66
CA LYS B 352 40.98 -6.14 3.51
C LYS B 352 40.38 -4.91 4.20
N CYS B 353 40.00 -3.93 3.41
CA CYS B 353 39.41 -2.71 3.94
C CYS B 353 37.97 -2.96 4.33
N TYR B 354 37.53 -2.35 5.44
CA TYR B 354 36.24 -2.71 6.00
C TYR B 354 35.21 -1.59 6.01
N GLY B 355 35.57 -0.43 5.49
CA GLY B 355 34.60 0.64 5.43
C GLY B 355 34.40 1.14 4.01
N VAL B 356 35.44 1.01 3.20
CA VAL B 356 35.47 1.57 1.88
C VAL B 356 36.07 0.55 0.92
N SER B 357 35.54 0.51 -0.31
CA SER B 357 36.04 -0.42 -1.30
C SER B 357 37.49 -0.08 -1.65
N PRO B 358 38.35 -1.08 -1.77
CA PRO B 358 39.79 -0.81 -1.92
C PRO B 358 40.15 0.03 -3.13
N THR B 359 39.40 -0.09 -4.22
CA THR B 359 39.76 0.61 -5.45
C THR B 359 39.71 2.11 -5.28
N LYS B 360 38.79 2.61 -4.46
CA LYS B 360 38.54 4.04 -4.34
C LYS B 360 39.39 4.70 -3.26
N LEU B 361 40.42 4.02 -2.77
CA LEU B 361 41.22 4.53 -1.65
C LEU B 361 42.05 5.75 -2.01
N ASN B 362 42.17 6.08 -3.28
CA ASN B 362 42.95 7.25 -3.70
C ASN B 362 42.06 8.39 -4.18
N ASP B 363 40.78 8.38 -3.82
CA ASP B 363 39.87 9.42 -4.26
C ASP B 363 39.23 10.20 -3.12
N LEU B 364 39.43 9.83 -1.87
CA LEU B 364 38.75 10.45 -0.76
C LEU B 364 39.74 11.17 0.14
N CYS B 365 39.22 11.72 1.23
CA CYS B 365 40.02 12.32 2.28
C CYS B 365 39.59 11.78 3.63
N PHE B 366 40.58 11.53 4.48
CA PHE B 366 40.39 10.75 5.69
C PHE B 366 40.58 11.58 6.95
N THR B 367 39.51 11.96 7.63
CA THR B 367 39.53 12.97 8.69
C THR B 367 40.61 12.73 9.73
N ASN B 368 40.54 11.61 10.44
CA ASN B 368 41.63 11.20 11.32
C ASN B 368 42.07 9.80 10.95
N VAL B 369 43.37 9.53 11.12
CA VAL B 369 43.91 8.23 10.76
C VAL B 369 44.87 7.79 11.86
N TYR B 370 44.83 6.49 12.18
CA TYR B 370 45.69 5.93 13.20
C TYR B 370 46.41 4.73 12.61
N ALA B 371 47.54 4.38 13.20
CA ALA B 371 48.37 3.31 12.67
C ALA B 371 48.77 2.37 13.81
N ASP B 372 47.92 1.40 14.11
CA ASP B 372 48.22 0.46 15.16
C ASP B 372 49.13 -0.64 14.62
N SER B 373 50.19 -0.96 15.36
CA SER B 373 51.17 -1.91 14.86
C SER B 373 51.52 -2.93 15.93
N PHE B 374 51.67 -4.19 15.52
CA PHE B 374 52.09 -5.23 16.45
C PHE B 374 52.51 -6.47 15.66
N VAL B 375 52.84 -7.53 16.39
CA VAL B 375 53.39 -8.74 15.79
C VAL B 375 52.70 -9.95 16.39
N ILE B 376 51.81 -10.58 15.61
CA ILE B 376 51.13 -11.80 16.04
C ILE B 376 51.66 -12.99 15.25
N ARG B 377 51.30 -14.20 15.66
CA ARG B 377 51.73 -15.39 14.95
C ARG B 377 50.92 -15.54 13.66
N GLY B 378 51.35 -16.45 12.79
CA GLY B 378 50.71 -16.59 11.51
C GLY B 378 49.29 -17.11 11.59
N ASP B 379 49.03 -18.03 12.53
CA ASP B 379 47.74 -18.66 12.70
C ASP B 379 46.79 -17.81 13.53
N GLU B 380 47.07 -16.52 13.68
CA GLU B 380 46.18 -15.62 14.39
C GLU B 380 45.77 -14.41 13.58
N VAL B 381 46.39 -14.18 12.42
CA VAL B 381 46.11 -12.98 11.64
C VAL B 381 44.66 -12.89 11.22
N ARG B 382 43.96 -14.01 11.16
CA ARG B 382 42.53 -13.98 10.86
C ARG B 382 41.71 -13.37 11.98
N GLN B 383 42.25 -13.29 13.20
CA GLN B 383 41.47 -12.81 14.33
C GLN B 383 41.36 -11.29 14.36
N ILE B 384 42.10 -10.59 13.52
CA ILE B 384 42.01 -9.14 13.46
C ILE B 384 40.88 -8.79 12.50
N ALA B 385 39.65 -8.84 12.99
CA ALA B 385 38.48 -8.59 12.17
C ALA B 385 37.29 -8.37 13.09
N PRO B 386 36.31 -7.59 12.68
CA PRO B 386 35.19 -7.31 13.58
C PRO B 386 34.38 -8.55 13.94
N GLY B 387 34.41 -8.93 15.21
CA GLY B 387 33.56 -10.00 15.67
C GLY B 387 34.13 -11.40 15.55
N GLN B 388 35.29 -11.63 16.16
CA GLN B 388 35.84 -12.97 16.24
C GLN B 388 36.44 -13.17 17.62
N THR B 389 36.82 -14.41 17.92
CA THR B 389 37.33 -14.79 19.23
C THR B 389 38.72 -15.40 19.08
N GLY B 390 39.43 -15.43 20.19
CA GLY B 390 40.79 -15.93 20.23
C GLY B 390 41.60 -15.13 21.23
N LYS B 391 42.77 -15.67 21.57
CA LYS B 391 43.61 -15.03 22.57
C LYS B 391 44.23 -13.75 22.03
N ILE B 392 43.83 -13.34 20.84
CA ILE B 392 44.19 -12.03 20.30
C ILE B 392 43.00 -11.09 20.29
N ALA B 393 41.81 -11.62 20.01
CA ALA B 393 40.59 -10.83 19.97
C ALA B 393 39.87 -10.78 21.30
N ASP B 394 40.44 -11.36 22.35
CA ASP B 394 39.81 -11.30 23.66
C ASP B 394 40.72 -10.68 24.71
N TYR B 395 42.00 -11.03 24.73
CA TYR B 395 42.83 -10.55 25.82
C TYR B 395 43.90 -9.57 25.36
N ASN B 396 44.02 -9.32 24.06
CA ASN B 396 45.08 -8.43 23.61
C ASN B 396 44.59 -7.20 22.87
N TYR B 397 43.73 -7.38 21.87
CA TYR B 397 43.39 -6.28 20.98
C TYR B 397 42.05 -6.60 20.33
N LYS B 398 41.02 -5.86 20.70
CA LYS B 398 39.66 -6.09 20.22
C LYS B 398 39.29 -5.01 19.22
N LEU B 399 38.75 -5.44 18.09
CA LEU B 399 38.35 -4.50 17.04
C LEU B 399 36.85 -4.21 17.15
N PRO B 400 36.44 -2.96 17.09
CA PRO B 400 35.02 -2.64 17.30
C PRO B 400 34.15 -3.16 16.17
N ASP B 401 32.89 -3.43 16.52
CA ASP B 401 31.95 -3.99 15.56
C ASP B 401 31.62 -3.05 14.41
N ASP B 402 31.41 -1.77 14.68
CA ASP B 402 31.20 -0.78 13.64
C ASP B 402 32.53 -0.23 13.13
N PHE B 403 33.42 -1.14 12.76
CA PHE B 403 34.75 -0.75 12.35
C PHE B 403 34.73 -0.11 10.97
N THR B 404 35.64 0.83 10.77
CA THR B 404 35.95 1.35 9.45
C THR B 404 37.46 1.56 9.37
N GLY B 405 38.09 0.90 8.41
CA GLY B 405 39.53 0.93 8.31
C GLY B 405 40.02 -0.20 7.42
N CYS B 406 41.35 -0.28 7.30
CA CYS B 406 41.99 -1.32 6.51
C CYS B 406 42.99 -2.05 7.39
N VAL B 407 43.26 -3.31 7.06
CA VAL B 407 44.14 -4.17 7.84
C VAL B 407 45.24 -4.67 6.92
N ILE B 408 46.49 -4.58 7.34
CA ILE B 408 47.63 -4.99 6.54
C ILE B 408 48.48 -5.95 7.34
N ALA B 409 48.96 -7.01 6.68
CA ALA B 409 49.79 -7.98 7.36
C ALA B 409 50.65 -8.71 6.34
N TRP B 410 51.94 -8.85 6.64
CA TRP B 410 52.85 -9.58 5.78
C TRP B 410 53.82 -10.38 6.63
N ASN B 411 54.41 -11.39 6.01
CA ASN B 411 55.40 -12.21 6.69
C ASN B 411 56.61 -11.37 7.08
N SER B 412 57.24 -11.73 8.19
CA SER B 412 58.45 -11.03 8.60
C SER B 412 59.49 -11.97 9.18
N ASN B 413 59.47 -13.26 8.82
CA ASN B 413 60.40 -14.22 9.39
C ASN B 413 61.85 -13.87 9.08
N ASN B 414 62.08 -13.07 8.04
CA ASN B 414 63.44 -12.70 7.67
C ASN B 414 64.12 -11.91 8.78
N LEU B 415 63.38 -11.04 9.46
CA LEU B 415 63.98 -10.11 10.43
C LEU B 415 63.65 -10.50 11.86
N ASP B 416 62.38 -10.74 12.17
CA ASP B 416 61.95 -11.02 13.53
C ASP B 416 62.16 -12.49 13.89
N SER B 417 63.37 -12.99 13.74
CA SER B 417 63.68 -14.37 14.09
C SER B 417 65.17 -14.48 14.41
N LYS B 418 65.50 -15.41 15.30
CA LYS B 418 66.88 -15.61 15.71
C LYS B 418 67.40 -16.96 15.25
N GLY B 421 66.03 -18.55 19.56
CA GLY B 421 64.86 -17.92 18.96
C GLY B 421 64.57 -16.54 19.49
N ASN B 422 63.66 -15.83 18.84
CA ASN B 422 63.29 -14.47 19.25
C ASN B 422 62.28 -14.57 20.37
N TYR B 423 62.66 -14.12 21.56
CA TYR B 423 61.82 -14.14 22.75
C TYR B 423 61.47 -12.74 23.22
N ASN B 424 61.60 -11.76 22.33
CA ASN B 424 61.37 -10.36 22.68
C ASN B 424 59.92 -9.94 22.49
N TYR B 425 59.02 -10.89 22.23
CA TYR B 425 57.63 -10.58 21.98
C TYR B 425 56.77 -11.31 23.00
N LEU B 426 55.75 -10.63 23.50
CA LEU B 426 54.90 -11.17 24.54
C LEU B 426 53.44 -11.05 24.13
N TYR B 427 52.58 -11.75 24.85
CA TYR B 427 51.14 -11.71 24.60
C TYR B 427 50.43 -12.11 25.87
N ARG B 428 49.30 -11.45 26.13
CA ARG B 428 48.53 -11.73 27.33
C ARG B 428 47.63 -12.93 27.10
N LEU B 429 47.65 -13.86 28.04
CA LEU B 429 47.02 -15.16 27.87
C LEU B 429 45.94 -15.45 28.90
N PHE B 430 46.09 -14.95 30.12
CA PHE B 430 45.14 -15.22 31.19
C PHE B 430 44.45 -13.92 31.64
N ARG B 431 43.13 -13.97 31.70
CA ARG B 431 42.31 -12.85 32.14
C ARG B 431 40.90 -13.36 32.35
N LYS B 432 40.18 -12.73 33.29
CA LYS B 432 38.80 -13.11 33.59
C LYS B 432 37.79 -12.27 32.83
N SER B 433 38.23 -11.24 32.10
CA SER B 433 37.31 -10.34 31.42
C SER B 433 37.80 -10.11 30.01
N ASN B 434 36.86 -10.08 29.06
CA ASN B 434 37.19 -9.76 27.68
C ASN B 434 37.40 -8.27 27.53
N LEU B 435 38.27 -7.90 26.59
CA LEU B 435 38.53 -6.50 26.30
C LEU B 435 37.34 -5.88 25.58
N LYS B 436 37.16 -4.60 25.80
CA LYS B 436 36.25 -3.81 24.98
C LYS B 436 37.01 -3.29 23.76
N PRO B 437 36.31 -2.76 22.76
CA PRO B 437 37.00 -2.24 21.57
C PRO B 437 38.13 -1.26 21.87
N PHE B 438 39.29 -1.48 21.26
CA PHE B 438 40.45 -0.61 21.42
C PHE B 438 40.79 -0.35 22.88
N GLU B 439 41.09 -1.40 23.65
CA GLU B 439 41.33 -1.25 25.09
C GLU B 439 42.68 -1.86 25.44
N ARG B 440 43.72 -1.03 25.40
CA ARG B 440 45.04 -1.48 25.84
C ARG B 440 45.05 -1.69 27.35
N ASP B 441 45.58 -2.83 27.78
CA ASP B 441 45.75 -3.11 29.20
C ASP B 441 47.16 -3.65 29.43
N ILE B 442 47.94 -2.93 30.24
CA ILE B 442 49.26 -3.36 30.65
C ILE B 442 49.26 -3.48 32.17
N SER B 443 49.64 -4.64 32.67
CA SER B 443 49.66 -4.93 34.10
C SER B 443 50.43 -6.24 34.29
N THR B 444 50.83 -6.50 35.52
CA THR B 444 51.50 -7.76 35.83
C THR B 444 50.92 -8.47 37.04
N GLU B 445 49.77 -8.05 37.56
CA GLU B 445 49.11 -8.79 38.62
C GLU B 445 48.74 -10.17 38.11
N ILE B 446 49.38 -11.20 38.64
CA ILE B 446 49.20 -12.55 38.11
C ILE B 446 47.74 -12.97 38.24
N TYR B 447 47.33 -13.88 37.38
CA TYR B 447 45.92 -14.26 37.25
C TYR B 447 45.56 -15.21 38.39
N GLN B 448 44.33 -15.08 38.87
CA GLN B 448 43.83 -15.92 39.96
C GLN B 448 42.73 -16.81 39.42
N ALA B 449 43.09 -18.03 39.04
CA ALA B 449 42.12 -18.97 38.50
C ALA B 449 41.42 -19.80 39.58
N GLY B 450 41.87 -19.73 40.82
CA GLY B 450 41.33 -20.58 41.85
C GLY B 450 40.65 -19.85 42.99
N SER B 451 41.14 -20.06 44.21
CA SER B 451 40.52 -19.49 45.39
C SER B 451 41.43 -18.50 46.10
N THR B 452 42.64 -18.94 46.45
CA THR B 452 43.54 -18.10 47.24
C THR B 452 44.08 -16.95 46.40
N PRO B 453 44.28 -15.77 46.99
CA PRO B 453 44.93 -14.67 46.26
C PRO B 453 46.44 -14.81 46.20
N CYS B 454 46.94 -15.59 45.25
CA CYS B 454 48.38 -15.76 45.04
C CYS B 454 49.06 -14.41 44.88
N ASN B 455 49.92 -14.04 45.82
CA ASN B 455 50.63 -12.76 45.77
C ASN B 455 51.98 -12.99 45.11
N GLY B 456 51.95 -13.09 43.77
CA GLY B 456 53.13 -13.24 42.96
C GLY B 456 53.54 -14.67 42.70
N VAL B 457 52.98 -15.62 43.45
CA VAL B 457 53.37 -17.01 43.30
C VAL B 457 52.74 -17.59 42.04
N GLU B 458 53.57 -18.06 41.11
CA GLU B 458 53.06 -18.75 39.93
C GLU B 458 52.73 -20.21 40.25
N GLY B 459 51.96 -20.41 41.31
CA GLY B 459 51.67 -21.72 41.85
C GLY B 459 50.39 -22.30 41.30
N PHE B 460 49.76 -23.14 42.12
CA PHE B 460 48.57 -23.86 41.68
C PHE B 460 47.43 -22.89 41.39
N ASN B 461 46.77 -23.12 40.25
CA ASN B 461 45.61 -22.34 39.78
C ASN B 461 45.85 -20.83 39.86
N CYS B 462 47.11 -20.40 39.78
CA CYS B 462 47.44 -18.98 39.71
C CYS B 462 48.73 -18.84 38.93
N TYR B 463 48.65 -18.19 37.77
CA TYR B 463 49.76 -18.15 36.84
C TYR B 463 50.04 -16.71 36.42
N PHE B 464 51.18 -16.53 35.76
CA PHE B 464 51.51 -15.22 35.21
C PHE B 464 50.59 -14.89 34.03
N PRO B 465 50.28 -13.61 33.83
CA PRO B 465 49.39 -13.25 32.72
C PRO B 465 50.04 -13.34 31.35
N LEU B 466 51.29 -12.89 31.25
CA LEU B 466 51.95 -12.72 29.97
C LEU B 466 52.81 -13.93 29.64
N GLN B 467 52.84 -14.31 28.37
CA GLN B 467 53.73 -15.36 27.88
C GLN B 467 54.45 -14.85 26.65
N SER B 468 55.35 -15.66 26.10
CA SER B 468 56.21 -15.23 25.01
C SER B 468 55.97 -16.09 23.78
N TYR B 469 56.53 -15.63 22.65
CA TYR B 469 56.51 -16.33 21.38
C TYR B 469 57.88 -16.97 21.17
N GLY B 470 57.88 -18.23 20.78
CA GLY B 470 59.12 -18.90 20.42
C GLY B 470 59.40 -18.79 18.93
N PHE B 471 59.44 -17.57 18.42
CA PHE B 471 59.69 -17.36 17.00
C PHE B 471 61.06 -17.90 16.64
N GLN B 472 61.12 -18.61 15.51
CA GLN B 472 62.32 -19.30 15.10
C GLN B 472 62.33 -19.41 13.58
N PRO B 473 63.50 -19.34 12.96
CA PRO B 473 63.56 -19.55 11.50
C PRO B 473 63.13 -20.92 11.07
N THR B 474 63.14 -21.90 11.97
CA THR B 474 62.69 -23.25 11.64
C THR B 474 61.20 -23.45 11.80
N ASN B 475 60.49 -22.48 12.39
CA ASN B 475 59.06 -22.61 12.59
C ASN B 475 58.33 -22.79 11.26
N GLY B 476 57.37 -23.71 11.25
CA GLY B 476 56.54 -23.88 10.07
C GLY B 476 55.68 -22.66 9.82
N VAL B 477 55.30 -22.48 8.56
CA VAL B 477 54.43 -21.37 8.18
C VAL B 477 53.16 -21.46 9.01
N GLY B 478 52.83 -20.38 9.70
CA GLY B 478 51.76 -20.43 10.67
C GLY B 478 52.29 -20.20 12.07
N TYR B 479 53.56 -20.53 12.27
CA TYR B 479 54.26 -20.19 13.49
C TYR B 479 55.24 -19.04 13.29
N GLN B 480 55.33 -18.52 12.10
CA GLN B 480 56.24 -17.43 11.76
C GLN B 480 55.63 -16.10 12.17
N PRO B 481 56.46 -15.15 12.60
CA PRO B 481 55.94 -13.83 12.97
C PRO B 481 55.29 -13.15 11.78
N TYR B 482 54.21 -12.43 12.04
CA TYR B 482 53.48 -11.70 11.02
C TYR B 482 53.26 -10.28 11.52
N ARG B 483 54.01 -9.32 10.98
CA ARG B 483 53.77 -7.94 11.34
C ARG B 483 52.38 -7.53 10.88
N VAL B 484 51.70 -6.73 11.70
CA VAL B 484 50.35 -6.30 11.41
C VAL B 484 50.24 -4.81 11.69
N VAL B 485 49.62 -4.11 10.76
CA VAL B 485 49.32 -2.70 10.93
C VAL B 485 47.88 -2.46 10.51
N VAL B 486 47.09 -1.90 11.39
CA VAL B 486 45.73 -1.53 11.03
C VAL B 486 45.65 -0.02 10.96
N LEU B 487 44.86 0.46 10.03
CA LEU B 487 44.71 1.88 9.75
C LEU B 487 43.23 2.20 9.88
N SER B 488 42.85 2.76 11.01
CA SER B 488 41.49 3.21 11.26
C SER B 488 41.36 4.67 10.86
N PHE B 489 40.17 5.01 10.36
CA PHE B 489 39.92 6.36 9.88
C PHE B 489 38.42 6.60 9.85
N GLU B 490 38.00 7.72 9.26
CA GLU B 490 36.59 8.07 9.21
C GLU B 490 36.40 8.94 7.97
N LEU B 491 35.34 8.66 7.22
CA LEU B 491 35.19 9.19 5.87
C LEU B 491 34.20 10.34 5.80
N LEU B 492 34.54 11.34 4.99
CA LEU B 492 33.61 12.38 4.54
C LEU B 492 32.96 13.12 5.70
N HIS B 493 33.66 13.20 6.84
CA HIS B 493 33.29 14.12 7.89
C HIS B 493 33.78 15.51 7.47
N ALA B 494 33.57 16.51 8.30
CA ALA B 494 33.84 17.87 7.82
C ALA B 494 35.34 18.11 7.61
N PRO B 495 36.19 18.10 8.65
CA PRO B 495 37.59 18.50 8.44
C PRO B 495 38.44 17.32 7.99
N ALA B 496 39.13 17.50 6.87
CA ALA B 496 39.93 16.43 6.29
C ALA B 496 41.37 16.88 6.11
N THR B 497 42.30 16.01 6.48
CA THR B 497 43.73 16.33 6.38
C THR B 497 44.44 15.45 5.36
N VAL B 498 44.39 14.13 5.56
CA VAL B 498 45.07 13.22 4.65
C VAL B 498 44.14 12.85 3.50
N CYS B 499 44.68 12.88 2.28
CA CYS B 499 43.87 12.77 1.08
C CYS B 499 44.57 11.84 0.09
N GLY B 500 44.06 11.80 -1.13
CA GLY B 500 44.61 10.98 -2.18
C GLY B 500 45.51 11.75 -3.11
N PRO B 501 46.24 11.02 -3.96
CA PRO B 501 47.24 11.68 -4.82
C PRO B 501 46.67 12.70 -5.79
N LYS B 502 45.44 12.49 -6.27
CA LYS B 502 44.88 13.25 -7.40
C LYS B 502 45.01 14.75 -7.24
N LYS B 503 45.10 15.46 -8.37
CA LYS B 503 45.38 16.89 -8.37
C LYS B 503 44.12 17.70 -8.17
N SER B 504 44.20 19.01 -8.37
CA SER B 504 43.07 19.92 -8.24
C SER B 504 43.02 20.85 -9.43
N THR B 505 41.83 21.04 -9.98
CA THR B 505 41.62 22.03 -11.03
C THR B 505 41.19 23.36 -10.42
N ASN B 506 40.71 24.28 -11.25
CA ASN B 506 40.26 25.58 -10.79
C ASN B 506 38.74 25.62 -10.82
N LEU B 507 38.18 26.55 -10.05
CA LEU B 507 36.73 26.70 -9.95
C LEU B 507 36.18 27.21 -11.28
N VAL B 508 34.91 26.91 -11.56
CA VAL B 508 34.34 27.33 -12.83
C VAL B 508 33.43 28.54 -12.68
N LYS B 509 32.95 28.82 -11.45
CA LYS B 509 32.21 30.04 -11.22
C LYS B 509 30.93 30.13 -12.05
N ASN B 510 29.90 29.37 -11.65
CA ASN B 510 28.57 29.38 -12.25
C ASN B 510 28.46 28.67 -13.61
N LYS B 511 28.96 27.44 -13.69
CA LYS B 511 28.58 26.53 -14.75
C LYS B 511 28.34 25.16 -14.14
N CYS B 512 27.46 24.39 -14.77
CA CYS B 512 27.12 23.07 -14.24
C CYS B 512 28.33 22.14 -14.30
N VAL B 513 28.60 21.44 -13.20
CA VAL B 513 29.84 20.70 -13.04
C VAL B 513 29.60 19.44 -12.22
N ASN B 514 30.42 18.42 -12.45
CA ASN B 514 30.45 17.22 -11.61
C ASN B 514 31.62 17.36 -10.64
N PHE B 515 31.45 18.25 -9.67
CA PHE B 515 32.53 18.59 -8.76
C PHE B 515 32.95 17.38 -7.93
N ASN B 516 34.12 17.50 -7.30
CA ASN B 516 34.65 16.44 -6.45
C ASN B 516 35.24 17.04 -5.17
N PHE B 517 34.57 18.03 -4.59
CA PHE B 517 35.09 18.73 -3.42
C PHE B 517 35.42 17.78 -2.28
N ASN B 518 36.71 17.68 -1.96
CA ASN B 518 37.19 17.05 -0.73
C ASN B 518 36.51 15.71 -0.50
N GLY B 519 36.64 14.81 -1.46
CA GLY B 519 36.08 13.48 -1.34
C GLY B 519 34.70 13.31 -1.96
N LEU B 520 33.70 14.03 -1.45
CA LEU B 520 32.34 13.82 -1.91
C LEU B 520 32.16 14.29 -3.36
N THR B 521 31.38 13.54 -4.11
CA THR B 521 31.04 13.89 -5.48
C THR B 521 29.81 14.80 -5.47
N GLY B 522 29.21 15.01 -6.63
CA GLY B 522 27.98 15.78 -6.73
C GLY B 522 27.90 16.60 -8.00
N THR B 523 26.67 16.75 -8.50
CA THR B 523 26.39 17.52 -9.71
C THR B 523 25.67 18.81 -9.34
N GLY B 524 25.83 19.82 -10.18
CA GLY B 524 25.07 21.04 -10.01
C GLY B 524 25.80 22.24 -10.56
N VAL B 525 25.16 23.39 -10.44
CA VAL B 525 25.73 24.67 -10.80
C VAL B 525 26.32 25.26 -9.53
N LEU B 526 27.58 25.69 -9.61
CA LEU B 526 28.32 26.18 -8.45
C LEU B 526 28.27 27.70 -8.43
N THR B 527 27.18 28.22 -7.87
CA THR B 527 27.04 29.67 -7.76
C THR B 527 27.77 30.18 -6.53
N GLU B 528 27.92 31.49 -6.47
CA GLU B 528 28.57 32.12 -5.33
C GLU B 528 27.63 32.15 -4.13
N SER B 529 28.21 32.12 -2.95
CA SER B 529 27.46 31.96 -1.72
C SER B 529 27.55 33.22 -0.86
N ASN B 530 26.64 33.30 0.10
CA ASN B 530 26.65 34.36 1.11
C ASN B 530 26.31 33.77 2.47
N LYS B 531 26.39 32.44 2.57
CA LYS B 531 26.02 31.74 3.80
C LYS B 531 26.97 32.14 4.92
N LYS B 532 26.42 32.73 5.98
CA LYS B 532 27.22 33.23 7.09
C LYS B 532 27.64 32.05 7.97
N PHE B 533 28.66 31.34 7.52
CA PHE B 533 29.19 30.22 8.29
C PHE B 533 29.89 30.71 9.54
N LEU B 534 30.00 29.84 10.51
CA LEU B 534 30.97 30.09 11.55
C LEU B 534 32.37 29.89 10.98
N PRO B 535 33.38 30.55 11.54
CA PRO B 535 34.76 30.27 11.12
C PRO B 535 35.12 28.83 11.42
N PHE B 536 34.36 28.22 12.32
CA PHE B 536 34.45 26.81 12.62
C PHE B 536 33.63 25.95 11.67
N GLN B 537 32.75 26.54 10.87
CA GLN B 537 31.67 25.81 10.22
C GLN B 537 32.03 25.54 8.76
N GLN B 538 31.78 24.31 8.30
CA GLN B 538 32.24 23.87 6.99
C GLN B 538 31.12 23.56 6.01
N PHE B 539 30.23 22.62 6.32
CA PHE B 539 29.28 22.08 5.35
C PHE B 539 27.86 22.46 5.69
N GLY B 540 27.10 22.88 4.68
CA GLY B 540 25.69 23.16 4.86
C GLY B 540 24.82 22.05 4.31
N ARG B 541 24.04 21.42 5.18
CA ARG B 541 23.09 20.39 4.77
C ARG B 541 21.69 20.96 4.73
N ASP B 542 20.90 20.50 3.77
CA ASP B 542 19.58 21.03 3.54
C ASP B 542 18.55 20.32 4.41
N ILE B 543 17.27 20.69 4.22
CA ILE B 543 16.19 20.09 5.01
C ILE B 543 16.12 18.60 4.78
N ALA B 544 16.48 18.14 3.59
CA ALA B 544 16.43 16.72 3.24
C ALA B 544 17.77 16.03 3.48
N ASP B 545 18.61 16.67 4.29
CA ASP B 545 19.96 16.18 4.54
C ASP B 545 20.70 15.88 3.25
N THR B 546 20.69 16.84 2.32
CA THR B 546 21.48 16.78 1.12
C THR B 546 22.32 18.05 1.06
N THR B 547 23.63 17.89 0.92
CA THR B 547 24.52 19.04 0.98
C THR B 547 24.23 20.03 -0.15
N ASP B 548 24.29 21.32 0.18
CA ASP B 548 24.07 22.38 -0.80
C ASP B 548 25.07 23.52 -0.75
N ALA B 549 25.71 23.77 0.38
CA ALA B 549 26.70 24.85 0.50
C ALA B 549 27.98 24.28 1.07
N VAL B 550 29.10 24.59 0.42
CA VAL B 550 30.39 23.97 0.74
C VAL B 550 31.43 25.07 0.94
N ARG B 551 32.50 24.72 1.64
CA ARG B 551 33.66 25.58 1.84
C ARG B 551 34.79 25.04 0.97
N ASP B 552 35.34 25.90 0.12
CA ASP B 552 36.43 25.51 -0.77
C ASP B 552 37.63 25.07 0.05
N PRO B 553 38.23 23.92 -0.27
CA PRO B 553 39.32 23.40 0.56
C PRO B 553 40.63 24.14 0.35
N GLN B 554 40.66 25.06 -0.60
CA GLN B 554 41.86 25.82 -0.90
C GLN B 554 41.69 27.32 -0.68
N THR B 555 40.63 27.91 -1.24
CA THR B 555 40.38 29.34 -1.10
C THR B 555 39.60 29.68 0.15
N LEU B 556 39.10 28.68 0.87
CA LEU B 556 38.36 28.87 2.11
C LEU B 556 37.14 29.77 1.91
N GLU B 557 36.67 29.85 0.67
CA GLU B 557 35.46 30.60 0.36
C GLU B 557 34.25 29.68 0.49
N ILE B 558 33.08 30.20 0.16
CA ILE B 558 31.83 29.46 0.27
C ILE B 558 31.18 29.41 -1.10
N LEU B 559 30.76 28.22 -1.51
CA LEU B 559 30.05 28.00 -2.76
C LEU B 559 28.68 27.41 -2.47
N ASP B 560 27.72 27.72 -3.35
CA ASP B 560 26.38 27.17 -3.26
C ASP B 560 26.13 26.25 -4.44
N ILE B 561 25.48 25.13 -4.19
CA ILE B 561 25.21 24.12 -5.21
C ILE B 561 23.74 24.19 -5.56
N THR B 562 23.44 24.31 -6.86
CA THR B 562 22.07 24.24 -7.34
C THR B 562 21.96 23.11 -8.36
N PRO B 563 21.42 21.96 -7.97
CA PRO B 563 21.18 20.90 -8.96
C PRO B 563 20.26 21.39 -10.06
N CYS B 564 20.51 20.92 -11.28
CA CYS B 564 19.81 21.40 -12.45
C CYS B 564 19.37 20.22 -13.31
N SER B 565 18.07 19.93 -13.31
CA SER B 565 17.47 19.01 -14.27
C SER B 565 16.31 19.71 -14.95
N PHE B 566 15.58 20.54 -14.19
CA PHE B 566 14.61 21.48 -14.73
C PHE B 566 13.52 20.77 -15.53
N GLY B 567 12.76 19.91 -14.87
CA GLY B 567 11.83 19.03 -15.54
C GLY B 567 10.53 19.68 -15.93
N GLY B 568 9.59 18.85 -16.37
CA GLY B 568 8.24 19.28 -16.66
C GLY B 568 7.93 19.66 -18.09
N VAL B 569 8.19 18.76 -19.03
CA VAL B 569 7.79 18.97 -20.42
C VAL B 569 6.46 18.25 -20.65
N SER B 570 5.70 18.75 -21.62
CA SER B 570 4.43 18.14 -21.99
C SER B 570 4.26 18.30 -23.48
N VAL B 571 3.52 17.39 -24.11
CA VAL B 571 3.40 17.38 -25.57
C VAL B 571 1.93 17.51 -25.92
N ILE B 572 1.50 18.74 -26.21
CA ILE B 572 0.18 19.01 -26.77
C ILE B 572 0.14 18.38 -28.15
N THR B 573 -0.85 17.54 -28.41
CA THR B 573 -0.95 16.91 -29.71
C THR B 573 -2.39 16.63 -30.10
N PRO B 574 -2.78 16.93 -31.33
CA PRO B 574 -3.98 16.30 -31.87
C PRO B 574 -3.71 14.84 -32.13
N GLY B 575 -4.75 14.11 -32.50
CA GLY B 575 -4.60 12.69 -32.77
C GLY B 575 -3.54 12.45 -33.82
N THR B 576 -2.61 11.53 -33.56
CA THR B 576 -1.55 11.25 -34.51
C THR B 576 -2.14 10.84 -35.85
N ASN B 577 -3.32 10.22 -35.83
CA ASN B 577 -4.06 9.99 -37.05
C ASN B 577 -4.41 11.30 -37.75
N THR B 578 -4.87 12.29 -36.98
CA THR B 578 -5.32 13.54 -37.58
C THR B 578 -4.17 14.29 -38.22
N SER B 579 -3.03 14.34 -37.56
CA SER B 579 -1.87 15.04 -38.10
C SER B 579 -0.63 14.65 -37.29
N ASN B 580 0.47 15.31 -37.62
CA ASN B 580 1.75 15.11 -36.94
C ASN B 580 2.14 16.33 -36.11
N GLN B 581 1.65 17.51 -36.48
CA GLN B 581 2.05 18.74 -35.80
C GLN B 581 1.75 18.66 -34.31
N VAL B 582 2.76 18.97 -33.49
CA VAL B 582 2.63 18.92 -32.04
C VAL B 582 3.28 20.17 -31.46
N ALA B 583 2.88 20.53 -30.24
CA ALA B 583 3.38 21.71 -29.57
C ALA B 583 3.90 21.33 -28.19
N VAL B 584 5.06 21.80 -27.85
CA VAL B 584 5.66 21.45 -26.58
C VAL B 584 5.25 22.48 -25.55
N LEU B 585 5.18 22.07 -24.29
CA LEU B 585 4.87 22.97 -23.17
C LEU B 585 5.90 22.73 -22.07
N TYR B 586 6.73 23.73 -21.81
CA TYR B 586 7.72 23.68 -20.75
C TYR B 586 7.07 24.25 -19.50
N GLN B 587 6.79 23.39 -18.51
CA GLN B 587 5.97 23.80 -17.40
C GLN B 587 6.75 24.66 -16.41
N ASP B 588 6.18 25.82 -16.09
CA ASP B 588 6.72 26.74 -15.09
C ASP B 588 8.20 27.06 -15.37
N VAL B 589 8.44 27.51 -16.60
CA VAL B 589 9.77 27.92 -17.04
C VAL B 589 9.60 29.22 -17.80
N ASN B 590 10.15 30.31 -17.27
CA ASN B 590 10.15 31.58 -17.99
C ASN B 590 10.90 31.40 -19.30
N CYS B 591 10.35 31.97 -20.37
CA CYS B 591 10.69 31.57 -21.73
C CYS B 591 12.14 31.81 -22.11
N THR B 592 12.86 32.61 -21.33
CA THR B 592 14.26 32.86 -21.65
C THR B 592 15.12 31.60 -21.52
N GLU B 593 14.68 30.66 -20.68
CA GLU B 593 15.51 29.55 -20.25
C GLU B 593 15.33 28.30 -21.11
N VAL B 594 14.51 28.39 -22.17
CA VAL B 594 14.24 27.21 -22.99
C VAL B 594 15.50 26.60 -23.61
N PRO B 595 16.62 27.34 -23.81
CA PRO B 595 17.79 26.54 -24.18
C PRO B 595 18.28 25.65 -23.04
N ASP B 601 20.93 23.85 -23.41
CA ASP B 601 21.36 24.70 -24.52
C ASP B 601 20.98 24.10 -25.86
N GLN B 602 21.89 24.20 -26.84
CA GLN B 602 21.65 23.68 -28.18
C GLN B 602 22.07 22.21 -28.25
N LEU B 603 21.26 21.37 -27.61
CA LEU B 603 21.55 19.95 -27.52
C LEU B 603 21.27 19.25 -28.83
N THR B 604 20.03 19.28 -29.29
CA THR B 604 19.68 18.71 -30.58
C THR B 604 18.83 19.67 -31.39
N PRO B 605 19.19 19.97 -32.64
CA PRO B 605 18.46 21.01 -33.39
C PRO B 605 17.01 20.66 -33.70
N THR B 606 16.67 19.38 -33.82
CA THR B 606 15.28 19.01 -34.05
C THR B 606 14.41 19.43 -32.88
N TRP B 607 14.98 19.52 -31.68
CA TRP B 607 14.29 20.05 -30.52
C TRP B 607 14.59 21.53 -30.30
N ARG B 608 15.70 22.03 -30.81
CA ARG B 608 15.93 23.46 -30.79
C ARG B 608 14.91 24.20 -31.66
N VAL B 609 14.39 23.54 -32.69
CA VAL B 609 13.29 24.09 -33.45
C VAL B 609 12.10 24.38 -32.54
N TYR B 610 11.84 23.48 -31.60
CA TYR B 610 10.82 23.68 -30.56
C TYR B 610 11.38 24.38 -29.34
N SER B 611 12.62 24.89 -29.41
CA SER B 611 13.12 25.75 -28.35
C SER B 611 13.16 27.22 -28.77
N THR B 612 12.73 27.56 -29.97
CA THR B 612 12.81 28.93 -30.45
C THR B 612 11.84 29.13 -31.60
N GLY B 613 11.74 30.38 -32.04
CA GLY B 613 10.88 30.74 -33.16
C GLY B 613 10.08 31.98 -32.88
N SER B 614 8.96 32.16 -33.60
CA SER B 614 8.03 33.23 -33.34
C SER B 614 6.76 32.74 -32.66
N ASN B 615 6.57 31.42 -32.56
CA ASN B 615 5.41 30.86 -31.89
C ASN B 615 5.56 30.78 -30.38
N VAL B 616 6.73 31.13 -29.85
CA VAL B 616 6.97 31.07 -28.42
C VAL B 616 5.93 31.93 -27.70
N PHE B 617 5.22 31.31 -26.76
CA PHE B 617 4.12 31.93 -26.06
C PHE B 617 4.28 31.67 -24.58
N GLN B 618 3.84 32.62 -23.76
CA GLN B 618 3.98 32.52 -22.31
C GLN B 618 2.60 32.50 -21.68
N THR B 619 2.37 31.58 -20.75
CA THR B 619 1.14 31.51 -19.97
C THR B 619 1.49 31.52 -18.49
N ARG B 620 0.49 31.31 -17.66
CA ARG B 620 0.71 31.17 -16.23
C ARG B 620 1.13 29.77 -15.85
N ALA B 621 1.08 28.83 -16.80
CA ALA B 621 1.51 27.46 -16.56
C ALA B 621 2.88 27.16 -17.14
N GLY B 622 3.51 28.12 -17.80
CA GLY B 622 4.82 27.93 -18.38
C GLY B 622 4.89 28.45 -19.79
N CYS B 623 5.93 28.03 -20.49
CA CYS B 623 6.18 28.50 -21.85
C CYS B 623 5.73 27.44 -22.85
N LEU B 624 4.75 27.80 -23.67
CA LEU B 624 4.22 26.91 -24.69
C LEU B 624 4.78 27.32 -26.05
N ILE B 625 5.38 26.36 -26.75
CA ILE B 625 6.03 26.62 -28.03
C ILE B 625 5.41 25.71 -29.07
N GLY B 626 5.23 26.23 -30.29
CA GLY B 626 4.62 25.48 -31.36
C GLY B 626 3.15 25.78 -31.58
N ALA B 627 2.60 26.79 -30.92
CA ALA B 627 1.20 27.13 -31.04
C ALA B 627 1.05 28.61 -31.38
N GLU B 628 -0.02 28.93 -32.09
CA GLU B 628 -0.30 30.29 -32.52
C GLU B 628 -1.33 30.91 -31.58
N HIS B 629 -1.00 32.09 -31.06
CA HIS B 629 -1.85 32.76 -30.06
C HIS B 629 -2.84 33.66 -30.77
N VAL B 630 -4.13 33.30 -30.71
CA VAL B 630 -5.16 34.01 -31.43
C VAL B 630 -5.97 34.85 -30.45
N ASN B 631 -6.84 35.70 -30.99
CA ASN B 631 -7.71 36.57 -30.21
C ASN B 631 -9.17 36.17 -30.35
N ASN B 632 -9.42 34.89 -30.63
CA ASN B 632 -10.79 34.38 -30.63
C ASN B 632 -11.12 33.87 -29.23
N SER B 633 -12.21 33.12 -29.13
CA SER B 633 -12.58 32.47 -27.88
C SER B 633 -13.50 31.29 -28.18
N TYR B 634 -13.26 30.16 -27.54
CA TYR B 634 -13.99 28.94 -27.83
C TYR B 634 -14.18 28.14 -26.54
N GLU B 635 -15.14 27.23 -26.56
CA GLU B 635 -15.12 26.13 -25.62
C GLU B 635 -13.98 25.20 -26.00
N CYS B 636 -13.09 24.95 -25.04
CA CYS B 636 -11.76 24.52 -25.43
C CYS B 636 -11.63 23.01 -25.46
N ASP B 637 -10.81 22.52 -26.37
CA ASP B 637 -10.70 21.10 -26.70
C ASP B 637 -9.59 20.42 -25.92
N ILE B 638 -8.38 20.95 -25.94
CA ILE B 638 -7.25 20.41 -25.19
C ILE B 638 -6.87 21.44 -24.14
N PRO B 639 -7.12 21.17 -22.86
CA PRO B 639 -6.90 22.20 -21.83
C PRO B 639 -5.44 22.33 -21.40
N ILE B 640 -4.82 23.46 -21.74
CA ILE B 640 -3.46 23.74 -21.29
C ILE B 640 -3.49 23.97 -19.78
N GLY B 641 -4.20 25.01 -19.37
CA GLY B 641 -4.27 25.35 -17.97
C GLY B 641 -4.36 26.85 -17.77
N ALA B 642 -4.78 27.22 -16.57
CA ALA B 642 -4.90 28.63 -16.17
C ALA B 642 -5.74 29.43 -17.14
N GLY B 643 -6.77 28.80 -17.70
CA GLY B 643 -7.67 29.48 -18.61
C GLY B 643 -7.26 29.45 -20.06
N ILE B 644 -6.10 28.88 -20.38
CA ILE B 644 -5.65 28.78 -21.76
C ILE B 644 -5.89 27.38 -22.25
N CYS B 645 -6.40 27.26 -23.48
CA CYS B 645 -6.66 25.96 -24.08
C CYS B 645 -6.24 25.99 -25.54
N ALA B 646 -5.83 24.83 -26.06
CA ALA B 646 -5.33 24.72 -27.41
C ALA B 646 -6.15 23.71 -28.20
N SER B 647 -6.20 23.91 -29.51
CA SER B 647 -6.96 23.06 -30.41
C SER B 647 -6.41 23.20 -31.82
N TYR B 648 -6.78 22.25 -32.68
CA TYR B 648 -6.24 22.18 -34.03
C TYR B 648 -7.27 22.71 -35.02
N GLN B 649 -6.88 23.71 -35.81
CA GLN B 649 -7.76 24.25 -36.83
C GLN B 649 -6.96 25.18 -37.73
N THR B 650 -7.61 25.65 -38.80
CA THR B 650 -6.98 26.57 -39.75
C THR B 650 -6.58 27.88 -39.09
N SER B 663 -3.06 23.90 -44.46
CA SER B 663 -3.66 25.19 -44.15
C SER B 663 -4.24 25.20 -42.73
N GLN B 664 -3.65 24.41 -41.85
CA GLN B 664 -4.11 24.27 -40.48
C GLN B 664 -2.92 24.23 -39.53
N SER B 665 -3.19 24.49 -38.26
CA SER B 665 -2.14 24.53 -37.25
C SER B 665 -2.78 24.44 -35.87
N ILE B 666 -1.93 24.46 -34.84
CA ILE B 666 -2.36 24.41 -33.45
C ILE B 666 -2.49 25.83 -32.94
N ILE B 667 -3.63 26.14 -32.34
CA ILE B 667 -3.93 27.47 -31.83
C ILE B 667 -4.17 27.38 -30.34
N ALA B 668 -3.65 28.37 -29.62
CA ALA B 668 -3.78 28.44 -28.16
C ALA B 668 -4.53 29.73 -27.83
N TYR B 669 -5.77 29.59 -27.40
CA TYR B 669 -6.63 30.73 -27.11
C TYR B 669 -7.04 30.73 -25.64
N THR B 670 -7.77 31.77 -25.27
CA THR B 670 -8.33 31.89 -23.94
C THR B 670 -9.74 31.32 -23.95
N MET B 671 -9.99 30.33 -23.09
CA MET B 671 -11.23 29.59 -23.15
C MET B 671 -12.42 30.51 -22.87
N SER B 672 -13.52 30.24 -23.56
CA SER B 672 -14.71 31.08 -23.45
C SER B 672 -15.76 30.42 -22.58
N LEU B 673 -16.31 31.20 -21.65
CA LEU B 673 -17.33 30.69 -20.73
C LEU B 673 -18.69 30.54 -21.39
N GLY B 674 -19.04 31.44 -22.30
CA GLY B 674 -20.33 31.37 -22.95
C GLY B 674 -20.71 32.73 -23.50
N ALA B 675 -21.91 32.77 -24.06
CA ALA B 675 -22.43 34.00 -24.66
C ALA B 675 -22.92 34.95 -23.57
N GLU B 676 -23.22 36.17 -23.97
CA GLU B 676 -23.78 37.17 -23.07
C GLU B 676 -25.30 37.09 -23.09
N ASN B 677 -25.91 37.69 -22.08
CA ASN B 677 -27.36 37.83 -22.02
C ASN B 677 -27.69 38.86 -20.96
N SER B 678 -28.83 39.51 -21.12
CA SER B 678 -29.28 40.52 -20.17
C SER B 678 -30.80 40.51 -20.10
N VAL B 679 -31.35 39.75 -19.15
CA VAL B 679 -32.80 39.63 -19.06
C VAL B 679 -33.42 40.98 -18.75
N ALA B 680 -34.46 41.34 -19.49
CA ALA B 680 -35.12 42.63 -19.32
C ALA B 680 -35.92 42.59 -18.04
N TYR B 681 -35.24 42.82 -16.92
CA TYR B 681 -35.90 42.84 -15.64
C TYR B 681 -36.52 44.21 -15.40
N SER B 682 -37.85 44.26 -15.40
CA SER B 682 -38.58 45.43 -14.92
C SER B 682 -39.24 45.06 -13.61
N ASN B 683 -40.06 45.96 -13.08
CA ASN B 683 -40.72 45.73 -11.81
C ASN B 683 -42.18 45.35 -11.98
N ASN B 684 -42.74 45.46 -13.18
CA ASN B 684 -44.10 44.98 -13.43
C ASN B 684 -44.17 44.34 -14.82
N SER B 685 -43.19 43.51 -15.16
CA SER B 685 -43.13 42.89 -16.47
C SER B 685 -42.79 41.42 -16.30
N ILE B 686 -43.70 40.56 -16.74
CA ILE B 686 -43.55 39.13 -16.61
C ILE B 686 -43.43 38.51 -17.99
N ALA B 687 -42.96 37.27 -18.05
CA ALA B 687 -42.77 36.57 -19.31
C ALA B 687 -43.34 35.17 -19.19
N ILE B 688 -44.45 34.93 -19.88
CA ILE B 688 -45.21 33.68 -19.75
C ILE B 688 -44.98 32.85 -21.00
N PRO B 689 -44.50 31.61 -20.89
CA PRO B 689 -44.36 30.76 -22.07
C PRO B 689 -45.71 30.44 -22.67
N THR B 690 -45.73 30.23 -23.99
CA THR B 690 -46.96 29.96 -24.71
C THR B 690 -46.95 28.66 -25.49
N ASN B 691 -45.81 27.98 -25.60
CA ASN B 691 -45.73 26.75 -26.35
C ASN B 691 -44.58 25.93 -25.79
N PHE B 692 -44.80 24.64 -25.62
CA PHE B 692 -43.88 23.79 -24.92
C PHE B 692 -43.08 22.92 -25.88
N THR B 693 -42.21 22.09 -25.32
CA THR B 693 -41.37 21.21 -26.11
C THR B 693 -41.01 20.01 -25.24
N ILE B 694 -41.39 18.82 -25.67
CA ILE B 694 -41.10 17.61 -24.91
C ILE B 694 -39.80 17.02 -25.43
N SER B 695 -38.82 16.88 -24.55
CA SER B 695 -37.49 16.47 -24.96
C SER B 695 -37.06 15.24 -24.20
N VAL B 696 -36.35 14.34 -24.88
CA VAL B 696 -35.80 13.13 -24.29
C VAL B 696 -34.30 13.29 -24.19
N THR B 697 -33.76 13.10 -23.00
CA THR B 697 -32.32 13.10 -22.78
C THR B 697 -31.83 11.67 -22.66
N THR B 698 -30.58 11.51 -22.27
CA THR B 698 -29.99 10.21 -22.03
C THR B 698 -29.00 10.33 -20.89
N GLU B 699 -28.83 9.25 -20.14
CA GLU B 699 -27.86 9.27 -19.04
C GLU B 699 -27.32 7.86 -18.85
N ILE B 700 -26.00 7.72 -18.85
CA ILE B 700 -25.36 6.42 -18.78
C ILE B 700 -24.68 6.32 -17.42
N LEU B 701 -24.91 5.22 -16.70
CA LEU B 701 -24.32 5.07 -15.40
C LEU B 701 -23.65 3.70 -15.28
N PRO B 702 -22.39 3.65 -14.85
CA PRO B 702 -21.78 2.36 -14.55
C PRO B 702 -22.46 1.72 -13.36
N VAL B 703 -22.56 0.39 -13.40
CA VAL B 703 -23.21 -0.38 -12.35
C VAL B 703 -22.26 -1.38 -11.72
N SER B 704 -21.47 -2.09 -12.53
CA SER B 704 -20.57 -3.11 -12.03
C SER B 704 -19.28 -3.06 -12.83
N MET B 705 -18.36 -3.98 -12.51
CA MET B 705 -17.15 -4.17 -13.29
C MET B 705 -16.77 -5.64 -13.23
N THR B 706 -15.87 -6.03 -14.12
CA THR B 706 -15.50 -7.43 -14.24
C THR B 706 -14.99 -7.98 -12.92
N LYS B 707 -15.44 -9.18 -12.57
CA LYS B 707 -15.08 -9.83 -11.33
C LYS B 707 -13.78 -10.61 -11.55
N THR B 708 -12.67 -10.05 -11.08
CA THR B 708 -11.37 -10.66 -11.26
C THR B 708 -10.99 -11.48 -10.04
N SER B 709 -10.02 -12.36 -10.22
CA SER B 709 -9.47 -13.13 -9.12
C SER B 709 -8.09 -13.68 -9.50
N VAL B 710 -7.10 -13.43 -8.67
CA VAL B 710 -5.73 -13.85 -8.94
C VAL B 710 -5.35 -14.95 -7.96
N ASP B 711 -4.64 -15.95 -8.45
CA ASP B 711 -4.11 -17.01 -7.61
C ASP B 711 -2.70 -16.61 -7.17
N CYS B 712 -2.56 -16.25 -5.89
CA CYS B 712 -1.33 -15.60 -5.44
C CYS B 712 -0.11 -16.50 -5.64
N THR B 713 -0.22 -17.77 -5.22
CA THR B 713 0.93 -18.66 -5.35
C THR B 713 1.27 -18.92 -6.81
N MET B 714 0.25 -19.13 -7.64
CA MET B 714 0.49 -19.43 -9.05
C MET B 714 1.13 -18.26 -9.78
N TYR B 715 1.01 -17.05 -9.26
CA TYR B 715 1.56 -15.86 -9.89
C TYR B 715 2.92 -15.50 -9.32
N ILE B 716 3.04 -15.48 -8.00
CA ILE B 716 4.30 -15.04 -7.37
C ILE B 716 5.44 -15.94 -7.80
N CYS B 717 5.26 -17.25 -7.69
CA CYS B 717 6.20 -18.20 -8.28
C CYS B 717 5.43 -19.48 -8.57
N GLY B 718 5.02 -19.64 -9.82
CA GLY B 718 4.18 -20.75 -10.23
C GLY B 718 5.02 -21.90 -10.78
N ASP B 719 4.51 -23.11 -10.60
CA ASP B 719 5.12 -24.34 -11.10
C ASP B 719 6.51 -24.57 -10.54
N SER B 720 6.86 -23.93 -9.43
CA SER B 720 8.17 -24.06 -8.81
C SER B 720 7.98 -24.49 -7.36
N THR B 721 7.97 -25.80 -7.13
CA THR B 721 7.87 -26.32 -5.77
C THR B 721 9.01 -25.85 -4.89
N GLU B 722 10.17 -25.56 -5.48
CA GLU B 722 11.31 -25.07 -4.71
C GLU B 722 11.09 -23.67 -4.16
N CYS B 723 10.06 -22.97 -4.63
CA CYS B 723 9.73 -21.63 -4.14
C CYS B 723 8.47 -21.60 -3.28
N SER B 724 7.62 -22.62 -3.41
CA SER B 724 6.38 -22.64 -2.63
C SER B 724 6.67 -22.69 -1.14
N ASN B 725 7.63 -23.52 -0.73
CA ASN B 725 8.00 -23.58 0.67
C ASN B 725 8.54 -22.25 1.16
N LEU B 726 9.37 -21.60 0.34
CA LEU B 726 9.93 -20.31 0.73
C LEU B 726 8.82 -19.28 0.91
N LEU B 727 7.86 -19.26 0.00
CA LEU B 727 6.76 -18.30 0.11
C LEU B 727 5.85 -18.62 1.29
N LEU B 728 5.75 -19.90 1.65
CA LEU B 728 4.85 -20.30 2.72
C LEU B 728 5.17 -19.57 4.02
N GLN B 729 6.44 -19.46 4.36
CA GLN B 729 6.86 -18.83 5.60
C GLN B 729 6.78 -17.32 5.55
N TYR B 730 6.48 -16.74 4.40
CA TYR B 730 6.54 -15.30 4.24
C TYR B 730 5.34 -14.59 4.84
N GLY B 731 4.36 -15.33 5.33
CA GLY B 731 3.19 -14.74 5.94
C GLY B 731 1.91 -15.14 5.22
N SER B 732 0.80 -14.61 5.72
CA SER B 732 -0.51 -14.88 5.16
C SER B 732 -0.98 -13.80 4.20
N PHE B 733 -0.05 -13.16 3.48
CA PHE B 733 -0.44 -12.22 2.44
C PHE B 733 -1.23 -12.92 1.34
N CYS B 734 -0.82 -14.15 1.01
CA CYS B 734 -1.45 -14.90 -0.07
C CYS B 734 -2.95 -15.06 0.12
N THR B 735 -3.43 -15.09 1.35
CA THR B 735 -4.86 -15.23 1.58
C THR B 735 -5.58 -13.90 1.80
N GLN B 736 -4.89 -12.88 2.31
CA GLN B 736 -5.49 -11.56 2.38
C GLN B 736 -5.78 -11.02 0.99
N LEU B 737 -4.81 -11.17 0.08
CA LEU B 737 -4.98 -10.70 -1.28
C LEU B 737 -5.82 -11.63 -2.13
N ASN B 738 -6.51 -12.57 -1.49
CA ASN B 738 -7.59 -13.31 -2.12
C ASN B 738 -8.93 -13.07 -1.45
N ARG B 739 -8.95 -12.77 -0.17
CA ARG B 739 -10.18 -12.35 0.48
C ARG B 739 -10.63 -10.97 0.04
N ALA B 740 -9.69 -10.04 -0.19
CA ALA B 740 -10.09 -8.74 -0.70
C ALA B 740 -10.74 -8.84 -2.07
N LEU B 741 -10.11 -9.58 -2.98
CA LEU B 741 -10.64 -9.74 -4.32
C LEU B 741 -11.90 -10.59 -4.35
N THR B 742 -12.22 -11.29 -3.27
CA THR B 742 -13.51 -11.97 -3.16
C THR B 742 -14.60 -11.03 -2.68
N GLY B 743 -14.30 -10.19 -1.70
CA GLY B 743 -15.26 -9.16 -1.32
C GLY B 743 -15.63 -8.26 -2.47
N ILE B 744 -14.64 -7.89 -3.30
CA ILE B 744 -14.93 -7.05 -4.45
C ILE B 744 -15.87 -7.76 -5.42
N ALA B 745 -15.55 -9.00 -5.78
CA ALA B 745 -16.37 -9.76 -6.72
C ALA B 745 -17.72 -10.13 -6.16
N VAL B 746 -17.92 -10.00 -4.85
CA VAL B 746 -19.24 -10.22 -4.28
C VAL B 746 -20.07 -8.95 -4.39
N GLU B 747 -19.48 -7.81 -4.03
CA GLU B 747 -20.28 -6.59 -4.14
C GLU B 747 -20.60 -6.28 -5.59
N GLN B 748 -19.76 -6.74 -6.53
CA GLN B 748 -20.12 -6.56 -7.94
C GLN B 748 -21.40 -7.30 -8.29
N ASP B 749 -21.62 -8.49 -7.74
CA ASP B 749 -22.89 -9.17 -7.93
C ASP B 749 -24.02 -8.52 -7.19
N LYS B 750 -23.75 -7.91 -6.05
CA LYS B 750 -24.78 -7.23 -5.28
C LYS B 750 -25.27 -5.94 -5.94
N ASN B 751 -24.41 -5.22 -6.64
CA ASN B 751 -24.81 -3.94 -7.24
C ASN B 751 -25.90 -4.12 -8.27
N THR B 752 -25.78 -5.15 -9.12
CA THR B 752 -26.80 -5.36 -10.12
C THR B 752 -28.11 -5.79 -9.52
N GLN B 753 -28.09 -6.54 -8.42
CA GLN B 753 -29.32 -6.83 -7.68
C GLN B 753 -29.95 -5.54 -7.17
N GLU B 754 -29.12 -4.65 -6.62
CA GLU B 754 -29.65 -3.41 -6.05
C GLU B 754 -30.29 -2.53 -7.12
N VAL B 755 -29.63 -2.38 -8.26
CA VAL B 755 -30.09 -1.42 -9.26
C VAL B 755 -31.36 -1.91 -9.95
N PHE B 756 -31.35 -3.15 -10.42
CA PHE B 756 -32.43 -3.63 -11.28
C PHE B 756 -33.54 -4.33 -10.53
N ALA B 757 -33.19 -5.23 -9.60
CA ALA B 757 -34.19 -6.07 -8.94
C ALA B 757 -34.99 -5.23 -7.95
N GLN B 758 -35.82 -4.35 -8.50
CA GLN B 758 -36.73 -3.54 -7.71
C GLN B 758 -38.19 -3.90 -7.93
N VAL B 759 -38.49 -4.74 -8.91
CA VAL B 759 -39.84 -5.26 -9.09
C VAL B 759 -39.93 -6.63 -8.45
N LYS B 760 -41.01 -6.87 -7.71
CA LYS B 760 -41.23 -8.15 -7.05
C LYS B 760 -41.98 -9.13 -7.94
N GLN B 761 -42.33 -8.74 -9.17
CA GLN B 761 -42.99 -9.60 -10.12
C GLN B 761 -42.40 -9.36 -11.50
N ILE B 762 -42.96 -10.03 -12.50
CA ILE B 762 -42.51 -9.86 -13.87
C ILE B 762 -43.71 -9.52 -14.76
N TYR B 763 -43.92 -8.23 -15.03
CA TYR B 763 -45.04 -7.81 -15.85
C TYR B 763 -44.71 -8.00 -17.33
N LYS B 764 -45.72 -8.40 -18.08
CA LYS B 764 -45.64 -8.47 -19.53
C LYS B 764 -46.64 -7.49 -20.12
N THR B 765 -46.17 -6.63 -21.02
CA THR B 765 -47.06 -5.66 -21.63
C THR B 765 -48.10 -6.37 -22.47
N PRO B 766 -49.37 -5.98 -22.38
CA PRO B 766 -50.39 -6.64 -23.20
C PRO B 766 -50.20 -6.28 -24.66
N PRO B 767 -50.66 -7.13 -25.57
CA PRO B 767 -50.49 -6.84 -27.00
C PRO B 767 -51.42 -5.74 -27.46
N ILE B 768 -51.02 -4.49 -27.25
CA ILE B 768 -51.88 -3.34 -27.56
C ILE B 768 -51.04 -2.24 -28.20
N LYS B 769 -51.71 -1.31 -28.88
CA LYS B 769 -51.06 -0.15 -29.45
C LYS B 769 -51.80 1.13 -29.07
N ASP B 770 -52.92 1.02 -28.36
CA ASP B 770 -53.78 2.15 -28.07
C ASP B 770 -53.17 3.08 -27.02
N PHE B 771 -51.93 3.51 -27.24
CA PHE B 771 -51.27 4.42 -26.31
C PHE B 771 -51.45 5.88 -26.71
N GLY B 772 -52.70 6.28 -26.92
CA GLY B 772 -53.03 7.65 -27.27
C GLY B 772 -52.19 8.25 -28.38
N GLY B 773 -51.61 7.40 -29.23
CA GLY B 773 -50.73 7.86 -30.28
C GLY B 773 -49.26 7.79 -29.96
N PHE B 774 -48.88 7.52 -28.72
CA PHE B 774 -47.48 7.38 -28.37
C PHE B 774 -46.93 6.08 -28.95
N ASN B 775 -45.70 6.13 -29.48
CA ASN B 775 -45.07 4.99 -30.12
C ASN B 775 -43.95 4.48 -29.23
N PHE B 776 -44.02 3.23 -28.81
CA PHE B 776 -43.05 2.62 -27.92
C PHE B 776 -42.26 1.51 -28.58
N SER B 777 -42.20 1.50 -29.91
CA SER B 777 -41.51 0.41 -30.61
C SER B 777 -40.03 0.39 -30.26
N GLN B 778 -39.41 1.56 -30.17
CA GLN B 778 -37.96 1.63 -29.99
C GLN B 778 -37.49 1.20 -28.62
N ILE B 779 -38.38 0.98 -27.66
CA ILE B 779 -37.94 0.58 -26.32
C ILE B 779 -38.60 -0.69 -25.82
N LEU B 780 -39.73 -1.11 -26.37
CA LEU B 780 -40.17 -2.38 -25.80
C LEU B 780 -39.53 -3.55 -26.54
N PRO B 781 -39.35 -4.69 -25.87
CA PRO B 781 -38.75 -5.85 -26.55
C PRO B 781 -39.58 -6.28 -27.74
N ASP B 782 -38.88 -6.76 -28.78
CA ASP B 782 -39.50 -7.13 -30.03
C ASP B 782 -39.73 -8.64 -30.10
N PRO B 783 -40.75 -9.08 -30.84
CA PRO B 783 -40.99 -10.52 -30.98
C PRO B 783 -40.08 -11.15 -32.02
N SER B 784 -39.64 -10.36 -33.01
CA SER B 784 -38.86 -10.87 -34.12
C SER B 784 -37.52 -11.44 -33.69
N LYS B 785 -36.75 -10.65 -32.94
CA LYS B 785 -35.44 -11.10 -32.50
C LYS B 785 -35.59 -12.25 -31.50
N PRO B 786 -34.71 -13.24 -31.52
CA PRO B 786 -34.83 -14.36 -30.57
C PRO B 786 -34.78 -13.94 -29.12
N SER B 787 -33.96 -12.93 -28.79
CA SER B 787 -33.87 -12.42 -27.43
C SER B 787 -34.85 -11.27 -27.23
N LYS B 788 -35.01 -10.88 -25.96
CA LYS B 788 -35.91 -9.80 -25.59
C LYS B 788 -35.22 -8.45 -25.57
N ARG B 789 -34.18 -8.28 -26.39
CA ARG B 789 -33.46 -7.01 -26.46
C ARG B 789 -34.24 -6.02 -27.31
N SER B 790 -34.41 -4.81 -26.79
CA SER B 790 -35.15 -3.77 -27.48
C SER B 790 -34.26 -3.06 -28.50
N PHE B 791 -34.90 -2.28 -29.37
CA PHE B 791 -34.19 -1.69 -30.49
C PHE B 791 -33.14 -0.67 -30.09
N ILE B 792 -33.13 -0.21 -28.84
CA ILE B 792 -32.07 0.65 -28.36
C ILE B 792 -31.04 -0.10 -27.52
N GLU B 793 -31.42 -1.17 -26.83
CA GLU B 793 -30.44 -1.94 -26.08
C GLU B 793 -29.43 -2.62 -26.98
N ASP B 794 -29.83 -2.96 -28.22
CA ASP B 794 -28.88 -3.58 -29.14
C ASP B 794 -27.90 -2.56 -29.73
N LEU B 795 -28.36 -1.32 -29.94
CA LEU B 795 -27.46 -0.27 -30.39
C LEU B 795 -26.36 0.00 -29.39
N LEU B 796 -26.55 -0.38 -28.14
CA LEU B 796 -25.54 -0.21 -27.10
C LEU B 796 -24.56 -1.37 -27.07
N PHE B 797 -25.04 -2.59 -27.31
CA PHE B 797 -24.15 -3.74 -27.29
C PHE B 797 -23.17 -3.73 -28.45
N ASN B 798 -23.64 -3.33 -29.63
CA ASN B 798 -22.79 -3.28 -30.81
C ASN B 798 -22.04 -1.96 -30.92
N LYS B 799 -21.86 -1.28 -29.79
CA LYS B 799 -21.12 -0.02 -29.77
C LYS B 799 -20.04 -0.05 -28.70
N VAL B 800 -20.26 -0.83 -27.64
CA VAL B 800 -19.26 -0.98 -26.60
C VAL B 800 -18.40 -2.20 -26.89
N THR B 801 -17.10 -1.97 -27.03
CA THR B 801 -16.15 -3.06 -27.28
C THR B 801 -15.11 -3.11 -26.18
N ASP B 822 -3.37 -16.04 -26.79
CA ASP B 822 -3.17 -14.59 -26.81
C ASP B 822 -2.94 -14.04 -25.40
N LEU B 823 -3.13 -12.73 -25.25
CA LEU B 823 -2.83 -12.07 -23.98
C LEU B 823 -3.78 -12.52 -22.87
N ILE B 824 -5.07 -12.64 -23.18
CA ILE B 824 -6.02 -13.10 -22.17
C ILE B 824 -5.73 -14.55 -21.80
N CYS B 825 -5.31 -15.34 -22.77
CA CYS B 825 -4.85 -16.69 -22.45
C CYS B 825 -3.62 -16.66 -21.54
N ALA B 826 -2.69 -15.73 -21.79
CA ALA B 826 -1.51 -15.62 -20.93
C ALA B 826 -1.92 -15.29 -19.50
N GLN B 827 -2.86 -14.37 -19.33
CA GLN B 827 -3.40 -14.10 -18.01
C GLN B 827 -3.98 -15.37 -17.40
N LYS B 828 -4.68 -16.16 -18.20
CA LYS B 828 -5.23 -17.41 -17.70
C LYS B 828 -4.13 -18.36 -17.23
N PHE B 829 -3.06 -18.52 -18.02
CA PHE B 829 -1.92 -19.33 -17.58
C PHE B 829 -1.26 -18.78 -16.32
N ASN B 830 -1.37 -17.48 -16.06
CA ASN B 830 -0.78 -16.90 -14.87
C ASN B 830 -1.76 -16.81 -13.71
N GLY B 831 -2.82 -17.61 -13.72
CA GLY B 831 -3.74 -17.65 -12.61
C GLY B 831 -4.71 -16.50 -12.51
N LEU B 832 -4.78 -15.65 -13.53
CA LEU B 832 -5.67 -14.50 -13.53
C LEU B 832 -6.99 -14.92 -14.16
N THR B 833 -8.03 -15.04 -13.35
CA THR B 833 -9.33 -15.52 -13.79
C THR B 833 -10.35 -14.40 -13.74
N VAL B 834 -11.27 -14.44 -14.70
CA VAL B 834 -12.39 -13.50 -14.75
C VAL B 834 -13.66 -14.33 -14.66
N LEU B 835 -14.37 -14.21 -13.55
CA LEU B 835 -15.57 -14.99 -13.31
C LEU B 835 -16.77 -14.36 -14.02
N PRO B 836 -17.78 -15.16 -14.35
CA PRO B 836 -18.98 -14.60 -14.98
C PRO B 836 -19.95 -14.08 -13.94
N PRO B 837 -20.72 -13.06 -14.27
CA PRO B 837 -21.67 -12.49 -13.30
C PRO B 837 -22.80 -13.45 -12.99
N LEU B 838 -23.38 -13.27 -11.81
CA LEU B 838 -24.52 -14.09 -11.41
C LEU B 838 -25.71 -13.85 -12.33
N LEU B 839 -25.98 -12.60 -12.68
CA LEU B 839 -27.10 -12.27 -13.55
C LEU B 839 -26.61 -12.16 -14.97
N THR B 840 -27.06 -13.06 -15.83
CA THR B 840 -26.66 -13.04 -17.23
C THR B 840 -27.28 -11.84 -17.93
N ASP B 841 -26.77 -11.53 -19.12
CA ASP B 841 -27.25 -10.41 -19.90
C ASP B 841 -28.59 -10.68 -20.57
N GLU B 842 -29.15 -11.87 -20.36
CA GLU B 842 -30.50 -12.17 -20.79
C GLU B 842 -31.51 -12.15 -19.65
N MET B 843 -31.04 -12.09 -18.41
CA MET B 843 -31.92 -11.87 -17.27
C MET B 843 -32.08 -10.40 -16.95
N ILE B 844 -31.04 -9.60 -17.19
CA ILE B 844 -31.16 -8.16 -17.02
C ILE B 844 -32.25 -7.62 -17.92
N ALA B 845 -32.31 -8.09 -19.15
CA ALA B 845 -33.34 -7.66 -20.09
C ALA B 845 -34.74 -8.11 -19.68
N GLN B 846 -34.86 -9.05 -18.76
CA GLN B 846 -36.17 -9.46 -18.27
C GLN B 846 -36.58 -8.70 -17.03
N TYR B 847 -35.69 -7.91 -16.44
CA TYR B 847 -36.08 -6.92 -15.45
C TYR B 847 -36.41 -5.57 -16.06
N THR B 848 -35.51 -5.06 -16.89
CA THR B 848 -35.68 -3.76 -17.54
C THR B 848 -36.68 -3.82 -18.68
N SER B 849 -37.42 -4.91 -18.83
CA SER B 849 -38.62 -4.96 -19.65
C SER B 849 -39.84 -5.27 -18.81
N ALA B 850 -39.67 -5.52 -17.51
CA ALA B 850 -40.76 -5.54 -16.55
C ALA B 850 -40.79 -4.27 -15.73
N LEU B 851 -39.71 -3.49 -15.74
CA LEU B 851 -39.71 -2.14 -15.21
C LEU B 851 -40.20 -1.14 -16.23
N LEU B 852 -40.52 -1.59 -17.44
CA LEU B 852 -40.90 -0.72 -18.53
C LEU B 852 -42.28 -1.05 -19.07
N ALA B 853 -42.84 -2.20 -18.69
CA ALA B 853 -44.24 -2.48 -18.93
C ALA B 853 -45.11 -2.23 -17.72
N GLY B 854 -44.53 -1.78 -16.62
CA GLY B 854 -45.31 -1.35 -15.48
C GLY B 854 -45.49 0.15 -15.49
N THR B 855 -44.44 0.87 -15.83
CA THR B 855 -44.53 2.32 -15.96
C THR B 855 -45.55 2.71 -17.03
N ILE B 856 -45.57 1.96 -18.14
CA ILE B 856 -46.46 2.30 -19.23
C ILE B 856 -47.92 2.06 -18.86
N THR B 857 -48.20 0.99 -18.12
CA THR B 857 -49.58 0.56 -17.91
C THR B 857 -50.05 0.74 -16.47
N SER B 858 -49.16 1.09 -15.56
CA SER B 858 -49.59 1.27 -14.18
C SER B 858 -49.16 2.61 -13.61
N GLY B 859 -47.98 3.08 -13.99
CA GLY B 859 -47.52 4.37 -13.54
C GLY B 859 -46.68 4.33 -12.28
N TRP B 860 -46.96 5.25 -11.36
CA TRP B 860 -46.22 5.33 -10.10
C TRP B 860 -46.73 4.33 -9.07
N THR B 861 -47.69 3.48 -9.45
CA THR B 861 -48.34 2.60 -8.49
C THR B 861 -47.70 1.23 -8.38
N PHE B 862 -47.10 0.71 -9.46
CA PHE B 862 -46.55 -0.63 -9.41
C PHE B 862 -45.36 -0.73 -8.47
N GLY B 863 -44.77 0.40 -8.09
CA GLY B 863 -43.66 0.37 -7.16
C GLY B 863 -44.07 0.74 -5.75
N ALA B 864 -45.38 0.82 -5.51
CA ALA B 864 -45.89 1.16 -4.19
C ALA B 864 -47.09 0.31 -3.83
N GLY B 865 -47.00 -1.00 -4.09
CA GLY B 865 -48.10 -1.89 -3.82
C GLY B 865 -48.55 -2.65 -5.05
N ALA B 866 -49.77 -3.14 -5.04
CA ALA B 866 -50.30 -3.86 -6.20
C ALA B 866 -50.50 -2.89 -7.35
N ALA B 867 -50.02 -3.27 -8.53
CA ALA B 867 -50.10 -2.40 -9.70
C ALA B 867 -51.55 -2.21 -10.11
N LEU B 868 -51.92 -0.98 -10.43
CA LEU B 868 -53.27 -0.63 -10.85
C LEU B 868 -53.20 -0.03 -12.24
N GLN B 869 -53.94 -0.60 -13.18
CA GLN B 869 -53.88 -0.11 -14.55
C GLN B 869 -54.55 1.24 -14.66
N ILE B 870 -54.22 1.96 -15.73
CA ILE B 870 -54.77 3.29 -15.97
C ILE B 870 -54.43 3.65 -17.41
N PRO B 871 -55.36 4.22 -18.18
CA PRO B 871 -55.07 4.52 -19.59
C PRO B 871 -53.84 5.40 -19.71
N PHE B 872 -53.00 5.16 -20.72
CA PHE B 872 -51.73 5.89 -20.76
C PHE B 872 -51.94 7.39 -20.86
N ALA B 873 -52.80 7.84 -21.76
CA ALA B 873 -53.06 9.27 -21.85
C ALA B 873 -53.43 9.82 -20.47
N MET B 874 -54.38 9.17 -19.81
CA MET B 874 -54.90 9.64 -18.54
C MET B 874 -53.88 9.53 -17.41
N GLN B 875 -52.70 8.98 -17.66
CA GLN B 875 -51.66 9.11 -16.66
C GLN B 875 -50.65 10.18 -16.99
N MET B 876 -50.41 10.43 -18.28
CA MET B 876 -49.54 11.56 -18.62
C MET B 876 -50.15 12.87 -18.15
N ALA B 877 -51.48 12.98 -18.24
CA ALA B 877 -52.18 14.13 -17.71
C ALA B 877 -52.16 14.19 -16.19
N TYR B 878 -51.84 13.11 -15.51
CA TYR B 878 -51.62 13.16 -14.08
C TYR B 878 -50.15 13.32 -13.75
N ARG B 879 -49.33 13.48 -14.78
CA ARG B 879 -47.96 13.92 -14.61
C ARG B 879 -47.76 15.36 -15.02
N PHE B 880 -48.55 15.87 -15.96
CA PHE B 880 -48.63 17.31 -16.15
C PHE B 880 -49.15 17.99 -14.89
N ASN B 881 -50.17 17.41 -14.27
CA ASN B 881 -50.81 18.01 -13.12
C ASN B 881 -49.90 17.97 -11.89
N GLY B 882 -48.68 17.47 -12.08
CA GLY B 882 -47.71 17.45 -11.00
C GLY B 882 -46.64 18.51 -11.16
N ILE B 883 -46.55 19.11 -12.34
CA ILE B 883 -45.58 20.15 -12.61
C ILE B 883 -46.25 21.48 -12.93
N GLY B 884 -47.52 21.63 -12.59
CA GLY B 884 -48.15 22.93 -12.69
C GLY B 884 -49.17 23.07 -13.81
N VAL B 885 -48.86 22.54 -14.99
CA VAL B 885 -49.78 22.70 -16.11
C VAL B 885 -51.01 21.85 -15.87
N THR B 886 -52.18 22.45 -16.06
CA THR B 886 -53.42 21.73 -15.83
C THR B 886 -53.67 20.71 -16.94
N GLN B 887 -54.67 19.85 -16.72
CA GLN B 887 -54.90 18.72 -17.61
C GLN B 887 -55.45 19.16 -18.96
N ASN B 888 -56.27 20.20 -18.98
CA ASN B 888 -56.87 20.63 -20.24
C ASN B 888 -55.80 21.03 -21.24
N VAL B 889 -54.60 21.36 -20.76
CA VAL B 889 -53.46 21.58 -21.64
C VAL B 889 -53.13 20.31 -22.41
N LEU B 890 -53.09 19.18 -21.70
CA LEU B 890 -52.78 17.93 -22.38
C LEU B 890 -53.92 17.50 -23.28
N TYR B 891 -55.14 17.42 -22.75
CA TYR B 891 -56.18 16.76 -23.53
C TYR B 891 -56.54 17.54 -24.78
N GLU B 892 -56.09 18.78 -24.90
CA GLU B 892 -56.33 19.58 -26.09
C GLU B 892 -55.10 19.71 -26.96
N ASN B 893 -54.00 19.06 -26.59
CA ASN B 893 -52.77 19.08 -27.38
C ASN B 893 -52.21 17.67 -27.50
N GLN B 894 -53.09 16.67 -27.47
CA GLN B 894 -52.64 15.29 -27.35
C GLN B 894 -51.88 14.83 -28.59
N LYS B 895 -52.41 15.14 -29.78
CA LYS B 895 -51.76 14.70 -31.01
C LYS B 895 -50.37 15.32 -31.15
N LEU B 896 -50.26 16.61 -30.87
CA LEU B 896 -48.95 17.27 -30.96
C LEU B 896 -47.97 16.67 -29.97
N ILE B 897 -48.43 16.35 -28.76
CA ILE B 897 -47.54 15.74 -27.78
C ILE B 897 -47.06 14.38 -28.24
N ALA B 898 -47.97 13.57 -28.79
CA ALA B 898 -47.54 12.27 -29.29
C ALA B 898 -46.52 12.41 -30.41
N ASN B 899 -46.78 13.31 -31.35
CA ASN B 899 -45.90 13.46 -32.50
C ASN B 899 -44.62 14.19 -32.17
N GLN B 900 -44.52 14.80 -31.00
CA GLN B 900 -43.24 15.29 -30.50
C GLN B 900 -42.45 14.25 -29.74
N PHE B 901 -43.12 13.45 -28.90
CA PHE B 901 -42.44 12.38 -28.17
C PHE B 901 -41.84 11.35 -29.11
N ASN B 902 -42.60 10.96 -30.14
CA ASN B 902 -42.09 9.98 -31.09
C ASN B 902 -40.84 10.49 -31.81
N SER B 903 -40.88 11.76 -32.25
CA SER B 903 -39.72 12.34 -32.91
C SER B 903 -38.52 12.40 -31.99
N ALA B 904 -38.75 12.72 -30.71
CA ALA B 904 -37.65 12.74 -29.75
C ALA B 904 -37.01 11.35 -29.63
N ILE B 905 -37.83 10.30 -29.56
CA ILE B 905 -37.29 8.95 -29.48
C ILE B 905 -36.45 8.63 -30.71
N GLY B 906 -36.97 8.98 -31.89
CA GLY B 906 -36.20 8.72 -33.10
C GLY B 906 -34.86 9.42 -33.11
N LYS B 907 -34.84 10.69 -32.70
CA LYS B 907 -33.58 11.43 -32.66
C LYS B 907 -32.62 10.84 -31.65
N ILE B 908 -33.12 10.31 -30.52
CA ILE B 908 -32.22 9.64 -29.58
C ILE B 908 -31.60 8.41 -30.22
N GLN B 909 -32.41 7.62 -30.92
CA GLN B 909 -31.87 6.41 -31.55
C GLN B 909 -30.78 6.78 -32.56
N ASP B 910 -31.01 7.84 -33.33
CA ASP B 910 -29.96 8.28 -34.25
C ASP B 910 -28.76 8.90 -33.54
N SER B 911 -28.95 9.45 -32.35
CA SER B 911 -27.88 10.06 -31.58
C SER B 911 -26.91 9.04 -31.00
N LEU B 912 -27.44 7.96 -30.41
CA LEU B 912 -26.55 6.93 -29.87
C LEU B 912 -25.70 6.29 -30.96
N SER B 913 -26.30 6.07 -32.14
CA SER B 913 -25.59 5.43 -33.24
C SER B 913 -24.47 6.29 -33.79
N SER B 914 -24.43 7.58 -33.43
CA SER B 914 -23.39 8.47 -33.93
C SER B 914 -22.04 8.14 -33.28
N THR B 915 -20.97 8.66 -33.88
CA THR B 915 -19.63 8.46 -33.35
C THR B 915 -19.41 9.42 -32.19
N ALA B 916 -18.22 9.37 -31.58
CA ALA B 916 -17.90 10.11 -30.36
C ALA B 916 -18.98 9.83 -29.31
N SER B 917 -19.28 8.54 -29.14
CA SER B 917 -20.46 8.12 -28.39
C SER B 917 -20.43 8.63 -26.96
N ALA B 918 -21.59 9.03 -26.47
CA ALA B 918 -21.74 9.49 -25.10
C ALA B 918 -21.56 8.36 -24.09
N LEU B 919 -21.51 7.12 -24.55
CA LEU B 919 -21.33 5.97 -23.66
C LEU B 919 -19.86 5.77 -23.33
N GLY B 920 -19.04 6.81 -23.54
CA GLY B 920 -17.65 6.74 -23.16
C GLY B 920 -17.43 6.47 -21.69
N LYS B 921 -18.42 6.79 -20.85
CA LYS B 921 -18.32 6.44 -19.44
C LYS B 921 -18.29 4.94 -19.23
N LEU B 922 -19.10 4.18 -19.97
CA LEU B 922 -19.13 2.73 -19.79
C LEU B 922 -17.88 2.04 -20.30
N GLN B 923 -17.30 2.50 -21.41
CA GLN B 923 -16.10 1.88 -21.96
C GLN B 923 -14.83 2.44 -21.34
N ASP B 924 -14.96 3.40 -20.43
CA ASP B 924 -13.82 3.83 -19.63
C ASP B 924 -13.53 2.84 -18.50
N VAL B 925 -14.59 2.27 -17.91
CA VAL B 925 -14.42 1.28 -16.86
C VAL B 925 -13.65 0.07 -17.38
N VAL B 926 -14.05 -0.42 -18.56
CA VAL B 926 -13.41 -1.60 -19.14
C VAL B 926 -11.96 -1.28 -19.48
N ASN B 927 -11.71 -0.11 -20.05
CA ASN B 927 -10.35 0.26 -20.40
C ASN B 927 -9.47 0.33 -19.16
N GLN B 928 -9.97 0.94 -18.08
CA GLN B 928 -9.18 1.04 -16.87
C GLN B 928 -8.90 -0.33 -16.27
N ASN B 929 -9.92 -1.18 -16.19
CA ASN B 929 -9.73 -2.49 -15.58
C ASN B 929 -8.99 -3.46 -16.45
N ALA B 930 -8.84 -3.17 -17.74
CA ALA B 930 -7.96 -3.95 -18.60
C ALA B 930 -6.60 -3.34 -18.78
N GLN B 931 -6.36 -2.13 -18.29
CA GLN B 931 -5.03 -1.55 -18.30
C GLN B 931 -4.25 -1.85 -17.04
N ALA B 932 -4.89 -1.83 -15.88
CA ALA B 932 -4.21 -2.15 -14.64
C ALA B 932 -3.77 -3.61 -14.63
N LEU B 933 -4.61 -4.51 -15.13
CA LEU B 933 -4.28 -5.92 -15.13
C LEU B 933 -3.18 -6.27 -16.13
N ASN B 934 -3.01 -5.47 -17.18
CA ASN B 934 -1.90 -5.68 -18.10
C ASN B 934 -0.56 -5.29 -17.51
N THR B 935 -0.52 -4.25 -16.68
CA THR B 935 0.69 -3.94 -15.94
C THR B 935 1.07 -5.04 -14.97
N LEU B 936 0.09 -5.70 -14.36
CA LEU B 936 0.36 -6.82 -13.47
C LEU B 936 1.03 -7.98 -14.19
N VAL B 937 0.94 -8.03 -15.52
CA VAL B 937 1.63 -9.06 -16.27
C VAL B 937 2.95 -8.52 -16.84
N LYS B 938 2.95 -7.25 -17.24
CA LYS B 938 4.20 -6.62 -17.66
C LYS B 938 5.24 -6.68 -16.55
N GLN B 939 4.81 -6.68 -15.30
CA GLN B 939 5.78 -6.62 -14.20
C GLN B 939 6.34 -7.97 -13.81
N LEU B 940 6.07 -9.03 -14.57
CA LEU B 940 6.81 -10.25 -14.36
C LEU B 940 8.12 -10.28 -15.14
N SER B 941 8.40 -9.24 -15.92
CA SER B 941 9.62 -9.16 -16.69
C SER B 941 10.72 -8.37 -15.99
N SER B 942 10.44 -7.86 -14.80
CA SER B 942 11.42 -7.09 -14.04
C SER B 942 12.03 -7.97 -12.95
N ASN B 943 13.35 -7.94 -12.85
CA ASN B 943 14.08 -8.82 -11.96
C ASN B 943 14.24 -8.27 -10.55
N PHE B 944 13.83 -7.03 -10.32
CA PHE B 944 13.88 -6.42 -8.99
C PHE B 944 15.27 -6.50 -8.38
N GLY B 945 16.30 -6.31 -9.20
CA GLY B 945 17.67 -6.31 -8.71
C GLY B 945 18.27 -7.69 -8.50
N ALA B 946 17.55 -8.75 -8.82
CA ALA B 946 18.10 -10.09 -8.68
C ALA B 946 19.00 -10.41 -9.87
N ILE B 947 19.46 -11.66 -9.93
CA ILE B 947 20.30 -12.08 -11.05
C ILE B 947 19.54 -12.02 -12.35
N SER B 948 18.32 -12.56 -12.38
CA SER B 948 17.51 -12.58 -13.59
C SER B 948 16.05 -12.54 -13.18
N SER B 949 15.16 -12.49 -14.17
CA SER B 949 13.73 -12.39 -13.91
C SER B 949 12.99 -13.70 -14.12
N VAL B 950 13.67 -14.75 -14.57
CA VAL B 950 13.06 -16.06 -14.72
C VAL B 950 13.49 -16.91 -13.53
N LEU B 951 12.51 -17.41 -12.78
CA LEU B 951 12.81 -18.14 -11.57
C LEU B 951 13.60 -19.42 -11.85
N ASN B 952 13.34 -20.08 -12.98
CA ASN B 952 14.07 -21.30 -13.31
C ASN B 952 15.55 -21.01 -13.56
N ASP B 953 15.85 -19.87 -14.16
CA ASP B 953 17.24 -19.45 -14.33
C ASP B 953 17.97 -19.43 -12.98
N ILE B 954 17.39 -18.72 -12.01
CA ILE B 954 17.99 -18.63 -10.68
C ILE B 954 18.12 -19.99 -10.05
N LEU B 955 17.08 -20.81 -10.15
CA LEU B 955 17.12 -22.15 -9.57
C LEU B 955 18.17 -23.05 -10.21
N SER B 956 18.47 -22.85 -11.50
CA SER B 956 19.43 -23.69 -12.19
C SER B 956 20.82 -23.06 -12.28
N ARG B 957 21.03 -21.90 -11.67
CA ARG B 957 22.36 -21.31 -11.62
C ARG B 957 22.94 -21.20 -10.22
N LEU B 958 22.17 -21.46 -9.17
CA LEU B 958 22.61 -21.21 -7.82
C LEU B 958 22.11 -22.28 -6.87
N ASP B 959 22.94 -22.65 -5.90
CA ASP B 959 22.58 -23.58 -4.84
C ASP B 959 21.65 -22.91 -3.85
N PRO B 960 20.88 -23.69 -3.09
CA PRO B 960 19.87 -23.12 -2.20
C PRO B 960 20.42 -22.05 -1.27
N PRO B 961 21.62 -22.22 -0.67
CA PRO B 961 22.12 -21.16 0.22
C PRO B 961 22.21 -19.80 -0.44
N GLU B 962 22.61 -19.73 -1.70
CA GLU B 962 22.64 -18.47 -2.43
C GLU B 962 21.44 -18.27 -3.33
N ALA B 963 20.73 -19.34 -3.70
CA ALA B 963 19.51 -19.17 -4.46
C ALA B 963 18.44 -18.45 -3.64
N GLU B 964 18.33 -18.80 -2.36
CA GLU B 964 17.29 -18.23 -1.52
C GLU B 964 17.39 -16.71 -1.42
N VAL B 965 18.62 -16.18 -1.28
CA VAL B 965 18.78 -14.75 -1.10
C VAL B 965 18.47 -13.96 -2.36
N GLN B 966 18.30 -14.62 -3.50
CA GLN B 966 17.82 -14.00 -4.72
C GLN B 966 16.33 -14.19 -4.92
N ILE B 967 15.84 -15.42 -4.70
CA ILE B 967 14.40 -15.65 -4.74
C ILE B 967 13.70 -14.68 -3.82
N ASP B 968 14.27 -14.42 -2.64
CA ASP B 968 13.62 -13.50 -1.73
C ASP B 968 13.57 -12.08 -2.26
N ARG B 969 14.50 -11.67 -3.11
CA ARG B 969 14.29 -10.36 -3.70
C ARG B 969 13.47 -10.43 -4.97
N LEU B 970 13.06 -11.63 -5.38
CA LEU B 970 11.94 -11.76 -6.30
C LEU B 970 10.60 -11.79 -5.57
N ILE B 971 10.47 -12.64 -4.54
CA ILE B 971 9.21 -12.82 -3.84
C ILE B 971 8.76 -11.52 -3.19
N THR B 972 9.71 -10.67 -2.81
CA THR B 972 9.36 -9.37 -2.27
C THR B 972 9.12 -8.33 -3.36
N GLY B 973 9.36 -8.67 -4.62
CA GLY B 973 9.13 -7.73 -5.69
C GLY B 973 7.80 -7.95 -6.35
N ARG B 974 7.38 -9.21 -6.44
CA ARG B 974 6.10 -9.52 -7.06
C ARG B 974 4.95 -9.31 -6.08
N LEU B 975 5.18 -9.60 -4.80
CA LEU B 975 4.12 -9.44 -3.82
C LEU B 975 3.74 -7.97 -3.65
N GLN B 976 4.73 -7.08 -3.72
CA GLN B 976 4.42 -5.65 -3.64
C GLN B 976 3.56 -5.22 -4.82
N SER B 977 3.87 -5.70 -6.02
CA SER B 977 3.04 -5.39 -7.17
C SER B 977 1.62 -5.91 -7.00
N LEU B 978 1.48 -7.13 -6.49
CA LEU B 978 0.15 -7.67 -6.26
C LEU B 978 -0.62 -6.85 -5.24
N GLN B 979 0.03 -6.41 -4.17
CA GLN B 979 -0.65 -5.58 -3.18
C GLN B 979 -1.10 -4.26 -3.78
N THR B 980 -0.25 -3.64 -4.60
CA THR B 980 -0.64 -2.40 -5.26
C THR B 980 -1.86 -2.61 -6.14
N TYR B 981 -1.87 -3.71 -6.89
CA TYR B 981 -3.03 -3.99 -7.74
C TYR B 981 -4.30 -4.16 -6.91
N VAL B 982 -4.19 -4.88 -5.79
CA VAL B 982 -5.37 -5.09 -4.95
C VAL B 982 -5.88 -3.77 -4.39
N THR B 983 -4.96 -2.89 -3.97
CA THR B 983 -5.40 -1.60 -3.45
C THR B 983 -6.10 -0.77 -4.54
N GLN B 984 -5.56 -0.76 -5.75
CA GLN B 984 -6.23 -0.04 -6.83
C GLN B 984 -7.62 -0.61 -7.06
N GLN B 985 -7.76 -1.94 -7.05
CA GLN B 985 -9.07 -2.53 -7.24
C GLN B 985 -10.03 -2.13 -6.12
N LEU B 986 -9.54 -2.09 -4.88
CA LEU B 986 -10.40 -1.69 -3.77
C LEU B 986 -10.93 -0.28 -3.98
N ILE B 987 -10.05 0.64 -4.35
CA ILE B 987 -10.47 2.03 -4.49
C ILE B 987 -11.44 2.19 -5.66
N ARG B 988 -11.13 1.56 -6.80
CA ARG B 988 -12.01 1.69 -7.95
C ARG B 988 -13.35 1.04 -7.68
N ALA B 989 -13.37 -0.08 -6.96
CA ALA B 989 -14.63 -0.69 -6.55
C ALA B 989 -15.42 0.19 -5.62
N ALA B 990 -14.75 0.95 -4.75
CA ALA B 990 -15.47 1.95 -3.97
C ALA B 990 -16.11 3.01 -4.85
N GLU B 991 -15.41 3.46 -5.90
CA GLU B 991 -16.04 4.40 -6.83
C GLU B 991 -17.27 3.79 -7.49
N ILE B 992 -17.16 2.53 -7.94
CA ILE B 992 -18.28 1.89 -8.61
C ILE B 992 -19.45 1.71 -7.65
N ARG B 993 -19.15 1.36 -6.40
CA ARG B 993 -20.20 1.27 -5.39
C ARG B 993 -20.90 2.60 -5.18
N ALA B 994 -20.14 3.70 -5.18
CA ALA B 994 -20.75 5.00 -5.06
C ALA B 994 -21.64 5.31 -6.25
N SER B 995 -21.21 4.95 -7.45
CA SER B 995 -21.95 5.27 -8.65
C SER B 995 -23.03 4.25 -8.99
N ALA B 996 -23.15 3.19 -8.21
CA ALA B 996 -24.22 2.22 -8.37
C ALA B 996 -25.28 2.36 -7.28
N ASN B 997 -25.06 3.26 -6.33
CA ASN B 997 -26.11 3.68 -5.40
C ASN B 997 -26.72 5.00 -5.77
N LEU B 998 -26.19 5.67 -6.79
CA LEU B 998 -26.88 6.79 -7.44
C LEU B 998 -27.76 6.30 -8.57
N ALA B 999 -27.34 5.29 -9.32
CA ALA B 999 -28.21 4.68 -10.31
C ALA B 999 -29.42 4.03 -9.67
N ALA B 1000 -29.25 3.36 -8.52
CA ALA B 1000 -30.40 2.80 -7.82
C ALA B 1000 -31.37 3.89 -7.39
N THR B 1001 -30.87 5.00 -6.89
CA THR B 1001 -31.74 6.11 -6.49
C THR B 1001 -32.47 6.68 -7.69
N LYS B 1002 -31.76 6.91 -8.79
CA LYS B 1002 -32.41 7.45 -9.97
C LYS B 1002 -33.45 6.49 -10.54
N MET B 1003 -33.20 5.19 -10.46
CA MET B 1003 -34.21 4.20 -10.84
C MET B 1003 -35.39 4.19 -9.90
N SER B 1004 -35.16 4.43 -8.61
CA SER B 1004 -36.25 4.38 -7.65
C SER B 1004 -37.11 5.63 -7.72
N GLU B 1005 -36.54 6.76 -8.11
CA GLU B 1005 -37.28 8.02 -8.11
C GLU B 1005 -37.69 8.45 -9.52
N CYS B 1006 -36.73 8.57 -10.44
CA CYS B 1006 -37.07 9.06 -11.77
C CYS B 1006 -37.98 8.10 -12.53
N VAL B 1007 -37.96 6.81 -12.21
CA VAL B 1007 -38.70 5.80 -12.95
C VAL B 1007 -39.93 5.31 -12.19
N LEU B 1008 -39.77 4.99 -10.92
CA LEU B 1008 -40.87 4.47 -10.12
C LEU B 1008 -41.75 5.57 -9.56
N GLY B 1009 -41.73 6.73 -10.19
CA GLY B 1009 -42.53 7.85 -9.72
C GLY B 1009 -42.24 9.07 -10.57
N GLN B 1010 -42.36 10.23 -9.95
CA GLN B 1010 -42.01 11.48 -10.60
C GLN B 1010 -41.19 12.32 -9.63
N SER B 1011 -40.20 13.02 -10.15
CA SER B 1011 -39.29 13.77 -9.30
C SER B 1011 -39.63 15.24 -9.30
N LYS B 1012 -39.41 15.86 -8.15
CA LYS B 1012 -39.51 17.31 -8.00
C LYS B 1012 -38.16 17.93 -7.68
N ARG B 1013 -37.08 17.16 -7.77
CA ARG B 1013 -35.75 17.69 -7.50
C ARG B 1013 -35.18 18.27 -8.78
N VAL B 1014 -34.87 19.56 -8.77
CA VAL B 1014 -34.51 20.26 -9.99
C VAL B 1014 -33.20 19.73 -10.54
N ASP B 1015 -33.19 19.46 -11.85
CA ASP B 1015 -32.00 19.06 -12.59
C ASP B 1015 -31.42 17.80 -11.95
N PHE B 1016 -32.29 16.83 -11.70
CA PHE B 1016 -31.90 15.51 -11.26
C PHE B 1016 -32.22 14.44 -12.28
N CYS B 1017 -33.47 14.38 -12.73
CA CYS B 1017 -33.88 13.50 -13.80
C CYS B 1017 -33.91 14.31 -15.10
N GLY B 1018 -32.73 14.77 -15.53
CA GLY B 1018 -32.61 15.46 -16.79
C GLY B 1018 -33.05 16.90 -16.75
N LYS B 1019 -32.49 17.73 -17.64
CA LYS B 1019 -32.83 19.14 -17.70
C LYS B 1019 -34.31 19.34 -18.02
N GLY B 1020 -34.93 20.31 -17.37
CA GLY B 1020 -36.33 20.62 -17.57
C GLY B 1020 -37.19 19.99 -16.49
N TYR B 1021 -38.48 20.33 -16.56
CA TYR B 1021 -39.45 19.68 -15.69
C TYR B 1021 -39.56 18.22 -16.07
N HIS B 1022 -39.46 17.34 -15.08
CA HIS B 1022 -39.38 15.92 -15.35
C HIS B 1022 -40.78 15.33 -15.43
N LEU B 1023 -41.06 14.64 -16.54
CA LEU B 1023 -42.33 13.95 -16.72
C LEU B 1023 -42.23 12.46 -16.40
N MET B 1024 -41.27 11.75 -17.00
CA MET B 1024 -41.17 10.31 -16.76
C MET B 1024 -39.81 9.84 -17.24
N SER B 1025 -39.58 8.53 -17.19
CA SER B 1025 -38.29 7.99 -17.56
C SER B 1025 -38.44 6.54 -18.00
N PHE B 1026 -37.42 6.02 -18.66
CA PHE B 1026 -37.43 4.65 -19.13
C PHE B 1026 -36.05 4.05 -18.93
N PRO B 1027 -35.93 2.90 -18.28
CA PRO B 1027 -34.62 2.27 -18.12
C PRO B 1027 -34.31 1.30 -19.25
N GLN B 1028 -33.04 1.23 -19.61
CA GLN B 1028 -32.55 0.29 -20.61
C GLN B 1028 -31.24 -0.29 -20.13
N SER B 1029 -31.00 -1.56 -20.45
CA SER B 1029 -29.77 -2.19 -20.00
C SER B 1029 -28.60 -1.77 -20.89
N ALA B 1030 -27.39 -2.01 -20.40
CA ALA B 1030 -26.19 -1.79 -21.19
C ALA B 1030 -25.07 -2.58 -20.55
N PRO B 1031 -24.04 -2.94 -21.31
CA PRO B 1031 -22.98 -3.78 -20.75
C PRO B 1031 -22.33 -3.13 -19.55
N HIS B 1032 -22.55 -3.73 -18.38
CA HIS B 1032 -22.04 -3.20 -17.12
C HIS B 1032 -22.53 -1.77 -16.89
N GLY B 1033 -23.81 -1.53 -17.15
CA GLY B 1033 -24.32 -0.18 -16.97
C GLY B 1033 -25.79 -0.09 -17.28
N VAL B 1034 -26.35 1.06 -16.91
CA VAL B 1034 -27.78 1.34 -17.06
C VAL B 1034 -27.93 2.64 -17.82
N VAL B 1035 -28.93 2.71 -18.70
CA VAL B 1035 -29.19 3.86 -19.56
C VAL B 1035 -30.57 4.39 -19.20
N PHE B 1036 -30.67 5.70 -19.01
CA PHE B 1036 -31.92 6.35 -18.65
C PHE B 1036 -32.35 7.28 -19.76
N LEU B 1037 -33.62 7.22 -20.11
CA LEU B 1037 -34.20 8.12 -21.11
C LEU B 1037 -35.19 9.02 -20.40
N HIS B 1038 -34.71 10.13 -19.85
CA HIS B 1038 -35.57 11.06 -19.13
C HIS B 1038 -36.43 11.83 -20.13
N VAL B 1039 -37.74 11.65 -20.04
CA VAL B 1039 -38.68 12.40 -20.85
C VAL B 1039 -39.14 13.61 -20.03
N THR B 1040 -38.86 14.81 -20.54
CA THR B 1040 -39.01 16.04 -19.79
C THR B 1040 -39.80 17.07 -20.59
N TYR B 1041 -40.35 18.03 -19.86
CA TYR B 1041 -41.19 19.09 -20.37
C TYR B 1041 -40.41 20.40 -20.32
N VAL B 1042 -40.27 21.06 -21.46
CA VAL B 1042 -39.46 22.27 -21.55
C VAL B 1042 -40.31 23.39 -22.17
N PRO B 1043 -40.48 24.52 -21.50
CA PRO B 1043 -41.24 25.62 -22.09
C PRO B 1043 -40.45 26.33 -23.18
N ALA B 1044 -41.17 27.08 -24.02
CA ALA B 1044 -40.56 27.78 -25.13
C ALA B 1044 -41.47 28.91 -25.57
N GLN B 1045 -40.93 29.81 -26.40
CA GLN B 1045 -41.68 30.92 -26.98
C GLN B 1045 -42.31 31.79 -25.91
N GLU B 1046 -41.44 32.41 -25.11
CA GLU B 1046 -41.90 33.36 -24.11
C GLU B 1046 -42.57 34.55 -24.80
N LYS B 1047 -43.29 35.34 -24.00
CA LYS B 1047 -44.02 36.48 -24.55
C LYS B 1047 -44.22 37.48 -23.42
N ASN B 1048 -43.69 38.69 -23.60
CA ASN B 1048 -43.73 39.70 -22.54
C ASN B 1048 -45.18 40.09 -22.23
N PHE B 1049 -45.43 40.39 -20.96
CA PHE B 1049 -46.72 40.85 -20.47
C PHE B 1049 -46.49 41.81 -19.32
N THR B 1050 -47.51 42.59 -19.01
CA THR B 1050 -47.50 43.47 -17.85
C THR B 1050 -48.32 42.86 -16.73
N THR B 1051 -47.76 42.84 -15.53
CA THR B 1051 -48.37 42.14 -14.40
C THR B 1051 -48.79 43.13 -13.33
N ALA B 1052 -49.24 42.58 -12.22
CA ALA B 1052 -49.66 43.35 -11.06
C ALA B 1052 -49.78 42.43 -9.86
N PRO B 1053 -49.34 42.85 -8.68
CA PRO B 1053 -49.43 41.98 -7.51
C PRO B 1053 -50.86 41.62 -7.14
N ALA B 1054 -51.72 42.61 -6.90
CA ALA B 1054 -53.08 42.34 -6.46
C ALA B 1054 -54.02 43.37 -7.06
N ILE B 1055 -55.26 42.95 -7.25
CA ILE B 1055 -56.27 43.74 -7.96
C ILE B 1055 -57.31 44.24 -6.98
N CYS B 1056 -57.74 45.48 -7.14
CA CYS B 1056 -58.67 46.14 -6.24
C CYS B 1056 -60.01 46.37 -6.92
N HIS B 1057 -61.04 45.66 -6.46
CA HIS B 1057 -62.35 45.85 -7.07
C HIS B 1057 -63.23 46.83 -6.31
N ASP B 1058 -63.71 46.44 -5.12
CA ASP B 1058 -64.38 47.38 -4.23
C ASP B 1058 -63.54 47.75 -3.02
N GLY B 1059 -62.38 48.37 -3.24
CA GLY B 1059 -61.53 48.74 -2.13
C GLY B 1059 -60.78 47.60 -1.50
N LYS B 1060 -61.35 46.39 -1.52
CA LYS B 1060 -60.71 45.20 -1.01
C LYS B 1060 -59.86 44.57 -2.10
N ALA B 1061 -58.69 44.07 -1.72
CA ALA B 1061 -57.68 43.61 -2.68
C ALA B 1061 -57.88 42.12 -2.94
N HIS B 1062 -58.22 41.79 -4.18
CA HIS B 1062 -58.33 40.40 -4.58
C HIS B 1062 -56.95 39.86 -4.96
N PHE B 1063 -56.72 38.58 -4.71
CA PHE B 1063 -55.46 37.92 -4.98
C PHE B 1063 -55.67 36.64 -5.77
N PRO B 1064 -54.72 36.27 -6.62
CA PRO B 1064 -54.86 35.04 -7.39
C PRO B 1064 -54.80 33.81 -6.50
N ARG B 1065 -55.50 32.76 -6.93
CA ARG B 1065 -55.43 31.50 -6.20
C ARG B 1065 -54.33 30.60 -6.75
N GLU B 1066 -54.28 30.45 -8.07
CA GLU B 1066 -53.19 29.70 -8.72
C GLU B 1066 -52.90 30.40 -10.04
N GLY B 1067 -51.87 31.22 -10.05
CA GLY B 1067 -51.48 31.89 -11.27
C GLY B 1067 -51.07 33.32 -11.00
N VAL B 1068 -50.90 34.07 -12.09
CA VAL B 1068 -50.45 35.44 -12.03
C VAL B 1068 -51.46 36.30 -12.75
N PHE B 1069 -51.35 37.60 -12.56
CA PHE B 1069 -52.20 38.53 -13.30
C PHE B 1069 -51.45 39.06 -14.51
N VAL B 1070 -52.13 39.08 -15.65
CA VAL B 1070 -51.51 39.39 -16.93
C VAL B 1070 -52.45 40.27 -17.74
N SER B 1071 -51.88 41.27 -18.39
CA SER B 1071 -52.68 42.20 -19.17
C SER B 1071 -52.12 42.33 -20.58
N ASN B 1072 -53.02 42.35 -21.56
CA ASN B 1072 -52.62 42.63 -22.94
C ASN B 1072 -52.54 44.12 -23.23
N GLY B 1073 -52.43 44.94 -22.18
CA GLY B 1073 -52.40 46.38 -22.33
C GLY B 1073 -53.72 47.07 -22.09
N THR B 1074 -54.83 46.37 -22.22
CA THR B 1074 -56.14 46.97 -22.00
C THR B 1074 -57.00 46.17 -21.04
N HIS B 1075 -56.92 44.84 -21.08
CA HIS B 1075 -57.76 43.99 -20.27
C HIS B 1075 -56.89 43.13 -19.36
N TRP B 1076 -57.44 42.77 -18.22
CA TRP B 1076 -56.71 42.02 -17.21
C TRP B 1076 -57.28 40.62 -17.08
N PHE B 1077 -56.39 39.62 -17.10
CA PHE B 1077 -56.77 38.23 -16.96
C PHE B 1077 -55.87 37.59 -15.91
N VAL B 1078 -56.23 36.40 -15.48
CA VAL B 1078 -55.43 35.60 -14.57
C VAL B 1078 -55.07 34.30 -15.27
N THR B 1079 -53.79 33.95 -15.26
CA THR B 1079 -53.33 32.82 -16.03
C THR B 1079 -52.43 31.92 -15.20
N GLN B 1080 -52.47 30.63 -15.51
CA GLN B 1080 -51.50 29.71 -14.93
C GLN B 1080 -50.11 30.08 -15.41
N ARG B 1081 -49.11 29.62 -14.67
CA ARG B 1081 -47.80 30.26 -14.75
C ARG B 1081 -46.86 29.57 -15.74
N ASN B 1082 -47.16 28.35 -16.17
CA ASN B 1082 -46.31 27.63 -17.09
C ASN B 1082 -46.95 27.46 -18.46
N PHE B 1083 -47.96 28.27 -18.75
CA PHE B 1083 -48.65 28.20 -20.03
C PHE B 1083 -49.58 29.40 -20.12
N TYR B 1084 -49.68 30.04 -21.28
CA TYR B 1084 -50.57 31.20 -21.39
C TYR B 1084 -51.97 30.69 -21.67
N GLU B 1085 -52.81 30.68 -20.64
CA GLU B 1085 -54.21 30.29 -20.75
C GLU B 1085 -55.05 31.30 -19.98
N PRO B 1086 -55.29 32.47 -20.57
CA PRO B 1086 -55.99 33.53 -19.83
C PRO B 1086 -57.43 33.16 -19.55
N GLN B 1087 -57.91 33.62 -18.40
CA GLN B 1087 -59.31 33.45 -18.02
C GLN B 1087 -59.89 34.82 -17.66
N ILE B 1088 -61.07 34.84 -17.07
CA ILE B 1088 -61.67 36.08 -16.60
C ILE B 1088 -61.47 36.18 -15.10
N ILE B 1089 -61.11 37.36 -14.62
CA ILE B 1089 -60.87 37.54 -13.19
C ILE B 1089 -62.20 37.54 -12.48
N THR B 1090 -62.58 36.41 -11.90
CA THR B 1090 -63.84 36.29 -11.21
C THR B 1090 -63.63 36.25 -9.70
N THR B 1091 -64.72 36.27 -8.95
CA THR B 1091 -64.67 36.03 -7.52
C THR B 1091 -64.54 34.56 -7.20
N ASP B 1092 -64.34 33.72 -8.22
CA ASP B 1092 -64.14 32.29 -8.06
C ASP B 1092 -62.69 31.93 -7.86
N ASN B 1093 -61.79 32.48 -8.67
CA ASN B 1093 -60.38 32.14 -8.64
C ASN B 1093 -59.52 33.24 -8.03
N THR B 1094 -60.13 34.21 -7.35
CA THR B 1094 -59.39 35.20 -6.57
C THR B 1094 -59.97 35.22 -5.16
N PHE B 1095 -59.09 35.14 -4.16
CA PHE B 1095 -59.51 35.12 -2.77
C PHE B 1095 -59.25 36.48 -2.16
N VAL B 1096 -60.29 37.10 -1.61
CA VAL B 1096 -60.18 38.44 -1.05
C VAL B 1096 -59.36 38.39 0.22
N SER B 1097 -58.54 39.42 0.45
CA SER B 1097 -57.75 39.49 1.67
C SER B 1097 -57.38 40.94 1.94
N GLY B 1098 -57.92 41.49 3.02
CA GLY B 1098 -57.50 42.80 3.48
C GLY B 1098 -58.05 43.95 2.67
N ASN B 1099 -57.43 45.10 2.87
CA ASN B 1099 -57.81 46.34 2.22
C ASN B 1099 -56.70 46.79 1.28
N CYS B 1100 -57.11 47.30 0.12
CA CYS B 1100 -56.17 47.64 -0.95
C CYS B 1100 -55.56 49.01 -0.66
N ASP B 1101 -54.75 49.07 0.40
CA ASP B 1101 -54.01 50.26 0.72
C ASP B 1101 -52.59 49.92 1.14
N VAL B 1102 -52.35 48.64 1.44
CA VAL B 1102 -51.07 48.21 1.96
C VAL B 1102 -50.18 47.59 0.88
N VAL B 1103 -50.74 46.79 -0.03
CA VAL B 1103 -49.94 46.19 -1.09
C VAL B 1103 -49.53 47.26 -2.07
N ILE B 1104 -48.29 47.19 -2.53
CA ILE B 1104 -47.74 48.16 -3.48
C ILE B 1104 -47.83 47.54 -4.86
N GLY B 1105 -48.49 48.24 -5.78
CA GLY B 1105 -48.64 47.77 -7.14
C GLY B 1105 -50.07 47.42 -7.49
N ILE B 1106 -51.00 47.71 -6.58
CA ILE B 1106 -52.40 47.37 -6.81
C ILE B 1106 -52.93 48.17 -7.99
N VAL B 1107 -53.81 47.55 -8.76
CA VAL B 1107 -54.34 48.15 -9.99
C VAL B 1107 -55.85 48.25 -9.87
N ASN B 1108 -56.37 49.45 -10.12
CA ASN B 1108 -57.82 49.64 -10.19
C ASN B 1108 -58.39 48.85 -11.35
N ASN B 1109 -59.41 48.03 -11.09
CA ASN B 1109 -60.05 47.25 -12.14
C ASN B 1109 -61.43 46.80 -11.69
N THR B 1110 -62.03 45.84 -12.41
CA THR B 1110 -63.33 45.30 -12.07
C THR B 1110 -63.25 43.79 -12.03
N VAL B 1111 -63.89 43.18 -11.03
CA VAL B 1111 -63.94 41.74 -10.89
C VAL B 1111 -65.39 41.29 -11.05
N TYR B 1112 -65.62 40.34 -11.94
CA TYR B 1112 -66.97 39.91 -12.29
C TYR B 1112 -67.39 38.75 -11.42
N ASP B 1113 -68.48 38.91 -10.71
CA ASP B 1113 -69.03 37.84 -9.91
C ASP B 1113 -70.00 37.02 -10.76
N PRO B 1114 -69.93 35.69 -10.71
CA PRO B 1114 -70.85 34.89 -11.54
C PRO B 1114 -72.28 34.88 -11.02
N LEU B 1115 -72.46 35.14 -9.73
CA LEU B 1115 -73.77 34.98 -9.10
C LEU B 1115 -74.77 36.04 -9.56
N GLN B 1116 -74.47 37.32 -9.30
CA GLN B 1116 -75.42 38.40 -9.48
C GLN B 1116 -75.97 38.55 -10.90
N PRO B 1117 -75.16 38.42 -11.99
CA PRO B 1117 -75.74 38.67 -13.32
C PRO B 1117 -76.68 37.57 -13.75
N GLU B 1118 -76.27 36.32 -13.48
CA GLU B 1118 -77.12 35.19 -13.84
C GLU B 1118 -78.37 35.13 -12.96
N LEU B 1119 -78.25 35.53 -11.70
CA LEU B 1119 -79.39 35.52 -10.80
C LEU B 1119 -80.46 36.50 -11.27
N ASP B 1120 -80.04 37.63 -11.83
CA ASP B 1120 -80.99 38.64 -12.29
C ASP B 1120 -81.88 38.05 -13.39
N SER B 1121 -83.19 38.27 -13.26
CA SER B 1121 -84.14 37.73 -14.21
C SER B 1121 -85.47 38.47 -14.14
N ALA C 1 25.14 22.46 48.49
CA ALA C 1 25.13 23.75 47.82
C ALA C 1 24.40 23.68 46.49
N TYR C 2 23.30 22.94 46.46
CA TYR C 2 22.53 22.75 45.24
C TYR C 2 21.94 24.06 44.76
N THR C 3 21.85 24.22 43.44
CA THR C 3 21.19 25.37 42.83
C THR C 3 20.52 24.92 41.54
N ASN C 4 19.43 25.62 41.18
CA ASN C 4 18.57 25.20 40.08
C ASN C 4 19.09 25.74 38.75
N SER C 5 19.29 24.84 37.79
CA SER C 5 19.71 25.23 36.46
C SER C 5 18.55 25.93 35.73
N PHE C 6 18.84 27.05 35.07
CA PHE C 6 17.72 27.80 34.51
C PHE C 6 17.56 27.65 33.00
N THR C 7 18.57 28.06 32.21
CA THR C 7 18.44 27.98 30.76
C THR C 7 19.75 27.66 30.05
N ARG C 8 20.83 27.44 30.79
CA ARG C 8 22.16 27.33 30.20
C ARG C 8 22.30 25.93 29.59
N GLY C 9 23.49 25.48 29.18
CA GLY C 9 23.44 24.17 28.58
C GLY C 9 23.82 24.16 27.11
N VAL C 10 22.81 24.02 26.26
CA VAL C 10 22.90 23.53 24.89
C VAL C 10 24.11 24.05 24.12
N TYR C 11 24.76 23.14 23.38
CA TYR C 11 25.99 23.42 22.65
C TYR C 11 25.81 22.99 21.20
N TYR C 12 26.51 23.66 20.29
CA TYR C 12 26.49 23.30 18.87
C TYR C 12 27.02 21.90 18.70
N PRO C 13 26.18 20.92 18.37
CA PRO C 13 26.62 19.53 18.38
C PRO C 13 27.69 19.20 17.35
N ASP C 14 27.40 19.41 16.07
CA ASP C 14 28.22 18.86 14.99
C ASP C 14 28.70 19.95 14.05
N LYS C 15 29.64 19.57 13.19
CA LYS C 15 30.34 20.49 12.30
C LYS C 15 29.57 20.83 11.03
N VAL C 16 28.28 20.52 10.96
CA VAL C 16 27.50 20.74 9.74
C VAL C 16 26.62 21.97 9.95
N PHE C 17 26.58 22.85 8.95
CA PHE C 17 25.80 24.08 9.06
C PHE C 17 24.32 23.79 8.88
N ARG C 18 23.50 24.51 9.63
CA ARG C 18 22.05 24.44 9.49
C ARG C 18 21.46 25.81 9.82
N SER C 19 20.49 26.24 9.01
CA SER C 19 19.85 27.54 9.19
C SER C 19 18.36 27.41 8.97
N SER C 20 17.60 27.99 9.90
CA SER C 20 16.14 28.00 9.85
C SER C 20 15.57 26.57 9.75
N VAL C 21 16.03 25.72 10.65
CA VAL C 21 15.56 24.34 10.72
C VAL C 21 15.36 23.96 12.19
N LEU C 22 14.30 23.22 12.46
CA LEU C 22 13.99 22.77 13.82
C LEU C 22 14.58 21.38 14.06
N HIS C 23 15.90 21.29 13.91
CA HIS C 23 16.56 19.99 13.93
C HIS C 23 16.47 19.35 15.31
N SER C 24 16.44 18.02 15.32
CA SER C 24 16.45 17.22 16.54
C SER C 24 17.72 16.40 16.60
N THR C 25 18.44 16.48 17.72
CA THR C 25 19.73 15.81 17.86
C THR C 25 19.70 15.00 19.14
N GLN C 26 20.12 13.74 19.06
CA GLN C 26 20.13 12.83 20.20
C GLN C 26 21.54 12.78 20.76
N ASP C 27 21.80 13.63 21.76
CA ASP C 27 23.10 13.70 22.41
C ASP C 27 22.91 14.06 23.87
N LEU C 28 24.02 14.11 24.61
CA LEU C 28 24.02 14.42 26.03
C LEU C 28 24.23 15.93 26.18
N PHE C 29 23.24 16.60 26.78
CA PHE C 29 23.29 18.03 27.02
C PHE C 29 23.22 18.31 28.51
N LEU C 30 23.22 19.58 28.86
CA LEU C 30 22.96 19.98 30.24
C LEU C 30 21.45 20.03 30.48
N PRO C 31 20.93 19.36 31.48
CA PRO C 31 19.48 19.45 31.75
C PRO C 31 19.08 20.86 32.12
N PHE C 32 17.88 21.25 31.70
CA PHE C 32 17.23 22.39 32.32
C PHE C 32 16.70 21.98 33.68
N PHE C 33 16.63 22.95 34.58
CA PHE C 33 16.05 22.75 35.90
C PHE C 33 16.79 21.63 36.64
N SER C 34 18.10 21.82 36.77
CA SER C 34 18.97 20.83 37.36
C SER C 34 19.81 21.47 38.46
N ASN C 35 20.57 20.64 39.17
CA ASN C 35 21.32 21.08 40.34
C ASN C 35 22.79 21.27 40.00
N VAL C 36 23.18 22.52 39.82
CA VAL C 36 24.60 22.89 39.85
C VAL C 36 25.07 22.97 41.30
N THR C 37 26.29 22.52 41.54
CA THR C 37 26.91 22.57 42.86
C THR C 37 27.80 23.79 42.92
N TRP C 38 27.20 24.95 43.14
CA TRP C 38 27.97 26.18 43.33
C TRP C 38 28.93 26.00 44.49
N PHE C 39 30.22 26.24 44.22
CA PHE C 39 31.27 26.12 45.22
C PHE C 39 31.95 27.46 45.44
N HIS C 40 31.75 28.03 46.62
CA HIS C 40 32.50 29.18 47.10
C HIS C 40 32.82 28.91 48.55
N ALA C 41 33.95 28.24 48.78
CA ALA C 41 34.29 27.73 50.10
C ALA C 41 35.56 28.35 50.68
N ILE C 42 36.29 29.15 49.91
CA ILE C 42 37.50 29.77 50.44
C ILE C 42 37.13 30.78 51.51
N HIS C 43 37.85 30.73 52.63
CA HIS C 43 37.58 31.64 53.74
C HIS C 43 38.03 33.05 53.42
N VAL C 57 37.26 13.14 44.99
CA VAL C 57 37.38 12.79 43.59
C VAL C 57 36.51 11.58 43.27
N GLY C 63 29.87 10.11 30.81
CA GLY C 63 29.89 11.50 30.41
C GLY C 63 29.74 12.44 31.58
N VAL C 64 30.58 13.48 31.62
CA VAL C 64 30.56 14.48 32.67
C VAL C 64 30.65 15.85 32.01
N TYR C 65 30.27 16.89 32.75
CA TYR C 65 30.29 18.26 32.28
C TYR C 65 31.17 19.08 33.20
N PHE C 66 31.51 20.29 32.74
CA PHE C 66 32.31 21.21 33.52
C PHE C 66 32.09 22.61 32.98
N ALA C 67 32.07 23.59 33.87
CA ALA C 67 31.91 24.98 33.46
C ALA C 67 32.42 25.93 34.54
N SER C 68 33.62 26.46 34.35
CA SER C 68 34.16 27.49 35.23
C SER C 68 35.44 28.09 34.64
N SER C 72 39.15 34.04 38.22
CA SER C 72 40.48 34.51 37.86
C SER C 72 41.30 33.38 37.26
N ASN C 73 40.61 32.31 36.86
CA ASN C 73 41.25 31.14 36.25
C ASN C 73 42.31 30.55 37.18
N ILE C 74 41.83 30.00 38.30
CA ILE C 74 42.69 29.32 39.26
C ILE C 74 42.76 27.82 39.01
N ILE C 75 41.64 27.19 38.66
CA ILE C 75 41.66 25.76 38.38
C ILE C 75 42.14 25.53 36.95
N ARG C 76 43.13 24.63 36.80
CA ARG C 76 43.73 24.38 35.49
C ARG C 76 43.33 23.02 34.94
N GLY C 77 43.67 21.95 35.65
CA GLY C 77 43.58 20.61 35.10
C GLY C 77 42.96 19.64 36.07
N TRP C 78 43.12 18.35 35.80
CA TRP C 78 42.27 17.34 36.39
C TRP C 78 42.79 15.95 35.99
N ILE C 79 42.59 15.00 36.89
CA ILE C 79 43.27 13.71 36.85
C ILE C 79 42.27 12.58 37.01
N PHE C 80 42.48 11.51 36.22
CA PHE C 80 41.64 10.32 36.32
C PHE C 80 42.35 9.04 35.93
N GLY C 81 41.71 7.95 36.32
CA GLY C 81 42.15 6.61 35.98
C GLY C 81 41.14 5.65 36.57
N THR C 82 41.36 4.37 36.30
CA THR C 82 40.43 3.39 36.85
C THR C 82 40.67 3.15 38.34
N THR C 83 41.93 3.20 38.78
CA THR C 83 42.26 3.01 40.18
C THR C 83 43.19 4.07 40.75
N LEU C 84 44.03 4.72 39.93
CA LEU C 84 44.92 5.79 40.37
C LEU C 84 45.83 5.35 41.51
N ASP C 85 46.68 4.36 41.22
CA ASP C 85 47.72 3.93 42.15
C ASP C 85 49.01 3.62 41.40
N SER C 86 49.12 4.14 40.18
CA SER C 86 50.30 3.97 39.32
C SER C 86 50.55 2.53 38.94
N LYS C 87 49.69 1.60 39.37
CA LYS C 87 49.73 0.24 38.86
C LYS C 87 49.12 0.14 37.47
N THR C 88 48.07 0.91 37.22
CA THR C 88 47.42 1.00 35.92
C THR C 88 47.62 2.40 35.35
N GLN C 89 46.98 2.64 34.22
CA GLN C 89 47.19 3.90 33.50
C GLN C 89 46.47 5.04 34.20
N SER C 90 47.21 6.12 34.48
CA SER C 90 46.65 7.36 34.98
C SER C 90 46.49 8.34 33.83
N LEU C 91 45.97 9.53 34.13
CA LEU C 91 45.76 10.53 33.10
C LEU C 91 45.70 11.91 33.75
N LEU C 92 46.56 12.81 33.26
CA LEU C 92 46.67 14.18 33.76
C LEU C 92 46.46 15.13 32.59
N ILE C 93 45.47 16.03 32.74
CA ILE C 93 45.24 17.09 31.75
C ILE C 93 45.35 18.42 32.46
N VAL C 94 46.19 19.32 31.96
CA VAL C 94 46.34 20.62 32.58
C VAL C 94 46.32 21.70 31.50
N ASN C 95 45.67 22.81 31.80
CA ASN C 95 45.57 23.96 30.93
C ASN C 95 46.49 25.06 31.47
N ASN C 96 46.60 26.15 30.72
CA ASN C 96 47.47 27.24 31.10
C ASN C 96 46.84 28.50 30.53
N ALA C 97 47.61 29.58 30.46
CA ALA C 97 47.09 30.80 29.84
C ALA C 97 46.63 30.55 28.41
N THR C 98 47.51 29.97 27.59
CA THR C 98 47.12 29.52 26.25
C THR C 98 47.81 28.21 25.91
N ASN C 99 48.07 27.38 26.92
CA ASN C 99 48.88 26.18 26.74
C ASN C 99 48.27 25.03 27.54
N VAL C 100 48.57 23.81 27.12
CA VAL C 100 48.10 22.62 27.83
C VAL C 100 49.22 21.60 27.86
N VAL C 101 49.17 20.72 28.86
CA VAL C 101 50.06 19.56 28.96
C VAL C 101 49.21 18.37 29.38
N ILE C 102 49.33 17.26 28.65
CA ILE C 102 48.55 16.06 28.93
C ILE C 102 49.52 14.88 28.95
N LYS C 103 49.51 14.12 30.04
CA LYS C 103 50.37 12.95 30.20
C LYS C 103 49.66 11.86 30.99
N VAL C 104 50.45 10.86 31.39
CA VAL C 104 49.97 9.73 32.18
C VAL C 104 50.55 9.87 33.58
N CYS C 105 51.19 11.00 33.85
CA CYS C 105 51.73 11.29 35.18
C CYS C 105 51.44 12.72 35.58
N PHE C 107 53.16 14.99 37.80
CA PHE C 107 53.47 14.49 39.14
C PHE C 107 53.58 12.98 39.15
N THR C 141 52.70 7.48 28.50
CA THR C 141 52.78 6.98 27.13
C THR C 141 52.10 7.94 26.15
N PHE C 142 52.07 9.22 26.51
CA PHE C 142 51.43 10.22 25.66
C PHE C 142 51.83 11.59 26.21
N GLU C 143 52.17 12.50 25.30
CA GLU C 143 52.84 13.73 25.68
C GLU C 143 52.20 14.94 25.01
N TYR C 144 50.88 15.08 25.13
CA TYR C 144 50.16 16.11 24.38
C TYR C 144 50.59 17.50 24.86
N VAL C 145 51.12 18.30 23.93
CA VAL C 145 51.51 19.68 24.20
C VAL C 145 50.97 20.53 23.06
N SER C 146 50.37 21.67 23.40
CA SER C 146 49.79 22.58 22.44
C SER C 146 50.39 23.96 22.63
N GLN C 147 49.78 24.95 21.96
CA GLN C 147 50.23 26.33 22.00
C GLN C 147 50.45 26.84 23.42
N LYS C 161 30.32 34.58 38.73
CA LYS C 161 31.12 35.60 38.08
C LYS C 161 31.27 35.32 36.58
N ASN C 162 32.28 34.54 36.23
CA ASN C 162 32.62 34.28 34.84
C ASN C 162 32.64 32.78 34.60
N LEU C 163 32.20 32.38 33.39
CA LEU C 163 32.06 30.98 33.02
C LEU C 163 32.87 30.71 31.76
N ARG C 164 34.11 30.27 31.94
CA ARG C 164 34.91 29.72 30.84
C ARG C 164 34.82 28.21 30.91
N GLU C 165 33.98 27.63 30.07
CA GLU C 165 33.60 26.23 30.14
C GLU C 165 34.73 25.33 29.65
N PHE C 166 35.06 24.31 30.43
CA PHE C 166 36.00 23.27 30.04
C PHE C 166 35.19 21.99 29.92
N VAL C 167 34.51 21.81 28.80
CA VAL C 167 33.41 20.85 28.71
C VAL C 167 33.96 19.52 28.21
N PHE C 168 33.66 18.44 28.94
CA PHE C 168 33.96 17.10 28.42
C PHE C 168 33.08 16.83 27.22
N PHE C 175 38.03 9.43 24.36
CA PHE C 175 37.89 10.47 25.37
C PHE C 175 37.45 11.76 24.71
N LYS C 176 36.31 12.29 25.13
CA LYS C 176 35.60 13.35 24.42
C LYS C 176 35.55 14.59 25.32
N ILE C 177 36.44 15.55 25.04
CA ILE C 177 36.32 16.88 25.62
C ILE C 177 35.79 17.83 24.55
N TYR C 178 35.21 18.93 25.01
CA TYR C 178 34.62 19.94 24.15
C TYR C 178 35.39 21.24 24.35
N SER C 179 34.83 22.33 23.81
CA SER C 179 35.50 23.62 23.77
C SER C 179 34.44 24.70 23.73
N LYS C 180 34.83 25.89 23.26
CA LYS C 180 33.89 27.00 23.06
C LYS C 180 33.25 27.47 24.36
N HIS C 181 34.05 28.08 25.23
CA HIS C 181 33.44 28.82 26.32
C HIS C 181 32.84 30.12 25.76
N THR C 182 32.02 30.79 26.54
CA THR C 182 31.40 32.03 26.10
C THR C 182 30.94 32.84 27.32
N PRO C 183 30.98 34.17 27.27
CA PRO C 183 30.56 34.98 28.43
C PRO C 183 29.06 35.00 28.61
N ASP C 189 22.67 34.38 40.30
CA ASP C 189 23.01 33.04 39.83
C ASP C 189 23.16 33.05 38.31
N LEU C 190 22.17 32.49 37.61
CA LEU C 190 22.16 32.46 36.15
C LEU C 190 20.86 33.04 35.59
N PRO C 191 20.94 34.03 34.72
CA PRO C 191 19.73 34.58 34.11
C PRO C 191 19.24 33.72 32.95
N GLN C 192 18.23 34.21 32.23
CA GLN C 192 17.67 33.51 31.07
C GLN C 192 18.25 34.12 29.80
N GLY C 193 19.34 33.55 29.30
CA GLY C 193 20.00 34.08 28.13
C GLY C 193 20.15 33.12 26.97
N PHE C 194 20.18 31.81 27.27
CA PHE C 194 20.27 30.77 26.25
C PHE C 194 21.49 30.90 25.36
N SER C 195 22.68 30.69 25.94
CA SER C 195 23.91 30.68 25.15
C SER C 195 23.99 29.34 24.42
N ALA C 196 24.91 29.28 23.45
CA ALA C 196 25.16 28.07 22.69
C ALA C 196 26.65 27.80 22.66
N LEU C 197 27.05 26.61 23.11
CA LEU C 197 28.45 26.23 23.17
C LEU C 197 28.82 25.36 21.96
N GLU C 198 30.02 24.79 21.98
CA GLU C 198 30.35 23.65 21.13
C GLU C 198 30.57 22.44 22.00
N VAL C 201 39.08 20.03 20.99
CA VAL C 201 39.80 19.02 20.21
C VAL C 201 39.51 17.63 20.75
N ASP C 202 39.25 16.69 19.84
CA ASP C 202 39.10 15.29 20.22
C ASP C 202 40.45 14.73 20.62
N LEU C 203 40.61 14.44 21.90
CA LEU C 203 41.90 14.00 22.43
C LEU C 203 41.89 12.50 22.61
N PRO C 204 42.71 11.75 21.88
CA PRO C 204 42.70 10.28 22.03
C PRO C 204 43.38 9.87 23.32
N ILE C 205 42.89 8.77 23.91
CA ILE C 205 43.56 8.15 25.03
C ILE C 205 43.77 6.65 24.74
N GLY C 206 42.71 5.95 24.35
CA GLY C 206 42.77 4.53 24.14
C GLY C 206 42.75 3.69 25.39
N ILE C 207 42.57 4.30 26.57
CA ILE C 207 42.65 3.59 27.84
C ILE C 207 41.33 3.66 28.57
N ASN C 208 41.26 3.07 29.75
CA ASN C 208 40.06 3.05 30.58
C ASN C 208 40.11 4.18 31.59
N ILE C 209 38.94 4.75 31.88
CA ILE C 209 38.83 5.77 32.91
C ILE C 209 37.68 5.43 33.84
N ALA C 238 31.85 32.23 38.02
CA ALA C 238 32.72 32.04 39.17
C ALA C 238 33.31 30.64 39.14
N TYR C 239 32.76 29.77 39.99
CA TYR C 239 33.10 28.35 39.97
C TYR C 239 31.78 27.60 39.95
N TYR C 240 31.42 27.10 38.78
CA TYR C 240 30.20 26.31 38.60
C TYR C 240 30.57 24.91 38.13
N VAL C 241 29.57 24.02 38.08
CA VAL C 241 29.77 22.63 37.73
C VAL C 241 28.56 22.23 36.90
N GLY C 242 28.57 21.05 36.32
CA GLY C 242 27.39 20.52 35.65
C GLY C 242 27.61 19.07 35.24
N TYR C 243 26.55 18.49 34.70
CA TYR C 243 26.58 17.08 34.30
C TYR C 243 25.77 16.90 33.03
N LEU C 244 25.99 15.77 32.37
CA LEU C 244 25.36 15.44 31.10
C LEU C 244 24.86 14.01 31.15
N GLN C 245 23.64 13.78 30.70
CA GLN C 245 23.08 12.45 30.55
C GLN C 245 22.30 12.39 29.25
N PRO C 246 22.11 11.18 28.68
CA PRO C 246 21.53 11.11 27.34
C PRO C 246 20.06 11.50 27.30
N ARG C 247 19.77 12.70 26.78
CA ARG C 247 18.42 13.26 26.80
C ARG C 247 18.21 14.04 25.51
N THR C 248 17.15 13.71 24.77
CA THR C 248 16.98 14.30 23.44
C THR C 248 16.75 15.80 23.53
N PHE C 249 17.18 16.51 22.49
CA PHE C 249 17.00 17.96 22.38
C PHE C 249 16.63 18.31 20.95
N LEU C 250 15.58 19.12 20.80
CA LEU C 250 15.17 19.64 19.49
C LEU C 250 15.65 21.08 19.38
N LEU C 251 16.69 21.30 18.59
CA LEU C 251 17.28 22.62 18.45
C LEU C 251 16.58 23.44 17.38
N LYS C 252 16.49 24.75 17.60
CA LYS C 252 15.88 25.67 16.66
C LYS C 252 16.97 26.54 16.05
N TYR C 253 17.58 26.04 14.98
CA TYR C 253 18.54 26.83 14.23
C TYR C 253 17.85 28.05 13.65
N ASN C 254 18.48 29.22 13.81
CA ASN C 254 17.88 30.46 13.32
C ASN C 254 18.15 30.63 11.83
N GLU C 255 17.91 31.84 11.32
CA GLU C 255 18.19 32.17 9.93
C GLU C 255 19.66 32.44 9.66
N ASN C 256 20.49 32.59 10.69
CA ASN C 256 21.92 32.83 10.51
C ASN C 256 22.79 31.71 11.06
N GLY C 257 22.21 30.66 11.62
CA GLY C 257 22.97 29.56 12.17
C GLY C 257 23.11 29.57 13.68
N THR C 258 22.49 30.54 14.37
CA THR C 258 22.60 30.62 15.82
C THR C 258 21.45 29.85 16.46
N ILE C 259 21.76 29.04 17.46
CA ILE C 259 20.73 28.31 18.20
C ILE C 259 19.98 29.32 19.06
N THR C 260 18.78 29.70 18.63
CA THR C 260 17.99 30.68 19.37
C THR C 260 17.06 30.02 20.37
N ASP C 261 16.60 28.81 20.10
CA ASP C 261 15.70 28.11 20.99
C ASP C 261 15.99 26.61 20.95
N ALA C 262 15.69 25.95 22.07
CA ALA C 262 15.75 24.51 22.16
C ALA C 262 14.80 24.07 23.25
N VAL C 263 14.35 22.82 23.15
CA VAL C 263 13.39 22.27 24.09
C VAL C 263 13.96 20.98 24.67
N ASP C 264 13.95 20.88 25.98
CA ASP C 264 14.19 19.60 26.63
C ASP C 264 13.11 18.63 26.19
N CYS C 265 13.45 17.35 26.09
CA CYS C 265 12.50 16.39 25.54
C CYS C 265 12.02 15.38 26.58
N ALA C 266 12.33 15.61 27.85
CA ALA C 266 11.84 14.75 28.91
C ALA C 266 11.47 15.57 30.15
N LEU C 267 11.50 16.90 30.01
CA LEU C 267 11.30 17.78 31.15
C LEU C 267 9.84 17.76 31.62
N ASP C 268 8.93 18.17 30.75
CA ASP C 268 7.52 18.32 31.07
C ASP C 268 6.66 17.63 30.02
N PRO C 269 5.41 17.30 30.35
CA PRO C 269 4.53 16.71 29.32
C PRO C 269 4.40 17.59 28.09
N LEU C 270 4.35 18.91 28.29
CA LEU C 270 4.39 19.83 27.17
C LEU C 270 5.63 19.58 26.31
N SER C 271 6.76 19.26 26.92
CA SER C 271 7.97 19.01 26.17
C SER C 271 7.84 17.76 25.31
N GLU C 272 7.26 16.69 25.87
CA GLU C 272 7.07 15.48 25.06
C GLU C 272 6.12 15.73 23.91
N THR C 273 5.05 16.47 24.14
CA THR C 273 4.14 16.78 23.03
C THR C 273 4.84 17.63 21.96
N LYS C 274 5.68 18.58 22.39
CA LYS C 274 6.41 19.41 21.44
C LYS C 274 7.37 18.57 20.62
N CYS C 275 8.05 17.61 21.26
CA CYS C 275 8.91 16.70 20.51
C CYS C 275 8.10 15.88 19.52
N THR C 276 6.94 15.40 19.94
CA THR C 276 6.14 14.55 19.07
C THR C 276 5.72 15.29 17.81
N LEU C 277 5.34 16.56 17.95
CA LEU C 277 4.88 17.35 16.83
C LEU C 277 5.99 18.15 16.15
N LYS C 278 7.21 18.09 16.68
CA LYS C 278 8.33 18.88 16.18
C LYS C 278 7.93 20.35 16.02
N SER C 279 7.22 20.85 17.02
CA SER C 279 6.70 22.21 16.97
C SER C 279 6.85 22.86 18.33
N PHE C 280 6.88 24.18 18.33
CA PHE C 280 6.96 24.96 19.56
C PHE C 280 5.61 25.41 20.07
N THR C 281 4.55 25.28 19.27
CA THR C 281 3.21 25.74 19.64
C THR C 281 2.25 24.57 19.46
N VAL C 282 1.77 24.02 20.57
CA VAL C 282 0.80 22.94 20.56
C VAL C 282 -0.58 23.54 20.81
N GLU C 283 -1.54 23.15 20.00
CA GLU C 283 -2.87 23.73 20.08
C GLU C 283 -3.74 22.96 21.07
N LYS C 284 -4.92 23.51 21.35
CA LYS C 284 -5.85 22.89 22.26
C LYS C 284 -6.18 21.48 21.83
N GLY C 285 -6.17 20.54 22.77
CA GLY C 285 -6.64 19.21 22.47
C GLY C 285 -5.92 18.16 23.27
N ILE C 286 -6.07 16.93 22.79
CA ILE C 286 -5.44 15.76 23.39
C ILE C 286 -4.47 15.16 22.38
N TYR C 287 -3.28 14.80 22.85
CA TYR C 287 -2.26 14.19 22.02
C TYR C 287 -1.85 12.85 22.60
N GLN C 288 -1.65 11.87 21.72
CA GLN C 288 -1.35 10.50 22.12
C GLN C 288 0.15 10.22 22.03
N THR C 289 0.87 10.69 23.04
CA THR C 289 2.28 10.36 23.20
C THR C 289 2.41 8.91 23.68
N SER C 290 3.54 8.27 23.37
CA SER C 290 3.74 6.88 23.75
C SER C 290 4.38 6.80 25.14
N ASN C 291 4.26 5.63 25.77
CA ASN C 291 4.87 5.37 27.07
C ASN C 291 6.19 4.60 26.90
N THR C 297 14.32 -2.79 37.27
CA THR C 297 14.56 -4.07 36.62
C THR C 297 15.96 -4.59 36.96
N GLU C 298 16.14 -5.91 36.86
CA GLU C 298 17.42 -6.54 37.16
C GLU C 298 17.64 -7.68 36.17
N SER C 299 18.64 -8.52 36.44
CA SER C 299 19.03 -9.58 35.53
C SER C 299 18.99 -10.93 36.23
N ILE C 300 18.48 -11.93 35.53
CA ILE C 300 18.47 -13.32 36.00
C ILE C 300 19.19 -14.17 34.97
N VAL C 301 20.09 -15.03 35.44
CA VAL C 301 20.75 -16.02 34.60
C VAL C 301 20.52 -17.38 35.23
N ARG C 302 20.00 -18.32 34.45
CA ARG C 302 19.73 -19.68 34.92
C ARG C 302 20.26 -20.67 33.88
N PHE C 303 21.30 -21.39 34.24
CA PHE C 303 21.82 -22.46 33.41
C PHE C 303 21.72 -23.79 34.14
N PRO C 304 21.65 -24.91 33.41
CA PRO C 304 21.43 -26.21 34.06
C PRO C 304 22.54 -26.57 35.03
N ASN C 305 22.29 -27.62 35.80
CA ASN C 305 23.20 -28.10 36.84
C ASN C 305 24.29 -28.99 36.28
N ILE C 306 25.03 -28.53 35.28
CA ILE C 306 26.16 -29.29 34.78
C ILE C 306 27.42 -28.82 35.48
N THR C 307 28.23 -29.77 35.96
CA THR C 307 29.41 -29.45 36.74
C THR C 307 30.72 -29.85 36.08
N ASN C 308 30.71 -30.77 35.12
CA ASN C 308 31.94 -31.32 34.57
C ASN C 308 32.23 -30.74 33.19
N LEU C 309 33.52 -30.67 32.86
CA LEU C 309 33.95 -30.21 31.55
C LEU C 309 33.72 -31.29 30.49
N CYS C 310 34.22 -31.05 29.29
CA CYS C 310 34.06 -31.98 28.17
C CYS C 310 35.42 -32.51 27.76
N PRO C 311 35.49 -33.62 27.06
CA PRO C 311 36.79 -34.24 26.76
C PRO C 311 37.63 -33.44 25.77
N PHE C 312 37.94 -32.19 26.10
CA PHE C 312 38.82 -31.39 25.25
C PHE C 312 40.10 -32.16 24.96
N GLY C 313 40.76 -32.63 26.00
CA GLY C 313 42.01 -33.36 25.86
C GLY C 313 41.79 -34.82 25.51
N GLU C 314 40.67 -35.11 24.84
CA GLU C 314 40.45 -36.47 24.36
C GLU C 314 40.05 -36.44 22.90
N VAL C 315 39.39 -35.36 22.47
CA VAL C 315 38.96 -35.26 21.07
C VAL C 315 39.87 -34.35 20.24
N PHE C 316 40.67 -33.50 20.88
CA PHE C 316 41.54 -32.59 20.16
C PHE C 316 42.99 -33.03 20.09
N ASN C 317 43.45 -33.89 20.99
CA ASN C 317 44.86 -34.29 20.97
C ASN C 317 45.00 -35.81 20.95
N ALA C 318 44.01 -36.52 20.42
CA ALA C 318 44.14 -37.96 20.27
C ALA C 318 45.33 -38.28 19.37
N THR C 319 46.08 -39.30 19.75
CA THR C 319 47.32 -39.60 19.05
C THR C 319 47.05 -40.01 17.60
N ARG C 320 45.88 -40.56 17.30
CA ARG C 320 45.52 -40.97 15.95
C ARG C 320 44.08 -40.56 15.65
N PHE C 321 43.86 -39.97 14.47
CA PHE C 321 42.52 -39.78 13.93
C PHE C 321 42.24 -40.75 12.79
N ALA C 322 40.95 -40.98 12.57
CA ALA C 322 40.49 -41.88 11.53
C ALA C 322 40.72 -41.29 10.16
N SER C 323 40.72 -42.17 9.15
CA SER C 323 40.79 -41.73 7.77
C SER C 323 39.51 -41.00 7.39
N VAL C 324 39.60 -40.21 6.31
CA VAL C 324 38.48 -39.34 5.95
C VAL C 324 37.25 -40.16 5.61
N TYR C 325 37.42 -41.17 4.74
CA TYR C 325 36.27 -41.93 4.24
C TYR C 325 35.52 -42.65 5.36
N ALA C 326 36.16 -42.86 6.51
CA ALA C 326 35.55 -43.53 7.65
C ALA C 326 35.65 -42.61 8.87
N TRP C 327 35.26 -41.35 8.67
CA TRP C 327 35.38 -40.35 9.71
C TRP C 327 34.62 -40.75 10.96
N ASN C 328 35.30 -40.67 12.11
CA ASN C 328 34.74 -41.06 13.38
C ASN C 328 33.62 -40.11 13.77
N ARG C 329 32.89 -40.44 14.83
CA ARG C 329 31.77 -39.66 15.27
C ARG C 329 31.57 -39.88 16.76
N LYS C 330 31.22 -38.83 17.49
CA LYS C 330 31.17 -38.91 18.94
C LYS C 330 30.19 -37.89 19.48
N ARG C 331 29.22 -38.36 20.27
CA ARG C 331 28.29 -37.47 20.95
C ARG C 331 28.91 -36.95 22.24
N ILE C 332 28.61 -35.70 22.57
CA ILE C 332 28.99 -35.10 23.84
C ILE C 332 27.73 -34.73 24.59
N SER C 333 27.73 -34.92 25.91
CA SER C 333 26.55 -34.66 26.72
C SER C 333 26.95 -34.26 28.12
N ASN C 334 26.17 -33.34 28.70
CA ASN C 334 26.34 -32.89 30.09
C ASN C 334 27.76 -32.38 30.34
N CYS C 335 28.08 -31.27 29.66
CA CYS C 335 29.36 -30.61 29.81
C CYS C 335 29.17 -29.10 29.87
N VAL C 336 29.94 -28.44 30.72
CA VAL C 336 30.00 -26.98 30.71
C VAL C 336 31.30 -26.57 30.03
N ALA C 337 31.22 -26.36 28.71
CA ALA C 337 32.43 -26.27 27.92
C ALA C 337 33.02 -24.86 27.91
N ASP C 338 34.10 -24.68 28.67
CA ASP C 338 34.82 -23.41 28.71
C ASP C 338 36.01 -23.52 27.77
N TYR C 339 35.83 -23.09 26.53
CA TYR C 339 36.87 -23.25 25.52
C TYR C 339 38.05 -22.32 25.72
N SER C 340 37.97 -21.39 26.66
CA SER C 340 39.12 -20.54 26.95
C SER C 340 40.33 -21.36 27.37
N VAL C 341 40.11 -22.46 28.09
CA VAL C 341 41.20 -23.34 28.48
C VAL C 341 41.85 -24.04 27.30
N LEU C 342 41.34 -23.81 26.10
CA LEU C 342 41.84 -24.54 24.94
C LEU C 342 42.94 -23.78 24.21
N TYR C 343 42.81 -22.45 24.07
CA TYR C 343 43.87 -21.69 23.42
C TYR C 343 44.93 -21.35 24.45
N ASN C 344 45.59 -22.39 24.93
CA ASN C 344 46.83 -22.28 25.69
C ASN C 344 47.80 -23.31 25.11
N SER C 345 47.25 -24.35 24.48
CA SER C 345 48.04 -25.50 24.06
C SER C 345 48.14 -25.51 22.55
N ALA C 346 47.03 -25.47 21.82
CA ALA C 346 47.08 -25.65 20.38
C ALA C 346 46.88 -24.31 19.66
N SER C 347 47.18 -24.31 18.36
CA SER C 347 47.11 -23.12 17.52
C SER C 347 46.23 -23.45 16.32
N PHE C 348 44.99 -22.96 16.35
CA PHE C 348 44.00 -23.36 15.36
C PHE C 348 44.14 -22.55 14.08
N SER C 349 44.28 -23.24 12.97
CA SER C 349 44.49 -22.59 11.67
C SER C 349 43.19 -22.27 10.96
N THR C 350 42.04 -22.64 11.54
CA THR C 350 40.76 -22.32 10.92
C THR C 350 39.64 -22.55 11.92
N PHE C 351 38.74 -21.58 12.02
CA PHE C 351 37.60 -21.67 12.91
C PHE C 351 36.49 -20.76 12.42
N LYS C 352 35.47 -21.32 11.78
CA LYS C 352 34.41 -20.50 11.19
C LYS C 352 33.06 -21.14 11.53
N CYS C 353 32.37 -20.56 12.50
CA CYS C 353 31.07 -21.07 12.91
C CYS C 353 30.01 -20.66 11.91
N TYR C 354 29.05 -21.54 11.64
CA TYR C 354 28.14 -21.31 10.53
C TYR C 354 26.68 -21.15 10.94
N GLY C 355 26.39 -21.21 12.22
CA GLY C 355 25.03 -20.99 12.65
C GLY C 355 24.91 -19.85 13.63
N VAL C 356 25.98 -19.63 14.39
CA VAL C 356 25.99 -18.68 15.49
C VAL C 356 27.28 -17.88 15.43
N SER C 357 27.18 -16.60 15.77
CA SER C 357 28.35 -15.75 15.78
C SER C 357 29.35 -16.23 16.83
N PRO C 358 30.64 -16.25 16.50
CA PRO C 358 31.62 -16.88 17.40
C PRO C 358 31.69 -16.27 18.79
N THR C 359 31.44 -14.96 18.91
CA THR C 359 31.60 -14.29 20.19
C THR C 359 30.63 -14.84 21.23
N LYS C 360 29.43 -15.23 20.81
CA LYS C 360 28.37 -15.62 21.73
C LYS C 360 28.38 -17.10 22.06
N LEU C 361 29.45 -17.80 21.75
CA LEU C 361 29.51 -19.25 21.92
C LEU C 361 29.51 -19.69 23.37
N ASN C 362 29.71 -18.78 24.31
CA ASN C 362 29.72 -19.12 25.73
C ASN C 362 28.48 -18.62 26.45
N ASP C 363 27.41 -18.31 25.71
CA ASP C 363 26.20 -17.81 26.33
C ASP C 363 24.97 -18.68 26.09
N LEU C 364 25.06 -19.71 25.28
CA LEU C 364 23.90 -20.50 24.89
C LEU C 364 24.02 -21.92 25.43
N CYS C 365 23.04 -22.73 25.09
CA CYS C 365 23.05 -24.16 25.37
C CYS C 365 22.72 -24.94 24.11
N PHE C 366 23.43 -26.05 23.93
CA PHE C 366 23.46 -26.74 22.66
C PHE C 366 22.82 -28.13 22.75
N THR C 367 21.61 -28.29 22.24
CA THR C 367 20.78 -29.48 22.49
C THR C 367 21.51 -30.80 22.26
N ASN C 368 21.94 -31.04 21.03
CA ASN C 368 22.82 -32.17 20.76
C ASN C 368 24.08 -31.68 20.07
N VAL C 369 25.20 -32.35 20.34
CA VAL C 369 26.47 -31.95 19.76
C VAL C 369 27.20 -33.20 19.30
N TYR C 370 27.87 -33.09 18.15
CA TYR C 370 28.62 -34.20 17.58
C TYR C 370 30.03 -33.70 17.27
N ALA C 371 30.97 -34.63 17.20
CA ALA C 371 32.36 -34.27 17.01
C ALA C 371 32.95 -35.16 15.91
N ASP C 372 32.80 -34.73 14.66
CA ASP C 372 33.35 -35.50 13.55
C ASP C 372 34.83 -35.16 13.39
N SER C 373 35.66 -36.19 13.22
CA SER C 373 37.09 -35.97 13.18
C SER C 373 37.71 -36.75 12.03
N PHE C 374 38.66 -36.12 11.35
CA PHE C 374 39.38 -36.80 10.27
C PHE C 374 40.63 -36.00 9.90
N VAL C 375 41.33 -36.47 8.88
CA VAL C 375 42.62 -35.89 8.50
C VAL C 375 42.66 -35.72 6.99
N ILE C 376 42.52 -34.49 6.51
CA ILE C 376 42.62 -34.18 5.08
C ILE C 376 43.92 -33.44 4.80
N ARG C 377 44.26 -33.27 3.53
CA ARG C 377 45.46 -32.55 3.17
C ARG C 377 45.23 -31.05 3.34
N GLY C 378 46.30 -30.28 3.27
CA GLY C 378 46.20 -28.85 3.52
C GLY C 378 45.40 -28.10 2.47
N ASP C 379 45.51 -28.53 1.21
CA ASP C 379 44.84 -27.88 0.09
C ASP C 379 43.41 -28.37 -0.09
N GLU C 380 42.83 -28.98 0.94
CA GLU C 380 41.45 -29.42 0.89
C GLU C 380 40.61 -28.87 2.03
N VAL C 381 41.22 -28.26 3.04
CA VAL C 381 40.49 -27.81 4.22
C VAL C 381 39.41 -26.81 3.86
N ARG C 382 39.55 -26.11 2.74
CA ARG C 382 38.49 -25.20 2.31
C ARG C 382 37.24 -25.92 1.86
N GLN C 383 37.32 -27.21 1.55
CA GLN C 383 36.17 -27.94 1.03
C GLN C 383 35.17 -28.33 2.11
N ILE C 384 35.54 -28.17 3.38
CA ILE C 384 34.62 -28.48 4.46
C ILE C 384 33.77 -27.24 4.72
N ALA C 385 32.73 -27.06 3.92
CA ALA C 385 31.88 -25.89 4.00
C ALA C 385 30.62 -26.17 3.20
N PRO C 386 29.50 -25.57 3.57
CA PRO C 386 28.25 -25.88 2.87
C PRO C 386 28.28 -25.46 1.41
N GLY C 387 28.23 -26.43 0.50
CA GLY C 387 28.09 -26.12 -0.91
C GLY C 387 29.38 -25.90 -1.65
N GLN C 388 30.27 -26.88 -1.63
CA GLN C 388 31.47 -26.85 -2.46
C GLN C 388 31.73 -28.23 -3.03
N THR C 389 32.68 -28.30 -3.95
CA THR C 389 32.99 -29.53 -4.66
C THR C 389 34.46 -29.89 -4.46
N GLY C 390 34.76 -31.14 -4.72
CA GLY C 390 36.09 -31.68 -4.53
C GLY C 390 36.01 -33.12 -4.09
N LYS C 391 37.15 -33.81 -4.15
CA LYS C 391 37.18 -35.23 -3.80
C LYS C 391 37.04 -35.42 -2.30
N ILE C 392 36.77 -34.34 -1.56
CA ILE C 392 36.40 -34.42 -0.17
C ILE C 392 34.93 -34.11 0.04
N ALA C 393 34.38 -33.18 -0.73
CA ALA C 393 32.99 -32.79 -0.63
C ALA C 393 32.09 -33.57 -1.56
N ASP C 394 32.62 -34.56 -2.27
CA ASP C 394 31.79 -35.39 -3.14
C ASP C 394 31.88 -36.86 -2.80
N TYR C 395 33.07 -37.39 -2.53
CA TYR C 395 33.17 -38.82 -2.34
C TYR C 395 33.52 -39.21 -0.92
N ASN C 396 33.77 -38.24 -0.04
CA ASN C 396 34.17 -38.62 1.31
C ASN C 396 33.24 -38.12 2.41
N TYR C 397 32.92 -36.82 2.39
CA TYR C 397 32.22 -36.22 3.52
C TYR C 397 31.54 -34.96 3.01
N LYS C 398 30.21 -34.99 2.96
CA LYS C 398 29.41 -33.89 2.44
C LYS C 398 28.72 -33.18 3.58
N LEU C 399 28.82 -31.85 3.59
CA LEU C 399 28.21 -31.04 4.64
C LEU C 399 26.86 -30.51 4.17
N PRO C 400 25.81 -30.62 4.97
CA PRO C 400 24.48 -30.23 4.49
C PRO C 400 24.39 -28.72 4.28
N ASP C 401 23.50 -28.34 3.37
CA ASP C 401 23.32 -26.94 3.01
C ASP C 401 22.79 -26.09 4.15
N ASP C 402 21.80 -26.58 4.89
CA ASP C 402 21.30 -25.87 6.07
C ASP C 402 22.12 -26.23 7.31
N PHE C 403 23.43 -26.09 7.18
CA PHE C 403 24.33 -26.47 8.25
C PHE C 403 24.26 -25.48 9.41
N THR C 404 24.45 -26.02 10.61
CA THR C 404 24.70 -25.19 11.78
C THR C 404 25.76 -25.89 12.63
N GLY C 405 26.86 -25.21 12.87
CA GLY C 405 27.99 -25.80 13.56
C GLY C 405 29.24 -24.97 13.37
N CYS C 406 30.33 -25.48 13.93
CA CYS C 406 31.63 -24.83 13.80
C CYS C 406 32.63 -25.83 13.23
N VAL C 407 33.66 -25.33 12.57
CA VAL C 407 34.67 -26.15 11.90
C VAL C 407 36.03 -25.76 12.46
N ILE C 408 36.83 -26.74 12.86
CA ILE C 408 38.14 -26.48 13.43
C ILE C 408 39.18 -27.28 12.67
N ALA C 409 40.32 -26.66 12.40
CA ALA C 409 41.39 -27.35 11.68
C ALA C 409 42.72 -26.70 12.00
N TRP C 410 43.73 -27.51 12.30
CA TRP C 410 45.06 -27.03 12.57
C TRP C 410 46.08 -27.97 11.95
N ASN C 411 47.29 -27.43 11.75
CA ASN C 411 48.37 -28.25 11.22
C ASN C 411 48.71 -29.38 12.19
N SER C 412 49.15 -30.50 11.62
CA SER C 412 49.58 -31.60 12.47
C SER C 412 50.80 -32.31 11.92
N ASN C 413 51.63 -31.65 11.12
CA ASN C 413 52.77 -32.30 10.51
C ASN C 413 53.76 -32.80 11.55
N ASN C 414 53.71 -32.27 12.77
CA ASN C 414 54.63 -32.71 13.81
C ASN C 414 54.42 -34.18 14.16
N LEU C 415 53.18 -34.65 14.16
CA LEU C 415 52.86 -35.99 14.64
C LEU C 415 52.50 -36.93 13.50
N ASP C 416 51.59 -36.52 12.62
CA ASP C 416 51.10 -37.39 11.55
C ASP C 416 52.05 -37.37 10.35
N SER C 417 53.31 -37.68 10.57
CA SER C 417 54.29 -37.73 9.49
C SER C 417 55.42 -38.66 9.89
N LYS C 418 56.01 -39.32 8.88
CA LYS C 418 57.09 -40.25 9.13
C LYS C 418 58.41 -39.74 8.55
N GLY C 421 57.28 -42.24 4.64
CA GLY C 421 56.14 -41.38 4.90
C GLY C 421 54.97 -42.08 5.57
N ASN C 422 54.00 -41.30 6.04
CA ASN C 422 52.83 -41.84 6.70
C ASN C 422 51.83 -42.28 5.64
N TYR C 423 51.58 -43.58 5.56
CA TYR C 423 50.66 -44.18 4.59
C TYR C 423 49.45 -44.79 5.28
N ASN C 424 49.18 -44.38 6.52
CA ASN C 424 48.10 -44.95 7.31
C ASN C 424 46.78 -44.24 7.09
N TYR C 425 46.71 -43.33 6.12
CA TYR C 425 45.51 -42.55 5.87
C TYR C 425 45.04 -42.79 4.44
N LEU C 426 43.73 -42.93 4.28
CA LEU C 426 43.14 -43.25 3.00
C LEU C 426 42.05 -42.25 2.67
N TYR C 427 41.62 -42.27 1.41
CA TYR C 427 40.56 -41.38 0.95
C TYR C 427 39.94 -41.99 -0.29
N ARG C 428 38.62 -41.87 -0.41
CA ARG C 428 37.91 -42.44 -1.54
C ARG C 428 37.98 -41.49 -2.72
N LEU C 429 38.32 -42.03 -3.87
CA LEU C 429 38.63 -41.22 -5.04
C LEU C 429 37.73 -41.49 -6.23
N PHE C 430 37.26 -42.73 -6.40
CA PHE C 430 36.44 -43.11 -7.53
C PHE C 430 35.04 -43.51 -7.06
N ARG C 431 34.03 -42.93 -7.71
CA ARG C 431 32.63 -43.24 -7.42
C ARG C 431 31.79 -42.60 -8.51
N LYS C 432 30.65 -43.21 -8.80
CA LYS C 432 29.73 -42.73 -9.83
C LYS C 432 28.64 -41.84 -9.26
N SER C 433 28.54 -41.73 -7.94
CA SER C 433 27.46 -40.97 -7.31
C SER C 433 28.03 -40.08 -6.22
N ASN C 434 27.52 -38.86 -6.14
CA ASN C 434 27.91 -37.95 -5.08
C ASN C 434 27.23 -38.34 -3.78
N LEU C 435 27.90 -38.06 -2.67
CA LEU C 435 27.34 -38.34 -1.37
C LEU C 435 26.23 -37.34 -1.04
N LYS C 436 25.28 -37.80 -0.26
CA LYS C 436 24.31 -36.90 0.35
C LYS C 436 24.87 -36.38 1.67
N PRO C 437 24.25 -35.36 2.27
CA PRO C 437 24.77 -34.84 3.55
C PRO C 437 24.98 -35.90 4.62
N PHE C 438 26.15 -35.87 5.26
CA PHE C 438 26.50 -36.79 6.34
C PHE C 438 26.26 -38.25 5.95
N GLU C 439 26.94 -38.73 4.91
CA GLU C 439 26.69 -40.10 4.41
C GLU C 439 28.01 -40.85 4.37
N ARG C 440 28.33 -41.54 5.45
CA ARG C 440 29.51 -42.41 5.47
C ARG C 440 29.29 -43.61 4.57
N ASP C 441 30.26 -43.91 3.71
CA ASP C 441 30.23 -45.10 2.88
C ASP C 441 31.57 -45.81 2.96
N ILE C 442 31.56 -47.05 3.44
CA ILE C 442 32.74 -47.90 3.48
C ILE C 442 32.45 -49.13 2.64
N SER C 443 33.31 -49.40 1.68
CA SER C 443 33.16 -50.53 0.77
C SER C 443 34.48 -50.69 0.01
N THR C 444 34.65 -51.84 -0.62
CA THR C 444 35.84 -52.06 -1.44
C THR C 444 35.52 -52.60 -2.83
N GLU C 445 34.27 -52.61 -3.26
CA GLU C 445 33.95 -52.98 -4.62
C GLU C 445 34.60 -51.99 -5.57
N ILE C 446 35.58 -52.46 -6.34
CA ILE C 446 36.35 -51.56 -7.17
C ILE C 446 35.45 -50.86 -8.19
N TYR C 447 35.87 -49.69 -8.62
CA TYR C 447 35.04 -48.81 -9.46
C TYR C 447 35.05 -49.34 -10.89
N GLN C 448 33.91 -49.20 -11.57
CA GLN C 448 33.77 -49.64 -12.94
C GLN C 448 33.57 -48.42 -13.83
N ALA C 449 34.67 -47.93 -14.41
CA ALA C 449 34.60 -46.76 -15.27
C ALA C 449 34.29 -47.10 -16.72
N GLY C 450 34.30 -48.37 -17.09
CA GLY C 450 34.14 -48.75 -18.49
C GLY C 450 32.91 -49.59 -18.77
N SER C 451 33.14 -50.77 -19.33
CA SER C 451 32.03 -51.64 -19.74
C SER C 451 31.99 -52.94 -18.95
N THR C 452 33.10 -53.67 -18.93
CA THR C 452 33.12 -54.98 -18.31
C THR C 452 33.04 -54.86 -16.79
N PRO C 453 32.37 -55.78 -16.10
CA PRO C 453 32.39 -55.77 -14.64
C PRO C 453 33.65 -56.40 -14.07
N CYS C 454 34.73 -55.61 -13.97
CA CYS C 454 35.98 -56.08 -13.38
C CYS C 454 35.75 -56.63 -11.98
N ASN C 455 35.98 -57.93 -11.80
CA ASN C 455 35.77 -58.58 -10.50
C ASN C 455 37.11 -58.60 -9.76
N GLY C 456 37.46 -57.45 -9.19
CA GLY C 456 38.64 -57.27 -8.41
C GLY C 456 39.87 -56.85 -9.19
N VAL C 457 39.82 -56.94 -10.51
CA VAL C 457 40.99 -56.62 -11.33
C VAL C 457 41.14 -55.10 -11.41
N GLU C 458 42.27 -54.59 -10.96
CA GLU C 458 42.56 -53.16 -11.12
C GLU C 458 43.10 -52.87 -12.51
N GLY C 459 42.37 -53.34 -13.52
CA GLY C 459 42.80 -53.29 -14.90
C GLY C 459 42.27 -52.07 -15.63
N PHE C 460 42.10 -52.21 -16.94
CA PHE C 460 41.70 -51.09 -17.77
C PHE C 460 40.32 -50.58 -17.39
N ASN C 461 40.22 -49.25 -17.28
CA ASN C 461 38.97 -48.53 -16.96
C ASN C 461 38.25 -49.13 -15.75
N CYS C 462 38.99 -49.78 -14.84
CA CYS C 462 38.42 -50.27 -13.60
C CYS C 462 39.51 -50.27 -12.55
N TYR C 463 39.35 -49.44 -11.51
CA TYR C 463 40.40 -49.19 -10.55
C TYR C 463 39.87 -49.38 -9.14
N PHE C 464 40.79 -49.41 -8.18
CA PHE C 464 40.40 -49.47 -6.78
C PHE C 464 39.78 -48.14 -6.35
N PRO C 465 38.84 -48.17 -5.41
CA PRO C 465 38.19 -46.93 -4.97
C PRO C 465 39.07 -46.07 -4.09
N LEU C 466 39.79 -46.70 -3.15
CA LEU C 466 40.51 -45.97 -2.12
C LEU C 466 41.96 -45.77 -2.51
N GLN C 467 42.51 -44.61 -2.15
CA GLN C 467 43.93 -44.34 -2.32
C GLN C 467 44.48 -43.77 -1.02
N SER C 468 45.78 -43.51 -0.98
CA SER C 468 46.44 -43.13 0.25
C SER C 468 47.07 -41.74 0.11
N TYR C 469 47.48 -41.19 1.25
CA TYR C 469 48.19 -39.92 1.34
C TYR C 469 49.67 -40.21 1.54
N GLY C 470 50.51 -39.53 0.78
CA GLY C 470 51.94 -39.63 0.98
C GLY C 470 52.44 -38.55 1.91
N PHE C 471 51.87 -38.47 3.12
CA PHE C 471 52.28 -37.46 4.08
C PHE C 471 53.75 -37.65 4.43
N GLN C 472 54.48 -36.54 4.49
CA GLN C 472 55.91 -36.56 4.67
C GLN C 472 56.33 -35.27 5.34
N PRO C 473 57.35 -35.31 6.22
CA PRO C 473 57.86 -34.07 6.80
C PRO C 473 58.45 -33.12 5.77
N THR C 474 58.82 -33.60 4.60
CA THR C 474 59.35 -32.74 3.54
C THR C 474 58.27 -32.11 2.67
N ASN C 475 57.02 -32.54 2.82
CA ASN C 475 55.94 -32.00 2.01
C ASN C 475 55.79 -30.51 2.22
N GLY C 476 55.61 -29.78 1.11
CA GLY C 476 55.34 -28.36 1.21
C GLY C 476 54.02 -28.09 1.88
N VAL C 477 53.91 -26.91 2.48
CA VAL C 477 52.68 -26.49 3.13
C VAL C 477 51.55 -26.55 2.11
N GLY C 478 50.50 -27.28 2.45
CA GLY C 478 49.47 -27.58 1.48
C GLY C 478 49.42 -29.05 1.18
N TYR C 479 50.54 -29.73 1.38
CA TYR C 479 50.59 -31.19 1.34
C TYR C 479 50.72 -31.80 2.73
N GLN C 480 50.76 -30.99 3.75
CA GLN C 480 50.90 -31.44 5.13
C GLN C 480 49.55 -31.86 5.68
N PRO C 481 49.53 -32.87 6.53
CA PRO C 481 48.26 -33.31 7.13
C PRO C 481 47.64 -32.20 7.95
N TYR C 482 46.31 -32.11 7.91
CA TYR C 482 45.57 -31.11 8.65
C TYR C 482 44.43 -31.82 9.38
N ARG C 483 44.57 -32.00 10.69
CA ARG C 483 43.49 -32.56 11.47
C ARG C 483 42.28 -31.64 11.40
N VAL C 484 41.10 -32.23 11.31
CA VAL C 484 39.87 -31.47 11.19
C VAL C 484 38.84 -32.07 12.15
N VAL C 485 38.16 -31.19 12.88
CA VAL C 485 37.05 -31.59 13.72
C VAL C 485 35.90 -30.63 13.50
N VAL C 486 34.76 -31.15 13.14
CA VAL C 486 33.58 -30.31 13.01
C VAL C 486 32.64 -30.63 14.16
N LEU C 487 31.96 -29.61 14.65
CA LEU C 487 31.07 -29.72 15.79
C LEU C 487 29.71 -29.21 15.34
N SER C 488 28.82 -30.15 15.04
CA SER C 488 27.45 -29.83 14.68
C SER C 488 26.58 -29.84 15.91
N PHE C 489 25.57 -28.97 15.92
CA PHE C 489 24.70 -28.82 17.07
C PHE C 489 23.41 -28.15 16.62
N GLU C 490 22.57 -27.78 17.58
CA GLU C 490 21.28 -27.16 17.26
C GLU C 490 20.91 -26.28 18.45
N LEU C 491 20.43 -25.08 18.16
CA LEU C 491 20.33 -24.03 19.16
C LEU C 491 18.90 -23.82 19.64
N LEU C 492 18.76 -23.58 20.95
CA LEU C 492 17.54 -23.05 21.55
C LEU C 492 16.32 -23.93 21.26
N HIS C 493 16.56 -25.23 21.07
CA HIS C 493 15.47 -26.19 21.08
C HIS C 493 15.13 -26.46 22.54
N ALA C 494 14.17 -27.35 22.81
CA ALA C 494 13.70 -27.44 24.18
C ALA C 494 14.76 -28.04 25.13
N PRO C 495 15.18 -29.32 24.97
CA PRO C 495 16.07 -29.91 25.97
C PRO C 495 17.53 -29.60 25.66
N ALA C 496 18.22 -29.03 26.64
CA ALA C 496 19.61 -28.61 26.47
C ALA C 496 20.50 -29.28 27.51
N THR C 497 21.65 -29.77 27.08
CA THR C 497 22.58 -30.44 27.98
C THR C 497 23.89 -29.69 28.12
N VAL C 498 24.58 -29.47 27.00
CA VAL C 498 25.86 -28.76 27.05
C VAL C 498 25.64 -27.26 26.94
N CYS C 499 26.32 -26.51 27.79
CA CYS C 499 26.04 -25.09 27.95
C CYS C 499 27.36 -24.33 28.04
N GLY C 500 27.28 -23.06 28.39
CA GLY C 500 28.44 -22.21 28.52
C GLY C 500 28.90 -22.06 29.95
N PRO C 501 30.09 -21.49 30.13
CA PRO C 501 30.68 -21.43 31.48
C PRO C 501 29.86 -20.63 32.48
N LYS C 502 29.15 -19.60 32.04
CA LYS C 502 28.55 -18.60 32.93
C LYS C 502 27.72 -19.21 34.04
N LYS C 503 27.63 -18.51 35.16
CA LYS C 503 27.01 -19.03 36.38
C LYS C 503 25.51 -18.83 36.35
N SER C 504 24.84 -19.08 37.48
CA SER C 504 23.41 -18.91 37.61
C SER C 504 23.10 -18.13 38.89
N THR C 505 22.20 -17.16 38.79
CA THR C 505 21.70 -16.47 39.97
C THR C 505 20.44 -17.14 40.47
N ASN C 506 19.72 -16.48 41.39
CA ASN C 506 18.50 -17.02 41.94
C ASN C 506 17.31 -16.29 41.34
N LEU C 507 16.14 -16.94 41.42
CA LEU C 507 14.91 -16.38 40.88
C LEU C 507 14.50 -15.15 41.68
N VAL C 508 13.76 -14.24 41.04
CA VAL C 508 13.38 -13.01 41.74
C VAL C 508 11.92 -13.06 42.19
N LYS C 509 11.10 -13.93 41.60
CA LYS C 509 9.74 -14.13 42.08
C LYS C 509 8.90 -12.85 42.02
N ASN C 510 8.46 -12.48 40.80
CA ASN C 510 7.58 -11.36 40.53
C ASN C 510 8.23 -9.99 40.62
N LYS C 511 9.36 -9.81 39.95
CA LYS C 511 9.86 -8.48 39.61
C LYS C 511 10.34 -8.50 38.17
N CYS C 512 10.26 -7.34 37.52
CA CYS C 512 10.66 -7.24 36.11
C CYS C 512 12.15 -7.51 35.96
N VAL C 513 12.51 -8.37 35.01
CA VAL C 513 13.87 -8.88 34.89
C VAL C 513 14.24 -9.10 33.43
N ASN C 514 15.53 -9.01 33.12
CA ASN C 514 16.06 -9.40 31.82
C ASN C 514 16.65 -10.80 31.94
N PHE C 515 15.76 -11.78 32.07
CA PHE C 515 16.18 -13.14 32.35
C PHE C 515 17.03 -13.70 31.20
N ASN C 516 17.70 -14.81 31.48
CA ASN C 516 18.54 -15.47 30.49
C ASN C 516 18.34 -16.99 30.57
N PHE C 517 17.10 -17.43 30.75
CA PHE C 517 16.81 -18.84 30.92
C PHE C 517 17.36 -19.70 29.78
N ASN C 518 18.34 -20.55 30.10
CA ASN C 518 18.79 -21.62 29.23
C ASN C 518 18.99 -21.13 27.79
N GLY C 519 19.86 -20.13 27.65
CA GLY C 519 20.18 -19.60 26.34
C GLY C 519 19.37 -18.39 25.93
N LEU C 520 18.06 -18.54 25.79
CA LEU C 520 17.23 -17.45 25.28
C LEU C 520 17.16 -16.30 26.27
N THR C 521 17.17 -15.09 25.73
CA THR C 521 17.03 -13.88 26.53
C THR C 521 15.55 -13.55 26.68
N GLY C 522 15.23 -12.36 27.17
CA GLY C 522 13.85 -11.92 27.26
C GLY C 522 13.60 -11.05 28.48
N THR C 523 12.69 -10.10 28.32
CA THR C 523 12.30 -9.16 29.37
C THR C 523 10.90 -9.49 29.85
N GLY C 524 10.62 -9.14 31.10
CA GLY C 524 9.28 -9.26 31.61
C GLY C 524 9.26 -9.49 33.11
N VAL C 525 8.06 -9.60 33.64
CA VAL C 525 7.82 -9.93 35.04
C VAL C 525 7.63 -11.44 35.11
N LEU C 526 8.37 -12.08 36.01
CA LEU C 526 8.38 -13.54 36.13
C LEU C 526 7.43 -13.96 37.25
N THR C 527 6.16 -14.06 36.90
CA THR C 527 5.17 -14.48 37.89
C THR C 527 5.13 -16.01 37.98
N GLU C 528 4.46 -16.49 39.02
CA GLU C 528 4.32 -17.92 39.20
C GLU C 528 3.30 -18.49 38.23
N SER C 529 3.48 -19.75 37.88
CA SER C 529 2.71 -20.39 36.82
C SER C 529 1.83 -21.49 37.40
N ASN C 530 0.85 -21.89 36.59
CA ASN C 530 0.00 -23.04 36.90
C ASN C 530 -0.24 -23.84 35.64
N LYS C 531 0.59 -23.61 34.61
CA LYS C 531 0.42 -24.27 33.33
C LYS C 531 0.66 -25.76 33.48
N LYS C 532 -0.37 -26.56 33.18
CA LYS C 532 -0.32 -28.01 33.34
C LYS C 532 0.50 -28.61 32.19
N PHE C 533 1.81 -28.51 32.32
CA PHE C 533 2.70 -29.09 31.32
C PHE C 533 2.66 -30.61 31.38
N LEU C 534 3.03 -31.23 30.28
CA LEU C 534 3.38 -32.62 30.37
C LEU C 534 4.72 -32.75 31.10
N PRO C 535 4.97 -33.88 31.76
CA PRO C 535 6.30 -34.10 32.35
C PRO C 535 7.37 -34.11 31.27
N PHE C 536 6.92 -34.34 30.03
CA PHE C 536 7.75 -34.24 28.86
C PHE C 536 7.85 -32.82 28.32
N GLN C 537 7.02 -31.91 28.79
CA GLN C 537 6.77 -30.65 28.09
C GLN C 537 7.55 -29.52 28.75
N GLN C 538 8.19 -28.67 27.93
CA GLN C 538 9.12 -27.66 28.46
C GLN C 538 8.67 -26.23 28.22
N PHE C 539 8.46 -25.81 26.97
CA PHE C 539 8.28 -24.40 26.65
C PHE C 539 6.88 -24.13 26.15
N GLY C 540 6.28 -23.05 26.64
CA GLY C 540 4.99 -22.61 26.16
C GLY C 540 5.10 -21.43 25.22
N ARG C 541 4.67 -21.62 23.97
CA ARG C 541 4.64 -20.54 23.00
C ARG C 541 3.23 -20.02 22.85
N ASP C 542 3.12 -18.71 22.63
CA ASP C 542 1.84 -18.03 22.59
C ASP C 542 1.26 -18.08 21.17
N ILE C 543 0.10 -17.43 20.99
CA ILE C 543 -0.57 -17.42 19.69
C ILE C 543 0.31 -16.78 18.64
N ALA C 544 1.15 -15.82 19.03
CA ALA C 544 2.03 -15.10 18.11
C ALA C 544 3.41 -15.73 18.04
N ASP C 545 3.49 -16.99 18.49
CA ASP C 545 4.76 -17.71 18.58
C ASP C 545 5.81 -16.88 19.31
N THR C 546 5.46 -16.38 20.48
CA THR C 546 6.39 -15.72 21.37
C THR C 546 6.31 -16.41 22.72
N THR C 547 7.44 -16.87 23.24
CA THR C 547 7.43 -17.66 24.46
C THR C 547 6.89 -16.85 25.63
N ASP C 548 6.10 -17.52 26.48
CA ASP C 548 5.54 -16.89 27.65
C ASP C 548 5.62 -17.72 28.93
N ALA C 549 5.70 -19.04 28.83
CA ALA C 549 5.80 -19.90 30.01
C ALA C 549 6.99 -20.82 29.85
N VAL C 550 7.82 -20.89 30.89
CA VAL C 550 9.11 -21.59 30.82
C VAL C 550 9.21 -22.55 31.99
N ARG C 551 10.08 -23.54 31.84
CA ARG C 551 10.42 -24.49 32.89
C ARG C 551 11.82 -24.14 33.40
N ASP C 552 11.93 -23.93 34.71
CA ASP C 552 13.22 -23.59 35.32
C ASP C 552 14.21 -24.73 35.10
N PRO C 553 15.42 -24.43 34.64
CA PRO C 553 16.37 -25.48 34.30
C PRO C 553 17.00 -26.12 35.53
N GLN C 554 16.71 -25.59 36.71
CA GLN C 554 17.25 -26.13 37.95
C GLN C 554 16.18 -26.64 38.90
N THR C 555 15.15 -25.85 39.17
CA THR C 555 14.08 -26.24 40.08
C THR C 555 12.98 -27.02 39.38
N LEU C 556 13.02 -27.11 38.05
CA LEU C 556 12.03 -27.85 37.27
C LEU C 556 10.61 -27.35 37.52
N GLU C 557 10.49 -26.13 38.00
CA GLU C 557 9.19 -25.50 38.20
C GLU C 557 8.77 -24.79 36.93
N ILE C 558 7.64 -24.11 36.98
CA ILE C 558 7.09 -23.40 35.83
C ILE C 558 6.94 -21.93 36.18
N LEU C 559 7.41 -21.07 35.30
CA LEU C 559 7.29 -19.62 35.45
C LEU C 559 6.51 -19.06 34.27
N ASP C 560 5.80 -17.96 34.52
CA ASP C 560 5.06 -17.25 33.48
C ASP C 560 5.69 -15.88 33.28
N ILE C 561 5.80 -15.47 32.02
CA ILE C 561 6.43 -14.22 31.64
C ILE C 561 5.34 -13.25 31.24
N THR C 562 5.35 -12.06 31.83
CA THR C 562 4.44 -10.98 31.44
C THR C 562 5.26 -9.77 31.03
N PRO C 563 5.43 -9.52 29.74
CA PRO C 563 6.11 -8.28 29.32
C PRO C 563 5.37 -7.07 29.84
N CYS C 564 6.12 -6.03 30.20
CA CYS C 564 5.58 -4.85 30.83
C CYS C 564 6.14 -3.60 30.18
N SER C 565 5.31 -2.91 29.40
CA SER C 565 5.62 -1.58 28.92
C SER C 565 4.47 -0.64 29.28
N PHE C 566 3.23 -1.17 29.23
CA PHE C 566 2.06 -0.52 29.79
C PHE C 566 1.83 0.85 29.18
N GLY C 567 1.59 0.90 27.87
CA GLY C 567 1.56 2.15 27.14
C GLY C 567 0.25 2.90 27.27
N GLY C 568 0.13 3.95 26.45
CA GLY C 568 -1.10 4.70 26.34
C GLY C 568 -1.22 5.94 27.20
N VAL C 569 -0.26 6.86 27.10
CA VAL C 569 -0.37 8.16 27.77
C VAL C 569 -0.92 9.16 26.77
N SER C 570 -1.57 10.18 27.29
CA SER C 570 -2.10 11.27 26.47
C SER C 570 -1.98 12.56 27.26
N VAL C 571 -1.86 13.69 26.56
CA VAL C 571 -1.61 14.96 27.21
C VAL C 571 -2.73 15.92 26.86
N ILE C 572 -3.72 16.02 27.75
CA ILE C 572 -4.76 17.03 27.66
C ILE C 572 -4.10 18.38 27.84
N THR C 573 -4.30 19.30 26.91
CA THR C 573 -3.70 20.61 27.04
C THR C 573 -4.56 21.69 26.39
N PRO C 574 -4.75 22.82 27.06
CA PRO C 574 -5.17 24.02 26.34
C PRO C 574 -4.03 24.50 25.47
N GLY C 575 -4.32 25.51 24.66
CA GLY C 575 -3.30 26.06 23.79
C GLY C 575 -2.09 26.52 24.57
N THR C 576 -0.89 26.11 24.14
CA THR C 576 0.32 26.49 24.86
C THR C 576 0.42 28.01 24.96
N ASN C 577 -0.13 28.71 23.97
CA ASN C 577 -0.28 30.15 24.08
C ASN C 577 -1.16 30.53 25.26
N THR C 578 -2.28 29.83 25.43
CA THR C 578 -3.22 30.19 26.48
C THR C 578 -2.62 29.98 27.87
N SER C 579 -1.93 28.88 28.06
CA SER C 579 -1.32 28.58 29.36
C SER C 579 -0.33 27.44 29.20
N ASN C 580 0.21 27.01 30.33
CA ASN C 580 1.15 25.89 30.39
C ASN C 580 0.54 24.69 31.07
N GLN C 581 -0.45 24.89 31.95
CA GLN C 581 -1.03 23.79 32.71
C GLN C 581 -1.57 22.70 31.78
N VAL C 582 -1.16 21.46 32.04
CA VAL C 582 -1.58 20.31 31.25
C VAL C 582 -1.95 19.18 32.18
N ALA C 583 -2.76 18.25 31.67
CA ALA C 583 -3.23 17.12 32.46
C ALA C 583 -2.93 15.83 31.72
N VAL C 584 -2.40 14.87 32.40
CA VAL C 584 -2.02 13.62 31.77
C VAL C 584 -3.20 12.64 31.87
N LEU C 585 -3.30 11.75 30.90
CA LEU C 585 -4.33 10.71 30.90
C LEU C 585 -3.66 9.37 30.61
N TYR C 586 -3.68 8.48 31.60
CA TYR C 586 -3.13 7.14 31.46
C TYR C 586 -4.26 6.24 31.01
N GLN C 587 -4.20 5.79 29.75
CA GLN C 587 -5.34 5.13 29.15
C GLN C 587 -5.48 3.70 29.64
N ASP C 588 -6.69 3.37 30.14
CA ASP C 588 -7.04 2.02 30.56
C ASP C 588 -6.03 1.47 31.58
N VAL C 589 -5.82 2.26 32.63
CA VAL C 589 -4.94 1.89 33.73
C VAL C 589 -5.66 2.24 35.01
N ASN C 590 -5.99 1.24 35.81
CA ASN C 590 -6.57 1.49 37.12
C ASN C 590 -5.58 2.29 37.96
N CYS C 591 -6.09 3.28 38.69
CA CYS C 591 -5.27 4.37 39.20
C CYS C 591 -4.20 3.94 40.19
N THR C 592 -4.30 2.72 40.72
CA THR C 592 -3.30 2.26 41.68
C THR C 592 -1.92 2.10 41.02
N GLU C 593 -1.90 1.87 39.70
CA GLU C 593 -0.71 1.43 39.01
C GLU C 593 0.09 2.58 38.41
N VAL C 594 -0.34 3.83 38.64
CA VAL C 594 0.35 4.97 38.04
C VAL C 594 1.82 5.07 38.42
N PRO C 595 2.29 4.50 39.56
CA PRO C 595 3.76 4.49 39.64
C PRO C 595 4.39 3.55 38.62
N ASP C 601 7.59 3.12 38.57
CA ASP C 601 7.68 3.60 39.95
C ASP C 601 8.07 5.08 39.99
N GLN C 602 8.93 5.43 40.93
CA GLN C 602 9.37 6.81 41.10
C GLN C 602 10.58 7.08 40.20
N LEU C 603 10.30 7.16 38.91
CA LEU C 603 11.34 7.34 37.91
C LEU C 603 11.85 8.78 37.90
N THR C 604 10.98 9.74 37.62
CA THR C 604 11.36 11.14 37.66
C THR C 604 10.32 11.94 38.44
N PRO C 605 10.72 12.75 39.43
CA PRO C 605 9.72 13.42 40.28
C PRO C 605 8.88 14.46 39.55
N THR C 606 9.41 15.08 38.49
CA THR C 606 8.60 16.02 37.72
C THR C 606 7.41 15.34 37.08
N TRP C 607 7.51 14.04 36.81
CA TRP C 607 6.39 13.25 36.35
C TRP C 607 5.70 12.51 37.48
N ARG C 608 6.38 12.28 38.60
CA ARG C 608 5.71 11.75 39.77
C ARG C 608 4.69 12.75 40.32
N VAL C 609 4.92 14.04 40.10
CA VAL C 609 3.92 15.05 40.43
C VAL C 609 2.62 14.76 39.68
N TYR C 610 2.73 14.35 38.42
CA TYR C 610 1.58 13.91 37.63
C TYR C 610 1.31 12.42 37.80
N SER C 611 1.99 11.76 38.75
CA SER C 611 1.61 10.39 39.09
C SER C 611 0.88 10.32 40.43
N THR C 612 0.62 11.44 41.09
CA THR C 612 -0.01 11.41 42.40
C THR C 612 -0.60 12.78 42.70
N GLY C 613 -1.32 12.85 43.82
CA GLY C 613 -1.93 14.08 44.28
C GLY C 613 -3.35 13.88 44.74
N SER C 614 -4.14 14.96 44.75
CA SER C 614 -5.56 14.88 45.03
C SER C 614 -6.41 15.04 43.78
N ASN C 615 -5.80 15.41 42.66
CA ASN C 615 -6.53 15.56 41.40
C ASN C 615 -6.71 14.25 40.66
N VAL C 616 -6.14 13.16 41.17
CA VAL C 616 -6.27 11.86 40.51
C VAL C 616 -7.74 11.50 40.36
N PHE C 617 -8.14 11.23 39.14
CA PHE C 617 -9.53 10.98 38.78
C PHE C 617 -9.61 9.73 37.93
N GLN C 618 -10.70 8.99 38.05
CA GLN C 618 -10.87 7.74 37.32
C GLN C 618 -12.07 7.87 36.40
N THR C 619 -11.92 7.45 35.15
CA THR C 619 -13.01 7.40 34.19
C THR C 619 -13.10 6.00 33.62
N ARG C 620 -13.95 5.82 32.62
CA ARG C 620 -14.04 4.56 31.90
C ARG C 620 -12.97 4.45 30.84
N ALA C 621 -12.23 5.52 30.56
CA ALA C 621 -11.14 5.50 29.60
C ALA C 621 -9.78 5.43 30.24
N GLY C 622 -9.70 5.42 31.56
CA GLY C 622 -8.44 5.34 32.27
C GLY C 622 -8.36 6.34 33.39
N CYS C 623 -7.14 6.56 33.86
CA CYS C 623 -6.90 7.45 34.99
C CYS C 623 -6.39 8.79 34.50
N LEU C 624 -7.16 9.84 34.75
CA LEU C 624 -6.81 11.19 34.36
C LEU C 624 -6.30 11.95 35.57
N ILE C 625 -5.10 12.53 35.45
CA ILE C 625 -4.45 13.22 36.55
C ILE C 625 -4.14 14.64 36.11
N GLY C 626 -4.30 15.59 37.03
CA GLY C 626 -4.08 16.98 36.73
C GLY C 626 -5.34 17.77 36.43
N ALA C 627 -6.51 17.21 36.64
CA ALA C 627 -7.76 17.87 36.35
C ALA C 627 -8.68 17.81 37.57
N GLU C 628 -9.52 18.82 37.70
CA GLU C 628 -10.44 18.93 38.83
C GLU C 628 -11.82 18.46 38.40
N HIS C 629 -12.39 17.53 39.17
CA HIS C 629 -13.67 16.91 38.82
C HIS C 629 -14.80 17.72 39.42
N VAL C 630 -15.60 18.37 38.58
CA VAL C 630 -16.64 19.26 39.02
C VAL C 630 -18.00 18.60 38.83
N ASN C 631 -19.04 19.22 39.37
CA ASN C 631 -20.41 18.73 39.27
C ASN C 631 -21.27 19.64 38.40
N ASN C 632 -20.64 20.35 37.48
CA ASN C 632 -21.39 21.13 36.50
C ASN C 632 -21.68 20.27 35.28
N SER C 633 -22.10 20.90 34.19
CA SER C 633 -22.30 20.21 32.92
C SER C 633 -22.24 21.22 31.78
N TYR C 634 -21.54 20.89 30.71
CA TYR C 634 -21.31 21.80 29.63
C TYR C 634 -21.29 21.05 28.30
N GLU C 635 -21.49 21.77 27.22
CA GLU C 635 -21.04 21.27 25.92
C GLU C 635 -19.53 21.32 25.90
N CYS C 636 -18.92 20.16 25.62
CA CYS C 636 -17.55 19.99 26.05
C CYS C 636 -16.55 20.37 24.96
N ASP C 637 -15.41 20.89 25.41
CA ASP C 637 -14.41 21.51 24.54
C ASP C 637 -13.34 20.52 24.11
N ILE C 638 -12.71 19.82 25.05
CA ILE C 638 -11.69 18.82 24.76
C ILE C 638 -12.26 17.46 25.18
N PRO C 639 -12.60 16.59 24.24
CA PRO C 639 -13.28 15.33 24.61
C PRO C 639 -12.33 14.25 25.12
N ILE C 640 -12.44 13.92 26.40
CA ILE C 640 -11.66 12.84 26.98
C ILE C 640 -12.18 11.53 26.40
N GLY C 641 -13.43 11.22 26.68
CA GLY C 641 -14.02 9.98 26.22
C GLY C 641 -15.03 9.46 27.22
N ALA C 642 -15.86 8.52 26.73
CA ALA C 642 -16.87 7.85 27.55
C ALA C 642 -17.76 8.84 28.27
N GLY C 643 -18.06 9.97 27.63
CA GLY C 643 -18.93 10.97 28.20
C GLY C 643 -18.25 12.00 29.07
N ILE C 644 -16.95 11.88 29.29
CA ILE C 644 -16.22 12.85 30.09
C ILE C 644 -15.46 13.77 29.16
N CYS C 645 -15.49 15.07 29.46
CA CYS C 645 -14.78 16.05 28.66
C CYS C 645 -14.13 17.07 29.59
N ALA C 646 -13.01 17.63 29.14
CA ALA C 646 -12.23 18.57 29.94
C ALA C 646 -12.09 19.90 29.21
N SER C 647 -11.94 20.96 29.99
CA SER C 647 -11.80 22.31 29.45
C SER C 647 -11.13 23.19 30.48
N TYR C 648 -10.65 24.35 30.04
CA TYR C 648 -9.88 25.25 30.88
C TYR C 648 -10.75 26.42 31.33
N GLN C 649 -10.85 26.62 32.65
CA GLN C 649 -11.61 27.74 33.18
C GLN C 649 -11.33 27.85 34.67
N THR C 650 -11.85 28.91 35.28
CA THR C 650 -11.68 29.16 36.71
C THR C 650 -12.31 28.05 37.54
N SER C 663 -5.97 32.01 38.68
CA SER C 663 -7.27 31.66 39.26
C SER C 663 -8.05 30.76 38.31
N GLN C 664 -7.34 29.96 37.54
CA GLN C 664 -7.94 29.07 36.56
C GLN C 664 -7.22 27.72 36.58
N SER C 665 -7.89 26.71 36.03
CA SER C 665 -7.34 25.36 36.00
C SER C 665 -8.11 24.53 34.99
N ILE C 666 -7.70 23.27 34.87
CA ILE C 666 -8.34 22.31 33.95
C ILE C 666 -9.40 21.55 34.73
N ILE C 667 -10.60 21.50 34.17
CA ILE C 667 -11.74 20.85 34.80
C ILE C 667 -12.22 19.73 33.90
N ALA C 668 -12.58 18.60 34.50
CA ALA C 668 -13.07 17.43 33.80
C ALA C 668 -14.48 17.15 34.29
N TYR C 669 -15.46 17.40 33.43
CA TYR C 669 -16.86 17.25 33.77
C TYR C 669 -17.53 16.21 32.89
N THR C 670 -18.79 15.96 33.18
CA THR C 670 -19.61 15.07 32.36
C THR C 670 -20.36 15.91 31.33
N MET C 671 -20.17 15.58 30.06
CA MET C 671 -20.67 16.42 28.98
C MET C 671 -22.20 16.49 29.04
N SER C 672 -22.73 17.66 28.70
CA SER C 672 -24.17 17.90 28.78
C SER C 672 -24.80 17.83 27.40
N LEU C 673 -25.90 17.09 27.29
CA LEU C 673 -26.60 16.95 26.02
C LEU C 673 -27.41 18.18 25.65
N GLY C 674 -27.99 18.86 26.62
CA GLY C 674 -28.80 20.03 26.34
C GLY C 674 -29.76 20.29 27.48
N ALA C 675 -30.58 21.32 27.28
CA ALA C 675 -31.56 21.72 28.27
C ALA C 675 -32.76 20.77 28.25
N GLU C 676 -33.62 20.90 29.24
CA GLU C 676 -34.85 20.14 29.32
C GLU C 676 -35.97 20.89 28.61
N ASN C 677 -37.04 20.16 28.31
CA ASN C 677 -38.25 20.76 27.76
C ASN C 677 -39.37 19.73 27.88
N SER C 678 -40.59 20.23 27.96
CA SER C 678 -41.76 19.36 28.06
C SER C 678 -42.94 20.02 27.36
N VAL C 679 -43.15 19.69 26.09
CA VAL C 679 -44.21 20.34 25.33
C VAL C 679 -45.56 19.98 25.94
N ALA C 680 -46.40 21.00 26.13
CA ALA C 680 -47.71 20.80 26.75
C ALA C 680 -48.61 20.11 25.73
N TYR C 681 -48.48 18.80 25.65
CA TYR C 681 -49.31 18.02 24.74
C TYR C 681 -50.65 17.74 25.40
N SER C 682 -51.71 18.34 24.87
CA SER C 682 -53.07 17.97 25.20
C SER C 682 -53.67 17.28 23.99
N ASN C 683 -54.97 16.98 24.07
CA ASN C 683 -55.64 16.29 22.98
C ASN C 683 -56.50 17.22 22.15
N ASN C 684 -56.72 18.45 22.59
CA ASN C 684 -57.42 19.43 21.77
C ASN C 684 -56.77 20.81 21.93
N SER C 685 -55.44 20.85 21.90
CA SER C 685 -54.72 22.11 22.10
C SER C 685 -53.62 22.22 21.04
N ILE C 686 -53.72 23.26 20.23
CA ILE C 686 -52.79 23.46 19.13
C ILE C 686 -52.00 24.74 19.40
N ALA C 687 -50.90 24.92 18.69
CA ALA C 687 -50.04 26.08 18.86
C ALA C 687 -49.68 26.63 17.49
N ILE C 688 -50.22 27.80 17.18
CA ILE C 688 -50.11 28.40 15.85
C ILE C 688 -49.14 29.57 15.93
N PRO C 689 -48.07 29.60 15.14
CA PRO C 689 -47.18 30.75 15.15
C PRO C 689 -47.89 31.99 14.61
N THR C 690 -47.46 33.16 15.09
CA THR C 690 -48.09 34.41 14.72
C THR C 690 -47.13 35.42 14.12
N ASN C 691 -45.82 35.17 14.15
CA ASN C 691 -44.85 36.10 13.62
C ASN C 691 -43.62 35.32 13.21
N PHE C 692 -43.06 35.66 12.06
CA PHE C 692 -42.01 34.87 11.47
C PHE C 692 -40.66 35.53 11.64
N THR C 693 -39.63 34.89 11.10
CA THR C 693 -38.27 35.39 11.18
C THR C 693 -37.50 34.82 10.00
N ILE C 694 -36.99 35.70 9.14
CA ILE C 694 -36.22 35.26 7.99
C ILE C 694 -34.75 35.25 8.34
N SER C 695 -34.11 34.10 8.23
CA SER C 695 -32.75 33.93 8.69
C SER C 695 -31.87 33.44 7.56
N VAL C 696 -30.64 33.92 7.53
CA VAL C 696 -29.64 33.50 6.56
C VAL C 696 -28.60 32.67 7.27
N THR C 697 -28.35 31.48 6.77
CA THR C 697 -27.29 30.62 7.28
C THR C 697 -26.10 30.69 6.35
N THR C 698 -25.13 29.81 6.57
CA THR C 698 -23.96 29.70 5.71
C THR C 698 -23.54 28.24 5.68
N GLU C 699 -22.95 27.83 4.56
CA GLU C 699 -22.47 26.46 4.46
C GLU C 699 -21.27 26.43 3.52
N ILE C 700 -20.16 25.86 3.98
CA ILE C 700 -18.92 25.85 3.24
C ILE C 700 -18.65 24.42 2.79
N LEU C 701 -18.35 24.24 1.51
CA LEU C 701 -18.12 22.91 1.00
C LEU C 701 -16.82 22.87 0.19
N PRO C 702 -15.92 21.94 0.48
CA PRO C 702 -14.75 21.76 -0.39
C PRO C 702 -15.18 21.26 -1.75
N VAL C 703 -14.46 21.72 -2.78
CA VAL C 703 -14.76 21.35 -4.16
C VAL C 703 -13.59 20.66 -4.82
N SER C 704 -12.37 21.16 -4.61
CA SER C 704 -11.19 20.60 -5.24
C SER C 704 -10.04 20.65 -4.26
N MET C 705 -8.86 20.21 -4.72
CA MET C 705 -7.63 20.35 -3.97
C MET C 705 -6.48 20.53 -4.94
N THR C 706 -5.34 20.96 -4.41
CA THR C 706 -4.20 21.28 -5.26
C THR C 706 -3.80 20.09 -6.11
N LYS C 707 -3.52 20.34 -7.38
CA LYS C 707 -3.15 19.30 -8.32
C LYS C 707 -1.64 19.10 -8.25
N THR C 708 -1.22 18.03 -7.59
CA THR C 708 0.19 17.74 -7.40
C THR C 708 0.67 16.76 -8.46
N SER C 709 1.99 16.71 -8.62
CA SER C 709 2.61 15.74 -9.51
C SER C 709 4.08 15.57 -9.15
N VAL C 710 4.51 14.33 -8.94
CA VAL C 710 5.87 14.04 -8.54
C VAL C 710 6.58 13.34 -9.70
N ASP C 711 7.84 13.69 -9.90
CA ASP C 711 8.67 13.03 -10.89
C ASP C 711 9.42 11.89 -10.21
N CYS C 712 9.01 10.66 -10.50
CA CYS C 712 9.48 9.53 -9.70
C CYS C 712 10.99 9.37 -9.77
N THR C 713 11.56 9.42 -10.97
CA THR C 713 13.00 9.24 -11.09
C THR C 713 13.76 10.37 -10.42
N MET C 714 13.30 11.60 -10.62
CA MET C 714 13.99 12.76 -10.05
C MET C 714 13.97 12.75 -8.53
N TYR C 715 13.03 12.02 -7.92
CA TYR C 715 12.91 11.97 -6.47
C TYR C 715 13.61 10.75 -5.89
N ILE C 716 13.38 9.57 -6.47
CA ILE C 716 13.94 8.34 -5.92
C ILE C 716 15.46 8.41 -5.89
N CYS C 717 16.06 8.77 -7.02
CA CYS C 717 17.49 9.09 -7.04
C CYS C 717 17.72 10.05 -8.20
N GLY C 718 17.79 11.33 -7.88
CA GLY C 718 17.91 12.38 -8.89
C GLY C 718 19.35 12.76 -9.12
N ASP C 719 19.64 13.19 -10.35
CA ASP C 719 20.95 13.67 -10.77
C ASP C 719 22.03 12.61 -10.62
N SER C 720 21.66 11.33 -10.53
CA SER C 720 22.60 10.23 -10.37
C SER C 720 22.36 9.23 -11.49
N THR C 721 23.07 9.41 -12.60
CA THR C 721 22.98 8.47 -13.71
C THR C 721 23.37 7.06 -13.30
N GLU C 722 24.24 6.92 -12.29
CA GLU C 722 24.65 5.61 -11.80
C GLU C 722 23.52 4.86 -11.12
N CYS C 723 22.42 5.55 -10.79
CA CYS C 723 21.26 4.91 -10.16
C CYS C 723 20.08 4.78 -11.12
N SER C 724 20.04 5.57 -12.18
CA SER C 724 18.91 5.51 -13.11
C SER C 724 18.82 4.14 -13.75
N ASN C 725 19.96 3.58 -14.18
CA ASN C 725 19.94 2.25 -14.76
C ASN C 725 19.46 1.22 -13.75
N LEU C 726 19.91 1.32 -12.50
CA LEU C 726 19.48 0.38 -11.48
C LEU C 726 17.98 0.46 -11.26
N LEU C 727 17.44 1.67 -11.21
CA LEU C 727 16.00 1.84 -11.01
C LEU C 727 15.21 1.36 -12.22
N LEU C 728 15.80 1.46 -13.41
CA LEU C 728 15.09 1.09 -14.62
C LEU C 728 14.59 -0.35 -14.58
N GLN C 729 15.43 -1.26 -14.11
CA GLN C 729 15.09 -2.67 -14.07
C GLN C 729 14.14 -3.02 -12.95
N TYR C 730 13.85 -2.07 -12.06
CA TYR C 730 13.08 -2.37 -10.87
C TYR C 730 11.58 -2.50 -11.14
N GLY C 731 11.16 -2.24 -12.36
CA GLY C 731 9.76 -2.37 -12.72
C GLY C 731 9.19 -1.05 -13.21
N SER C 732 7.90 -1.10 -13.54
CA SER C 732 7.17 0.06 -14.04
C SER C 732 6.40 0.79 -12.94
N PHE C 733 6.91 0.77 -11.70
CA PHE C 733 6.30 1.56 -10.64
C PHE C 733 6.36 3.05 -10.97
N CYS C 734 7.48 3.47 -11.56
CA CYS C 734 7.70 4.89 -11.86
C CYS C 734 6.60 5.48 -12.73
N THR C 735 5.94 4.68 -13.56
CA THR C 735 4.87 5.20 -14.40
C THR C 735 3.48 4.98 -13.80
N GLN C 736 3.29 3.94 -12.99
CA GLN C 736 2.03 3.80 -12.29
C GLN C 736 1.82 4.95 -11.31
N LEU C 737 2.87 5.30 -10.56
CA LEU C 737 2.78 6.39 -9.60
C LEU C 737 2.88 7.75 -10.25
N ASN C 738 2.76 7.81 -11.58
CA ASN C 738 2.51 9.05 -12.29
C ASN C 738 1.18 9.05 -13.01
N ARG C 739 0.67 7.90 -13.42
CA ARG C 739 -0.67 7.83 -13.96
C ARG C 739 -1.73 8.02 -12.89
N ALA C 740 -1.50 7.50 -11.68
CA ALA C 740 -2.46 7.75 -10.60
C ALA C 740 -2.58 9.24 -10.28
N LEU C 741 -1.44 9.91 -10.12
CA LEU C 741 -1.44 11.33 -9.81
C LEU C 741 -1.89 12.19 -10.97
N THR C 742 -1.98 11.63 -12.17
CA THR C 742 -2.60 12.33 -13.29
C THR C 742 -4.11 12.18 -13.29
N GLY C 743 -4.61 10.98 -13.00
CA GLY C 743 -6.05 10.82 -12.84
C GLY C 743 -6.60 11.71 -11.74
N ILE C 744 -5.86 11.83 -10.63
CA ILE C 744 -6.30 12.71 -9.55
C ILE C 744 -6.38 14.16 -10.02
N ALA C 745 -5.31 14.66 -10.63
CA ALA C 745 -5.28 16.03 -11.09
C ALA C 745 -6.23 16.30 -12.24
N VAL C 746 -6.78 15.27 -12.87
CA VAL C 746 -7.80 15.47 -13.88
C VAL C 746 -9.16 15.60 -13.22
N GLU C 747 -9.47 14.70 -12.28
CA GLU C 747 -10.77 14.84 -11.64
C GLU C 747 -10.86 16.11 -10.82
N GLN C 748 -9.72 16.64 -10.36
CA GLN C 748 -9.77 17.93 -9.70
C GLN C 748 -10.24 19.04 -10.62
N ASP C 749 -9.85 19.00 -11.89
CA ASP C 749 -10.36 19.95 -12.86
C ASP C 749 -11.81 19.68 -13.21
N LYS C 750 -12.22 18.43 -13.18
CA LYS C 750 -13.60 18.08 -13.50
C LYS C 750 -14.58 18.50 -12.41
N ASN C 751 -14.18 18.48 -11.15
CA ASN C 751 -15.10 18.81 -10.06
C ASN C 751 -15.59 20.25 -10.16
N THR C 752 -14.69 21.18 -10.45
CA THR C 752 -15.12 22.56 -10.56
C THR C 752 -16.01 22.80 -11.76
N GLN C 753 -15.82 22.07 -12.85
CA GLN C 753 -16.77 22.11 -13.96
C GLN C 753 -18.14 21.62 -13.51
N GLU C 754 -18.16 20.53 -12.74
CA GLU C 754 -19.43 19.95 -12.31
C GLU C 754 -20.19 20.90 -11.40
N VAL C 755 -19.50 21.50 -10.44
CA VAL C 755 -20.20 22.29 -9.41
C VAL C 755 -20.71 23.60 -9.99
N PHE C 756 -19.86 24.34 -10.70
CA PHE C 756 -20.21 25.70 -11.09
C PHE C 756 -20.83 25.78 -12.48
N ALA C 757 -20.25 25.10 -13.46
CA ALA C 757 -20.68 25.24 -14.85
C ALA C 757 -22.03 24.56 -15.05
N GLN C 758 -23.06 25.16 -14.46
CA GLN C 758 -24.42 24.70 -14.63
C GLN C 758 -25.29 25.67 -15.42
N VAL C 759 -24.79 26.87 -15.72
CA VAL C 759 -25.48 27.80 -16.59
C VAL C 759 -24.89 27.69 -17.98
N LYS C 760 -25.76 27.65 -18.99
CA LYS C 760 -25.32 27.56 -20.37
C LYS C 760 -25.12 28.93 -21.01
N GLN C 761 -25.33 30.00 -20.26
CA GLN C 761 -25.10 31.35 -20.72
C GLN C 761 -24.46 32.16 -19.61
N ILE C 762 -24.26 33.45 -19.86
CA ILE C 762 -23.70 34.34 -18.85
C ILE C 762 -24.61 35.55 -18.68
N TYR C 763 -25.46 35.52 -17.67
CA TYR C 763 -26.39 36.61 -17.41
C TYR C 763 -25.67 37.75 -16.70
N LYS C 764 -26.04 38.97 -17.06
CA LYS C 764 -25.59 40.17 -16.37
C LYS C 764 -26.81 40.85 -15.76
N THR C 765 -26.74 41.15 -14.47
CA THR C 765 -27.85 41.80 -13.81
C THR C 765 -28.04 43.21 -14.38
N PRO C 766 -29.27 43.61 -14.68
CA PRO C 766 -29.47 44.95 -15.20
C PRO C 766 -29.20 45.99 -14.13
N PRO C 767 -28.82 47.20 -14.53
CA PRO C 767 -28.53 48.24 -13.52
C PRO C 767 -29.79 48.77 -12.87
N ILE C 768 -30.27 48.05 -11.85
CA ILE C 768 -31.53 48.39 -11.20
C ILE C 768 -31.39 48.23 -9.70
N LYS C 769 -32.30 48.85 -8.95
CA LYS C 769 -32.33 48.71 -7.50
C LYS C 769 -33.76 48.37 -7.03
N ASP C 770 -34.72 48.34 -7.95
CA ASP C 770 -36.13 48.19 -7.60
C ASP C 770 -36.45 46.76 -7.16
N PHE C 771 -35.70 46.24 -6.20
CA PHE C 771 -35.94 44.90 -5.69
C PHE C 771 -36.85 44.91 -4.45
N GLY C 772 -38.00 45.57 -4.58
CA GLY C 772 -38.98 45.63 -3.51
C GLY C 772 -38.43 46.00 -2.15
N GLY C 773 -37.28 46.67 -2.12
CA GLY C 773 -36.62 47.01 -0.89
C GLY C 773 -35.52 46.07 -0.46
N PHE C 774 -35.36 44.92 -1.12
CA PHE C 774 -34.28 44.01 -0.80
C PHE C 774 -32.95 44.61 -1.26
N ASN C 775 -31.92 44.45 -0.43
CA ASN C 775 -30.60 45.01 -0.72
C ASN C 775 -29.64 43.88 -1.05
N PHE C 776 -29.06 43.92 -2.24
CA PHE C 776 -28.16 42.88 -2.73
C PHE C 776 -26.74 43.38 -2.90
N SER C 777 -26.37 44.47 -2.23
CA SER C 777 -25.03 45.02 -2.41
C SER C 777 -23.96 44.04 -1.96
N GLN C 778 -24.19 43.34 -0.86
CA GLN C 778 -23.17 42.50 -0.27
C GLN C 778 -22.87 41.24 -1.07
N ILE C 779 -23.65 40.92 -2.09
CA ILE C 779 -23.40 39.71 -2.86
C ILE C 779 -23.27 39.95 -4.35
N LEU C 780 -23.76 41.06 -4.90
CA LEU C 780 -23.49 41.15 -6.32
C LEU C 780 -22.13 41.78 -6.57
N PRO C 781 -21.47 41.46 -7.68
CA PRO C 781 -20.17 42.07 -7.97
C PRO C 781 -20.26 43.59 -8.07
N ASP C 782 -19.21 44.25 -7.61
CA ASP C 782 -19.16 45.70 -7.55
C ASP C 782 -18.43 46.29 -8.76
N PRO C 783 -18.79 47.50 -9.15
CA PRO C 783 -18.09 48.14 -10.28
C PRO C 783 -16.77 48.75 -9.86
N SER C 784 -16.66 49.15 -8.58
CA SER C 784 -15.49 49.87 -8.09
C SER C 784 -14.23 49.03 -8.15
N LYS C 785 -14.27 47.83 -7.59
CA LYS C 785 -13.10 46.97 -7.60
C LYS C 785 -12.78 46.52 -9.01
N PRO C 786 -11.51 46.39 -9.38
CA PRO C 786 -11.16 45.97 -10.74
C PRO C 786 -11.72 44.62 -11.12
N SER C 787 -11.76 43.67 -10.18
CA SER C 787 -12.30 42.35 -10.42
C SER C 787 -13.79 42.32 -10.07
N LYS C 788 -14.44 41.23 -10.46
CA LYS C 788 -15.86 41.04 -10.22
C LYS C 788 -16.13 40.32 -8.90
N ARG C 789 -15.24 40.47 -7.93
CA ARG C 789 -15.42 39.84 -6.63
C ARG C 789 -16.40 40.64 -5.78
N SER C 790 -17.37 39.95 -5.20
CA SER C 790 -18.39 40.58 -4.39
C SER C 790 -17.88 40.81 -2.97
N PHE C 791 -18.64 41.62 -2.22
CA PHE C 791 -18.18 42.08 -0.92
C PHE C 791 -18.06 40.95 0.10
N ILE C 792 -18.62 39.78 -0.16
CA ILE C 792 -18.42 38.64 0.71
C ILE C 792 -17.39 37.66 0.17
N GLU C 793 -17.21 37.56 -1.14
CA GLU C 793 -16.18 36.68 -1.68
C GLU C 793 -14.78 37.16 -1.31
N ASP C 794 -14.59 38.47 -1.13
CA ASP C 794 -13.27 38.97 -0.73
C ASP C 794 -12.99 38.73 0.74
N LEU C 795 -14.02 38.76 1.58
CA LEU C 795 -13.84 38.44 2.99
C LEU C 795 -13.39 37.00 3.18
N LEU C 796 -13.61 36.14 2.19
CA LEU C 796 -13.17 34.76 2.25
C LEU C 796 -11.74 34.59 1.77
N PHE C 797 -11.33 35.36 0.76
CA PHE C 797 -9.97 35.24 0.25
C PHE C 797 -8.95 35.74 1.26
N ASN C 798 -9.27 36.84 1.93
CA ASN C 798 -8.36 37.43 2.92
C ASN C 798 -8.53 36.79 4.29
N LYS C 799 -9.07 35.57 4.34
CA LYS C 799 -9.24 34.86 5.60
C LYS C 799 -8.64 33.47 5.51
N VAL C 800 -8.60 32.91 4.30
CA VAL C 800 -7.99 31.60 4.11
C VAL C 800 -6.54 31.77 3.70
N THR C 801 -5.64 31.22 4.49
CA THR C 801 -4.21 31.29 4.20
C THR C 801 -3.63 29.89 4.06
N ASP C 822 13.20 28.48 -0.38
CA ASP C 822 12.50 28.00 0.80
C ASP C 822 12.02 26.56 0.63
N LEU C 823 11.07 26.15 1.47
CA LEU C 823 10.61 24.77 1.46
C LEU C 823 9.89 24.41 0.17
N ILE C 824 9.03 25.32 -0.32
CA ILE C 824 8.33 25.05 -1.58
C ILE C 824 9.32 25.00 -2.73
N CYS C 825 10.35 25.84 -2.67
CA CYS C 825 11.43 25.73 -3.65
C CYS C 825 12.13 24.38 -3.54
N ALA C 826 12.36 23.89 -2.32
CA ALA C 826 13.01 22.59 -2.16
C ALA C 826 12.17 21.49 -2.80
N GLN C 827 10.85 21.53 -2.59
CA GLN C 827 9.96 20.60 -3.27
C GLN C 827 10.11 20.71 -4.78
N LYS C 828 10.24 21.95 -5.28
CA LYS C 828 10.44 22.13 -6.71
C LYS C 828 11.73 21.48 -7.18
N PHE C 829 12.84 21.68 -6.46
CA PHE C 829 14.09 21.00 -6.80
C PHE C 829 13.97 19.49 -6.72
N ASN C 830 13.06 18.97 -5.91
CA ASN C 830 12.89 17.52 -5.80
C ASN C 830 11.81 16.98 -6.72
N GLY C 831 11.47 17.71 -7.79
CA GLY C 831 10.52 17.22 -8.76
C GLY C 831 9.07 17.28 -8.34
N LEU C 832 8.76 17.93 -7.23
CA LEU C 832 7.38 18.03 -6.74
C LEU C 832 6.77 19.30 -7.32
N THR C 833 5.84 19.14 -8.25
CA THR C 833 5.23 20.25 -8.96
C THR C 833 3.76 20.38 -8.58
N VAL C 834 3.30 21.63 -8.52
CA VAL C 834 1.90 21.93 -8.27
C VAL C 834 1.39 22.69 -9.49
N LEU C 835 0.51 22.06 -10.25
CA LEU C 835 -0.02 22.63 -11.47
C LEU C 835 -1.14 23.62 -11.15
N PRO C 836 -1.38 24.59 -12.03
CA PRO C 836 -2.48 25.53 -11.81
C PRO C 836 -3.78 24.96 -12.34
N PRO C 837 -4.90 25.33 -11.74
CA PRO C 837 -6.19 24.81 -12.19
C PRO C 837 -6.57 25.34 -13.56
N LEU C 838 -7.41 24.56 -14.25
CA LEU C 838 -7.90 25.00 -15.55
C LEU C 838 -8.74 26.27 -15.44
N LEU C 839 -9.60 26.33 -14.44
CA LEU C 839 -10.46 27.49 -14.23
C LEU C 839 -9.80 28.43 -13.23
N THR C 840 -9.42 29.62 -13.69
CA THR C 840 -8.80 30.59 -12.81
C THR C 840 -9.82 31.13 -11.83
N ASP C 841 -9.32 31.81 -10.80
CA ASP C 841 -10.17 32.37 -9.76
C ASP C 841 -10.88 33.64 -10.21
N GLU C 842 -10.67 34.06 -11.46
CA GLU C 842 -11.43 35.14 -12.05
C GLU C 842 -12.48 34.65 -13.03
N MET C 843 -12.46 33.37 -13.39
CA MET C 843 -13.53 32.77 -14.17
C MET C 843 -14.60 32.16 -13.28
N ILE C 844 -14.22 31.65 -12.11
CA ILE C 844 -15.20 31.17 -11.15
C ILE C 844 -16.15 32.29 -10.78
N ALA C 845 -15.63 33.48 -10.55
CA ALA C 845 -16.44 34.63 -10.21
C ALA C 845 -17.36 35.07 -11.34
N GLN C 846 -17.11 34.63 -12.57
CA GLN C 846 -18.00 34.93 -13.67
C GLN C 846 -19.06 33.87 -13.89
N TYR C 847 -18.98 32.74 -13.19
CA TYR C 847 -20.10 31.82 -13.11
C TYR C 847 -21.00 32.12 -11.92
N THR C 848 -20.42 32.24 -10.73
CA THR C 848 -21.16 32.51 -9.51
C THR C 848 -21.63 33.95 -9.42
N SER C 849 -21.52 34.72 -10.50
CA SER C 849 -22.22 35.98 -10.63
C SER C 849 -23.18 35.94 -11.81
N ALA C 850 -23.20 34.85 -12.56
CA ALA C 850 -24.25 34.57 -13.51
C ALA C 850 -25.23 33.53 -12.98
N LEU C 851 -24.86 32.82 -11.92
CA LEU C 851 -25.78 31.99 -11.16
C LEU C 851 -26.51 32.81 -10.11
N LEU C 852 -26.20 34.09 -9.99
CA LEU C 852 -26.75 34.94 -8.95
C LEU C 852 -27.49 36.13 -9.54
N ALA C 853 -27.34 36.39 -10.83
CA ALA C 853 -28.19 37.33 -11.52
C ALA C 853 -29.30 36.66 -12.30
N GLY C 854 -29.37 35.33 -12.25
CA GLY C 854 -30.51 34.63 -12.83
C GLY C 854 -31.52 34.31 -11.77
N THR C 855 -31.06 33.89 -10.60
CA THR C 855 -31.95 33.65 -9.48
C THR C 855 -32.71 34.92 -9.10
N ILE C 856 -32.03 36.06 -9.12
CA ILE C 856 -32.66 37.30 -8.70
C ILE C 856 -33.72 37.74 -9.70
N THR C 857 -33.49 37.55 -10.99
CA THR C 857 -34.35 38.15 -12.01
C THR C 857 -35.15 37.11 -12.79
N SER C 858 -34.89 35.83 -12.59
CA SER C 858 -35.66 34.82 -13.32
C SER C 858 -36.25 33.77 -12.40
N GLY C 859 -35.52 33.41 -11.35
CA GLY C 859 -36.04 32.44 -10.39
C GLY C 859 -35.67 31.01 -10.69
N TRP C 860 -36.64 30.11 -10.57
CA TRP C 860 -36.42 28.70 -10.81
C TRP C 860 -36.47 28.35 -12.29
N THR C 861 -36.61 29.35 -13.16
CA THR C 861 -36.83 29.11 -14.58
C THR C 861 -35.54 29.10 -15.39
N PHE C 862 -34.52 29.86 -15.00
CA PHE C 862 -33.31 29.93 -15.80
C PHE C 862 -32.56 28.62 -15.83
N GLY C 863 -32.87 27.70 -14.92
CA GLY C 863 -32.21 26.41 -14.91
C GLY C 863 -33.08 25.32 -15.51
N ALA C 864 -34.20 25.71 -16.12
CA ALA C 864 -35.10 24.75 -16.73
C ALA C 864 -35.60 25.25 -18.07
N GLY C 865 -34.70 25.79 -18.89
CA GLY C 865 -35.10 26.33 -20.18
C GLY C 865 -34.69 27.78 -20.33
N ALA C 866 -35.35 28.49 -21.24
CA ALA C 866 -35.06 29.90 -21.44
C ALA C 866 -35.52 30.70 -20.23
N ALA C 867 -34.64 31.56 -19.72
CA ALA C 867 -34.94 32.33 -18.53
C ALA C 867 -36.08 33.31 -18.80
N LEU C 868 -37.01 33.41 -17.87
CA LEU C 868 -38.16 34.29 -17.98
C LEU C 868 -38.13 35.25 -16.80
N GLN C 869 -38.14 36.56 -17.10
CA GLN C 869 -38.06 37.54 -16.02
C GLN C 869 -39.35 37.56 -15.22
N ILE C 870 -39.27 38.11 -14.02
CA ILE C 870 -40.42 38.20 -13.12
C ILE C 870 -40.03 39.15 -12.00
N PRO C 871 -40.90 40.08 -11.59
CA PRO C 871 -40.52 41.03 -10.54
C PRO C 871 -40.07 40.31 -9.30
N PHE C 872 -39.04 40.82 -8.61
CA PHE C 872 -38.48 40.07 -7.50
C PHE C 872 -39.51 39.81 -6.41
N ALA C 873 -40.22 40.85 -5.98
CA ALA C 873 -41.25 40.65 -4.97
C ALA C 873 -42.18 39.53 -5.39
N MET C 874 -42.69 39.59 -6.61
CA MET C 874 -43.67 38.64 -7.12
C MET C 874 -43.08 37.25 -7.31
N GLN C 875 -41.79 37.06 -7.11
CA GLN C 875 -41.30 35.69 -7.05
C GLN C 875 -41.08 35.20 -5.64
N MET C 876 -40.73 36.09 -4.70
CA MET C 876 -40.65 35.65 -3.33
C MET C 876 -42.00 35.19 -2.82
N ALA C 877 -43.07 35.85 -3.26
CA ALA C 877 -44.42 35.41 -2.95
C ALA C 877 -44.80 34.11 -3.64
N TYR C 878 -44.07 33.70 -4.67
CA TYR C 878 -44.27 32.37 -5.24
C TYR C 878 -43.31 31.37 -4.65
N ARG C 879 -42.52 31.80 -3.67
CA ARG C 879 -41.77 30.89 -2.83
C ARG C 879 -42.37 30.74 -1.45
N PHE C 880 -43.06 31.76 -0.94
CA PHE C 880 -43.93 31.55 0.20
C PHE C 880 -45.03 30.56 -0.12
N ASN C 881 -45.61 30.68 -1.31
CA ASN C 881 -46.74 29.84 -1.68
C ASN C 881 -46.30 28.41 -1.93
N GLY C 882 -45.02 28.11 -1.70
CA GLY C 882 -44.51 26.77 -1.82
C GLY C 882 -44.28 26.10 -0.48
N ILE C 883 -44.29 26.89 0.59
CA ILE C 883 -44.08 26.37 1.93
C ILE C 883 -45.31 26.57 2.81
N GLY C 884 -46.46 26.85 2.21
CA GLY C 884 -47.69 26.87 2.96
C GLY C 884 -48.30 28.24 3.19
N VAL C 885 -47.47 29.23 3.50
CA VAL C 885 -48.01 30.55 3.78
C VAL C 885 -48.51 31.17 2.49
N THR C 886 -49.72 31.72 2.53
CA THR C 886 -50.30 32.31 1.34
C THR C 886 -49.64 33.64 1.01
N GLN C 887 -49.95 34.16 -0.17
CA GLN C 887 -49.25 35.33 -0.69
C GLN C 887 -49.61 36.60 0.07
N ASN C 888 -50.86 36.71 0.52
CA ASN C 888 -51.27 37.93 1.21
C ASN C 888 -50.45 38.15 2.47
N VAL C 889 -49.83 37.09 2.98
CA VAL C 889 -48.88 37.24 4.08
C VAL C 889 -47.69 38.08 3.63
N LEU C 890 -47.16 37.78 2.45
CA LEU C 890 -46.02 38.55 1.97
C LEU C 890 -46.44 39.96 1.59
N TYR C 891 -47.45 40.11 0.75
CA TYR C 891 -47.68 41.44 0.19
C TYR C 891 -48.13 42.43 1.24
N GLU C 892 -48.49 41.97 2.43
CA GLU C 892 -48.86 42.87 3.51
C GLU C 892 -47.78 42.97 4.58
N ASN C 893 -46.63 42.34 4.38
CA ASN C 893 -45.51 42.41 5.30
C ASN C 893 -44.21 42.64 4.54
N GLN C 894 -44.31 43.31 3.40
CA GLN C 894 -43.18 43.38 2.48
C GLN C 894 -42.03 44.19 3.07
N LYS C 895 -42.34 45.34 3.66
CA LYS C 895 -41.29 46.19 4.21
C LYS C 895 -40.54 45.49 5.34
N LEU C 896 -41.29 44.84 6.23
CA LEU C 896 -40.65 44.12 7.33
C LEU C 896 -39.77 42.99 6.82
N ILE C 897 -40.22 42.28 5.78
CA ILE C 897 -39.41 41.21 5.22
C ILE C 897 -38.12 41.76 4.61
N ALA C 898 -38.22 42.87 3.89
CA ALA C 898 -36.99 43.46 3.33
C ALA C 898 -36.04 43.87 4.43
N ASN C 899 -36.54 44.54 5.46
CA ASN C 899 -35.69 45.04 6.52
C ASN C 899 -35.20 43.95 7.46
N GLN C 900 -35.76 42.75 7.38
CA GLN C 900 -35.18 41.61 8.06
C GLN C 900 -34.13 40.89 7.23
N PHE C 901 -34.38 40.72 5.93
CA PHE C 901 -33.40 40.07 5.06
C PHE C 901 -32.10 40.88 4.99
N ASN C 902 -32.22 42.20 4.88
CA ASN C 902 -31.01 43.04 4.83
C ASN C 902 -30.19 42.91 6.11
N SER C 903 -30.86 42.94 7.26
CA SER C 903 -30.15 42.79 8.52
C SER C 903 -29.48 41.44 8.63
N ALA C 904 -30.15 40.38 8.14
CA ALA C 904 -29.54 39.07 8.15
C ALA C 904 -28.25 39.05 7.32
N ILE C 905 -28.29 39.66 6.14
CA ILE C 905 -27.09 39.72 5.31
C ILE C 905 -25.96 40.45 6.03
N GLY C 906 -26.29 41.58 6.66
CA GLY C 906 -25.26 42.31 7.39
C GLY C 906 -24.63 41.49 8.50
N LYS C 907 -25.47 40.77 9.26
CA LYS C 907 -24.94 39.94 10.35
C LYS C 907 -24.09 38.81 9.81
N ILE C 908 -24.43 38.25 8.65
CA ILE C 908 -23.56 37.22 8.05
C ILE C 908 -22.20 37.82 7.70
N GLN C 909 -22.19 39.01 7.11
CA GLN C 909 -20.92 39.61 6.74
C GLN C 909 -20.05 39.84 7.98
N ASP C 910 -20.67 40.30 9.06
CA ASP C 910 -19.91 40.45 10.29
C ASP C 910 -19.52 39.13 10.94
N SER C 911 -20.27 38.06 10.68
CA SER C 911 -19.99 36.74 11.22
C SER C 911 -18.78 36.08 10.57
N LEU C 912 -18.68 36.14 9.24
CA LEU C 912 -17.52 35.55 8.58
C LEU C 912 -16.23 36.25 9.00
N SER C 913 -16.28 37.58 9.16
CA SER C 913 -15.09 38.34 9.51
C SER C 913 -14.61 38.04 10.92
N SER C 914 -15.42 37.37 11.74
CA SER C 914 -15.02 37.05 13.10
C SER C 914 -13.94 35.97 13.11
N THR C 915 -13.29 35.81 14.25
CA THR C 915 -12.26 34.79 14.42
C THR C 915 -12.93 33.45 14.67
N ALA C 916 -12.12 32.40 14.84
CA ALA C 916 -12.61 31.02 14.93
C ALA C 916 -13.52 30.72 13.74
N SER C 917 -13.03 31.07 12.56
CA SER C 917 -13.88 31.13 11.37
C SER C 917 -14.49 29.77 11.05
N ALA C 918 -15.74 29.79 10.63
CA ALA C 918 -16.45 28.58 10.22
C ALA C 918 -15.88 27.97 8.95
N LEU C 919 -15.00 28.68 8.26
CA LEU C 919 -14.39 28.18 7.04
C LEU C 919 -13.22 27.25 7.35
N GLY C 920 -13.15 26.77 8.59
CA GLY C 920 -12.12 25.81 8.94
C GLY C 920 -12.15 24.54 8.11
N LYS C 921 -13.29 24.23 7.51
CA LYS C 921 -13.35 23.10 6.60
C LYS C 921 -12.49 23.32 5.36
N LEU C 922 -12.48 24.53 4.81
CA LEU C 922 -11.69 24.80 3.62
C LEU C 922 -10.20 24.84 3.88
N GLN C 923 -9.76 25.36 5.02
CA GLN C 923 -8.35 25.43 5.33
C GLN C 923 -7.84 24.16 6.00
N ASP C 924 -8.72 23.19 6.23
CA ASP C 924 -8.28 21.86 6.65
C ASP C 924 -7.75 21.06 5.47
N VAL C 925 -8.36 21.22 4.30
CA VAL C 925 -7.89 20.53 3.09
C VAL C 925 -6.47 20.95 2.76
N VAL C 926 -6.21 22.26 2.79
CA VAL C 926 -4.88 22.77 2.46
C VAL C 926 -3.87 22.29 3.49
N ASN C 927 -4.23 22.33 4.77
CA ASN C 927 -3.32 21.87 5.81
C ASN C 927 -2.97 20.40 5.62
N GLN C 928 -3.97 19.57 5.34
CA GLN C 928 -3.71 18.15 5.17
C GLN C 928 -2.83 17.89 3.95
N ASN C 929 -3.13 18.55 2.83
CA ASN C 929 -2.36 18.31 1.62
C ASN C 929 -1.00 18.97 1.63
N ALA C 930 -0.76 19.89 2.55
CA ALA C 930 0.59 20.42 2.76
C ALA C 930 1.32 19.75 3.89
N GLN C 931 0.67 18.89 4.67
CA GLN C 931 1.36 18.12 5.68
C GLN C 931 1.84 16.78 5.17
N ALA C 932 1.06 16.10 4.34
CA ALA C 932 1.48 14.83 3.78
C ALA C 932 2.69 15.03 2.87
N LEU C 933 2.68 16.09 2.06
CA LEU C 933 3.77 16.32 1.14
C LEU C 933 5.05 16.74 1.84
N ASN C 934 4.97 17.33 3.03
CA ASN C 934 6.17 17.64 3.80
C ASN C 934 6.83 16.40 4.39
N THR C 935 6.05 15.39 4.78
CA THR C 935 6.63 14.12 5.17
C THR C 935 7.34 13.43 4.02
N LEU C 936 6.83 13.57 2.80
CA LEU C 936 7.49 13.01 1.63
C LEU C 936 8.86 13.62 1.40
N VAL C 937 9.14 14.79 1.97
CA VAL C 937 10.46 15.38 1.86
C VAL C 937 11.29 15.09 3.10
N LYS C 938 10.64 15.08 4.27
CA LYS C 938 11.33 14.66 5.49
C LYS C 938 11.90 13.25 5.35
N GLN C 939 11.27 12.40 4.55
CA GLN C 939 11.72 11.02 4.46
C GLN C 939 12.87 10.80 3.49
N LEU C 940 13.45 11.85 2.95
CA LEU C 940 14.70 11.67 2.23
C LEU C 940 15.91 11.71 3.16
N SER C 941 15.70 11.95 4.45
CA SER C 941 16.77 12.00 5.42
C SER C 941 16.99 10.68 6.13
N SER C 942 16.19 9.66 5.82
CA SER C 942 16.32 8.36 6.45
C SER C 942 17.04 7.41 5.51
N ASN C 943 18.02 6.69 6.04
CA ASN C 943 18.90 5.85 5.25
C ASN C 943 18.36 4.44 5.04
N PHE C 944 17.26 4.10 5.69
CA PHE C 944 16.63 2.79 5.52
C PHE C 944 17.60 1.65 5.76
N GLY C 945 18.47 1.79 6.75
CA GLY C 945 19.41 0.75 7.10
C GLY C 945 20.64 0.67 6.21
N ALA C 946 20.79 1.57 5.25
CA ALA C 946 21.97 1.57 4.40
C ALA C 946 23.14 2.23 5.13
N ILE C 947 24.25 2.42 4.41
CA ILE C 947 25.41 3.07 5.01
C ILE C 947 25.09 4.52 5.37
N SER C 948 24.48 5.26 4.45
CA SER C 948 24.14 6.65 4.68
C SER C 948 22.90 6.99 3.88
N SER C 949 22.41 8.21 4.03
CA SER C 949 21.20 8.64 3.36
C SER C 949 21.45 9.53 2.16
N VAL C 950 22.70 9.89 1.87
CA VAL C 950 23.04 10.66 0.70
C VAL C 950 23.59 9.70 -0.35
N LEU C 951 22.95 9.67 -1.52
CA LEU C 951 23.34 8.71 -2.55
C LEU C 951 24.76 8.94 -3.04
N ASN C 952 25.22 10.19 -3.08
CA ASN C 952 26.58 10.46 -3.53
C ASN C 952 27.61 9.90 -2.56
N ASP C 953 27.31 9.94 -1.26
CA ASP C 953 28.17 9.31 -0.28
C ASP C 953 28.41 7.84 -0.60
N ILE C 954 27.31 7.10 -0.81
CA ILE C 954 27.40 5.67 -1.12
C ILE C 954 28.16 5.46 -2.42
N LEU C 955 27.87 6.27 -3.43
CA LEU C 955 28.55 6.14 -4.71
C LEU C 955 30.05 6.43 -4.61
N SER C 956 30.46 7.31 -3.72
CA SER C 956 31.87 7.67 -3.59
C SER C 956 32.59 6.92 -2.48
N ARG C 957 31.92 5.98 -1.81
CA ARG C 957 32.59 5.16 -0.83
C ARG C 957 32.64 3.69 -1.18
N LEU C 958 31.95 3.24 -2.23
CA LEU C 958 31.82 1.82 -2.50
C LEU C 958 31.84 1.57 -4.01
N ASP C 959 32.47 0.47 -4.40
CA ASP C 959 32.50 0.02 -5.78
C ASP C 959 31.14 -0.57 -6.16
N PRO C 960 30.83 -0.64 -7.46
CA PRO C 960 29.50 -1.07 -7.90
C PRO C 960 29.07 -2.41 -7.31
N PRO C 961 29.96 -3.41 -7.23
CA PRO C 961 29.51 -4.69 -6.64
C PRO C 961 28.93 -4.56 -5.25
N GLU C 962 29.50 -3.71 -4.40
CA GLU C 962 28.95 -3.46 -3.08
C GLU C 962 28.12 -2.20 -3.00
N ALA C 963 28.28 -1.26 -3.93
CA ALA C 963 27.43 -0.09 -3.95
C ALA C 963 25.99 -0.47 -4.26
N GLU C 964 25.80 -1.41 -5.21
CA GLU C 964 24.46 -1.78 -5.64
C GLU C 964 23.62 -2.34 -4.49
N VAL C 965 24.23 -3.17 -3.63
CA VAL C 965 23.46 -3.80 -2.57
C VAL C 965 23.05 -2.82 -1.49
N GLN C 966 23.58 -1.60 -1.50
CA GLN C 966 23.13 -0.52 -0.64
C GLN C 966 22.14 0.39 -1.33
N ILE C 967 22.44 0.78 -2.56
CA ILE C 967 21.47 1.55 -3.34
C ILE C 967 20.13 0.84 -3.36
N ASP C 968 20.15 -0.48 -3.50
CA ASP C 968 18.89 -1.19 -3.53
C ASP C 968 18.13 -1.12 -2.22
N ARG C 969 18.81 -0.97 -1.09
CA ARG C 969 18.02 -0.74 0.11
C ARG C 969 17.72 0.73 0.32
N LEU C 970 18.22 1.60 -0.55
CA LEU C 970 17.64 2.93 -0.68
C LEU C 970 16.46 2.96 -1.63
N ILE C 971 16.62 2.39 -2.84
CA ILE C 971 15.58 2.46 -3.87
C ILE C 971 14.32 1.75 -3.39
N THR C 972 14.46 0.76 -2.53
CA THR C 972 13.29 0.11 -1.95
C THR C 972 12.75 0.84 -0.75
N GLY C 973 13.43 1.87 -0.27
CA GLY C 973 12.96 2.63 0.87
C GLY C 973 12.21 3.86 0.45
N ARG C 974 12.65 4.49 -0.64
CA ARG C 974 12.00 5.69 -1.12
C ARG C 974 10.76 5.36 -1.93
N LEU C 975 10.80 4.25 -2.67
CA LEU C 975 9.65 3.88 -3.50
C LEU C 975 8.46 3.52 -2.62
N GLN C 976 8.70 2.86 -1.49
CA GLN C 976 7.60 2.55 -0.59
C GLN C 976 6.96 3.81 -0.06
N SER C 977 7.77 4.81 0.31
CA SER C 977 7.23 6.08 0.76
C SER C 977 6.39 6.74 -0.33
N LEU C 978 6.89 6.72 -1.57
CA LEU C 978 6.13 7.30 -2.66
C LEU C 978 4.80 6.58 -2.87
N GLN C 979 4.80 5.26 -2.80
CA GLN C 979 3.54 4.52 -2.94
C GLN C 979 2.56 4.85 -1.83
N THR C 980 3.05 4.98 -0.60
CA THR C 980 2.17 5.36 0.50
C THR C 980 1.55 6.73 0.24
N TYR C 981 2.38 7.69 -0.22
CA TYR C 981 1.85 9.02 -0.50
C TYR C 981 0.78 8.96 -1.59
N VAL C 982 1.02 8.18 -2.63
CA VAL C 982 0.04 8.08 -3.72
C VAL C 982 -1.27 7.48 -3.21
N THR C 983 -1.19 6.46 -2.35
CA THR C 983 -2.41 5.88 -1.82
C THR C 983 -3.19 6.87 -0.96
N GLN C 984 -2.48 7.64 -0.12
CA GLN C 984 -3.17 8.66 0.66
C GLN C 984 -3.86 9.67 -0.25
N GLN C 985 -3.18 10.08 -1.31
CA GLN C 985 -3.80 11.03 -2.23
C GLN C 985 -5.03 10.43 -2.89
N LEU C 986 -4.97 9.16 -3.27
CA LEU C 986 -6.13 8.52 -3.89
C LEU C 986 -7.33 8.53 -2.94
N ILE C 987 -7.10 8.18 -1.68
CA ILE C 987 -8.21 8.11 -0.74
C ILE C 987 -8.78 9.51 -0.46
N ARG C 988 -7.91 10.48 -0.24
CA ARG C 988 -8.39 11.82 0.04
C ARG C 988 -9.10 12.42 -1.16
N ALA C 989 -8.62 12.12 -2.37
CA ALA C 989 -9.33 12.56 -3.57
C ALA C 989 -10.68 11.89 -3.70
N ALA C 990 -10.82 10.64 -3.27
CA ALA C 990 -12.15 10.05 -3.21
C ALA C 990 -13.06 10.80 -2.25
N GLU C 991 -12.54 11.21 -1.09
CA GLU C 991 -13.36 12.03 -0.18
C GLU C 991 -13.79 13.33 -0.85
N ILE C 992 -12.86 14.01 -1.53
CA ILE C 992 -13.19 15.27 -2.17
C ILE C 992 -14.21 15.07 -3.28
N ARG C 993 -14.07 13.97 -4.02
CA ARG C 993 -15.06 13.65 -5.05
C ARG C 993 -16.43 13.44 -4.44
N ALA C 994 -16.49 12.77 -3.28
CA ALA C 994 -17.77 12.59 -2.62
C ALA C 994 -18.36 13.92 -2.18
N SER C 995 -17.53 14.82 -1.67
CA SER C 995 -18.01 16.09 -1.16
C SER C 995 -18.15 17.16 -2.23
N ALA C 996 -17.80 16.86 -3.48
CA ALA C 996 -18.02 17.77 -4.59
C ALA C 996 -19.18 17.32 -5.47
N ASN C 997 -19.77 16.17 -5.17
CA ASN C 997 -21.04 15.77 -5.75
C ASN C 997 -22.21 16.01 -4.83
N LEU C 998 -21.95 16.42 -3.59
CA LEU C 998 -22.99 16.97 -2.73
C LEU C 998 -23.12 18.47 -2.91
N ALA C 999 -22.02 19.17 -3.12
CA ALA C 999 -22.10 20.58 -3.48
C ALA C 999 -22.79 20.80 -4.81
N ALA C 1000 -22.54 19.95 -5.80
CA ALA C 1000 -23.26 20.06 -7.06
C ALA C 1000 -24.75 19.85 -6.87
N THR C 1001 -25.14 18.88 -6.05
CA THR C 1001 -26.56 18.65 -5.79
C THR C 1001 -27.18 19.84 -5.08
N LYS C 1002 -26.51 20.36 -4.05
CA LYS C 1002 -27.05 21.51 -3.34
C LYS C 1002 -27.15 22.73 -4.24
N MET C 1003 -26.21 22.91 -5.16
CA MET C 1003 -26.32 23.99 -6.14
C MET C 1003 -27.44 23.74 -7.13
N SER C 1004 -27.71 22.49 -7.49
CA SER C 1004 -28.75 22.22 -8.46
C SER C 1004 -30.13 22.34 -7.85
N GLU C 1005 -30.26 22.08 -6.55
CA GLU C 1005 -31.58 22.08 -5.91
C GLU C 1005 -31.82 23.33 -5.07
N CYS C 1006 -30.94 23.61 -4.12
CA CYS C 1006 -31.17 24.76 -3.24
C CYS C 1006 -31.12 26.09 -3.97
N VAL C 1007 -30.43 26.16 -5.11
CA VAL C 1007 -30.22 27.42 -5.83
C VAL C 1007 -31.06 27.49 -7.09
N LEU C 1008 -31.05 26.44 -7.89
CA LEU C 1008 -31.78 26.44 -9.17
C LEU C 1008 -33.24 26.07 -8.98
N GLY C 1009 -33.77 26.27 -7.78
CA GLY C 1009 -35.15 25.94 -7.50
C GLY C 1009 -35.45 26.17 -6.04
N GLN C 1010 -36.37 25.38 -5.51
CA GLN C 1010 -36.69 25.42 -4.10
C GLN C 1010 -36.78 24.00 -3.60
N SER C 1011 -36.30 23.77 -2.38
CA SER C 1011 -36.25 22.42 -1.84
C SER C 1011 -37.38 22.16 -0.87
N LYS C 1012 -37.85 20.92 -0.87
CA LYS C 1012 -38.81 20.45 0.11
C LYS C 1012 -38.22 19.37 1.00
N ARG C 1013 -36.91 19.14 0.92
CA ARG C 1013 -36.26 18.15 1.76
C ARG C 1013 -35.86 18.80 3.07
N VAL C 1014 -36.39 18.27 4.18
CA VAL C 1014 -36.23 18.94 5.47
C VAL C 1014 -34.78 18.93 5.90
N ASP C 1015 -34.30 20.10 6.35
CA ASP C 1015 -32.97 20.27 6.91
C ASP C 1015 -31.94 19.81 5.89
N PHE C 1016 -32.09 20.27 4.66
CA PHE C 1016 -31.11 20.10 3.61
C PHE C 1016 -30.49 21.40 3.16
N CYS C 1017 -31.31 22.38 2.80
CA CYS C 1017 -30.85 23.72 2.49
C CYS C 1017 -31.05 24.59 3.73
N GLY C 1018 -30.31 24.27 4.79
CA GLY C 1018 -30.32 25.08 5.99
C GLY C 1018 -31.53 24.85 6.88
N LYS C 1019 -31.37 25.10 8.18
CA LYS C 1019 -32.45 24.91 9.13
C LYS C 1019 -33.63 25.82 8.81
N GLY C 1020 -34.84 25.29 8.96
CA GLY C 1020 -36.05 26.04 8.69
C GLY C 1020 -36.60 25.72 7.32
N TYR C 1021 -37.78 26.29 7.05
CA TYR C 1021 -38.35 26.19 5.72
C TYR C 1021 -37.48 26.97 4.74
N HIS C 1022 -37.12 26.34 3.64
CA HIS C 1022 -36.15 26.93 2.72
C HIS C 1022 -36.87 27.81 1.71
N LEU C 1023 -36.42 29.06 1.62
CA LEU C 1023 -36.94 30.01 0.64
C LEU C 1023 -36.07 30.10 -0.60
N MET C 1024 -34.76 30.35 -0.43
CA MET C 1024 -33.89 30.50 -1.59
C MET C 1024 -32.45 30.40 -1.12
N SER C 1025 -31.52 30.62 -2.04
CA SER C 1025 -30.11 30.47 -1.72
C SER C 1025 -29.27 31.32 -2.67
N PHE C 1026 -28.02 31.52 -2.30
CA PHE C 1026 -27.10 32.31 -3.11
C PHE C 1026 -25.73 31.67 -3.07
N PRO C 1027 -25.11 31.39 -4.22
CA PRO C 1027 -23.77 30.82 -4.20
C PRO C 1027 -22.69 31.88 -4.25
N GLN C 1028 -21.58 31.60 -3.57
CA GLN C 1028 -20.42 32.47 -3.59
C GLN C 1028 -19.17 31.61 -3.71
N SER C 1029 -18.16 32.13 -4.40
CA SER C 1029 -16.95 31.34 -4.57
C SER C 1029 -16.08 31.43 -3.32
N ALA C 1030 -15.12 30.52 -3.22
CA ALA C 1030 -14.14 30.54 -2.15
C ALA C 1030 -12.96 29.70 -2.58
N PRO C 1031 -11.78 29.96 -2.04
CA PRO C 1031 -10.59 29.23 -2.49
C PRO C 1031 -10.76 27.74 -2.31
N HIS C 1032 -10.85 27.03 -3.43
CA HIS C 1032 -11.07 25.59 -3.44
C HIS C 1032 -12.34 25.22 -2.68
N GLY C 1033 -13.41 25.98 -2.92
CA GLY C 1033 -14.64 25.68 -2.22
C GLY C 1033 -15.77 26.61 -2.62
N VAL C 1034 -16.97 26.24 -2.17
CA VAL C 1034 -18.19 26.97 -2.49
C VAL C 1034 -18.89 27.32 -1.19
N VAL C 1035 -19.50 28.50 -1.14
CA VAL C 1035 -20.18 29.02 0.03
C VAL C 1035 -21.64 29.22 -0.33
N PHE C 1036 -22.53 28.75 0.52
CA PHE C 1036 -23.97 28.85 0.30
C PHE C 1036 -24.59 29.72 1.38
N LEU C 1037 -25.45 30.63 0.96
CA LEU C 1037 -26.19 31.49 1.88
C LEU C 1037 -27.66 31.11 1.79
N HIS C 1038 -28.07 30.11 2.57
CA HIS C 1038 -29.45 29.66 2.55
C HIS C 1038 -30.34 30.68 3.24
N VAL C 1039 -31.26 31.27 2.50
CA VAL C 1039 -32.24 32.18 3.08
C VAL C 1039 -33.50 31.38 3.39
N THR C 1040 -33.87 31.35 4.66
CA THR C 1040 -34.90 30.44 5.17
C THR C 1040 -35.92 31.19 6.00
N TYR C 1041 -37.09 30.56 6.12
CA TYR C 1041 -38.23 31.10 6.83
C TYR C 1041 -38.42 30.33 8.12
N VAL C 1042 -38.44 31.03 9.25
CA VAL C 1042 -38.51 30.38 10.56
C VAL C 1042 -39.67 30.99 11.34
N PRO C 1043 -40.64 30.20 11.81
CA PRO C 1043 -41.73 30.74 12.61
C PRO C 1043 -41.29 31.07 14.01
N ALA C 1044 -42.08 31.92 14.68
CA ALA C 1044 -41.76 32.36 16.02
C ALA C 1044 -43.03 32.85 16.71
N GLN C 1045 -42.94 33.03 18.02
CA GLN C 1045 -44.04 33.57 18.83
C GLN C 1045 -45.30 32.72 18.69
N GLU C 1046 -45.18 31.47 19.14
CA GLU C 1046 -46.33 30.59 19.17
C GLU C 1046 -47.39 31.14 20.12
N LYS C 1047 -48.60 30.59 20.02
CA LYS C 1047 -49.71 31.07 20.84
C LYS C 1047 -50.72 29.94 20.96
N ASN C 1048 -50.98 29.51 22.19
CA ASN C 1048 -51.86 28.36 22.41
C ASN C 1048 -53.28 28.68 21.94
N PHE C 1049 -53.95 27.65 21.43
CA PHE C 1049 -55.33 27.72 20.97
C PHE C 1049 -56.00 26.38 21.24
N THR C 1050 -57.33 26.38 21.24
CA THR C 1050 -58.11 25.15 21.35
C THR C 1050 -58.65 24.78 19.98
N THR C 1051 -58.48 23.52 19.61
CA THR C 1051 -58.80 23.05 18.26
C THR C 1051 -59.97 22.06 18.30
N ALA C 1052 -60.26 21.50 17.14
CA ALA C 1052 -61.31 20.51 16.98
C ALA C 1052 -61.14 19.83 15.64
N PRO C 1053 -61.33 18.51 15.57
CA PRO C 1053 -61.16 17.82 14.28
C PRO C 1053 -62.14 18.29 13.22
N ALA C 1054 -63.44 18.20 13.48
CA ALA C 1054 -64.43 18.56 12.48
C ALA C 1054 -65.62 19.21 13.14
N ILE C 1055 -66.29 20.08 12.39
CA ILE C 1055 -67.37 20.92 12.91
C ILE C 1055 -68.70 20.45 12.35
N CYS C 1056 -69.73 20.44 13.20
CA CYS C 1056 -71.05 19.93 12.86
C CYS C 1056 -72.05 21.07 12.79
N HIS C 1057 -72.54 21.38 11.58
CA HIS C 1057 -73.52 22.44 11.46
C HIS C 1057 -74.96 21.94 11.45
N ASP C 1058 -75.38 21.28 10.37
CA ASP C 1058 -76.66 20.60 10.36
C ASP C 1058 -76.51 19.09 10.40
N GLY C 1059 -75.93 18.54 11.47
CA GLY C 1059 -75.76 17.12 11.58
C GLY C 1059 -74.65 16.55 10.71
N LYS C 1060 -74.38 17.17 9.57
CA LYS C 1060 -73.30 16.77 8.68
C LYS C 1060 -72.02 17.47 9.12
N ALA C 1061 -70.91 16.74 9.04
CA ALA C 1061 -69.63 17.19 9.60
C ALA C 1061 -68.84 17.92 8.52
N HIS C 1062 -68.61 19.22 8.73
CA HIS C 1062 -67.78 20.00 7.83
C HIS C 1062 -66.31 19.81 8.20
N PHE C 1063 -65.44 19.85 7.20
CA PHE C 1063 -64.01 19.66 7.39
C PHE C 1063 -63.23 20.78 6.72
N PRO C 1064 -62.08 21.15 7.26
CA PRO C 1064 -61.27 22.21 6.65
C PRO C 1064 -60.71 21.78 5.30
N ARG C 1065 -60.53 22.76 4.42
CA ARG C 1065 -59.90 22.46 3.14
C ARG C 1065 -58.41 22.65 3.20
N GLU C 1066 -57.96 23.77 3.76
CA GLU C 1066 -56.52 24.02 3.97
C GLU C 1066 -56.40 24.80 5.28
N GLY C 1067 -56.09 24.09 6.35
CA GLY C 1067 -55.89 24.75 7.62
C GLY C 1067 -56.48 23.92 8.75
N VAL C 1068 -56.53 24.56 9.92
CA VAL C 1068 -57.02 23.90 11.13
C VAL C 1068 -58.13 24.75 11.70
N PHE C 1069 -58.87 24.17 12.64
CA PHE C 1069 -59.90 24.92 13.35
C PHE C 1069 -59.33 25.44 14.66
N VAL C 1070 -59.61 26.71 14.95
CA VAL C 1070 -59.01 27.40 16.07
C VAL C 1070 -60.06 28.28 16.73
N SER C 1071 -60.06 28.28 18.06
CA SER C 1071 -61.04 29.06 18.80
C SER C 1071 -60.35 29.93 19.84
N ASN C 1072 -60.82 31.17 19.96
CA ASN C 1072 -60.36 32.06 21.02
C ASN C 1072 -61.11 31.84 22.32
N GLY C 1073 -61.76 30.69 22.48
CA GLY C 1073 -62.55 30.39 23.64
C GLY C 1073 -64.03 30.63 23.49
N THR C 1074 -64.44 31.46 22.55
CA THR C 1074 -65.86 31.71 22.33
C THR C 1074 -66.28 31.54 20.88
N HIS C 1075 -65.42 31.91 19.93
CA HIS C 1075 -65.76 31.87 18.52
C HIS C 1075 -64.79 30.93 17.81
N TRP C 1076 -65.27 30.34 16.72
CA TRP C 1076 -64.50 29.35 15.97
C TRP C 1076 -64.15 29.90 14.59
N PHE C 1077 -62.87 29.79 14.23
CA PHE C 1077 -62.37 30.23 12.95
C PHE C 1077 -61.55 29.11 12.35
N VAL C 1078 -61.22 29.25 11.07
CA VAL C 1078 -60.35 28.33 10.37
C VAL C 1078 -59.14 29.11 9.88
N THR C 1079 -57.95 28.59 10.15
CA THR C 1079 -56.74 29.34 9.88
C THR C 1079 -55.71 28.47 9.17
N GLN C 1080 -54.90 29.11 8.33
CA GLN C 1080 -53.76 28.43 7.77
C GLN C 1080 -52.78 28.08 8.88
N ARG C 1081 -51.92 27.10 8.59
CA ARG C 1081 -51.27 26.39 9.68
C ARG C 1081 -49.91 26.96 10.05
N ASN C 1082 -49.32 27.79 9.20
CA ASN C 1082 -48.01 28.37 9.48
C ASN C 1082 -48.08 29.87 9.75
N PHE C 1083 -49.27 30.36 10.07
CA PHE C 1083 -49.46 31.79 10.36
C PHE C 1083 -50.86 31.96 10.91
N TYR C 1084 -51.05 32.79 11.93
CA TYR C 1084 -52.39 32.99 12.48
C TYR C 1084 -53.10 34.02 11.63
N GLU C 1085 -53.98 33.55 10.75
CA GLU C 1085 -54.81 34.41 9.91
C GLU C 1085 -56.24 33.89 9.94
N PRO C 1086 -56.98 34.16 11.02
CA PRO C 1086 -58.32 33.58 11.15
C PRO C 1086 -59.27 34.12 10.11
N GLN C 1087 -60.19 33.25 9.69
CA GLN C 1087 -61.26 33.65 8.78
C GLN C 1087 -62.59 33.23 9.38
N ILE C 1088 -63.66 33.29 8.60
CA ILE C 1088 -64.96 32.83 9.06
C ILE C 1088 -65.22 31.45 8.47
N ILE C 1089 -65.76 30.55 9.29
CA ILE C 1089 -66.02 29.20 8.82
C ILE C 1089 -67.22 29.23 7.90
N THR C 1090 -66.97 29.23 6.60
CA THR C 1090 -68.04 29.29 5.63
C THR C 1090 -68.21 27.93 4.94
N THR C 1091 -69.24 27.81 4.12
CA THR C 1091 -69.40 26.65 3.26
C THR C 1091 -68.51 26.73 2.04
N ASP C 1092 -67.61 27.72 1.99
CA ASP C 1092 -66.66 27.90 0.91
C ASP C 1092 -65.37 27.14 1.16
N ASN C 1093 -64.81 27.25 2.37
CA ASN C 1093 -63.53 26.66 2.70
C ASN C 1093 -63.65 25.43 3.59
N THR C 1094 -64.86 24.88 3.74
CA THR C 1094 -65.06 23.61 4.42
C THR C 1094 -65.85 22.69 3.49
N PHE C 1095 -65.36 21.47 3.32
CA PHE C 1095 -66.00 20.51 2.44
C PHE C 1095 -66.75 19.48 3.28
N VAL C 1096 -68.05 19.34 3.03
CA VAL C 1096 -68.88 18.45 3.82
C VAL C 1096 -68.53 17.01 3.50
N SER C 1097 -68.56 16.15 4.52
CA SER C 1097 -68.28 14.74 4.32
C SER C 1097 -68.91 13.93 5.43
N GLY C 1098 -69.91 13.13 5.09
CA GLY C 1098 -70.47 12.18 6.02
C GLY C 1098 -71.38 12.81 7.07
N ASN C 1099 -71.63 12.02 8.10
CA ASN C 1099 -72.50 12.39 9.20
C ASN C 1099 -71.69 12.54 10.48
N CYS C 1100 -72.03 13.56 11.26
CA CYS C 1100 -71.25 13.92 12.45
C CYS C 1100 -71.66 13.00 13.61
N ASP C 1101 -71.32 11.73 13.48
CA ASP C 1101 -71.53 10.77 14.55
C ASP C 1101 -70.33 9.84 14.68
N VAL C 1102 -69.46 9.84 13.67
CA VAL C 1102 -68.34 8.93 13.64
C VAL C 1102 -67.04 9.59 14.08
N VAL C 1103 -66.78 10.83 13.68
CA VAL C 1103 -65.56 11.51 14.10
C VAL C 1103 -65.64 11.84 15.57
N ILE C 1104 -64.54 11.66 16.28
CA ILE C 1104 -64.46 11.92 17.71
C ILE C 1104 -63.83 13.30 17.89
N GLY C 1105 -64.55 14.18 18.58
CA GLY C 1105 -64.06 15.52 18.83
C GLY C 1105 -64.87 16.59 18.13
N ILE C 1106 -65.98 16.19 17.50
CA ILE C 1106 -66.80 17.13 16.76
C ILE C 1106 -67.40 18.14 17.71
N VAL C 1107 -67.54 19.38 17.24
CA VAL C 1107 -68.00 20.49 18.07
C VAL C 1107 -69.26 21.06 17.45
N ASN C 1108 -70.31 21.19 18.25
CA ASN C 1108 -71.52 21.87 17.81
C ASN C 1108 -71.22 23.34 17.54
N ASN C 1109 -71.59 23.82 16.36
CA ASN C 1109 -71.37 25.22 16.01
C ASN C 1109 -72.28 25.62 14.85
N THR C 1110 -72.00 26.76 14.22
CA THR C 1110 -72.77 27.25 13.09
C THR C 1110 -71.82 27.59 11.96
N VAL C 1111 -72.20 27.23 10.73
CA VAL C 1111 -71.41 27.54 9.54
C VAL C 1111 -72.23 28.47 8.66
N TYR C 1112 -71.63 29.60 8.29
CA TYR C 1112 -72.33 30.65 7.56
C TYR C 1112 -72.18 30.44 6.06
N ASP C 1113 -73.29 30.31 5.38
CA ASP C 1113 -73.26 30.20 3.92
C ASP C 1113 -73.33 31.60 3.31
N PRO C 1114 -72.50 31.89 2.31
CA PRO C 1114 -72.55 33.24 1.72
C PRO C 1114 -73.76 33.48 0.85
N LEU C 1115 -74.36 32.41 0.33
CA LEU C 1115 -75.43 32.54 -0.66
C LEU C 1115 -76.72 33.10 -0.07
N GLN C 1116 -77.29 32.39 0.90
CA GLN C 1116 -78.63 32.68 1.41
C GLN C 1116 -78.80 34.10 1.99
N PRO C 1117 -77.85 34.66 2.76
CA PRO C 1117 -78.13 35.97 3.37
C PRO C 1117 -78.09 37.09 2.33
N GLU C 1118 -77.11 37.02 1.43
CA GLU C 1118 -77.01 38.03 0.38
C GLU C 1118 -78.15 37.90 -0.62
N LEU C 1119 -78.59 36.66 -0.89
CA LEU C 1119 -79.68 36.47 -1.84
C LEU C 1119 -80.97 37.07 -1.32
N ASP C 1120 -81.19 37.03 -0.01
CA ASP C 1120 -82.40 37.58 0.57
C ASP C 1120 -82.48 39.08 0.30
N SER C 1121 -83.65 39.53 -0.17
CA SER C 1121 -83.84 40.93 -0.52
C SER C 1121 -85.32 41.28 -0.56
#